data_5E0K
#
_entry.id   5E0K
#
_cell.length_a   87.862
_cell.length_b   225.014
_cell.length_c   296.241
_cell.angle_alpha   90.00
_cell.angle_beta   90.00
_cell.angle_gamma   90.00
#
_symmetry.space_group_name_H-M   'P 21 21 21'
#
loop_
_entity.id
_entity.type
_entity.pdbx_description
1 polymer 'Tryptophan synthase alpha chain'
2 polymer 'Tryptophan synthase beta chain 1'
3 non-polymer 'PHOSPHATE ION'
4 water water
#
loop_
_entity_poly.entity_id
_entity_poly.type
_entity_poly.pdbx_seq_one_letter_code
_entity_poly.pdbx_strand_id
1 'polypeptide(L)'
;MFKDGSLIPYLTAGDPDKQSTLNFLLALDEYAGAIELGIPFSDPIADGKTIQESHYRALKNGFKLREAFWIVKEFRRHSS
TPIVLMTYYNPIYRAGVRNFLAEAKASGVDGILVVDLPVFHAKEFTEIAREEGIKTVFLAAPNTPDERLKVIDDMTTGFV
YLVSLYGTTGAREEIPKTAYDLLRRAKRICRNKVAVGFGVSKREHVVSLLKEGANGVVVGSALVKIIGEKGREATEFLKK
KVEELLGI
;
A,C,E,G,I,K
2 'polypeptide(L)'
;MWFGEFGGQYVPETLIEPLKELEKAYKRFKDDEEFNRQLNYYLKTWAGRPTPLYYAKRLTEKIGGAKIYLKREDLVHGGA
H(LLP)TNNAIGQALLAKFMGKTRLIAETGAGQHGVATAMAGALLGMKVDIYMGAEDVERQKMNVFRMKLLGANVIPVNS
GSRTLKDAINEALRDWVATFEYTHYLIGSVVGPHPYPTIVRDFQSVIGREAKAQILEAEGQLPDVIVACVGGGSNAMGIF
YPFVNDKKVKLVGVEAGGKGLESGKHSASLNAGQVGVFHGMLSYFLQDEEGQIKPTHSIAPGLDYPGVGPEHAYLKKIQR
AEYVTVTDEEALKAFHELSRTEGIIPALESAHAVAYAMKLAKEMSRDEIIIVNLSGRGDKDLDIVLKVSGNVLEHHHHHH
;
B,D,F,H,J,L
#
loop_
_chem_comp.id
_chem_comp.type
_chem_comp.name
_chem_comp.formula
PO4 non-polymer 'PHOSPHATE ION' 'O4 P -3'
#
# COMPACT_ATOMS: atom_id res chain seq x y z
N MET A 1 -28.19 47.22 -31.37
CA MET A 1 -28.87 46.10 -32.10
C MET A 1 -29.99 45.40 -31.30
N PHE A 2 -30.46 46.02 -30.22
CA PHE A 2 -31.53 45.45 -29.41
C PHE A 2 -32.26 46.54 -28.63
N LYS A 3 -33.47 46.23 -28.19
CA LYS A 3 -34.34 47.18 -27.50
C LYS A 3 -33.75 47.59 -26.15
N ASP A 4 -33.76 48.89 -25.84
CA ASP A 4 -33.26 49.38 -24.56
C ASP A 4 -34.08 48.80 -23.42
N GLY A 5 -33.41 48.48 -22.32
CA GLY A 5 -34.03 47.85 -21.17
C GLY A 5 -34.25 46.37 -21.32
N SER A 6 -33.46 45.71 -22.17
CA SER A 6 -33.63 44.30 -22.47
C SER A 6 -32.81 43.41 -21.55
N LEU A 7 -33.34 42.23 -21.26
CA LEU A 7 -32.59 41.18 -20.60
C LEU A 7 -32.01 40.25 -21.68
N ILE A 8 -30.74 39.89 -21.53
CA ILE A 8 -30.00 39.13 -22.54
C ILE A 8 -29.46 37.82 -21.96
N PRO A 9 -30.16 36.69 -22.19
CA PRO A 9 -29.65 35.40 -21.74
C PRO A 9 -28.41 34.94 -22.51
N TYR A 10 -27.35 34.59 -21.78
CA TYR A 10 -26.17 33.93 -22.34
C TYR A 10 -26.24 32.44 -22.01
N LEU A 11 -26.27 31.60 -23.04
CA LEU A 11 -26.13 30.15 -22.89
C LEU A 11 -24.92 29.68 -23.68
N THR A 12 -24.41 28.51 -23.31
CA THR A 12 -23.35 27.85 -24.05
C THR A 12 -23.97 26.77 -24.95
N ALA A 13 -23.53 26.77 -26.22
CA ALA A 13 -24.06 25.86 -27.23
C ALA A 13 -23.62 24.44 -26.95
N GLY A 14 -24.55 23.50 -27.11
CA GLY A 14 -24.26 22.09 -26.91
C GLY A 14 -24.07 21.66 -25.47
N ASP A 15 -24.60 22.45 -24.53
CA ASP A 15 -24.51 22.16 -23.10
C ASP A 15 -25.92 21.91 -22.58
N PRO A 16 -26.27 20.62 -22.33
CA PRO A 16 -25.52 19.38 -22.52
C PRO A 16 -25.48 18.87 -23.97
N ASP A 17 -26.46 19.24 -24.78
CA ASP A 17 -26.49 18.85 -26.20
C ASP A 17 -27.24 19.88 -27.05
N LYS A 18 -27.01 19.81 -28.36
CA LYS A 18 -27.53 20.80 -29.32
C LYS A 18 -29.05 21.03 -29.24
N GLN A 19 -29.81 19.96 -29.03
CA GLN A 19 -31.27 20.04 -28.92
C GLN A 19 -31.71 20.76 -27.64
N SER A 20 -31.05 20.44 -26.53
CA SER A 20 -31.38 21.04 -25.23
C SER A 20 -31.14 22.55 -25.18
N THR A 21 -30.09 23.01 -25.84
CA THR A 21 -29.81 24.45 -25.97
C THR A 21 -30.92 25.15 -26.75
N LEU A 22 -31.31 24.58 -27.89
CA LEU A 22 -32.44 25.08 -28.69
C LEU A 22 -33.73 25.15 -27.87
N ASN A 23 -33.99 24.11 -27.07
CA ASN A 23 -35.16 24.10 -26.19
C ASN A 23 -35.16 25.27 -25.21
N PHE A 24 -33.99 25.58 -24.67
CA PHE A 24 -33.83 26.69 -23.73
C PHE A 24 -34.01 28.04 -24.42
N LEU A 25 -33.42 28.19 -25.61
CA LEU A 25 -33.56 29.41 -26.39
C LEU A 25 -35.01 29.69 -26.74
N LEU A 26 -35.73 28.66 -27.15
CA LEU A 26 -37.16 28.78 -27.45
C LEU A 26 -37.98 29.12 -26.20
N ALA A 27 -37.60 28.54 -25.06
CA ALA A 27 -38.26 28.82 -23.78
C ALA A 27 -38.02 30.25 -23.29
N LEU A 28 -36.80 30.76 -23.47
CA LEU A 28 -36.42 32.09 -22.99
C LEU A 28 -36.70 33.25 -23.97
N ASP A 29 -37.07 32.95 -25.21
CA ASP A 29 -37.20 33.96 -26.26
C ASP A 29 -38.17 35.09 -25.92
N GLU A 30 -39.32 34.71 -25.38
CA GLU A 30 -40.38 35.67 -25.01
C GLU A 30 -40.05 36.56 -23.81
N TYR A 31 -38.99 36.24 -23.07
CA TYR A 31 -38.49 37.07 -21.99
C TYR A 31 -37.32 37.98 -22.39
N ALA A 32 -36.73 37.74 -23.57
CA ALA A 32 -35.45 38.37 -23.95
C ALA A 32 -35.57 39.32 -25.14
N GLY A 33 -34.83 40.42 -25.08
CA GLY A 33 -34.66 41.34 -26.20
C GLY A 33 -33.49 40.98 -27.11
N ALA A 34 -32.65 40.05 -26.66
CA ALA A 34 -31.53 39.54 -27.45
C ALA A 34 -30.92 38.34 -26.73
N ILE A 35 -30.09 37.57 -27.45
CA ILE A 35 -29.52 36.33 -26.92
C ILE A 35 -28.04 36.22 -27.30
N GLU A 36 -27.20 35.85 -26.33
CA GLU A 36 -25.81 35.48 -26.57
C GLU A 36 -25.67 33.96 -26.57
N LEU A 37 -24.93 33.43 -27.53
CA LEU A 37 -24.71 31.99 -27.68
C LEU A 37 -23.22 31.69 -27.80
N GLY A 38 -22.66 31.07 -26.76
CA GLY A 38 -21.22 30.77 -26.71
C GLY A 38 -20.85 29.51 -27.48
N ILE A 39 -19.75 29.56 -28.22
CA ILE A 39 -19.19 28.39 -28.91
C ILE A 39 -18.12 27.73 -28.02
N PRO A 40 -18.31 26.45 -27.63
CA PRO A 40 -17.35 25.69 -26.85
C PRO A 40 -15.92 25.65 -27.38
N PHE A 41 -14.98 25.47 -26.47
CA PHE A 41 -13.55 25.70 -26.70
C PHE A 41 -12.79 25.01 -25.57
N SER A 42 -11.68 24.37 -25.90
CA SER A 42 -10.94 23.55 -24.95
C SER A 42 -10.28 24.36 -23.83
N ASP A 43 -9.72 25.52 -24.18
CA ASP A 43 -8.97 26.36 -23.24
C ASP A 43 -9.52 27.79 -23.17
N PRO A 44 -10.69 27.97 -22.53
CA PRO A 44 -11.27 29.30 -22.35
C PRO A 44 -10.56 30.12 -21.26
N ILE A 45 -9.87 31.17 -21.68
CA ILE A 45 -9.00 31.98 -20.82
C ILE A 45 -9.76 33.08 -20.08
N ALA A 46 -10.61 33.80 -20.81
CA ALA A 46 -11.38 34.92 -20.25
C ALA A 46 -12.36 34.49 -19.18
N ASP A 47 -13.09 33.40 -19.45
CA ASP A 47 -14.33 33.12 -18.74
C ASP A 47 -14.14 32.66 -17.29
N GLY A 48 -15.16 32.94 -16.48
CA GLY A 48 -15.18 32.53 -15.08
C GLY A 48 -15.53 31.07 -14.93
N LYS A 49 -15.66 30.63 -13.68
CA LYS A 49 -15.75 29.21 -13.33
C LYS A 49 -17.00 28.55 -13.92
N THR A 50 -18.16 29.21 -13.80
CA THR A 50 -19.44 28.63 -14.25
C THR A 50 -19.51 28.42 -15.76
N ILE A 51 -18.99 29.37 -16.53
CA ILE A 51 -18.96 29.25 -18.00
C ILE A 51 -17.94 28.17 -18.37
N GLN A 52 -16.73 28.32 -17.85
CA GLN A 52 -15.62 27.37 -18.04
C GLN A 52 -16.05 25.91 -17.93
N GLU A 53 -16.85 25.60 -16.91
CA GLU A 53 -17.41 24.26 -16.72
C GLU A 53 -18.28 23.85 -17.91
N SER A 54 -19.18 24.73 -18.33
CA SER A 54 -20.11 24.47 -19.44
C SER A 54 -19.41 24.23 -20.78
N HIS A 55 -18.23 24.82 -20.97
CA HIS A 55 -17.40 24.54 -22.14
C HIS A 55 -16.96 23.07 -22.14
N TYR A 56 -16.60 22.56 -20.96
CA TYR A 56 -16.15 21.17 -20.81
C TYR A 56 -17.31 20.19 -20.86
N ARG A 57 -18.45 20.56 -20.29
CA ARG A 57 -19.67 19.75 -20.38
C ARG A 57 -20.10 19.54 -21.83
N ALA A 58 -19.93 20.57 -22.66
CA ALA A 58 -20.33 20.53 -24.07
C ALA A 58 -19.38 19.69 -24.92
N LEU A 59 -18.08 19.85 -24.72
CA LEU A 59 -17.06 19.12 -25.48
C LEU A 59 -16.91 17.66 -25.02
N LYS A 60 -17.20 17.38 -23.74
CA LYS A 60 -17.28 16.01 -23.25
C LYS A 60 -18.48 15.28 -23.86
N ASN A 61 -19.53 16.03 -24.20
CA ASN A 61 -20.71 15.52 -24.87
C ASN A 61 -20.61 15.46 -26.41
N GLY A 62 -19.43 15.74 -26.96
CA GLY A 62 -19.18 15.57 -28.38
C GLY A 62 -19.71 16.69 -29.25
N PHE A 63 -19.42 17.93 -28.86
CA PHE A 63 -19.89 19.09 -29.61
C PHE A 63 -19.04 19.34 -30.86
N LYS A 64 -19.73 19.56 -31.99
CA LYS A 64 -19.12 19.94 -33.26
C LYS A 64 -19.46 21.40 -33.58
N LEU A 65 -18.61 22.07 -34.35
CA LEU A 65 -18.81 23.49 -34.70
C LEU A 65 -20.09 23.71 -35.51
N ARG A 66 -20.34 22.85 -36.49
CA ARG A 66 -21.56 22.87 -37.30
C ARG A 66 -22.85 22.99 -36.47
N GLU A 67 -22.87 22.33 -35.30
CA GLU A 67 -24.05 22.29 -34.43
C GLU A 67 -24.45 23.65 -33.82
N ALA A 68 -23.49 24.57 -33.69
CA ALA A 68 -23.80 25.94 -33.23
C ALA A 68 -24.66 26.67 -34.25
N PHE A 69 -24.28 26.56 -35.53
CA PHE A 69 -25.04 27.13 -36.63
C PHE A 69 -26.40 26.47 -36.79
N TRP A 70 -26.45 25.15 -36.54
CA TRP A 70 -27.71 24.40 -36.57
C TRP A 70 -28.74 24.94 -35.57
N ILE A 71 -28.28 25.35 -34.39
CA ILE A 71 -29.17 25.90 -33.36
C ILE A 71 -29.80 27.20 -33.84
N VAL A 72 -28.98 28.07 -34.44
CA VAL A 72 -29.44 29.38 -34.90
C VAL A 72 -30.38 29.27 -36.10
N LYS A 73 -30.06 28.36 -37.03
CA LYS A 73 -30.95 28.05 -38.16
C LYS A 73 -32.29 27.51 -37.68
N GLU A 74 -32.26 26.56 -36.75
CA GLU A 74 -33.49 26.00 -36.16
C GLU A 74 -34.27 27.04 -35.33
N PHE A 75 -33.55 27.82 -34.53
CA PHE A 75 -34.14 28.92 -33.76
C PHE A 75 -34.80 30.00 -34.62
N ARG A 76 -34.17 30.31 -35.76
CA ARG A 76 -34.71 31.28 -36.72
C ARG A 76 -36.02 30.89 -37.41
N ARG A 77 -36.36 29.60 -37.40
CA ARG A 77 -37.67 29.13 -37.85
C ARG A 77 -38.84 29.72 -37.02
N HIS A 78 -38.60 30.02 -35.75
CA HIS A 78 -39.64 30.50 -34.83
C HIS A 78 -39.54 31.98 -34.39
N SER A 79 -38.38 32.60 -34.58
CA SER A 79 -38.08 33.90 -33.96
C SER A 79 -37.17 34.78 -34.80
N SER A 80 -37.32 36.10 -34.66
CA SER A 80 -36.40 37.08 -35.22
C SER A 80 -35.74 37.90 -34.10
N THR A 81 -35.45 37.25 -32.97
CA THR A 81 -34.76 37.88 -31.85
C THR A 81 -33.26 37.87 -32.14
N PRO A 82 -32.56 39.01 -31.92
CA PRO A 82 -31.12 39.08 -32.23
C PRO A 82 -30.25 38.03 -31.54
N ILE A 83 -29.40 37.36 -32.32
CA ILE A 83 -28.46 36.36 -31.81
C ILE A 83 -27.04 36.90 -31.95
N VAL A 84 -26.33 36.94 -30.83
CA VAL A 84 -24.91 37.28 -30.79
C VAL A 84 -24.15 35.98 -30.57
N LEU A 85 -23.10 35.77 -31.36
CA LEU A 85 -22.30 34.55 -31.28
C LEU A 85 -21.01 34.90 -30.54
N MET A 86 -20.74 34.19 -29.44
CA MET A 86 -19.56 34.46 -28.61
C MET A 86 -18.59 33.30 -28.73
N THR A 87 -17.40 33.58 -29.25
CA THR A 87 -16.42 32.53 -29.57
C THR A 87 -14.98 33.01 -29.41
N TYR A 88 -14.06 32.05 -29.34
CA TYR A 88 -12.63 32.32 -29.40
C TYR A 88 -12.22 32.33 -30.88
N TYR A 89 -11.03 32.82 -31.17
CA TYR A 89 -10.62 33.13 -32.55
C TYR A 89 -10.22 31.88 -33.35
N ASN A 90 -9.84 30.80 -32.68
CA ASN A 90 -9.34 29.61 -33.38
C ASN A 90 -10.32 29.02 -34.41
N PRO A 91 -11.60 28.80 -34.03
CA PRO A 91 -12.58 28.35 -35.02
C PRO A 91 -12.73 29.25 -36.25
N ILE A 92 -12.63 30.57 -36.04
CA ILE A 92 -12.68 31.55 -37.12
C ILE A 92 -11.41 31.46 -37.95
N TYR A 93 -10.26 31.52 -37.30
CA TYR A 93 -8.97 31.40 -37.98
C TYR A 93 -8.90 30.14 -38.82
N ARG A 94 -9.33 29.03 -38.22
CA ARG A 94 -9.28 27.70 -38.83
C ARG A 94 -10.08 27.64 -40.13
N ALA A 95 -11.34 28.06 -40.08
CA ALA A 95 -12.24 28.03 -41.24
C ALA A 95 -11.95 29.10 -42.30
N GLY A 96 -11.42 30.24 -41.87
CA GLY A 96 -11.28 31.43 -42.73
C GLY A 96 -12.26 32.49 -42.28
N VAL A 97 -11.80 33.74 -42.22
CA VAL A 97 -12.58 34.81 -41.60
C VAL A 97 -13.84 35.13 -42.39
N ARG A 98 -13.70 35.30 -43.71
CA ARG A 98 -14.87 35.49 -44.57
C ARG A 98 -15.81 34.29 -44.57
N ASN A 99 -15.23 33.09 -44.50
CA ASN A 99 -16.01 31.85 -44.56
C ASN A 99 -16.86 31.62 -43.31
N PHE A 100 -16.31 31.95 -42.15
CA PHE A 100 -17.02 31.82 -40.88
C PHE A 100 -18.17 32.82 -40.76
N LEU A 101 -17.88 34.09 -41.06
CA LEU A 101 -18.86 35.16 -40.94
C LEU A 101 -19.99 35.06 -41.97
N ALA A 102 -19.67 34.55 -43.17
CA ALA A 102 -20.69 34.30 -44.19
C ALA A 102 -21.61 33.15 -43.80
N GLU A 103 -21.00 32.08 -43.27
CA GLU A 103 -21.75 30.93 -42.78
C GLU A 103 -22.57 31.27 -41.53
N ALA A 104 -22.04 32.16 -40.69
CA ALA A 104 -22.77 32.66 -39.53
C ALA A 104 -23.97 33.50 -39.95
N LYS A 105 -23.72 34.44 -40.85
CA LYS A 105 -24.77 35.28 -41.44
C LYS A 105 -25.85 34.41 -42.08
N ALA A 106 -25.43 33.46 -42.91
CA ALA A 106 -26.33 32.53 -43.58
C ALA A 106 -27.18 31.67 -42.63
N SER A 107 -26.63 31.36 -41.45
CA SER A 107 -27.38 30.67 -40.38
C SER A 107 -28.42 31.55 -39.69
N GLY A 108 -28.22 32.87 -39.74
CA GLY A 108 -29.14 33.85 -39.16
C GLY A 108 -28.60 34.51 -37.90
N VAL A 109 -27.31 34.82 -37.89
CA VAL A 109 -26.62 35.40 -36.73
C VAL A 109 -26.42 36.89 -37.03
N ASP A 110 -26.76 37.74 -36.06
CA ASP A 110 -26.67 39.19 -36.24
C ASP A 110 -25.34 39.74 -35.75
N GLY A 111 -24.97 39.39 -34.53
CA GLY A 111 -23.74 39.88 -33.90
C GLY A 111 -22.68 38.81 -33.68
N ILE A 112 -21.46 39.26 -33.39
CA ILE A 112 -20.36 38.35 -33.03
C ILE A 112 -19.36 39.04 -32.11
N LEU A 113 -18.92 38.32 -31.08
CA LEU A 113 -17.88 38.78 -30.16
C LEU A 113 -16.75 37.75 -30.15
N VAL A 114 -15.57 38.16 -30.63
CA VAL A 114 -14.38 37.32 -30.61
C VAL A 114 -13.63 37.65 -29.32
N VAL A 115 -13.72 36.76 -28.35
CA VAL A 115 -13.29 37.02 -26.97
C VAL A 115 -11.81 37.36 -26.88
N ASP A 116 -10.98 36.53 -27.51
CA ASP A 116 -9.52 36.64 -27.47
C ASP A 116 -8.91 37.30 -28.71
N LEU A 117 -9.66 38.18 -29.37
CA LEU A 117 -9.15 38.97 -30.50
C LEU A 117 -9.11 40.45 -30.09
N PRO A 118 -7.92 40.97 -29.74
CA PRO A 118 -7.83 42.37 -29.31
C PRO A 118 -8.21 43.39 -30.38
N VAL A 119 -8.32 44.64 -29.96
CA VAL A 119 -8.86 45.70 -30.79
C VAL A 119 -7.93 46.00 -31.96
N PHE A 120 -6.63 45.94 -31.70
CA PHE A 120 -5.61 46.25 -32.72
C PHE A 120 -5.45 45.11 -33.72
N HIS A 121 -5.67 43.87 -33.27
CA HIS A 121 -5.68 42.70 -34.17
C HIS A 121 -6.98 42.50 -34.96
N ALA A 122 -7.99 43.34 -34.74
CA ALA A 122 -9.31 43.18 -35.37
C ALA A 122 -9.56 44.06 -36.61
N LYS A 123 -8.53 44.76 -37.10
CA LYS A 123 -8.67 45.64 -38.26
C LYS A 123 -9.32 44.91 -39.45
N GLU A 124 -8.71 43.81 -39.86
CA GLU A 124 -9.22 42.99 -40.97
C GLU A 124 -10.56 42.31 -40.66
N PHE A 125 -10.78 41.97 -39.40
CA PHE A 125 -12.01 41.28 -38.97
C PHE A 125 -13.26 42.16 -39.03
N THR A 126 -13.15 43.40 -38.54
CA THR A 126 -14.27 44.36 -38.56
C THR A 126 -14.57 44.89 -39.96
N GLU A 127 -13.55 44.86 -40.82
CA GLU A 127 -13.65 45.27 -42.22
C GLU A 127 -14.47 44.24 -43.02
N ILE A 128 -14.19 42.95 -42.80
CA ILE A 128 -14.93 41.85 -43.43
C ILE A 128 -16.32 41.65 -42.83
N ALA A 129 -16.46 41.88 -41.52
CA ALA A 129 -17.76 41.75 -40.86
C ALA A 129 -18.80 42.69 -41.44
N ARG A 130 -18.44 43.96 -41.63
CA ARG A 130 -19.30 44.94 -42.31
C ARG A 130 -19.70 44.41 -43.69
N GLU A 131 -18.71 43.97 -44.46
CA GLU A 131 -18.95 43.38 -45.79
C GLU A 131 -19.91 42.18 -45.79
N GLU A 132 -19.87 41.37 -44.73
CA GLU A 132 -20.72 40.18 -44.62
C GLU A 132 -22.02 40.37 -43.82
N GLY A 133 -22.30 41.60 -43.40
CA GLY A 133 -23.54 41.91 -42.68
C GLY A 133 -23.63 41.37 -41.26
N ILE A 134 -22.49 41.14 -40.62
CA ILE A 134 -22.40 40.80 -39.21
C ILE A 134 -21.96 42.04 -38.42
N LYS A 135 -22.67 42.35 -37.34
CA LYS A 135 -22.32 43.46 -36.48
C LYS A 135 -21.27 43.03 -35.46
N THR A 136 -20.26 43.89 -35.26
CA THR A 136 -19.15 43.56 -34.35
C THR A 136 -19.53 43.90 -32.93
N VAL A 137 -19.02 43.10 -32.00
CA VAL A 137 -19.17 43.33 -30.57
C VAL A 137 -17.77 43.25 -29.96
N PHE A 138 -17.40 44.26 -29.18
CA PHE A 138 -16.09 44.34 -28.54
C PHE A 138 -16.27 44.62 -27.05
N LEU A 139 -15.54 43.91 -26.21
CA LEU A 139 -15.69 44.09 -24.77
C LEU A 139 -14.68 45.05 -24.16
N ALA A 140 -15.06 45.61 -23.01
CA ALA A 140 -14.23 46.53 -22.24
C ALA A 140 -14.24 46.11 -20.78
N ALA A 141 -13.13 46.31 -20.09
CA ALA A 141 -12.98 46.00 -18.67
C ALA A 141 -12.86 47.29 -17.86
N PRO A 142 -12.84 47.20 -16.52
CA PRO A 142 -12.55 48.40 -15.74
C PRO A 142 -11.16 48.99 -16.01
N ASN A 143 -10.15 48.14 -16.14
CA ASN A 143 -8.77 48.59 -16.44
C ASN A 143 -8.54 49.09 -17.88
N THR A 144 -9.54 48.97 -18.75
CA THR A 144 -9.54 49.61 -20.07
C THR A 144 -9.48 51.13 -19.92
N PRO A 145 -8.41 51.78 -20.45
CA PRO A 145 -8.35 53.25 -20.34
C PRO A 145 -9.38 53.96 -21.21
N ASP A 146 -9.61 55.24 -20.92
CA ASP A 146 -10.49 56.10 -21.73
C ASP A 146 -10.06 56.12 -23.20
N GLU A 147 -8.76 56.18 -23.44
CA GLU A 147 -8.19 56.16 -24.79
C GLU A 147 -8.66 54.95 -25.60
N ARG A 148 -8.48 53.74 -25.05
CA ARG A 148 -8.79 52.49 -25.76
C ARG A 148 -10.30 52.26 -25.90
N LEU A 149 -11.07 52.72 -24.90
CA LEU A 149 -12.54 52.61 -24.92
C LEU A 149 -13.15 53.36 -26.11
N LYS A 150 -12.62 54.54 -26.42
CA LYS A 150 -13.01 55.29 -27.63
C LYS A 150 -12.74 54.49 -28.90
N VAL A 151 -11.59 53.80 -28.94
CA VAL A 151 -11.23 52.95 -30.08
C VAL A 151 -12.17 51.75 -30.14
N ILE A 152 -12.46 51.15 -28.97
CA ILE A 152 -13.42 50.04 -28.87
C ILE A 152 -14.79 50.49 -29.39
N ASP A 153 -15.25 51.65 -28.96
CA ASP A 153 -16.52 52.19 -29.43
C ASP A 153 -16.49 52.45 -30.93
N ASP A 154 -15.45 53.14 -31.41
CA ASP A 154 -15.30 53.47 -32.83
C ASP A 154 -15.46 52.25 -33.74
N MET A 155 -14.96 51.09 -33.29
CA MET A 155 -15.01 49.85 -34.08
C MET A 155 -16.24 48.97 -33.85
N THR A 156 -17.02 49.25 -32.81
CA THR A 156 -18.23 48.49 -32.51
C THR A 156 -19.42 48.98 -33.35
N THR A 157 -20.06 48.05 -34.05
CA THR A 157 -21.31 48.30 -34.79
C THR A 157 -22.54 47.58 -34.21
N GLY A 158 -22.36 46.79 -33.15
CA GLY A 158 -23.46 46.14 -32.43
C GLY A 158 -23.69 46.79 -31.07
N PHE A 159 -22.95 46.34 -30.07
CA PHE A 159 -22.95 46.96 -28.73
C PHE A 159 -21.62 46.72 -28.01
N VAL A 160 -21.26 47.65 -27.13
CA VAL A 160 -20.08 47.48 -26.29
C VAL A 160 -20.47 46.60 -25.10
N TYR A 161 -19.69 45.56 -24.84
CA TYR A 161 -19.98 44.62 -23.77
C TYR A 161 -19.05 44.89 -22.59
N LEU A 162 -19.60 45.43 -21.50
CA LEU A 162 -18.80 45.74 -20.30
C LEU A 162 -18.80 44.54 -19.37
N VAL A 163 -17.68 44.30 -18.71
CA VAL A 163 -17.55 43.18 -17.77
C VAL A 163 -16.75 43.63 -16.55
N SER A 164 -17.05 43.06 -15.39
CA SER A 164 -16.26 43.30 -14.19
C SER A 164 -15.06 42.34 -14.18
N LEU A 165 -14.21 42.43 -13.15
CA LEU A 165 -12.96 41.66 -13.13
C LEU A 165 -13.16 40.18 -12.77
N TYR A 166 -13.89 39.89 -11.69
CA TYR A 166 -14.11 38.52 -11.21
C TYR A 166 -15.42 37.94 -11.74
N GLU A 173 -22.81 38.00 -4.96
CA GLU A 173 -22.52 38.78 -3.77
C GLU A 173 -23.23 40.14 -3.87
N GLU A 174 -22.81 40.92 -4.86
CA GLU A 174 -23.20 42.33 -5.03
C GLU A 174 -22.47 42.86 -6.26
N ILE A 175 -23.04 43.91 -6.88
CA ILE A 175 -22.42 44.52 -8.06
C ILE A 175 -21.27 45.39 -7.54
N PRO A 176 -20.01 45.09 -7.94
CA PRO A 176 -18.89 45.87 -7.43
C PRO A 176 -18.95 47.36 -7.79
N LYS A 177 -18.46 48.22 -6.89
CA LYS A 177 -18.35 49.66 -7.14
C LYS A 177 -17.54 49.97 -8.40
N THR A 178 -16.50 49.18 -8.64
CA THR A 178 -15.67 49.29 -9.84
C THR A 178 -16.44 49.05 -11.15
N ALA A 179 -17.45 48.17 -11.11
CA ALA A 179 -18.30 47.85 -12.27
C ALA A 179 -19.24 48.99 -12.66
N TYR A 180 -19.80 49.70 -11.68
CA TYR A 180 -20.60 50.90 -11.93
C TYR A 180 -19.77 52.06 -12.49
N ASP A 181 -18.50 52.16 -12.10
CA ASP A 181 -17.58 53.17 -12.64
C ASP A 181 -17.28 52.95 -14.13
N LEU A 182 -17.19 51.69 -14.54
CA LEU A 182 -17.00 51.35 -15.95
C LEU A 182 -18.23 51.72 -16.78
N LEU A 183 -19.41 51.43 -16.24
CA LEU A 183 -20.67 51.77 -16.91
C LEU A 183 -20.85 53.27 -17.09
N ARG A 184 -20.65 54.03 -16.00
CA ARG A 184 -20.78 55.49 -16.01
C ARG A 184 -19.84 56.13 -17.03
N ARG A 185 -18.59 55.66 -17.06
CA ARG A 185 -17.61 56.10 -18.05
C ARG A 185 -18.03 55.76 -19.47
N ALA A 186 -18.49 54.52 -19.66
CA ALA A 186 -18.91 54.05 -20.98
C ALA A 186 -20.10 54.86 -21.53
N LYS A 187 -21.05 55.22 -20.66
CA LYS A 187 -22.18 56.05 -21.08
C LYS A 187 -21.76 57.48 -21.41
N ARG A 188 -20.73 58.00 -20.75
CA ARG A 188 -20.15 59.29 -21.15
C ARG A 188 -19.45 59.21 -22.50
N ILE A 189 -18.67 58.15 -22.72
CA ILE A 189 -17.77 58.06 -23.87
C ILE A 189 -18.40 57.40 -25.10
N CYS A 190 -19.05 56.24 -24.92
CA CYS A 190 -19.49 55.43 -26.07
C CYS A 190 -20.73 56.00 -26.77
N ARG A 191 -20.69 55.99 -28.10
CA ARG A 191 -21.86 56.23 -28.95
C ARG A 191 -22.74 55.00 -29.16
N ASN A 192 -22.15 53.80 -29.14
CA ASN A 192 -22.91 52.56 -29.24
C ASN A 192 -23.78 52.28 -28.01
N LYS A 193 -24.66 51.29 -28.14
CA LYS A 193 -25.37 50.74 -26.98
C LYS A 193 -24.41 49.92 -26.12
N VAL A 194 -24.76 49.80 -24.85
CA VAL A 194 -23.92 49.15 -23.85
C VAL A 194 -24.72 48.05 -23.17
N ALA A 195 -24.19 46.84 -23.19
CA ALA A 195 -24.72 45.72 -22.41
C ALA A 195 -23.70 45.33 -21.34
N VAL A 196 -24.19 44.82 -20.22
CA VAL A 196 -23.34 44.58 -19.03
C VAL A 196 -23.45 43.15 -18.49
N GLY A 197 -22.33 42.45 -18.41
CA GLY A 197 -22.26 41.12 -17.78
C GLY A 197 -21.44 41.19 -16.51
N PHE A 198 -22.09 41.59 -15.41
CA PHE A 198 -21.39 41.88 -14.16
C PHE A 198 -21.25 40.84 -13.02
N GLY A 199 -21.69 39.59 -13.11
CA GLY A 199 -22.85 39.11 -13.83
C GLY A 199 -23.91 39.02 -12.75
N VAL A 200 -25.16 38.90 -13.17
CA VAL A 200 -26.31 39.24 -12.34
C VAL A 200 -26.92 37.99 -11.71
N SER A 201 -27.47 38.16 -10.51
CA SER A 201 -28.17 37.09 -9.76
C SER A 201 -29.50 37.48 -9.09
N LYS A 202 -29.78 38.77 -8.88
CA LYS A 202 -30.97 39.23 -8.15
C LYS A 202 -31.72 40.34 -8.91
N ARG A 203 -32.95 40.60 -8.51
CA ARG A 203 -33.81 41.61 -9.15
C ARG A 203 -33.31 43.05 -8.92
N GLU A 204 -32.84 43.32 -7.71
CA GLU A 204 -32.26 44.64 -7.38
C GLU A 204 -31.11 45.04 -8.33
N HIS A 205 -30.33 44.05 -8.78
CA HIS A 205 -29.20 44.28 -9.69
C HIS A 205 -29.64 44.76 -11.06
N VAL A 206 -30.65 44.09 -11.63
CA VAL A 206 -31.15 44.40 -12.97
C VAL A 206 -31.73 45.81 -13.01
N VAL A 207 -32.59 46.13 -12.06
CA VAL A 207 -33.29 47.41 -11.99
C VAL A 207 -32.28 48.55 -11.78
N SER A 208 -31.29 48.31 -10.93
CA SER A 208 -30.22 49.27 -10.65
C SER A 208 -29.36 49.56 -11.88
N LEU A 209 -28.99 48.52 -12.62
CA LEU A 209 -28.13 48.66 -13.81
C LEU A 209 -28.82 49.41 -14.95
N LEU A 210 -30.09 49.11 -15.19
CA LEU A 210 -30.90 49.83 -16.16
C LEU A 210 -31.06 51.30 -15.76
N LYS A 211 -31.23 51.55 -14.46
CA LYS A 211 -31.38 52.90 -13.93
C LYS A 211 -30.12 53.75 -14.15
N GLU A 212 -28.95 53.14 -14.05
CA GLU A 212 -27.66 53.81 -14.29
C GLU A 212 -27.22 53.81 -15.76
N GLY A 213 -28.11 53.45 -16.69
CA GLY A 213 -27.90 53.67 -18.12
C GLY A 213 -27.56 52.46 -18.97
N ALA A 214 -27.53 51.26 -18.40
CA ALA A 214 -27.24 50.06 -19.18
C ALA A 214 -28.38 49.82 -20.17
N ASN A 215 -28.04 49.68 -21.45
CA ASN A 215 -29.03 49.38 -22.47
C ASN A 215 -29.50 47.94 -22.37
N GLY A 216 -28.58 47.05 -22.00
CA GLY A 216 -28.89 45.64 -21.78
C GLY A 216 -28.21 45.10 -20.53
N VAL A 217 -28.87 44.14 -19.88
CA VAL A 217 -28.29 43.41 -18.77
C VAL A 217 -28.18 41.96 -19.23
N VAL A 218 -26.97 41.43 -19.24
CA VAL A 218 -26.71 40.05 -19.65
C VAL A 218 -26.79 39.14 -18.44
N VAL A 219 -27.28 37.92 -18.66
CA VAL A 219 -27.42 36.90 -17.63
C VAL A 219 -26.81 35.60 -18.17
N GLY A 220 -25.66 35.23 -17.64
CA GLY A 220 -24.97 34.00 -18.02
C GLY A 220 -24.85 33.01 -16.88
N SER A 221 -24.05 33.36 -15.88
CA SER A 221 -23.73 32.47 -14.77
C SER A 221 -24.95 31.98 -13.98
N ALA A 222 -25.93 32.86 -13.78
CA ALA A 222 -27.18 32.46 -13.11
C ALA A 222 -27.92 31.37 -13.88
N LEU A 223 -27.88 31.46 -15.20
CA LEU A 223 -28.56 30.49 -16.07
C LEU A 223 -27.75 29.22 -16.32
N VAL A 224 -26.47 29.35 -16.62
CA VAL A 224 -25.64 28.14 -16.88
C VAL A 224 -25.37 27.30 -15.63
N LYS A 225 -25.40 27.92 -14.44
CA LYS A 225 -25.34 27.19 -13.17
C LYS A 225 -26.53 26.25 -13.01
N ILE A 226 -27.70 26.69 -13.48
CA ILE A 226 -28.91 25.86 -13.49
C ILE A 226 -28.78 24.72 -14.51
N ILE A 227 -28.23 25.02 -15.68
CA ILE A 227 -27.99 24.01 -16.73
C ILE A 227 -26.93 22.99 -16.26
N GLY A 228 -26.00 23.43 -15.43
CA GLY A 228 -25.05 22.52 -14.78
C GLY A 228 -25.71 21.53 -13.84
N GLU A 229 -26.64 22.03 -13.03
CA GLU A 229 -27.37 21.20 -12.06
C GLU A 229 -28.39 20.30 -12.73
N LYS A 230 -29.25 20.90 -13.56
CA LYS A 230 -30.47 20.26 -14.07
C LYS A 230 -30.31 19.56 -15.42
N GLY A 231 -29.40 20.06 -16.27
CA GLY A 231 -29.10 19.42 -17.54
C GLY A 231 -30.25 19.55 -18.52
N ARG A 232 -30.68 18.43 -19.09
CA ARG A 232 -31.84 18.37 -19.99
C ARG A 232 -33.11 18.96 -19.35
N GLU A 233 -33.25 18.76 -18.03
CA GLU A 233 -34.43 19.20 -17.28
C GLU A 233 -34.42 20.66 -16.84
N ALA A 234 -33.50 21.47 -17.38
CA ALA A 234 -33.28 22.85 -16.91
C ALA A 234 -34.38 23.84 -17.31
N THR A 235 -35.03 23.59 -18.45
CA THR A 235 -35.98 24.52 -19.07
C THR A 235 -36.85 25.29 -18.07
N GLU A 236 -37.61 24.56 -17.28
CA GLU A 236 -38.57 25.17 -16.36
C GLU A 236 -37.92 26.02 -15.27
N PHE A 237 -36.70 25.64 -14.85
CA PHE A 237 -35.97 26.36 -13.82
C PHE A 237 -35.30 27.62 -14.36
N LEU A 238 -34.97 27.60 -15.65
CA LEU A 238 -34.47 28.80 -16.34
C LEU A 238 -35.56 29.86 -16.44
N LYS A 239 -36.76 29.45 -16.84
CA LYS A 239 -37.91 30.36 -16.96
C LYS A 239 -38.25 30.99 -15.61
N LYS A 240 -38.27 30.19 -14.54
CA LYS A 240 -38.52 30.69 -13.18
C LYS A 240 -37.49 31.72 -12.75
N LYS A 241 -36.21 31.47 -13.10
CA LYS A 241 -35.11 32.37 -12.77
C LYS A 241 -35.19 33.69 -13.54
N VAL A 242 -35.45 33.61 -14.84
CA VAL A 242 -35.61 34.82 -15.66
C VAL A 242 -36.81 35.65 -15.17
N GLU A 243 -37.90 34.98 -14.80
CA GLU A 243 -39.07 35.65 -14.23
C GLU A 243 -38.74 36.46 -12.97
N GLU A 244 -37.88 35.89 -12.12
CA GLU A 244 -37.38 36.58 -10.92
C GLU A 244 -36.60 37.84 -11.29
N LEU A 245 -35.70 37.72 -12.26
CA LEU A 245 -34.86 38.83 -12.69
C LEU A 245 -35.64 39.94 -13.41
N LEU A 246 -36.67 39.57 -14.17
CA LEU A 246 -37.57 40.56 -14.78
C LEU A 246 -38.59 41.15 -13.79
N GLY A 247 -38.75 40.54 -12.61
CA GLY A 247 -39.70 41.00 -11.61
C GLY A 247 -41.12 40.52 -11.84
N ILE A 248 -41.26 39.47 -12.64
CA ILE A 248 -42.57 38.93 -13.02
C ILE A 248 -43.16 38.09 -11.89
N MET B 1 6.36 41.68 -31.42
CA MET B 1 5.13 40.85 -31.24
C MET B 1 5.08 39.63 -32.15
N TRP B 2 5.43 39.82 -33.42
CA TRP B 2 5.33 38.78 -34.44
C TRP B 2 6.68 38.15 -34.80
N PHE B 3 6.63 36.86 -35.14
CA PHE B 3 7.72 36.15 -35.79
C PHE B 3 7.15 35.59 -37.09
N GLY B 4 7.32 36.34 -38.17
CA GLY B 4 6.60 36.06 -39.40
C GLY B 4 5.11 36.21 -39.17
N GLU B 5 4.35 35.16 -39.46
CA GLU B 5 2.89 35.15 -39.24
C GLU B 5 2.49 34.66 -37.83
N PHE B 6 3.45 34.25 -37.02
CA PHE B 6 3.20 33.62 -35.71
C PHE B 6 3.43 34.57 -34.55
N GLY B 7 2.80 34.25 -33.41
CA GLY B 7 2.95 35.02 -32.18
C GLY B 7 1.66 35.74 -31.84
N GLY B 8 1.76 37.04 -31.55
CA GLY B 8 0.61 37.87 -31.27
C GLY B 8 0.31 38.01 -29.79
N GLN B 9 -0.89 38.51 -29.51
CA GLN B 9 -1.31 38.87 -28.16
C GLN B 9 -2.81 38.57 -28.04
N TYR B 10 -3.20 37.37 -28.46
CA TYR B 10 -4.60 36.99 -28.56
C TYR B 10 -5.18 36.64 -27.18
N VAL B 11 -5.48 37.68 -26.42
CA VAL B 11 -6.05 37.56 -25.07
C VAL B 11 -7.27 38.47 -24.96
N PRO B 12 -8.07 38.32 -23.89
CA PRO B 12 -9.20 39.23 -23.71
C PRO B 12 -8.75 40.62 -23.25
N GLU B 13 -9.67 41.58 -23.33
CA GLU B 13 -9.40 42.96 -22.94
C GLU B 13 -8.91 43.10 -21.50
N THR B 14 -9.36 42.21 -20.62
CA THR B 14 -8.93 42.16 -19.21
C THR B 14 -7.42 42.01 -19.01
N LEU B 15 -6.75 41.30 -19.90
CA LEU B 15 -5.31 41.04 -19.82
C LEU B 15 -4.43 41.99 -20.64
N ILE B 16 -5.01 43.02 -21.27
CA ILE B 16 -4.26 43.92 -22.14
C ILE B 16 -3.41 44.89 -21.31
N GLU B 17 -4.00 45.52 -20.31
CA GLU B 17 -3.27 46.52 -19.51
C GLU B 17 -2.06 45.94 -18.75
N PRO B 18 -2.22 44.73 -18.17
CA PRO B 18 -1.07 44.07 -17.53
C PRO B 18 0.07 43.76 -18.51
N LEU B 19 -0.28 43.27 -19.69
CA LEU B 19 0.69 42.95 -20.73
C LEU B 19 1.38 44.21 -21.30
N LYS B 20 0.63 45.30 -21.45
CA LYS B 20 1.21 46.55 -21.94
C LYS B 20 2.16 47.21 -20.94
N GLU B 21 1.90 47.07 -19.64
CA GLU B 21 2.81 47.58 -18.62
C GLU B 21 4.09 46.75 -18.55
N LEU B 22 3.96 45.45 -18.83
CA LEU B 22 5.10 44.55 -18.97
C LEU B 22 5.92 44.83 -20.24
N GLU B 23 5.23 45.14 -21.35
CA GLU B 23 5.90 45.58 -22.58
C GLU B 23 6.79 46.79 -22.32
N LYS B 24 6.20 47.83 -21.71
CA LYS B 24 6.89 49.09 -21.44
C LYS B 24 8.06 48.92 -20.48
N ALA B 25 7.85 48.12 -19.45
CA ALA B 25 8.87 47.85 -18.43
C ALA B 25 10.05 47.04 -18.97
N TYR B 26 9.77 46.07 -19.82
CA TYR B 26 10.84 45.29 -20.44
C TYR B 26 11.66 46.19 -21.36
N LYS B 27 11.00 46.98 -22.21
CA LYS B 27 11.69 47.95 -23.08
C LYS B 27 12.56 48.93 -22.28
N ARG B 28 12.11 49.28 -21.08
CA ARG B 28 12.87 50.14 -20.17
C ARG B 28 14.13 49.45 -19.62
N PHE B 29 13.92 48.35 -18.90
CA PHE B 29 14.98 47.72 -18.13
C PHE B 29 15.87 46.75 -18.91
N LYS B 30 15.44 46.33 -20.10
CA LYS B 30 16.15 45.30 -20.88
C LYS B 30 17.63 45.60 -21.09
N ASP B 31 17.97 46.83 -21.48
CA ASP B 31 19.35 47.24 -21.74
C ASP B 31 19.92 48.17 -20.65
N ASP B 32 19.22 48.28 -19.53
CA ASP B 32 19.63 49.13 -18.41
C ASP B 32 20.92 48.60 -17.78
N GLU B 33 21.83 49.51 -17.43
CA GLU B 33 23.12 49.13 -16.84
C GLU B 33 22.89 48.39 -15.52
N GLU B 34 22.08 48.97 -14.64
CA GLU B 34 21.87 48.43 -13.30
C GLU B 34 21.05 47.15 -13.28
N PHE B 35 20.07 47.01 -14.18
CA PHE B 35 19.31 45.76 -14.26
C PHE B 35 20.21 44.61 -14.69
N ASN B 36 21.00 44.82 -15.75
CA ASN B 36 21.92 43.81 -16.25
C ASN B 36 23.08 43.50 -15.31
N ARG B 37 23.55 44.50 -14.57
CA ARG B 37 24.59 44.30 -13.57
C ARG B 37 24.08 43.37 -12.46
N GLN B 38 22.87 43.64 -11.96
CA GLN B 38 22.23 42.77 -10.97
C GLN B 38 21.91 41.38 -11.53
N LEU B 39 21.38 41.31 -12.74
CA LEU B 39 21.06 40.02 -13.37
C LEU B 39 22.27 39.10 -13.46
N ASN B 40 23.39 39.64 -13.92
CA ASN B 40 24.62 38.85 -14.05
C ASN B 40 25.27 38.53 -12.71
N TYR B 41 25.06 39.38 -11.71
CA TYR B 41 25.50 39.09 -10.35
C TYR B 41 24.82 37.83 -9.82
N TYR B 42 23.50 37.75 -9.96
CA TYR B 42 22.75 36.58 -9.49
C TYR B 42 23.03 35.35 -10.33
N LEU B 43 23.12 35.51 -11.64
CA LEU B 43 23.48 34.40 -12.51
C LEU B 43 24.86 33.85 -12.14
N LYS B 44 25.83 34.72 -11.87
CA LYS B 44 27.17 34.28 -11.48
C LYS B 44 27.24 33.64 -10.09
N THR B 45 26.92 34.41 -9.05
CA THR B 45 27.12 33.97 -7.67
C THR B 45 26.10 32.95 -7.17
N TRP B 46 24.84 33.10 -7.59
CA TRP B 46 23.75 32.25 -7.11
C TRP B 46 23.49 31.06 -8.03
N ALA B 47 23.31 31.33 -9.32
CA ALA B 47 23.00 30.29 -10.30
C ALA B 47 24.18 29.40 -10.73
N GLY B 48 25.42 29.89 -10.57
CA GLY B 48 26.62 29.13 -10.92
C GLY B 48 27.06 29.30 -12.37
N ARG B 49 26.72 30.45 -12.92
CA ARG B 49 26.90 30.77 -14.33
C ARG B 49 28.34 31.30 -14.49
N PRO B 50 29.04 30.92 -15.57
CA PRO B 50 28.67 30.08 -16.69
C PRO B 50 28.73 28.60 -16.36
N THR B 51 28.10 27.80 -17.22
CA THR B 51 28.20 26.36 -17.16
C THR B 51 29.26 25.92 -18.17
N PRO B 52 29.95 24.80 -17.88
CA PRO B 52 30.99 24.32 -18.79
C PRO B 52 30.43 23.68 -20.07
N LEU B 53 31.29 23.59 -21.09
CA LEU B 53 31.00 22.86 -22.32
C LEU B 53 31.81 21.56 -22.25
N TYR B 54 31.12 20.44 -22.03
CA TYR B 54 31.80 19.15 -21.83
C TYR B 54 31.99 18.43 -23.16
N TYR B 55 33.18 17.86 -23.37
CA TYR B 55 33.45 17.04 -24.54
C TYR B 55 33.21 15.56 -24.21
N ALA B 56 32.13 14.99 -24.76
CA ALA B 56 31.81 13.58 -24.57
C ALA B 56 32.73 12.70 -25.42
N LYS B 57 33.96 12.53 -24.95
CA LYS B 57 35.02 11.88 -25.71
C LYS B 57 34.74 10.39 -25.89
N ARG B 58 34.18 9.77 -24.85
CA ARG B 58 33.87 8.34 -24.90
C ARG B 58 32.61 8.04 -25.72
N LEU B 59 31.61 8.92 -25.64
CA LEU B 59 30.39 8.77 -26.43
C LEU B 59 30.63 8.95 -27.92
N THR B 60 31.52 9.87 -28.28
CA THR B 60 31.88 10.09 -29.68
C THR B 60 32.68 8.92 -30.25
N GLU B 61 33.67 8.44 -29.49
CA GLU B 61 34.51 7.33 -29.92
C GLU B 61 33.76 6.00 -29.97
N LYS B 62 32.81 5.79 -29.06
CA LYS B 62 31.92 4.62 -29.11
C LYS B 62 31.05 4.64 -30.36
N ILE B 63 30.54 5.82 -30.71
CA ILE B 63 29.76 6.02 -31.94
C ILE B 63 30.66 5.95 -33.18
N GLY B 64 31.87 6.47 -33.05
CA GLY B 64 32.86 6.45 -34.13
C GLY B 64 32.52 7.43 -35.24
N GLY B 65 32.10 8.63 -34.86
CA GLY B 65 31.68 9.66 -35.81
C GLY B 65 32.05 11.05 -35.34
N ALA B 66 31.13 11.99 -35.51
CA ALA B 66 31.37 13.40 -35.20
C ALA B 66 31.49 13.65 -33.70
N LYS B 67 32.15 14.76 -33.36
CA LYS B 67 32.36 15.16 -31.97
C LYS B 67 31.05 15.65 -31.37
N ILE B 68 30.89 15.46 -30.07
CA ILE B 68 29.62 15.65 -29.39
C ILE B 68 29.94 16.39 -28.09
N TYR B 69 29.74 17.69 -28.12
CA TYR B 69 29.85 18.53 -26.93
C TYR B 69 28.48 18.64 -26.27
N LEU B 70 28.50 18.86 -24.95
CA LEU B 70 27.29 18.99 -24.14
C LEU B 70 27.32 20.34 -23.42
N LYS B 71 26.27 21.14 -23.61
CA LYS B 71 26.12 22.39 -22.86
C LYS B 71 25.52 21.98 -21.53
N ARG B 72 26.27 22.21 -20.45
CA ARG B 72 25.97 21.59 -19.15
C ARG B 72 25.01 22.41 -18.28
N GLU B 73 23.78 22.56 -18.76
CA GLU B 73 22.74 23.24 -17.99
C GLU B 73 22.28 22.43 -16.79
N ASP B 74 22.56 21.13 -16.78
CA ASP B 74 22.38 20.30 -15.59
C ASP B 74 23.13 20.81 -14.35
N LEU B 75 24.20 21.58 -14.56
CA LEU B 75 24.98 22.14 -13.45
C LEU B 75 24.48 23.46 -12.87
N VAL B 76 23.50 24.12 -13.49
CA VAL B 76 22.96 25.37 -12.92
C VAL B 76 22.19 25.07 -11.64
N HIS B 77 22.10 26.05 -10.76
CA HIS B 77 21.35 25.92 -9.52
C HIS B 77 19.90 25.53 -9.82
N GLY B 78 19.44 24.43 -9.21
CA GLY B 78 18.10 23.90 -9.45
C GLY B 78 18.08 22.73 -10.41
N GLY B 79 19.13 22.59 -11.22
CA GLY B 79 19.36 21.42 -12.05
C GLY B 79 18.76 21.52 -13.45
N ALA B 80 18.47 22.73 -13.89
CA ALA B 80 17.80 22.94 -15.17
C ALA B 80 17.88 24.39 -15.62
N HIS B 81 18.01 24.58 -16.93
CA HIS B 81 18.03 25.92 -17.56
C HIS B 81 16.94 26.89 -17.11
N1 LLP B 82 14.61 20.37 -19.95
C2 LLP B 82 14.45 20.40 -18.61
C2' LLP B 82 15.53 19.89 -17.71
C3 LLP B 82 13.19 20.94 -18.03
O3 LLP B 82 13.03 20.98 -16.68
C4 LLP B 82 12.16 21.43 -18.96
C4' LLP B 82 10.86 21.99 -18.40
C5 LLP B 82 12.47 21.34 -20.42
C6 LLP B 82 13.68 20.80 -20.83
C5' LLP B 82 11.48 21.79 -21.48
OP4 LLP B 82 11.29 23.20 -21.49
P LLP B 82 11.52 24.10 -22.82
OP1 LLP B 82 11.18 23.27 -24.03
OP2 LLP B 82 10.58 25.26 -22.61
OP3 LLP B 82 12.97 24.45 -22.72
N LLP B 82 15.78 26.36 -16.70
CA LLP B 82 14.63 27.15 -16.25
CB LLP B 82 13.64 26.26 -15.49
CG LLP B 82 13.02 25.19 -16.38
CD LLP B 82 11.50 25.14 -16.30
CE LLP B 82 10.93 24.33 -17.46
NZ LLP B 82 11.15 22.91 -17.31
C LLP B 82 14.98 28.29 -15.33
O LLP B 82 14.39 29.36 -15.43
N THR B 83 15.95 28.05 -14.44
CA THR B 83 16.45 29.04 -13.48
C THR B 83 16.86 30.39 -14.11
N ASN B 84 17.40 30.35 -15.33
CA ASN B 84 17.84 31.55 -16.05
C ASN B 84 16.69 32.54 -16.26
N ASN B 85 15.59 32.05 -16.83
CA ASN B 85 14.38 32.83 -17.04
C ASN B 85 13.73 33.24 -15.71
N ALA B 86 13.64 32.29 -14.78
CA ALA B 86 13.02 32.52 -13.48
C ALA B 86 13.64 33.71 -12.74
N ILE B 87 14.97 33.79 -12.73
CA ILE B 87 15.69 34.93 -12.15
C ILE B 87 15.43 36.21 -12.95
N GLY B 88 15.54 36.12 -14.28
CA GLY B 88 15.32 37.26 -15.15
C GLY B 88 13.99 37.93 -14.92
N GLN B 89 12.91 37.16 -14.97
CA GLN B 89 11.56 37.70 -14.77
C GLN B 89 11.29 38.13 -13.33
N ALA B 90 11.84 37.41 -12.36
CA ALA B 90 11.68 37.79 -10.96
C ALA B 90 12.39 39.11 -10.68
N LEU B 91 13.58 39.28 -11.23
CA LEU B 91 14.33 40.53 -11.09
C LEU B 91 13.58 41.67 -11.79
N LEU B 92 13.14 41.41 -13.03
CA LEU B 92 12.31 42.36 -13.77
C LEU B 92 11.09 42.79 -12.95
N ALA B 93 10.42 41.83 -12.31
CA ALA B 93 9.29 42.12 -11.43
C ALA B 93 9.68 43.03 -10.28
N LYS B 94 10.85 42.79 -9.68
CA LYS B 94 11.36 43.62 -8.60
C LYS B 94 11.66 45.05 -9.07
N PHE B 95 12.28 45.20 -10.23
CA PHE B 95 12.53 46.52 -10.81
C PHE B 95 11.26 47.27 -11.19
N MET B 96 10.21 46.54 -11.56
CA MET B 96 8.86 47.10 -11.74
C MET B 96 8.15 47.48 -10.43
N GLY B 97 8.75 47.20 -9.28
CA GLY B 97 8.18 47.53 -7.97
C GLY B 97 7.21 46.51 -7.42
N LYS B 98 7.20 45.31 -8.00
CA LYS B 98 6.26 44.25 -7.63
C LYS B 98 6.80 43.49 -6.42
N THR B 99 5.90 43.10 -5.52
CA THR B 99 6.24 42.36 -4.33
C THR B 99 5.91 40.88 -4.45
N ARG B 100 5.26 40.48 -5.54
CA ARG B 100 4.64 39.16 -5.62
C ARG B 100 4.80 38.50 -6.99
N LEU B 101 4.99 37.19 -6.99
CA LEU B 101 5.09 36.40 -8.20
C LEU B 101 3.96 35.39 -8.16
N ILE B 102 3.35 35.14 -9.33
CA ILE B 102 2.44 34.01 -9.49
C ILE B 102 2.80 33.24 -10.74
N ALA B 103 2.48 31.96 -10.72
CA ALA B 103 2.73 31.07 -11.84
C ALA B 103 1.81 29.87 -11.71
N GLU B 104 1.91 28.97 -12.69
CA GLU B 104 1.22 27.69 -12.60
C GLU B 104 2.11 26.60 -13.16
N THR B 105 1.82 25.36 -12.77
CA THR B 105 2.65 24.23 -13.13
C THR B 105 1.87 22.91 -13.11
N GLY B 106 2.37 21.93 -13.87
CA GLY B 106 1.80 20.59 -13.91
C GLY B 106 2.78 19.59 -13.33
N ALA B 107 3.93 19.46 -13.99
CA ALA B 107 5.00 18.59 -13.50
C ALA B 107 5.64 19.13 -12.23
N GLY B 108 5.68 20.46 -12.07
CA GLY B 108 6.23 21.10 -10.88
C GLY B 108 7.59 21.77 -11.06
N GLN B 109 8.30 21.43 -12.12
CA GLN B 109 9.66 21.96 -12.38
C GLN B 109 9.70 23.48 -12.51
N HIS B 110 8.69 24.05 -13.16
CA HIS B 110 8.58 25.49 -13.29
C HIS B 110 8.18 26.13 -11.97
N GLY B 111 7.22 25.52 -11.28
CA GLY B 111 6.80 25.99 -9.96
C GLY B 111 7.93 26.06 -8.96
N VAL B 112 8.86 25.10 -9.04
CA VAL B 112 10.08 25.10 -8.23
C VAL B 112 10.99 26.25 -8.66
N ALA B 113 11.18 26.41 -9.96
CA ALA B 113 12.03 27.46 -10.51
C ALA B 113 11.56 28.85 -10.09
N THR B 114 10.26 29.08 -10.14
CA THR B 114 9.66 30.34 -9.70
C THR B 114 9.84 30.55 -8.21
N ALA B 115 9.52 29.51 -7.42
CA ALA B 115 9.66 29.55 -5.96
C ALA B 115 11.09 29.86 -5.50
N MET B 116 12.07 29.31 -6.19
CA MET B 116 13.50 29.56 -5.94
C MET B 116 13.90 31.02 -6.14
N ALA B 117 13.54 31.56 -7.30
CA ALA B 117 13.88 32.94 -7.65
C ALA B 117 13.16 33.94 -6.76
N GLY B 118 11.93 33.64 -6.38
CA GLY B 118 11.18 34.48 -5.46
C GLY B 118 11.81 34.54 -4.09
N ALA B 119 12.18 33.37 -3.57
CA ALA B 119 12.89 33.27 -2.29
C ALA B 119 14.18 34.09 -2.27
N LEU B 120 14.90 34.07 -3.40
CA LEU B 120 16.14 34.83 -3.59
C LEU B 120 15.92 36.33 -3.46
N LEU B 121 14.94 36.85 -4.18
CA LEU B 121 14.69 38.28 -4.25
C LEU B 121 13.63 38.79 -3.26
N GLY B 122 13.30 37.99 -2.24
CA GLY B 122 12.33 38.39 -1.23
C GLY B 122 10.91 38.62 -1.72
N MET B 123 10.52 37.90 -2.76
CA MET B 123 9.19 38.02 -3.34
C MET B 123 8.26 37.04 -2.66
N LYS B 124 7.01 37.44 -2.44
CA LYS B 124 5.96 36.49 -2.07
C LYS B 124 5.64 35.67 -3.32
N VAL B 125 5.38 34.37 -3.14
CA VAL B 125 5.15 33.47 -4.27
C VAL B 125 3.95 32.56 -4.01
N ASP B 126 2.95 32.65 -4.89
CA ASP B 126 1.79 31.76 -4.91
C ASP B 126 1.83 30.99 -6.23
N ILE B 127 1.94 29.66 -6.15
CA ILE B 127 1.82 28.81 -7.35
C ILE B 127 0.44 28.16 -7.38
N TYR B 128 -0.21 28.26 -8.54
CA TYR B 128 -1.46 27.57 -8.81
C TYR B 128 -1.15 26.22 -9.46
N MET B 129 -1.80 25.16 -8.97
CA MET B 129 -1.55 23.81 -9.45
C MET B 129 -2.85 23.01 -9.50
N GLY B 130 -3.02 22.21 -10.55
CA GLY B 130 -4.15 21.31 -10.65
C GLY B 130 -4.08 20.25 -9.56
N ALA B 131 -5.19 20.05 -8.84
CA ALA B 131 -5.19 19.18 -7.66
C ALA B 131 -4.82 17.72 -7.95
N GLU B 132 -5.06 17.25 -9.17
CA GLU B 132 -4.52 15.96 -9.60
C GLU B 132 -3.01 16.02 -9.62
N ASP B 133 -2.46 17.05 -10.28
CA ASP B 133 -1.00 17.23 -10.36
C ASP B 133 -0.35 17.37 -8.98
N VAL B 134 -1.05 17.98 -8.03
CA VAL B 134 -0.61 18.05 -6.63
C VAL B 134 -0.44 16.64 -6.06
N GLU B 135 -1.40 15.76 -6.34
CA GLU B 135 -1.36 14.37 -5.88
C GLU B 135 -0.22 13.57 -6.50
N ARG B 136 -0.01 13.72 -7.81
CA ARG B 136 1.14 13.10 -8.49
C ARG B 136 2.46 13.61 -7.92
N GLN B 137 2.65 14.93 -7.99
CA GLN B 137 3.95 15.57 -7.73
C GLN B 137 4.12 15.97 -6.25
N LYS B 138 3.93 14.98 -5.37
CA LYS B 138 4.12 15.12 -3.93
C LYS B 138 5.42 15.85 -3.58
N MET B 139 6.52 15.47 -4.25
CA MET B 139 7.86 15.93 -3.88
C MET B 139 8.17 17.36 -4.37
N ASN B 140 7.71 17.72 -5.58
CA ASN B 140 7.83 19.10 -6.06
C ASN B 140 6.96 20.09 -5.29
N VAL B 141 5.77 19.65 -4.87
CA VAL B 141 4.91 20.42 -3.98
C VAL B 141 5.64 20.71 -2.67
N PHE B 142 6.29 19.69 -2.11
CA PHE B 142 7.07 19.84 -0.90
C PHE B 142 8.27 20.78 -1.10
N ARG B 143 8.95 20.62 -2.22
CA ARG B 143 10.09 21.47 -2.61
C ARG B 143 9.69 22.94 -2.67
N MET B 144 8.59 23.23 -3.37
CA MET B 144 8.01 24.57 -3.41
C MET B 144 7.73 25.13 -2.02
N LYS B 145 7.11 24.33 -1.16
CA LYS B 145 6.81 24.73 0.21
C LYS B 145 8.06 25.04 1.03
N LEU B 146 9.08 24.18 0.92
CA LEU B 146 10.37 24.41 1.59
C LEU B 146 10.96 25.75 1.17
N LEU B 147 10.87 26.03 -0.14
CA LEU B 147 11.36 27.27 -0.73
C LEU B 147 10.52 28.52 -0.38
N GLY B 148 9.42 28.35 0.35
CA GLY B 148 8.69 29.47 0.93
C GLY B 148 7.42 29.83 0.19
N ALA B 149 7.20 29.22 -0.96
CA ALA B 149 5.99 29.48 -1.75
C ALA B 149 4.83 28.69 -1.16
N ASN B 150 3.62 29.20 -1.31
CA ASN B 150 2.43 28.40 -0.99
C ASN B 150 1.77 27.93 -2.29
N VAL B 151 1.51 26.62 -2.34
CA VAL B 151 0.92 25.97 -3.50
C VAL B 151 -0.59 26.02 -3.29
N ILE B 152 -1.30 26.65 -4.22
CA ILE B 152 -2.75 26.75 -4.15
C ILE B 152 -3.34 25.68 -5.07
N PRO B 153 -3.99 24.65 -4.47
CA PRO B 153 -4.61 23.66 -5.34
C PRO B 153 -5.91 24.22 -5.90
N VAL B 154 -6.13 24.05 -7.20
CA VAL B 154 -7.41 24.39 -7.82
C VAL B 154 -8.18 23.10 -8.05
N ASN B 155 -9.40 23.05 -7.53
CA ASN B 155 -10.24 21.83 -7.57
C ASN B 155 -11.39 21.94 -8.58
N SER B 156 -11.40 23.01 -9.38
CA SER B 156 -12.46 23.25 -10.36
C SER B 156 -12.15 22.55 -11.67
N GLY B 157 -13.19 22.03 -12.32
CA GLY B 157 -13.06 21.39 -13.62
C GLY B 157 -12.23 20.11 -13.57
N SER B 158 -11.31 19.98 -14.52
CA SER B 158 -10.47 18.78 -14.65
C SER B 158 -9.48 18.56 -13.49
N ARG B 159 -9.15 19.62 -12.75
CA ARG B 159 -8.12 19.62 -11.72
C ARG B 159 -6.71 19.39 -12.31
N THR B 160 -6.48 19.92 -13.51
CA THR B 160 -5.24 19.74 -14.26
C THR B 160 -4.67 21.12 -14.61
N LEU B 161 -3.64 21.17 -15.46
CA LEU B 161 -2.91 22.41 -15.76
C LEU B 161 -3.76 23.58 -16.26
N LYS B 162 -4.66 23.33 -17.23
CA LYS B 162 -5.44 24.41 -17.86
C LYS B 162 -6.44 25.10 -16.91
N ASP B 163 -6.87 24.38 -15.87
CA ASP B 163 -7.71 24.96 -14.81
C ASP B 163 -6.89 25.87 -13.89
N ALA B 164 -5.63 25.51 -13.67
CA ALA B 164 -4.70 26.34 -12.90
C ALA B 164 -4.28 27.61 -13.66
N ILE B 165 -4.16 27.52 -14.98
CA ILE B 165 -3.86 28.69 -15.83
C ILE B 165 -4.98 29.73 -15.70
N ASN B 166 -6.23 29.28 -15.81
CA ASN B 166 -7.39 30.16 -15.63
C ASN B 166 -7.42 30.86 -14.28
N GLU B 167 -7.16 30.12 -13.21
CA GLU B 167 -7.12 30.67 -11.86
C GLU B 167 -5.97 31.66 -11.68
N ALA B 168 -4.82 31.36 -12.29
CA ALA B 168 -3.66 32.24 -12.25
C ALA B 168 -3.89 33.54 -13.01
N LEU B 169 -4.46 33.45 -14.20
CA LEU B 169 -4.76 34.62 -15.04
C LEU B 169 -5.85 35.52 -14.44
N ARG B 170 -6.86 34.92 -13.81
CA ARG B 170 -7.87 35.69 -13.07
C ARG B 170 -7.24 36.48 -11.92
N ASP B 171 -6.35 35.82 -11.17
CA ASP B 171 -5.62 36.48 -10.08
C ASP B 171 -4.76 37.65 -10.55
N TRP B 172 -4.06 37.47 -11.67
CA TRP B 172 -3.21 38.52 -12.24
C TRP B 172 -4.02 39.77 -12.63
N VAL B 173 -5.18 39.57 -13.27
CA VAL B 173 -6.03 40.68 -13.69
C VAL B 173 -6.41 41.56 -12.49
N ALA B 174 -6.62 40.93 -11.34
CA ALA B 174 -6.97 41.64 -10.11
C ALA B 174 -5.77 42.28 -9.42
N THR B 175 -4.64 41.57 -9.40
CA THR B 175 -3.48 41.93 -8.56
C THR B 175 -2.24 42.41 -9.31
N PHE B 176 -2.32 42.62 -10.62
CA PHE B 176 -1.13 42.96 -11.42
C PHE B 176 -0.37 44.22 -11.00
N GLU B 177 -1.04 45.13 -10.28
CA GLU B 177 -0.37 46.31 -9.73
C GLU B 177 0.87 45.98 -8.88
N TYR B 178 0.81 44.89 -8.13
CA TYR B 178 1.92 44.42 -7.27
C TYR B 178 2.35 42.97 -7.51
N THR B 179 1.89 42.37 -8.61
CA THR B 179 2.14 40.97 -8.92
C THR B 179 2.61 40.79 -10.36
N HIS B 180 3.65 39.99 -10.55
CA HIS B 180 4.08 39.56 -11.87
C HIS B 180 3.65 38.12 -12.11
N TYR B 181 3.22 37.83 -13.33
CA TYR B 181 2.87 36.49 -13.76
C TYR B 181 4.10 35.95 -14.50
N LEU B 182 4.64 34.83 -14.03
CA LEU B 182 5.93 34.32 -14.52
C LEU B 182 5.73 33.13 -15.46
N ILE B 183 5.72 33.40 -16.76
CA ILE B 183 5.63 32.35 -17.79
C ILE B 183 6.98 31.64 -17.88
N GLY B 184 6.94 30.32 -17.98
CA GLY B 184 8.13 29.48 -17.93
C GLY B 184 8.79 29.09 -19.23
N SER B 185 8.13 29.34 -20.36
CA SER B 185 8.68 29.00 -21.67
C SER B 185 8.43 30.11 -22.69
N VAL B 186 8.98 29.95 -23.89
CA VAL B 186 8.87 30.96 -24.95
C VAL B 186 7.49 30.95 -25.62
N VAL B 187 6.46 31.02 -24.80
CA VAL B 187 5.07 30.78 -25.20
C VAL B 187 4.14 31.85 -24.65
N GLY B 188 2.90 31.83 -25.13
CA GLY B 188 1.88 32.76 -24.67
C GLY B 188 1.95 34.11 -25.37
N PRO B 189 1.26 35.12 -24.83
CA PRO B 189 1.15 36.39 -25.53
C PRO B 189 2.41 37.24 -25.38
N HIS B 190 2.65 38.08 -26.37
CA HIS B 190 3.70 39.09 -26.31
C HIS B 190 3.51 39.89 -25.01
N PRO B 191 4.61 40.19 -24.29
CA PRO B 191 6.03 40.05 -24.63
C PRO B 191 6.74 38.78 -24.15
N TYR B 192 6.02 37.82 -23.59
CA TYR B 192 6.66 36.66 -22.94
C TYR B 192 7.59 35.82 -23.84
N PRO B 193 7.19 35.52 -25.09
CA PRO B 193 8.06 34.76 -25.97
C PRO B 193 9.43 35.37 -26.27
N THR B 194 9.48 36.69 -26.47
CA THR B 194 10.74 37.41 -26.66
C THR B 194 11.51 37.54 -25.34
N ILE B 195 10.79 37.84 -24.26
CA ILE B 195 11.39 37.96 -22.91
C ILE B 195 12.10 36.69 -22.47
N VAL B 196 11.44 35.55 -22.61
CA VAL B 196 11.99 34.28 -22.13
C VAL B 196 13.21 33.88 -22.97
N ARG B 197 13.13 34.09 -24.28
CA ARG B 197 14.29 33.87 -25.16
C ARG B 197 15.49 34.68 -24.71
N ASP B 198 15.28 35.97 -24.51
CA ASP B 198 16.35 36.88 -24.12
C ASP B 198 17.04 36.45 -22.81
N PHE B 199 16.24 36.05 -21.82
CA PHE B 199 16.80 35.52 -20.58
C PHE B 199 17.44 34.14 -20.71
N GLN B 200 17.20 33.42 -21.81
CA GLN B 200 17.87 32.14 -22.11
C GLN B 200 18.97 32.18 -23.19
N SER B 201 19.12 33.31 -23.87
CA SER B 201 20.16 33.50 -24.89
C SER B 201 21.59 33.38 -24.33
N VAL B 202 21.74 33.61 -23.03
CA VAL B 202 23.01 33.39 -22.32
C VAL B 202 23.61 32.02 -22.68
N ILE B 203 22.76 31.00 -22.73
CA ILE B 203 23.20 29.63 -23.03
C ILE B 203 23.96 29.60 -24.36
N GLY B 204 23.39 30.23 -25.39
CA GLY B 204 24.01 30.29 -26.71
C GLY B 204 25.27 31.14 -26.74
N ARG B 205 25.25 32.28 -26.06
CA ARG B 205 26.43 33.16 -26.00
C ARG B 205 27.63 32.49 -25.35
N GLU B 206 27.40 31.72 -24.28
CA GLU B 206 28.45 30.96 -23.62
C GLU B 206 28.98 29.84 -24.52
N ALA B 207 28.07 29.03 -25.04
CA ALA B 207 28.41 27.91 -25.92
C ALA B 207 29.28 28.34 -27.11
N LYS B 208 28.91 29.46 -27.72
CA LYS B 208 29.66 30.04 -28.84
C LYS B 208 31.09 30.37 -28.43
N ALA B 209 31.26 31.16 -27.37
CA ALA B 209 32.58 31.49 -26.85
C ALA B 209 33.40 30.26 -26.49
N GLN B 210 32.73 29.28 -25.86
CA GLN B 210 33.39 28.06 -25.37
C GLN B 210 33.83 27.10 -26.47
N ILE B 211 33.01 26.93 -27.51
CA ILE B 211 33.38 26.07 -28.65
C ILE B 211 34.51 26.67 -29.49
N LEU B 212 34.53 28.00 -29.61
CA LEU B 212 35.67 28.69 -30.24
C LEU B 212 36.96 28.48 -29.45
N GLU B 213 36.86 28.57 -28.12
CA GLU B 213 38.00 28.33 -27.24
C GLU B 213 38.52 26.90 -27.37
N ALA B 214 37.60 25.94 -27.46
CA ALA B 214 37.94 24.51 -27.52
C ALA B 214 38.45 24.08 -28.89
N GLU B 215 37.70 24.44 -29.94
CA GLU B 215 37.93 23.91 -31.29
C GLU B 215 38.41 24.93 -32.34
N GLY B 216 38.38 26.22 -32.01
CA GLY B 216 38.75 27.27 -32.97
C GLY B 216 37.76 27.51 -34.11
N GLN B 217 36.51 27.08 -33.93
CA GLN B 217 35.48 27.17 -34.96
C GLN B 217 34.07 26.93 -34.42
N LEU B 218 33.07 27.44 -35.15
CA LEU B 218 31.66 27.25 -34.80
C LEU B 218 31.23 25.81 -35.10
N PRO B 219 30.21 25.30 -34.40
CA PRO B 219 29.79 23.91 -34.63
C PRO B 219 29.05 23.74 -35.95
N ASP B 220 29.02 22.50 -36.46
CA ASP B 220 28.25 22.19 -37.65
C ASP B 220 26.76 22.12 -37.33
N VAL B 221 26.41 21.48 -36.21
CA VAL B 221 25.02 21.32 -35.77
C VAL B 221 24.86 21.71 -34.30
N ILE B 222 23.65 22.15 -33.94
CA ILE B 222 23.24 22.30 -32.55
C ILE B 222 21.94 21.55 -32.34
N VAL B 223 21.91 20.67 -31.35
CA VAL B 223 20.73 19.83 -31.07
C VAL B 223 20.17 20.18 -29.69
N ALA B 224 18.86 20.36 -29.62
CA ALA B 224 18.20 20.67 -28.34
C ALA B 224 16.75 20.23 -28.35
N CYS B 225 16.26 19.81 -27.20
CA CYS B 225 14.88 19.34 -27.06
C CYS B 225 13.93 20.52 -27.04
N VAL B 226 12.69 20.27 -27.47
CA VAL B 226 11.67 21.30 -27.58
C VAL B 226 10.34 20.81 -27.00
N GLY B 227 9.96 21.39 -25.87
CA GLY B 227 8.60 21.29 -25.35
C GLY B 227 7.87 22.54 -25.79
N GLY B 228 8.03 23.59 -24.98
CA GLY B 228 7.55 24.93 -25.32
C GLY B 228 8.56 25.69 -26.18
N GLY B 229 9.84 25.41 -25.99
CA GLY B 229 10.93 26.03 -26.76
C GLY B 229 12.06 26.69 -26.01
N SER B 230 11.86 26.94 -24.71
CA SER B 230 12.76 27.73 -23.86
C SER B 230 14.27 27.46 -24.02
N ASN B 231 14.70 26.22 -23.78
CA ASN B 231 16.12 25.86 -23.86
C ASN B 231 16.68 25.90 -25.28
N ALA B 232 15.94 25.33 -26.23
CA ALA B 232 16.40 25.26 -27.62
C ALA B 232 16.60 26.66 -28.18
N MET B 233 15.63 27.53 -27.91
CA MET B 233 15.69 28.91 -28.38
C MET B 233 16.85 29.66 -27.72
N GLY B 234 17.13 29.35 -26.46
CA GLY B 234 18.26 29.92 -25.73
C GLY B 234 19.63 29.61 -26.32
N ILE B 235 19.84 28.35 -26.70
CA ILE B 235 21.10 27.95 -27.35
C ILE B 235 21.11 28.28 -28.86
N PHE B 236 19.95 28.29 -29.51
CA PHE B 236 19.84 28.64 -30.95
C PHE B 236 20.14 30.11 -31.26
N TYR B 237 19.50 31.01 -30.53
CA TYR B 237 19.38 32.42 -30.94
C TYR B 237 20.70 33.09 -31.34
N PRO B 238 21.77 32.95 -30.53
CA PRO B 238 23.04 33.59 -30.90
C PRO B 238 23.75 33.02 -32.12
N PHE B 239 23.31 31.86 -32.63
CA PHE B 239 23.83 31.30 -33.89
C PHE B 239 22.90 31.52 -35.09
N VAL B 240 21.84 32.30 -34.93
CA VAL B 240 20.83 32.47 -36.00
C VAL B 240 21.39 33.20 -37.23
N ASN B 241 22.33 34.13 -37.03
CA ASN B 241 23.00 34.81 -38.14
C ASN B 241 24.22 34.08 -38.71
N ASP B 242 24.58 32.92 -38.14
CA ASP B 242 25.68 32.10 -38.65
C ASP B 242 25.13 31.02 -39.58
N LYS B 243 25.28 31.24 -40.89
CA LYS B 243 24.72 30.35 -41.92
C LYS B 243 25.32 28.94 -41.92
N LYS B 244 26.57 28.80 -41.47
CA LYS B 244 27.22 27.50 -41.28
C LYS B 244 26.42 26.57 -40.37
N VAL B 245 26.04 27.08 -39.20
CA VAL B 245 25.54 26.25 -38.11
C VAL B 245 24.11 25.78 -38.39
N LYS B 246 23.88 24.47 -38.27
CA LYS B 246 22.54 23.89 -38.40
C LYS B 246 21.88 23.84 -37.01
N LEU B 247 20.56 24.08 -36.99
CA LEU B 247 19.76 24.05 -35.77
C LEU B 247 18.74 22.94 -35.88
N VAL B 248 18.70 22.05 -34.88
CA VAL B 248 17.78 20.91 -34.87
C VAL B 248 17.02 20.86 -33.55
N GLY B 249 15.69 20.97 -33.63
CA GLY B 249 14.83 20.83 -32.46
C GLY B 249 14.34 19.40 -32.34
N VAL B 250 14.45 18.82 -31.15
CA VAL B 250 14.01 17.44 -30.92
C VAL B 250 12.73 17.45 -30.09
N GLU B 251 11.61 17.12 -30.73
CA GLU B 251 10.31 17.06 -30.06
C GLU B 251 10.09 15.68 -29.45
N ALA B 252 9.02 15.58 -28.67
CA ALA B 252 8.66 14.33 -27.98
C ALA B 252 7.82 13.43 -28.88
N GLY B 253 8.47 12.40 -29.42
CA GLY B 253 7.79 11.37 -30.20
C GLY B 253 6.93 10.45 -29.37
N GLY B 254 7.21 10.36 -28.07
CA GLY B 254 6.36 9.62 -27.13
C GLY B 254 6.36 8.13 -27.40
N LYS B 255 5.16 7.58 -27.61
CA LYS B 255 4.99 6.18 -28.02
C LYS B 255 4.88 6.01 -29.54
N GLY B 256 5.18 7.06 -30.30
CA GLY B 256 5.16 7.02 -31.77
C GLY B 256 4.12 7.98 -32.30
N LEU B 257 4.38 8.53 -33.50
CA LEU B 257 3.46 9.47 -34.13
C LEU B 257 2.21 8.79 -34.70
N GLU B 258 2.38 7.58 -35.23
CA GLU B 258 1.26 6.76 -35.71
C GLU B 258 0.31 6.33 -34.58
N SER B 259 0.85 6.15 -33.37
CA SER B 259 0.04 5.77 -32.20
C SER B 259 -0.74 6.93 -31.57
N GLY B 260 -0.39 8.16 -31.91
CA GLY B 260 -1.08 9.34 -31.39
C GLY B 260 -0.77 9.74 -29.95
N LYS B 261 0.20 9.07 -29.31
CA LYS B 261 0.60 9.39 -27.93
C LYS B 261 1.95 10.10 -27.98
N HIS B 262 1.92 11.33 -28.48
CA HIS B 262 3.10 12.18 -28.59
C HIS B 262 2.75 13.60 -28.15
N SER B 263 3.78 14.45 -28.10
CA SER B 263 3.60 15.88 -27.86
C SER B 263 4.40 16.72 -28.86
N ALA B 264 4.70 16.14 -30.02
CA ALA B 264 5.37 16.83 -31.13
C ALA B 264 4.43 17.79 -31.87
N SER B 265 4.39 19.03 -31.40
CA SER B 265 3.47 20.05 -31.88
C SER B 265 3.79 20.53 -33.30
N LEU B 266 5.07 20.81 -33.56
CA LEU B 266 5.53 21.26 -34.87
C LEU B 266 5.41 20.19 -35.95
N ASN B 267 5.90 18.98 -35.68
CA ASN B 267 5.95 17.93 -36.70
C ASN B 267 4.59 17.38 -37.14
N ALA B 268 3.65 17.28 -36.21
CA ALA B 268 2.33 16.70 -36.50
C ALA B 268 1.18 17.42 -35.78
N GLY B 269 1.22 18.74 -35.80
CA GLY B 269 0.11 19.59 -35.33
C GLY B 269 -0.16 20.68 -36.34
N GLN B 270 -1.32 21.33 -36.22
CA GLN B 270 -1.70 22.42 -37.13
C GLN B 270 -1.67 23.77 -36.42
N VAL B 271 -1.56 24.83 -37.22
CA VAL B 271 -1.51 26.19 -36.69
C VAL B 271 -2.85 26.60 -36.10
N GLY B 272 -2.82 27.39 -35.04
CA GLY B 272 -4.04 27.79 -34.34
C GLY B 272 -3.79 28.86 -33.30
N VAL B 273 -4.82 29.23 -32.55
CA VAL B 273 -4.74 30.31 -31.56
C VAL B 273 -5.26 29.86 -30.19
N PHE B 274 -4.34 29.47 -29.33
CA PHE B 274 -4.61 29.14 -27.93
C PHE B 274 -3.58 29.84 -27.04
N HIS B 275 -3.93 30.02 -25.77
CA HIS B 275 -3.02 30.60 -24.76
C HIS B 275 -2.43 31.97 -25.14
N GLY B 276 -3.08 32.69 -26.04
CA GLY B 276 -2.60 34.00 -26.48
C GLY B 276 -1.51 34.03 -27.53
N MET B 277 -1.34 32.94 -28.28
CA MET B 277 -0.34 32.91 -29.34
C MET B 277 -0.83 32.15 -30.57
N LEU B 278 -0.54 32.70 -31.75
CA LEU B 278 -0.74 31.98 -33.01
C LEU B 278 0.51 31.11 -33.21
N SER B 279 0.33 29.80 -33.10
CA SER B 279 1.43 28.84 -33.28
C SER B 279 0.91 27.44 -33.58
N TYR B 280 1.82 26.47 -33.66
CA TYR B 280 1.44 25.07 -33.91
C TYR B 280 0.93 24.44 -32.62
N PHE B 281 -0.27 23.86 -32.69
CA PHE B 281 -0.87 23.12 -31.58
C PHE B 281 -1.35 21.73 -32.01
N LEU B 282 -1.27 20.77 -31.10
CA LEU B 282 -1.84 19.45 -31.33
C LEU B 282 -3.34 19.54 -31.08
N GLN B 283 -4.09 19.57 -32.18
CA GLN B 283 -5.55 19.71 -32.16
C GLN B 283 -6.20 18.50 -32.80
N ASP B 284 -7.49 18.31 -32.50
CA ASP B 284 -8.30 17.24 -33.10
C ASP B 284 -9.00 17.72 -34.38
N GLU B 285 -9.84 16.88 -34.96
CA GLU B 285 -10.67 17.22 -36.13
C GLU B 285 -11.47 18.52 -35.96
N GLU B 286 -11.97 18.78 -34.76
CA GLU B 286 -12.75 19.99 -34.44
C GLU B 286 -11.95 21.25 -34.05
N GLY B 287 -10.62 21.16 -34.02
CA GLY B 287 -9.78 22.28 -33.66
C GLY B 287 -9.76 22.56 -32.17
N GLN B 288 -9.85 21.50 -31.37
CA GLN B 288 -9.74 21.56 -29.91
C GLN B 288 -8.49 20.79 -29.52
N ILE B 289 -7.86 21.17 -28.42
CA ILE B 289 -6.58 20.60 -27.99
C ILE B 289 -6.72 19.11 -27.70
N LYS B 290 -5.96 18.29 -28.43
CA LYS B 290 -5.91 16.85 -28.20
C LYS B 290 -5.02 16.56 -26.99
N PRO B 291 -5.27 15.43 -26.28
CA PRO B 291 -4.37 15.04 -25.19
C PRO B 291 -2.95 14.73 -25.65
N THR B 292 -1.97 14.99 -24.78
CA THR B 292 -0.55 14.82 -25.09
C THR B 292 0.15 13.92 -24.10
N HIS B 293 1.24 13.30 -24.56
CA HIS B 293 2.05 12.40 -23.76
C HIS B 293 3.54 12.51 -24.11
N SER B 294 4.36 12.42 -23.06
CA SER B 294 5.76 12.03 -23.19
C SER B 294 6.24 11.53 -21.83
N ILE B 295 7.21 10.63 -21.84
CA ILE B 295 7.78 10.13 -20.60
C ILE B 295 8.50 11.23 -19.81
N ALA B 296 9.09 12.17 -20.54
CA ALA B 296 9.71 13.37 -19.97
C ALA B 296 8.61 14.38 -19.67
N PRO B 297 8.35 14.67 -18.39
CA PRO B 297 7.26 15.58 -18.04
C PRO B 297 7.29 16.97 -18.69
N GLY B 298 8.49 17.55 -18.81
CA GLY B 298 8.65 18.88 -19.39
C GLY B 298 8.35 19.03 -20.87
N LEU B 299 8.34 17.91 -21.62
CA LEU B 299 7.97 17.94 -23.03
C LEU B 299 6.48 17.74 -23.30
N ASP B 300 5.71 17.40 -22.27
CA ASP B 300 4.28 17.11 -22.37
C ASP B 300 3.46 18.41 -22.40
N TYR B 301 3.49 19.09 -23.55
CA TYR B 301 2.76 20.34 -23.75
C TYR B 301 2.34 20.45 -25.21
N PRO B 302 1.02 20.63 -25.47
CA PRO B 302 0.48 20.57 -26.83
C PRO B 302 0.91 21.70 -27.76
N GLY B 303 1.21 22.86 -27.19
CA GLY B 303 1.74 23.98 -27.95
C GLY B 303 3.23 23.98 -28.14
N VAL B 304 3.70 25.04 -28.80
CA VAL B 304 5.13 25.31 -28.98
C VAL B 304 5.28 26.81 -29.24
N GLY B 305 6.46 27.34 -28.91
CA GLY B 305 6.73 28.77 -29.06
C GLY B 305 6.54 29.26 -30.48
N PRO B 306 6.05 30.50 -30.65
CA PRO B 306 5.85 31.03 -32.00
C PRO B 306 7.14 31.21 -32.79
N GLU B 307 8.24 31.49 -32.10
CA GLU B 307 9.52 31.69 -32.76
C GLU B 307 10.06 30.40 -33.39
N HIS B 308 9.80 29.27 -32.74
CA HIS B 308 10.09 27.96 -33.35
C HIS B 308 9.23 27.70 -34.58
N ALA B 309 7.97 28.12 -34.54
CA ALA B 309 7.09 28.05 -35.71
C ALA B 309 7.62 28.87 -36.88
N TYR B 310 8.19 30.02 -36.58
CA TYR B 310 8.79 30.91 -37.59
C TYR B 310 10.04 30.29 -38.21
N LEU B 311 10.94 29.77 -37.36
CA LEU B 311 12.16 29.11 -37.83
C LEU B 311 11.86 27.83 -38.64
N LYS B 312 10.73 27.18 -38.34
CA LYS B 312 10.24 26.04 -39.11
C LYS B 312 9.80 26.46 -40.52
N LYS B 313 9.06 27.56 -40.61
CA LYS B 313 8.54 28.06 -41.88
C LYS B 313 9.68 28.46 -42.81
N ILE B 314 10.57 29.32 -42.33
CA ILE B 314 11.71 29.80 -43.14
C ILE B 314 12.85 28.78 -43.28
N GLN B 315 12.74 27.62 -42.64
CA GLN B 315 13.71 26.52 -42.73
C GLN B 315 15.13 26.93 -42.28
N ARG B 316 15.17 27.78 -41.26
CA ARG B 316 16.40 28.14 -40.56
C ARG B 316 16.73 27.06 -39.51
N ALA B 317 15.74 26.26 -39.15
CA ALA B 317 15.93 25.13 -38.22
C ALA B 317 15.11 23.91 -38.63
N GLU B 318 15.76 22.75 -38.70
CA GLU B 318 15.10 21.47 -38.89
C GLU B 318 14.42 21.07 -37.57
N TYR B 319 13.38 20.25 -37.64
CA TYR B 319 12.72 19.71 -36.45
C TYR B 319 12.39 18.22 -36.63
N VAL B 320 12.63 17.45 -35.57
CA VAL B 320 12.54 15.98 -35.59
C VAL B 320 11.86 15.48 -34.33
N THR B 321 11.67 14.16 -34.23
CA THR B 321 11.12 13.53 -33.03
C THR B 321 11.94 12.32 -32.60
N VAL B 322 11.87 12.01 -31.31
CA VAL B 322 12.52 10.86 -30.71
C VAL B 322 11.54 10.20 -29.73
N THR B 323 11.50 8.88 -29.76
CA THR B 323 10.55 8.10 -28.96
C THR B 323 10.98 7.96 -27.50
N ASP B 324 10.03 7.63 -26.63
CA ASP B 324 10.30 7.38 -25.21
C ASP B 324 11.38 6.32 -25.01
N GLU B 325 11.31 5.24 -25.80
CA GLU B 325 12.30 4.16 -25.76
C GLU B 325 13.72 4.68 -26.04
N GLU B 326 13.84 5.55 -27.04
CA GLU B 326 15.14 6.10 -27.45
C GLU B 326 15.73 7.06 -26.42
N ALA B 327 14.88 7.90 -25.82
CA ALA B 327 15.29 8.80 -24.74
C ALA B 327 15.74 8.01 -23.51
N LEU B 328 15.00 6.97 -23.15
CA LEU B 328 15.40 6.04 -22.09
C LEU B 328 16.73 5.36 -22.40
N LYS B 329 16.93 4.94 -23.64
CA LYS B 329 18.20 4.35 -24.07
C LYS B 329 19.35 5.35 -23.93
N ALA B 330 19.09 6.62 -24.28
CA ALA B 330 20.06 7.70 -24.12
C ALA B 330 20.30 8.09 -22.67
N PHE B 331 19.24 8.05 -21.86
CA PHE B 331 19.33 8.33 -20.42
C PHE B 331 20.32 7.37 -19.75
N HIS B 332 20.16 6.07 -20.02
CA HIS B 332 21.09 5.04 -19.54
C HIS B 332 22.47 5.16 -20.17
N GLU B 333 22.53 5.42 -21.48
CA GLU B 333 23.79 5.45 -22.21
C GLU B 333 24.72 6.54 -21.68
N LEU B 334 24.22 7.78 -21.62
CA LEU B 334 25.02 8.91 -21.14
C LEU B 334 25.47 8.73 -19.69
N SER B 335 24.65 8.07 -18.89
CA SER B 335 24.99 7.78 -17.50
C SER B 335 26.17 6.82 -17.41
N ARG B 336 26.06 5.66 -18.08
CA ARG B 336 27.13 4.65 -18.11
C ARG B 336 28.42 5.15 -18.76
N THR B 337 28.25 5.84 -19.90
CA THR B 337 29.37 6.22 -20.76
C THR B 337 30.13 7.46 -20.27
N GLU B 338 29.41 8.47 -19.77
CA GLU B 338 30.03 9.75 -19.35
C GLU B 338 29.91 10.11 -17.87
N GLY B 339 29.14 9.35 -17.09
CA GLY B 339 28.89 9.68 -15.68
C GLY B 339 27.98 10.88 -15.46
N ILE B 340 27.12 11.16 -16.44
CA ILE B 340 26.18 12.30 -16.37
C ILE B 340 24.77 11.73 -16.55
N ILE B 341 23.92 11.91 -15.54
CA ILE B 341 22.54 11.43 -15.58
C ILE B 341 21.68 12.59 -16.09
N PRO B 342 21.29 12.56 -17.37
CA PRO B 342 20.58 13.69 -17.92
C PRO B 342 19.09 13.65 -17.58
N ALA B 343 18.42 14.78 -17.70
CA ALA B 343 16.97 14.84 -17.58
C ALA B 343 16.36 14.12 -18.79
N LEU B 344 15.20 13.51 -18.59
CA LEU B 344 14.50 12.80 -19.65
C LEU B 344 14.19 13.71 -20.85
N GLU B 345 13.99 15.00 -20.57
CA GLU B 345 13.79 16.02 -21.59
C GLU B 345 15.04 16.15 -22.45
N SER B 346 16.20 16.28 -21.79
CA SER B 346 17.50 16.40 -22.46
C SER B 346 17.88 15.11 -23.19
N ALA B 347 17.56 13.98 -22.57
CA ALA B 347 17.83 12.67 -23.14
C ALA B 347 17.23 12.47 -24.54
N HIS B 348 16.16 13.18 -24.85
CA HIS B 348 15.66 13.25 -26.23
C HIS B 348 16.69 13.86 -27.16
N ALA B 349 17.25 15.00 -26.77
CA ALA B 349 18.28 15.68 -27.56
C ALA B 349 19.56 14.86 -27.69
N VAL B 350 19.90 14.14 -26.63
CA VAL B 350 21.07 13.24 -26.66
C VAL B 350 20.81 12.07 -27.60
N ALA B 351 19.65 11.44 -27.46
CA ALA B 351 19.23 10.31 -28.32
C ALA B 351 19.32 10.61 -29.82
N TYR B 352 18.91 11.81 -30.22
CA TYR B 352 19.03 12.23 -31.62
C TYR B 352 20.47 12.54 -32.00
N ALA B 353 21.18 13.23 -31.11
CA ALA B 353 22.59 13.55 -31.34
C ALA B 353 23.41 12.29 -31.63
N MET B 354 23.14 11.23 -30.88
CA MET B 354 23.84 9.94 -31.05
C MET B 354 23.63 9.34 -32.43
N LYS B 355 22.43 9.51 -32.99
CA LYS B 355 22.14 9.08 -34.36
C LYS B 355 22.88 9.94 -35.37
N LEU B 356 22.68 11.26 -35.25
CA LEU B 356 23.26 12.23 -36.19
C LEU B 356 24.79 12.22 -36.26
N ALA B 357 25.45 11.81 -35.17
CA ALA B 357 26.90 11.66 -35.16
C ALA B 357 27.42 10.59 -36.13
N LYS B 358 26.65 9.51 -36.30
CA LYS B 358 27.03 8.43 -37.23
C LYS B 358 27.16 8.89 -38.68
N GLU B 359 26.33 9.84 -39.08
CA GLU B 359 26.26 10.33 -40.47
C GLU B 359 27.16 11.54 -40.73
N MET B 360 28.11 11.81 -39.84
CA MET B 360 29.05 12.92 -39.97
C MET B 360 30.46 12.43 -39.67
N SER B 361 31.45 13.08 -40.28
CA SER B 361 32.85 12.69 -40.13
C SER B 361 33.45 13.16 -38.81
N ARG B 362 34.61 12.59 -38.46
CA ARG B 362 35.28 12.83 -37.17
C ARG B 362 35.67 14.30 -36.93
N ASP B 363 35.89 15.06 -38.00
CA ASP B 363 36.22 16.49 -37.89
C ASP B 363 35.02 17.43 -37.67
N GLU B 364 33.79 16.93 -37.87
CA GLU B 364 32.57 17.75 -37.70
C GLU B 364 32.09 17.75 -36.24
N ILE B 365 31.42 18.84 -35.85
CA ILE B 365 31.09 19.11 -34.43
C ILE B 365 29.58 19.26 -34.19
N ILE B 366 29.11 18.66 -33.09
CA ILE B 366 27.72 18.78 -32.63
C ILE B 366 27.71 19.30 -31.20
N ILE B 367 26.86 20.30 -30.92
CA ILE B 367 26.61 20.75 -29.54
C ILE B 367 25.18 20.36 -29.15
N VAL B 368 25.07 19.47 -28.16
CA VAL B 368 23.79 19.05 -27.61
C VAL B 368 23.55 19.89 -26.37
N ASN B 369 22.37 20.48 -26.26
CA ASN B 369 22.03 21.28 -25.08
C ASN B 369 21.46 20.37 -23.99
N LEU B 370 22.31 20.01 -23.03
CA LEU B 370 21.93 19.15 -21.91
C LEU B 370 21.17 20.01 -20.90
N SER B 371 19.89 20.20 -21.18
CA SER B 371 19.03 21.16 -20.48
C SER B 371 18.91 20.96 -18.97
N GLY B 372 19.03 19.73 -18.48
CA GLY B 372 18.98 19.50 -17.03
C GLY B 372 19.45 18.14 -16.56
N ARG B 373 19.65 18.03 -15.25
CA ARG B 373 19.97 16.75 -14.61
C ARG B 373 18.73 15.91 -14.35
N GLY B 374 18.91 14.59 -14.33
CA GLY B 374 17.82 13.63 -14.20
C GLY B 374 17.59 13.01 -12.84
N ASP B 375 17.98 13.71 -11.77
CA ASP B 375 17.75 13.25 -10.40
C ASP B 375 16.24 13.21 -10.12
N LYS B 376 15.53 14.21 -10.65
CA LYS B 376 14.06 14.28 -10.64
C LYS B 376 13.35 13.08 -11.31
N ASP B 377 13.98 12.50 -12.34
CA ASP B 377 13.37 11.46 -13.16
C ASP B 377 13.64 10.00 -12.75
N LEU B 378 14.27 9.78 -11.60
CA LEU B 378 14.70 8.44 -11.19
C LEU B 378 13.55 7.49 -10.82
N ASP B 379 12.51 7.99 -10.17
CA ASP B 379 11.30 7.18 -9.91
C ASP B 379 10.67 6.72 -11.23
N ILE B 380 10.52 7.65 -12.17
CA ILE B 380 9.94 7.37 -13.48
C ILE B 380 10.76 6.29 -14.20
N VAL B 381 12.08 6.46 -14.20
CA VAL B 381 12.98 5.53 -14.89
C VAL B 381 13.09 4.19 -14.16
N LEU B 382 12.99 4.19 -12.83
CA LEU B 382 13.01 2.94 -12.05
C LEU B 382 11.79 2.07 -12.30
N LYS B 383 10.62 2.69 -12.44
CA LYS B 383 9.38 1.97 -12.72
C LYS B 383 9.41 1.29 -14.09
N VAL B 384 9.69 2.05 -15.15
CA VAL B 384 9.77 1.50 -16.52
C VAL B 384 10.93 0.50 -16.69
N SER B 385 12.02 0.68 -15.96
CA SER B 385 13.08 -0.34 -15.85
C SER B 385 12.77 -1.27 -14.69
N MET C 1 58.19 -21.37 19.64
CA MET C 1 57.78 -21.55 21.07
C MET C 1 56.87 -22.74 21.32
N PHE C 2 56.84 -23.70 20.39
CA PHE C 2 56.00 -24.89 20.47
C PHE C 2 56.68 -26.04 19.74
N LYS C 3 56.27 -27.27 20.05
CA LYS C 3 56.91 -28.46 19.47
C LYS C 3 56.66 -28.52 17.96
N ASP C 4 57.69 -28.84 17.18
CA ASP C 4 57.52 -29.03 15.74
C ASP C 4 56.44 -30.07 15.45
N GLY C 5 55.81 -29.94 14.28
CA GLY C 5 54.74 -30.84 13.87
C GLY C 5 53.42 -30.65 14.59
N SER C 6 53.26 -29.52 15.29
CA SER C 6 52.11 -29.28 16.15
C SER C 6 50.91 -28.72 15.40
N LEU C 7 49.73 -28.97 15.98
CA LEU C 7 48.48 -28.37 15.54
C LEU C 7 48.11 -27.30 16.56
N ILE C 8 47.75 -26.11 16.07
CA ILE C 8 47.55 -24.94 16.91
C ILE C 8 46.11 -24.42 16.75
N PRO C 9 45.21 -24.78 17.68
CA PRO C 9 43.84 -24.25 17.59
C PRO C 9 43.76 -22.75 17.89
N TYR C 10 43.05 -22.02 17.02
CA TYR C 10 42.71 -20.61 17.23
C TYR C 10 41.23 -20.54 17.60
N LEU C 11 40.93 -20.01 18.79
CA LEU C 11 39.56 -19.70 19.20
C LEU C 11 39.42 -18.23 19.57
N THR C 12 38.25 -17.67 19.30
CA THR C 12 37.92 -16.31 19.73
C THR C 12 37.35 -16.41 21.14
N ALA C 13 37.89 -15.60 22.06
CA ALA C 13 37.49 -15.61 23.46
C ALA C 13 36.10 -15.01 23.64
N GLY C 14 35.30 -15.62 24.50
CA GLY C 14 33.95 -15.13 24.77
C GLY C 14 32.93 -15.45 23.68
N ASP C 15 33.26 -16.41 22.81
CA ASP C 15 32.37 -16.88 21.75
C ASP C 15 31.98 -18.33 22.06
N PRO C 16 30.73 -18.57 22.51
CA PRO C 16 29.66 -17.63 22.86
C PRO C 16 29.76 -17.01 24.26
N ASP C 17 30.56 -17.59 25.15
CA ASP C 17 30.82 -17.03 26.48
C ASP C 17 32.20 -17.47 26.98
N LYS C 18 32.66 -16.86 28.07
CA LYS C 18 34.02 -17.13 28.59
C LYS C 18 34.17 -18.55 29.14
N GLN C 19 33.12 -19.05 29.80
CA GLN C 19 33.11 -20.41 30.34
C GLN C 19 33.21 -21.45 29.22
N SER C 20 32.55 -21.19 28.10
CA SER C 20 32.59 -22.08 26.94
C SER C 20 33.97 -22.13 26.31
N THR C 21 34.62 -20.98 26.19
CA THR C 21 35.96 -20.90 25.62
C THR C 21 36.95 -21.71 26.46
N LEU C 22 36.89 -21.56 27.78
CA LEU C 22 37.68 -22.38 28.70
C LEU C 22 37.40 -23.88 28.57
N ASN C 23 36.13 -24.24 28.42
CA ASN C 23 35.76 -25.65 28.17
C ASN C 23 36.38 -26.18 26.88
N PHE C 24 36.34 -25.37 25.82
CA PHE C 24 36.86 -25.77 24.51
C PHE C 24 38.37 -25.98 24.57
N LEU C 25 39.08 -25.04 25.20
CA LEU C 25 40.53 -25.14 25.34
C LEU C 25 40.95 -26.38 26.13
N LEU C 26 40.26 -26.64 27.25
CA LEU C 26 40.57 -27.81 28.07
C LEU C 26 40.31 -29.13 27.34
N ALA C 27 39.25 -29.17 26.53
CA ALA C 27 38.93 -30.33 25.70
C ALA C 27 39.91 -30.53 24.54
N LEU C 28 40.42 -29.42 23.99
CA LEU C 28 41.37 -29.47 22.88
C LEU C 28 42.85 -29.59 23.31
N ASP C 29 43.14 -29.40 24.59
CA ASP C 29 44.54 -29.29 25.05
C ASP C 29 45.39 -30.55 24.79
N GLU C 30 44.79 -31.72 24.97
CA GLU C 30 45.48 -32.99 24.69
C GLU C 30 45.88 -33.18 23.22
N TYR C 31 45.22 -32.47 22.31
CA TYR C 31 45.51 -32.52 20.88
C TYR C 31 46.52 -31.47 20.40
N ALA C 32 46.70 -30.40 21.19
CA ALA C 32 47.40 -29.20 20.73
C ALA C 32 48.82 -29.06 21.26
N GLY C 33 49.68 -28.45 20.45
CA GLY C 33 51.04 -28.07 20.84
C GLY C 33 51.14 -26.64 21.34
N ALA C 34 50.27 -25.77 20.81
CA ALA C 34 50.06 -24.42 21.33
C ALA C 34 48.63 -23.97 21.01
N ILE C 35 48.24 -22.82 21.55
CA ILE C 35 46.89 -22.28 21.41
C ILE C 35 46.98 -20.79 21.11
N GLU C 36 46.18 -20.32 20.14
CA GLU C 36 45.96 -18.89 19.94
C GLU C 36 44.59 -18.54 20.47
N LEU C 37 44.51 -17.42 21.18
CA LEU C 37 43.26 -16.95 21.79
C LEU C 37 43.00 -15.53 21.29
N GLY C 38 41.92 -15.38 20.54
CA GLY C 38 41.56 -14.09 19.94
C GLY C 38 40.84 -13.20 20.94
N ILE C 39 41.16 -11.90 20.92
CA ILE C 39 40.47 -10.91 21.73
C ILE C 39 39.47 -10.18 20.83
N PRO C 40 38.16 -10.27 21.14
CA PRO C 40 37.12 -9.57 20.42
C PRO C 40 37.32 -8.07 20.19
N PHE C 41 36.99 -7.63 18.97
CA PHE C 41 37.18 -6.25 18.54
C PHE C 41 36.03 -5.84 17.63
N SER C 42 35.60 -4.58 17.77
CA SER C 42 34.45 -4.08 17.03
C SER C 42 34.66 -4.03 15.53
N ASP C 43 35.83 -3.55 15.10
CA ASP C 43 36.12 -3.37 13.68
C ASP C 43 37.41 -4.10 13.26
N PRO C 44 37.34 -5.44 13.08
CA PRO C 44 38.50 -6.25 12.72
C PRO C 44 38.76 -6.32 11.21
N ILE C 45 39.51 -5.35 10.71
CA ILE C 45 39.71 -5.16 9.27
C ILE C 45 40.51 -6.24 8.54
N ALA C 46 41.26 -7.05 9.26
CA ALA C 46 42.04 -8.14 8.65
C ALA C 46 41.17 -9.36 8.37
N ASP C 47 40.57 -9.86 9.44
CA ASP C 47 40.09 -11.24 9.54
C ASP C 47 39.06 -11.63 8.48
N GLY C 48 39.10 -12.90 8.09
CA GLY C 48 38.13 -13.47 7.16
C GLY C 48 36.76 -13.66 7.78
N LYS C 49 35.80 -14.07 6.95
CA LYS C 49 34.37 -14.01 7.33
C LYS C 49 34.05 -14.78 8.60
N THR C 50 34.54 -16.01 8.71
CA THR C 50 34.23 -16.88 9.85
C THR C 50 34.78 -16.36 11.18
N ILE C 51 35.95 -15.72 11.17
CA ILE C 51 36.54 -15.15 12.39
C ILE C 51 35.87 -13.82 12.72
N GLN C 52 35.64 -13.02 11.67
CA GLN C 52 34.87 -11.77 11.75
C GLN C 52 33.50 -11.94 12.42
N GLU C 53 32.79 -13.01 12.07
CA GLU C 53 31.51 -13.35 12.71
C GLU C 53 31.65 -13.63 14.21
N SER C 54 32.75 -14.25 14.62
CA SER C 54 32.98 -14.59 16.03
C SER C 54 33.24 -13.36 16.90
N HIS C 55 33.90 -12.35 16.32
CA HIS C 55 34.08 -11.06 17.00
C HIS C 55 32.71 -10.40 17.23
N TYR C 56 31.87 -10.40 16.20
CA TYR C 56 30.48 -9.93 16.30
C TYR C 56 29.69 -10.71 17.35
N ARG C 57 29.77 -12.04 17.34
CA ARG C 57 29.10 -12.89 18.33
C ARG C 57 29.54 -12.62 19.77
N ALA C 58 30.85 -12.58 19.99
CA ALA C 58 31.41 -12.46 21.35
C ALA C 58 31.09 -11.12 22.01
N LEU C 59 31.08 -10.05 21.22
CA LEU C 59 30.76 -8.71 21.72
C LEU C 59 29.27 -8.47 21.87
N LYS C 60 28.46 -9.07 21.00
CA LYS C 60 27.01 -9.09 21.13
C LYS C 60 26.58 -9.72 22.47
N ASN C 61 27.33 -10.71 22.95
CA ASN C 61 27.09 -11.34 24.24
C ASN C 61 27.90 -10.72 25.40
N GLY C 62 28.45 -9.53 25.20
CA GLY C 62 29.07 -8.75 26.26
C GLY C 62 30.44 -9.19 26.73
N PHE C 63 31.33 -9.51 25.79
CA PHE C 63 32.72 -9.83 26.12
C PHE C 63 33.46 -8.59 26.61
N LYS C 64 34.34 -8.79 27.59
CA LYS C 64 35.15 -7.72 28.18
C LYS C 64 36.61 -8.20 28.26
N LEU C 65 37.55 -7.27 28.22
CA LEU C 65 38.97 -7.60 28.09
C LEU C 65 39.49 -8.46 29.24
N ARG C 66 39.10 -8.11 30.47
CA ARG C 66 39.50 -8.85 31.66
C ARG C 66 39.09 -10.34 31.64
N GLU C 67 38.07 -10.69 30.86
CA GLU C 67 37.61 -12.07 30.71
C GLU C 67 38.55 -12.94 29.89
N ALA C 68 39.28 -12.36 28.93
CA ALA C 68 40.33 -13.10 28.21
C ALA C 68 41.42 -13.55 29.17
N PHE C 69 41.87 -12.63 30.02
CA PHE C 69 42.91 -12.93 31.00
C PHE C 69 42.46 -13.96 32.03
N TRP C 70 41.19 -13.89 32.41
CA TRP C 70 40.56 -14.90 33.27
C TRP C 70 40.59 -16.29 32.65
N ILE C 71 40.34 -16.39 31.35
CA ILE C 71 40.40 -17.65 30.62
C ILE C 71 41.83 -18.21 30.65
N VAL C 72 42.81 -17.37 30.35
CA VAL C 72 44.20 -17.81 30.34
C VAL C 72 44.66 -18.22 31.75
N LYS C 73 44.20 -17.50 32.77
CA LYS C 73 44.56 -17.80 34.15
C LYS C 73 43.94 -19.11 34.67
N GLU C 74 42.69 -19.36 34.30
CA GLU C 74 41.95 -20.55 34.72
C GLU C 74 42.38 -21.78 33.92
N PHE C 75 42.79 -21.56 32.67
CA PHE C 75 43.42 -22.60 31.85
C PHE C 75 44.78 -23.04 32.40
N ARG C 76 45.56 -22.08 32.91
CA ARG C 76 46.87 -22.36 33.49
C ARG C 76 46.85 -23.17 34.79
N ARG C 77 45.71 -23.19 35.48
CA ARG C 77 45.52 -24.06 36.64
C ARG C 77 45.58 -25.56 36.27
N HIS C 78 45.29 -25.89 35.01
CA HIS C 78 45.36 -27.29 34.53
C HIS C 78 46.52 -27.58 33.60
N SER C 79 46.89 -26.62 32.75
CA SER C 79 47.81 -26.85 31.65
C SER C 79 48.92 -25.81 31.56
N SER C 80 50.05 -26.22 31.00
CA SER C 80 51.16 -25.32 30.73
C SER C 80 51.45 -25.29 29.23
N THR C 81 50.41 -25.45 28.41
CA THR C 81 50.54 -25.38 26.96
C THR C 81 50.71 -23.91 26.59
N PRO C 82 51.63 -23.60 25.66
CA PRO C 82 51.80 -22.22 25.20
C PRO C 82 50.51 -21.55 24.70
N ILE C 83 50.24 -20.34 25.21
CA ILE C 83 49.10 -19.52 24.78
C ILE C 83 49.65 -18.30 24.04
N VAL C 84 49.06 -18.00 22.88
CA VAL C 84 49.41 -16.80 22.12
C VAL C 84 48.15 -15.95 22.03
N LEU C 85 48.26 -14.71 22.49
CA LEU C 85 47.13 -13.80 22.50
C LEU C 85 47.12 -13.06 21.17
N MET C 86 45.99 -13.11 20.46
CA MET C 86 45.83 -12.40 19.19
C MET C 86 44.86 -11.26 19.36
N THR C 87 45.36 -10.03 19.21
CA THR C 87 44.58 -8.83 19.48
C THR C 87 44.91 -7.71 18.48
N TYR C 88 43.99 -6.75 18.41
CA TYR C 88 44.24 -5.49 17.71
C TYR C 88 44.92 -4.54 18.69
N TYR C 89 45.41 -3.40 18.20
CA TYR C 89 46.27 -2.51 18.99
C TYR C 89 45.51 -1.67 20.02
N ASN C 90 44.25 -1.31 19.74
CA ASN C 90 43.52 -0.38 20.59
C ASN C 90 43.33 -0.77 22.07
N PRO C 91 43.07 -2.07 22.37
CA PRO C 91 43.11 -2.53 23.75
C PRO C 91 44.46 -2.31 24.45
N ILE C 92 45.54 -2.57 23.71
CA ILE C 92 46.90 -2.36 24.22
C ILE C 92 47.16 -0.86 24.39
N TYR C 93 46.78 -0.07 23.38
CA TYR C 93 47.02 1.37 23.37
C TYR C 93 46.30 2.09 24.52
N ARG C 94 45.03 1.76 24.74
CA ARG C 94 44.22 2.41 25.77
C ARG C 94 44.60 2.03 27.20
N ALA C 95 45.09 0.79 27.38
CA ALA C 95 45.52 0.32 28.69
C ALA C 95 46.95 0.74 29.04
N GLY C 96 47.76 1.09 28.03
CA GLY C 96 49.20 1.31 28.19
C GLY C 96 49.93 0.02 27.86
N VAL C 97 50.97 0.11 27.03
CA VAL C 97 51.63 -1.09 26.47
C VAL C 97 52.18 -1.99 27.57
N ARG C 98 52.96 -1.42 28.47
CA ARG C 98 53.53 -2.17 29.60
C ARG C 98 52.44 -2.76 30.51
N ASN C 99 51.42 -1.95 30.82
CA ASN C 99 50.31 -2.41 31.66
C ASN C 99 49.57 -3.61 31.07
N PHE C 100 49.37 -3.58 29.75
CA PHE C 100 48.71 -4.69 29.05
C PHE C 100 49.56 -5.95 29.09
N LEU C 101 50.83 -5.83 28.72
CA LEU C 101 51.73 -6.97 28.63
C LEU C 101 52.05 -7.58 30.00
N ALA C 102 52.16 -6.75 31.01
CA ALA C 102 52.36 -7.22 32.39
C ALA C 102 51.17 -8.06 32.86
N GLU C 103 49.97 -7.52 32.67
CA GLU C 103 48.71 -8.18 33.01
C GLU C 103 48.50 -9.47 32.20
N ALA C 104 48.95 -9.46 30.93
CA ALA C 104 48.95 -10.65 30.08
C ALA C 104 49.89 -11.73 30.59
N LYS C 105 51.10 -11.32 30.97
CA LYS C 105 52.10 -12.24 31.53
C LYS C 105 51.64 -12.86 32.86
N ALA C 106 51.03 -12.06 33.72
CA ALA C 106 50.50 -12.53 35.01
C ALA C 106 49.44 -13.64 34.87
N SER C 107 48.61 -13.54 33.84
CA SER C 107 47.62 -14.58 33.50
C SER C 107 48.27 -15.88 33.07
N GLY C 108 49.47 -15.78 32.50
CA GLY C 108 50.22 -16.91 31.98
C GLY C 108 50.27 -16.94 30.46
N VAL C 109 50.20 -15.76 29.84
CA VAL C 109 50.33 -15.65 28.39
C VAL C 109 51.82 -15.77 28.06
N ASP C 110 52.13 -16.54 27.03
CA ASP C 110 53.50 -16.80 26.60
C ASP C 110 53.91 -15.93 25.43
N GLY C 111 53.00 -15.68 24.50
CA GLY C 111 53.27 -14.86 23.32
C GLY C 111 52.12 -13.96 22.92
N ILE C 112 52.35 -13.08 21.95
CA ILE C 112 51.35 -12.09 21.54
C ILE C 112 51.54 -11.55 20.11
N LEU C 113 50.44 -11.50 19.36
CA LEU C 113 50.41 -10.97 18.00
C LEU C 113 49.45 -9.79 17.96
N VAL C 114 49.98 -8.60 17.68
CA VAL C 114 49.16 -7.41 17.49
C VAL C 114 48.87 -7.29 15.98
N VAL C 115 47.65 -7.64 15.60
CA VAL C 115 47.25 -7.84 14.20
C VAL C 115 47.51 -6.62 13.31
N ASP C 116 47.16 -5.44 13.83
CA ASP C 116 47.19 -4.19 13.05
C ASP C 116 48.28 -3.21 13.49
N LEU C 117 49.38 -3.73 14.02
CA LEU C 117 50.56 -2.94 14.40
C LEU C 117 51.71 -3.33 13.49
N PRO C 118 51.96 -2.54 12.43
CA PRO C 118 53.03 -2.87 11.48
C PRO C 118 54.40 -2.97 12.11
N VAL C 119 55.36 -3.44 11.33
CA VAL C 119 56.69 -3.74 11.82
C VAL C 119 57.41 -2.44 12.15
N PHE C 120 57.32 -1.47 11.26
CA PHE C 120 57.91 -0.14 11.47
C PHE C 120 57.26 0.69 12.58
N HIS C 121 56.05 0.34 13.01
CA HIS C 121 55.43 0.95 14.19
C HIS C 121 55.54 0.09 15.47
N ALA C 122 56.36 -0.96 15.45
CA ALA C 122 56.47 -1.89 16.57
C ALA C 122 57.84 -1.92 17.24
N LYS C 123 58.67 -0.89 17.00
CA LYS C 123 59.99 -0.79 17.63
C LYS C 123 59.87 -0.79 19.16
N GLU C 124 58.94 0.01 19.67
CA GLU C 124 58.67 0.08 21.11
C GLU C 124 57.99 -1.17 21.65
N PHE C 125 57.03 -1.72 20.91
CA PHE C 125 56.28 -2.90 21.38
C PHE C 125 57.16 -4.12 21.66
N THR C 126 58.06 -4.43 20.72
CA THR C 126 58.99 -5.54 20.85
C THR C 126 59.94 -5.35 22.03
N GLU C 127 60.31 -4.09 22.27
CA GLU C 127 61.24 -3.70 23.32
C GLU C 127 60.67 -3.97 24.71
N ILE C 128 59.44 -3.52 24.94
CA ILE C 128 58.74 -3.70 26.21
C ILE C 128 58.33 -5.17 26.40
N ALA C 129 57.87 -5.80 25.31
CA ALA C 129 57.57 -7.24 25.32
C ALA C 129 58.69 -8.06 25.93
N ARG C 130 59.91 -7.86 25.42
CA ARG C 130 61.10 -8.53 25.95
C ARG C 130 61.29 -8.24 27.45
N GLU C 131 61.13 -6.99 27.84
CA GLU C 131 61.24 -6.58 29.26
C GLU C 131 60.17 -7.20 30.16
N GLU C 132 58.96 -7.42 29.65
CA GLU C 132 57.86 -7.98 30.45
C GLU C 132 57.69 -9.49 30.35
N GLY C 133 58.63 -10.18 29.69
CA GLY C 133 58.63 -11.64 29.61
C GLY C 133 57.61 -12.20 28.65
N ILE C 134 57.35 -11.48 27.55
CA ILE C 134 56.37 -11.86 26.53
C ILE C 134 57.09 -11.96 25.19
N LYS C 135 56.79 -13.03 24.44
CA LYS C 135 57.39 -13.24 23.13
C LYS C 135 56.51 -12.65 22.05
N THR C 136 57.14 -12.18 20.97
CA THR C 136 56.43 -11.49 19.90
C THR C 136 56.15 -12.42 18.72
N VAL C 137 54.97 -12.29 18.14
CA VAL C 137 54.59 -12.95 16.90
C VAL C 137 54.21 -11.86 15.91
N PHE C 138 54.83 -11.88 14.73
CA PHE C 138 54.48 -10.98 13.64
C PHE C 138 54.07 -11.85 12.45
N LEU C 139 53.18 -11.34 11.61
CA LEU C 139 52.73 -12.10 10.46
C LEU C 139 53.25 -11.58 9.14
N ALA C 140 53.37 -12.50 8.19
CA ALA C 140 53.77 -12.21 6.82
C ALA C 140 52.71 -12.77 5.90
N ALA C 141 52.52 -12.11 4.75
CA ALA C 141 51.58 -12.52 3.72
C ALA C 141 52.36 -12.85 2.45
N PRO C 142 51.69 -13.38 1.42
CA PRO C 142 52.39 -13.71 0.17
C PRO C 142 52.97 -12.51 -0.59
N ASN C 143 52.32 -11.36 -0.51
CA ASN C 143 52.85 -10.11 -1.08
C ASN C 143 54.01 -9.48 -0.31
N THR C 144 54.28 -9.96 0.91
CA THR C 144 55.39 -9.46 1.73
C THR C 144 56.74 -9.71 1.06
N PRO C 145 57.48 -8.64 0.71
CA PRO C 145 58.78 -8.86 0.05
C PRO C 145 59.84 -9.47 0.96
N ASP C 146 60.89 -9.98 0.34
CA ASP C 146 61.99 -10.63 1.07
C ASP C 146 62.74 -9.66 1.98
N GLU C 147 62.74 -8.37 1.63
CA GLU C 147 63.32 -7.31 2.46
C GLU C 147 62.64 -7.22 3.83
N ARG C 148 61.31 -7.16 3.84
CA ARG C 148 60.53 -7.07 5.09
C ARG C 148 60.49 -8.37 5.88
N LEU C 149 60.44 -9.50 5.19
CA LEU C 149 60.33 -10.80 5.85
C LEU C 149 61.51 -11.07 6.80
N LYS C 150 62.71 -10.62 6.43
CA LYS C 150 63.88 -10.65 7.30
C LYS C 150 63.70 -9.77 8.53
N VAL C 151 63.16 -8.58 8.32
CA VAL C 151 62.92 -7.61 9.39
C VAL C 151 61.81 -8.12 10.32
N ILE C 152 60.79 -8.74 9.73
CA ILE C 152 59.74 -9.45 10.47
C ILE C 152 60.36 -10.56 11.33
N ASP C 153 61.25 -11.34 10.74
CA ASP C 153 61.93 -12.43 11.44
C ASP C 153 62.80 -11.92 12.58
N ASP C 154 63.54 -10.83 12.34
CA ASP C 154 64.42 -10.22 13.36
C ASP C 154 63.69 -9.75 14.62
N MET C 155 62.48 -9.24 14.45
CA MET C 155 61.69 -8.75 15.58
C MET C 155 60.87 -9.82 16.28
N THR C 156 60.67 -10.96 15.62
CA THR C 156 59.92 -12.08 16.20
C THR C 156 60.80 -12.85 17.17
N THR C 157 60.28 -13.10 18.37
CA THR C 157 60.91 -13.98 19.38
C THR C 157 60.13 -15.27 19.69
N GLY C 158 58.95 -15.45 19.10
CA GLY C 158 58.11 -16.65 19.29
C GLY C 158 58.04 -17.48 18.03
N PHE C 159 57.25 -17.00 17.07
CA PHE C 159 57.19 -17.60 15.73
C PHE C 159 56.61 -16.61 14.72
N VAL C 160 56.99 -16.76 13.45
CA VAL C 160 56.39 -15.99 12.36
C VAL C 160 55.11 -16.72 11.94
N TYR C 161 54.05 -15.96 11.71
CA TYR C 161 52.72 -16.50 11.45
C TYR C 161 52.37 -16.18 10.01
N LEU C 162 52.45 -17.17 9.14
CA LEU C 162 52.17 -16.97 7.72
C LEU C 162 50.68 -17.13 7.43
N VAL C 163 50.14 -16.26 6.59
CA VAL C 163 48.74 -16.30 6.19
C VAL C 163 48.61 -16.16 4.68
N SER C 164 47.44 -16.50 4.15
CA SER C 164 47.18 -16.43 2.71
C SER C 164 46.33 -15.22 2.35
N LEU C 165 46.36 -14.85 1.07
CA LEU C 165 45.55 -13.75 0.55
C LEU C 165 44.06 -14.14 0.50
N TYR C 166 43.78 -15.39 0.15
CA TYR C 166 42.41 -15.89 0.05
C TYR C 166 41.88 -16.29 1.43
N GLU C 174 43.07 -26.88 -3.57
CA GLU C 174 42.42 -26.23 -2.43
C GLU C 174 43.30 -25.15 -1.79
N ILE C 175 44.42 -25.54 -1.18
CA ILE C 175 45.35 -24.58 -0.58
C ILE C 175 46.09 -23.85 -1.71
N PRO C 176 46.05 -22.49 -1.76
CA PRO C 176 46.59 -21.75 -2.90
C PRO C 176 48.08 -21.98 -3.20
N LYS C 177 48.43 -21.99 -4.49
CA LYS C 177 49.82 -22.11 -4.94
C LYS C 177 50.69 -21.00 -4.36
N THR C 178 50.12 -19.81 -4.30
CA THR C 178 50.78 -18.63 -3.72
C THR C 178 51.12 -18.78 -2.22
N ALA C 179 50.33 -19.58 -1.49
CA ALA C 179 50.57 -19.86 -0.08
C ALA C 179 51.75 -20.80 0.18
N TYR C 180 51.94 -21.81 -0.68
CA TYR C 180 53.11 -22.71 -0.59
C TYR C 180 54.42 -22.01 -0.96
N ASP C 181 54.35 -21.04 -1.88
CA ASP C 181 55.51 -20.21 -2.21
C ASP C 181 55.96 -19.36 -1.02
N LEU C 182 55.00 -18.82 -0.26
CA LEU C 182 55.28 -18.05 0.95
C LEU C 182 55.98 -18.92 2.01
N LEU C 183 55.42 -20.09 2.26
CA LEU C 183 56.02 -21.06 3.18
C LEU C 183 57.42 -21.49 2.74
N ARG C 184 57.60 -21.72 1.43
CA ARG C 184 58.91 -22.11 0.89
C ARG C 184 59.95 -21.04 1.18
N ARG C 185 59.61 -19.79 0.87
CA ARG C 185 60.48 -18.64 1.12
C ARG C 185 60.77 -18.44 2.60
N ALA C 186 59.76 -18.66 3.44
CA ALA C 186 59.88 -18.42 4.87
C ALA C 186 60.89 -19.34 5.52
N LYS C 187 60.78 -20.65 5.26
CA LYS C 187 61.75 -21.61 5.81
C LYS C 187 63.18 -21.33 5.31
N ARG C 188 63.29 -20.81 4.09
CA ARG C 188 64.58 -20.42 3.50
C ARG C 188 65.19 -19.21 4.21
N ILE C 189 64.37 -18.21 4.52
CA ILE C 189 64.84 -16.94 5.08
C ILE C 189 64.86 -16.91 6.62
N CYS C 190 63.82 -17.43 7.25
CA CYS C 190 63.59 -17.21 8.68
C CYS C 190 64.43 -18.12 9.58
N ARG C 191 65.06 -17.53 10.58
CA ARG C 191 65.65 -18.26 11.71
C ARG C 191 64.56 -18.76 12.67
N ASN C 192 63.49 -18.00 12.84
CA ASN C 192 62.35 -18.42 13.71
C ASN C 192 61.54 -19.56 13.13
N LYS C 193 60.75 -20.18 14.01
CA LYS C 193 59.77 -21.19 13.61
C LYS C 193 58.60 -20.52 12.90
N VAL C 194 57.85 -21.32 12.16
CA VAL C 194 56.78 -20.86 11.31
C VAL C 194 55.48 -21.60 11.61
N ALA C 195 54.41 -20.85 11.86
CA ALA C 195 53.06 -21.40 11.91
C ALA C 195 52.27 -20.89 10.71
N VAL C 196 51.48 -21.77 10.09
CA VAL C 196 50.70 -21.40 8.91
C VAL C 196 49.21 -21.36 9.25
N GLY C 197 48.54 -20.31 8.78
CA GLY C 197 47.11 -20.12 8.95
C GLY C 197 46.48 -19.91 7.59
N PHE C 198 46.55 -20.94 6.75
CA PHE C 198 46.10 -20.84 5.36
C PHE C 198 44.64 -21.24 5.12
N GLY C 199 43.88 -21.50 6.19
CA GLY C 199 42.47 -21.86 6.08
C GLY C 199 42.29 -23.35 5.88
N VAL C 200 42.92 -24.11 6.77
CA VAL C 200 42.88 -25.57 6.73
C VAL C 200 41.47 -26.04 7.06
N SER C 201 40.92 -26.90 6.20
CA SER C 201 39.64 -27.57 6.41
C SER C 201 39.68 -29.11 6.39
N LYS C 202 40.80 -29.72 6.02
CA LYS C 202 40.88 -31.18 5.93
C LYS C 202 42.29 -31.75 6.13
N ARG C 203 42.36 -33.06 6.35
CA ARG C 203 43.58 -33.76 6.72
C ARG C 203 44.68 -33.66 5.67
N GLU C 204 44.30 -33.74 4.40
CA GLU C 204 45.22 -33.56 3.27
C GLU C 204 46.11 -32.32 3.44
N HIS C 205 45.51 -31.24 3.94
CA HIS C 205 46.17 -29.95 4.07
C HIS C 205 47.16 -29.91 5.22
N VAL C 206 46.80 -30.51 6.35
CA VAL C 206 47.67 -30.53 7.53
C VAL C 206 48.93 -31.31 7.19
N VAL C 207 48.76 -32.48 6.56
CA VAL C 207 49.89 -33.34 6.19
C VAL C 207 50.77 -32.64 5.16
N SER C 208 50.14 -32.09 4.12
CA SER C 208 50.86 -31.39 3.05
C SER C 208 51.70 -30.21 3.56
N LEU C 209 51.15 -29.44 4.50
CA LEU C 209 51.86 -28.26 5.04
C LEU C 209 52.99 -28.65 5.99
N LEU C 210 52.80 -29.69 6.79
CA LEU C 210 53.87 -30.22 7.63
C LEU C 210 55.00 -30.77 6.76
N LYS C 211 54.64 -31.43 5.67
CA LYS C 211 55.58 -31.96 4.69
C LYS C 211 56.45 -30.88 4.06
N GLU C 212 55.83 -29.77 3.65
CA GLU C 212 56.57 -28.64 3.07
C GLU C 212 57.29 -27.76 4.11
N GLY C 213 57.23 -28.14 5.37
CA GLY C 213 58.12 -27.59 6.40
C GLY C 213 57.51 -26.67 7.44
N ALA C 214 56.19 -26.53 7.45
CA ALA C 214 55.51 -25.70 8.45
C ALA C 214 55.72 -26.32 9.82
N ASN C 215 56.25 -25.54 10.77
CA ASN C 215 56.53 -26.05 12.11
C ASN C 215 55.23 -26.28 12.88
N GLY C 216 54.25 -25.41 12.64
CA GLY C 216 52.90 -25.57 13.18
C GLY C 216 51.85 -25.28 12.13
N VAL C 217 50.69 -25.91 12.30
CA VAL C 217 49.53 -25.69 11.43
C VAL C 217 48.42 -25.15 12.33
N VAL C 218 48.00 -23.92 12.07
CA VAL C 218 46.96 -23.27 12.84
C VAL C 218 45.59 -23.67 12.30
N VAL C 219 44.65 -23.93 13.20
CA VAL C 219 43.28 -24.31 12.85
C VAL C 219 42.33 -23.34 13.52
N GLY C 220 41.82 -22.38 12.73
CA GLY C 220 40.90 -21.35 13.22
C GLY C 220 39.50 -21.52 12.69
N SER C 221 39.31 -21.13 11.44
CA SER C 221 37.99 -21.11 10.79
C SER C 221 37.20 -22.39 10.97
N ALA C 222 37.85 -23.53 10.78
CA ALA C 222 37.22 -24.85 10.88
C ALA C 222 36.60 -25.11 12.27
N LEU C 223 37.26 -24.59 13.30
CA LEU C 223 36.79 -24.72 14.68
C LEU C 223 35.76 -23.64 15.04
N VAL C 224 35.98 -22.39 14.62
CA VAL C 224 35.02 -21.32 14.93
C VAL C 224 33.73 -21.44 14.11
N LYS C 225 33.81 -22.06 12.92
CA LYS C 225 32.60 -22.38 12.15
C LYS C 225 31.71 -23.29 12.99
N ILE C 226 32.32 -24.31 13.60
CA ILE C 226 31.62 -25.26 14.47
C ILE C 226 31.08 -24.58 15.73
N ILE C 227 31.88 -23.72 16.35
CA ILE C 227 31.43 -22.96 17.52
C ILE C 227 30.26 -22.04 17.15
N GLY C 228 30.32 -21.45 15.96
CA GLY C 228 29.23 -20.64 15.40
C GLY C 228 27.94 -21.41 15.19
N GLU C 229 28.06 -22.65 14.70
CA GLU C 229 26.90 -23.52 14.49
C GLU C 229 26.32 -24.08 15.79
N LYS C 230 27.18 -24.51 16.71
CA LYS C 230 26.74 -25.29 17.89
C LYS C 230 26.71 -24.52 19.23
N GLY C 231 27.50 -23.47 19.38
CA GLY C 231 27.48 -22.63 20.58
C GLY C 231 28.05 -23.34 21.79
N ARG C 232 27.35 -23.25 22.92
CA ARG C 232 27.74 -23.96 24.15
C ARG C 232 27.98 -25.47 23.99
N GLU C 233 27.34 -26.09 23.01
CA GLU C 233 27.41 -27.53 22.77
C GLU C 233 28.52 -27.95 21.79
N ALA C 234 29.44 -27.06 21.48
CA ALA C 234 30.46 -27.33 20.45
C ALA C 234 31.55 -28.32 20.86
N THR C 235 31.76 -28.51 22.17
CA THR C 235 32.92 -29.24 22.70
C THR C 235 33.21 -30.54 21.97
N GLU C 236 32.20 -31.39 21.82
CA GLU C 236 32.40 -32.71 21.23
C GLU C 236 32.61 -32.65 19.72
N PHE C 237 31.93 -31.72 19.06
CA PHE C 237 32.08 -31.49 17.62
C PHE C 237 33.45 -30.90 17.27
N LEU C 238 33.98 -30.07 18.17
CA LEU C 238 35.34 -29.56 18.05
C LEU C 238 36.36 -30.69 18.14
N LYS C 239 36.18 -31.60 19.10
CA LYS C 239 37.06 -32.75 19.25
C LYS C 239 37.06 -33.64 18.00
N LYS C 240 35.88 -33.93 17.48
CA LYS C 240 35.79 -34.73 16.25
C LYS C 240 36.50 -34.05 15.08
N LYS C 241 36.40 -32.72 15.01
CA LYS C 241 37.08 -31.95 13.96
C LYS C 241 38.60 -31.95 14.13
N VAL C 242 39.08 -31.76 15.35
CA VAL C 242 40.52 -31.79 15.64
C VAL C 242 41.09 -33.21 15.44
N GLU C 243 40.32 -34.23 15.79
CA GLU C 243 40.71 -35.62 15.52
C GLU C 243 40.80 -35.91 14.02
N GLU C 244 39.88 -35.35 13.22
CA GLU C 244 39.94 -35.48 11.77
C GLU C 244 41.21 -34.87 11.19
N LEU C 245 41.56 -33.68 11.67
CA LEU C 245 42.71 -32.94 11.17
C LEU C 245 44.03 -33.52 11.63
N LEU C 246 44.04 -34.19 12.79
CA LEU C 246 45.20 -34.96 13.25
C LEU C 246 45.23 -36.39 12.68
N GLY C 247 44.14 -36.82 12.07
CA GLY C 247 44.09 -38.08 11.34
C GLY C 247 43.94 -39.27 12.26
N ILE C 248 43.14 -39.10 13.32
CA ILE C 248 42.97 -40.13 14.35
C ILE C 248 41.54 -40.60 14.50
N MET D 1 53.06 10.72 7.31
CA MET D 1 51.88 9.96 7.81
C MET D 1 51.33 10.40 9.16
N TRP D 2 52.06 11.26 9.88
CA TRP D 2 51.60 11.76 11.17
C TRP D 2 51.10 13.20 11.01
N PHE D 3 50.11 13.55 11.84
CA PHE D 3 49.70 14.92 12.07
C PHE D 3 49.83 15.09 13.57
N GLY D 4 50.99 15.56 14.01
CA GLY D 4 51.35 15.56 15.41
C GLY D 4 51.52 14.12 15.88
N GLU D 5 50.73 13.74 16.89
CA GLU D 5 50.72 12.35 17.41
C GLU D 5 49.75 11.44 16.64
N PHE D 6 48.86 12.01 15.83
CA PHE D 6 47.75 11.29 15.18
C PHE D 6 48.09 10.87 13.76
N GLY D 7 47.34 9.89 13.24
CA GLY D 7 47.50 9.41 11.87
C GLY D 7 48.03 8.00 11.86
N GLY D 8 49.17 7.79 11.21
CA GLY D 8 49.80 6.48 11.16
C GLY D 8 49.22 5.56 10.10
N GLN D 9 49.58 4.29 10.19
CA GLN D 9 49.23 3.29 9.17
C GLN D 9 49.01 1.93 9.84
N TYR D 10 48.04 1.91 10.75
CA TYR D 10 47.80 0.75 11.60
C TYR D 10 46.94 -0.32 10.91
N VAL D 11 47.58 -1.05 10.00
CA VAL D 11 46.94 -2.10 9.22
C VAL D 11 47.75 -3.40 9.34
N PRO D 12 47.14 -4.56 9.01
CA PRO D 12 47.91 -5.79 8.99
C PRO D 12 48.87 -5.86 7.80
N GLU D 13 49.81 -6.80 7.86
CA GLU D 13 50.83 -6.99 6.82
C GLU D 13 50.26 -7.20 5.41
N THR D 14 49.06 -7.77 5.33
CA THR D 14 48.38 -8.00 4.05
C THR D 14 48.10 -6.72 3.27
N LEU D 15 47.85 -5.62 3.97
CA LEU D 15 47.54 -4.31 3.36
C LEU D 15 48.74 -3.37 3.18
N ILE D 16 49.92 -3.78 3.62
CA ILE D 16 51.10 -2.91 3.57
C ILE D 16 51.55 -2.63 2.14
N GLU D 17 51.70 -3.67 1.34
CA GLU D 17 52.24 -3.51 -0.02
C GLU D 17 51.37 -2.67 -0.95
N PRO D 18 50.02 -2.85 -0.92
CA PRO D 18 49.13 -1.97 -1.69
C PRO D 18 49.21 -0.50 -1.31
N LEU D 19 49.40 -0.22 -0.02
CA LEU D 19 49.55 1.15 0.47
C LEU D 19 50.89 1.75 0.09
N LYS D 20 51.95 0.95 0.19
CA LYS D 20 53.29 1.38 -0.23
C LYS D 20 53.37 1.68 -1.73
N GLU D 21 52.61 0.94 -2.53
CA GLU D 21 52.49 1.23 -3.96
C GLU D 21 51.76 2.56 -4.19
N LEU D 22 50.72 2.80 -3.40
CA LEU D 22 49.95 4.05 -3.46
C LEU D 22 50.77 5.26 -3.00
N GLU D 23 51.57 5.08 -1.95
CA GLU D 23 52.49 6.14 -1.49
C GLU D 23 53.40 6.58 -2.63
N LYS D 24 54.05 5.61 -3.27
CA LYS D 24 54.96 5.85 -4.40
C LYS D 24 54.28 6.52 -5.58
N ALA D 25 53.11 6.01 -5.94
CA ALA D 25 52.37 6.54 -7.09
C ALA D 25 51.91 7.97 -6.86
N TYR D 26 51.45 8.25 -5.65
CA TYR D 26 51.03 9.61 -5.32
C TYR D 26 52.22 10.55 -5.37
N LYS D 27 53.35 10.14 -4.80
CA LYS D 27 54.59 10.94 -4.82
C LYS D 27 55.04 11.42 -6.20
N ARG D 28 54.98 10.55 -7.20
CA ARG D 28 55.41 10.92 -8.55
C ARG D 28 54.35 11.75 -9.29
N PHE D 29 53.08 11.38 -9.16
CA PHE D 29 51.99 12.02 -9.91
C PHE D 29 51.34 13.25 -9.24
N LYS D 30 51.58 13.43 -7.95
CA LYS D 30 51.07 14.58 -7.17
C LYS D 30 51.41 15.96 -7.76
N ASP D 31 52.64 16.14 -8.23
CA ASP D 31 53.08 17.41 -8.82
C ASP D 31 53.44 17.30 -10.30
N ASP D 32 52.90 16.28 -10.98
CA ASP D 32 53.20 16.02 -12.38
C ASP D 32 52.43 16.98 -13.27
N GLU D 33 53.12 17.61 -14.23
CA GLU D 33 52.53 18.60 -15.13
C GLU D 33 51.31 18.03 -15.87
N GLU D 34 51.44 16.80 -16.39
CA GLU D 34 50.38 16.16 -17.17
C GLU D 34 49.21 15.66 -16.32
N PHE D 35 49.51 15.14 -15.12
CA PHE D 35 48.47 14.68 -14.21
C PHE D 35 47.55 15.83 -13.80
N ASN D 36 48.15 16.92 -13.35
CA ASN D 36 47.38 18.10 -12.94
C ASN D 36 46.63 18.77 -14.09
N ARG D 37 47.17 18.69 -15.31
CA ARG D 37 46.49 19.23 -16.48
C ARG D 37 45.18 18.50 -16.72
N GLN D 38 45.26 17.16 -16.71
CA GLN D 38 44.06 16.31 -16.84
C GLN D 38 43.09 16.50 -15.66
N LEU D 39 43.60 16.59 -14.44
CA LEU D 39 42.73 16.77 -13.27
C LEU D 39 41.96 18.08 -13.36
N ASN D 40 42.65 19.15 -13.73
CA ASN D 40 42.01 20.46 -13.87
C ASN D 40 41.06 20.57 -15.06
N TYR D 41 41.33 19.81 -16.13
CA TYR D 41 40.41 19.70 -17.26
C TYR D 41 39.08 19.10 -16.81
N TYR D 42 39.14 17.93 -16.16
CA TYR D 42 37.94 17.24 -15.69
C TYR D 42 37.15 18.05 -14.65
N LEU D 43 37.86 18.64 -13.69
CA LEU D 43 37.22 19.47 -12.67
C LEU D 43 36.46 20.64 -13.29
N LYS D 44 37.06 21.28 -14.30
CA LYS D 44 36.43 22.41 -14.99
C LYS D 44 35.30 21.95 -15.92
N THR D 45 35.64 21.05 -16.83
CA THR D 45 34.81 20.68 -17.98
C THR D 45 33.68 19.72 -17.61
N TRP D 46 33.93 18.80 -16.68
CA TRP D 46 32.94 17.80 -16.24
C TRP D 46 32.27 18.14 -14.90
N ALA D 47 33.03 18.64 -13.93
CA ALA D 47 32.52 18.92 -12.57
C ALA D 47 32.00 20.34 -12.36
N GLY D 48 32.40 21.28 -13.21
CA GLY D 48 31.87 22.65 -13.19
C GLY D 48 32.63 23.63 -12.33
N ARG D 49 33.89 23.32 -12.02
CA ARG D 49 34.71 24.21 -11.21
C ARG D 49 35.17 25.43 -12.03
N PRO D 50 35.35 26.59 -11.37
CA PRO D 50 35.11 26.84 -9.96
C PRO D 50 33.64 26.95 -9.58
N THR D 51 33.37 26.78 -8.29
CA THR D 51 32.06 27.03 -7.71
C THR D 51 32.02 28.45 -7.19
N PRO D 52 30.85 29.11 -7.25
CA PRO D 52 30.77 30.50 -6.83
C PRO D 52 30.80 30.65 -5.31
N LEU D 53 31.27 31.81 -4.87
CA LEU D 53 31.16 32.22 -3.47
C LEU D 53 30.00 33.22 -3.43
N TYR D 54 28.92 32.82 -2.77
CA TYR D 54 27.66 33.57 -2.78
C TYR D 54 27.49 34.35 -1.48
N TYR D 55 27.13 35.62 -1.60
CA TYR D 55 26.85 36.47 -0.44
C TYR D 55 25.37 36.34 -0.09
N ALA D 56 25.10 35.75 1.08
CA ALA D 56 23.73 35.55 1.56
C ALA D 56 23.14 36.85 2.13
N LYS D 57 22.72 37.72 1.22
CA LYS D 57 22.30 39.08 1.53
C LYS D 57 21.08 39.11 2.46
N ARG D 58 20.09 38.26 2.16
CA ARG D 58 18.86 38.20 2.95
C ARG D 58 19.06 37.55 4.31
N LEU D 59 19.87 36.49 4.35
CA LEU D 59 20.13 35.77 5.59
C LEU D 59 20.91 36.61 6.60
N THR D 60 21.84 37.44 6.14
CA THR D 60 22.64 38.28 7.04
C THR D 60 21.82 39.42 7.62
N GLU D 61 20.96 40.02 6.81
CA GLU D 61 20.02 41.05 7.27
C GLU D 61 19.08 40.51 8.31
N LYS D 62 18.58 39.29 8.07
CA LYS D 62 17.70 38.62 9.02
C LYS D 62 18.37 38.49 10.39
N ILE D 63 19.59 37.96 10.41
CA ILE D 63 20.32 37.75 11.65
C ILE D 63 20.77 39.07 12.27
N GLY D 64 21.14 40.02 11.43
CA GLY D 64 21.52 41.38 11.87
C GLY D 64 22.96 41.56 12.32
N GLY D 65 23.82 40.58 12.01
CA GLY D 65 25.21 40.58 12.44
C GLY D 65 26.15 40.50 11.25
N ALA D 66 27.10 39.58 11.31
CA ALA D 66 28.17 39.51 10.32
C ALA D 66 27.68 39.07 8.94
N LYS D 67 28.49 39.37 7.93
CA LYS D 67 28.22 38.95 6.56
C LYS D 67 28.49 37.46 6.47
N ILE D 68 27.70 36.79 5.65
CA ILE D 68 27.67 35.33 5.58
C ILE D 68 27.78 35.01 4.11
N TYR D 69 28.92 34.43 3.74
CA TYR D 69 29.14 33.94 2.39
C TYR D 69 29.00 32.42 2.43
N LEU D 70 28.43 31.85 1.37
CA LEU D 70 28.33 30.41 1.20
C LEU D 70 29.23 29.99 0.07
N LYS D 71 30.20 29.13 0.36
CA LYS D 71 31.00 28.51 -0.71
C LYS D 71 30.17 27.39 -1.32
N ARG D 72 29.71 27.60 -2.55
CA ARG D 72 28.64 26.81 -3.16
C ARG D 72 29.10 25.49 -3.78
N GLU D 73 29.54 24.56 -2.92
CA GLU D 73 29.91 23.22 -3.36
C GLU D 73 28.69 22.37 -3.69
N ASP D 74 27.51 22.83 -3.28
CA ASP D 74 26.25 22.28 -3.77
C ASP D 74 26.11 22.30 -5.29
N LEU D 75 26.83 23.21 -5.95
CA LEU D 75 26.74 23.36 -7.41
C LEU D 75 27.68 22.48 -8.23
N VAL D 76 28.60 21.73 -7.62
CA VAL D 76 29.43 20.79 -8.38
C VAL D 76 28.61 19.60 -8.89
N HIS D 77 29.12 18.94 -9.92
CA HIS D 77 28.48 17.78 -10.50
C HIS D 77 28.36 16.65 -9.49
N GLY D 78 27.13 16.18 -9.26
CA GLY D 78 26.83 15.22 -8.20
C GLY D 78 26.16 15.83 -6.99
N GLY D 79 26.41 17.12 -6.75
CA GLY D 79 25.76 17.85 -5.67
C GLY D 79 26.51 17.83 -4.35
N ALA D 80 27.79 17.43 -4.37
CA ALA D 80 28.62 17.50 -3.18
C ALA D 80 30.10 17.51 -3.50
N HIS D 81 30.87 18.15 -2.62
CA HIS D 81 32.34 18.16 -2.69
C HIS D 81 33.02 16.82 -2.96
N1 LLP D 82 28.63 17.22 3.27
C2 LLP D 82 28.07 16.57 2.23
C2' LLP D 82 27.21 17.31 1.25
C3 LLP D 82 28.30 15.12 2.04
O3 LLP D 82 27.73 14.45 0.99
C4 LLP D 82 29.17 14.41 3.02
C4' LLP D 82 29.45 12.94 2.90
C5 LLP D 82 29.73 15.25 4.12
C6 LLP D 82 29.42 16.61 4.17
C5' LLP D 82 30.61 14.65 5.21
OP4 LLP D 82 31.88 14.24 4.71
P LLP D 82 33.26 14.95 5.11
OP1 LLP D 82 34.28 13.86 4.90
OP2 LLP D 82 33.38 16.11 4.16
OP3 LLP D 82 33.13 15.34 6.56
N LLP D 82 32.38 15.72 -2.57
CA LLP D 82 32.91 14.37 -2.80
CB LLP D 82 31.85 13.34 -2.42
CG LLP D 82 31.74 13.21 -0.91
CD LLP D 82 30.82 12.07 -0.55
CE LLP D 82 30.74 11.94 0.98
NZ LLP D 82 29.53 12.53 1.51
C LLP D 82 33.39 14.09 -4.20
O LLP D 82 34.31 13.27 -4.37
N THR D 83 32.79 14.71 -5.21
CA THR D 83 33.24 14.62 -6.59
C THR D 83 34.71 14.99 -6.77
N ASN D 84 35.17 16.05 -6.10
CA ASN D 84 36.56 16.49 -6.17
C ASN D 84 37.58 15.40 -5.85
N ASN D 85 37.35 14.67 -4.75
CA ASN D 85 38.18 13.53 -4.36
C ASN D 85 37.95 12.29 -5.24
N ALA D 86 36.70 12.04 -5.61
CA ALA D 86 36.34 10.94 -6.50
C ALA D 86 37.15 10.99 -7.81
N ILE D 87 37.15 12.15 -8.45
CA ILE D 87 37.89 12.35 -9.70
C ILE D 87 39.39 12.20 -9.45
N GLY D 88 39.88 12.89 -8.43
CA GLY D 88 41.30 12.92 -8.08
C GLY D 88 41.92 11.55 -7.91
N GLN D 89 41.26 10.69 -7.15
CA GLN D 89 41.74 9.32 -6.92
C GLN D 89 41.52 8.41 -8.12
N ALA D 90 40.35 8.52 -8.74
CA ALA D 90 40.05 7.76 -9.96
C ALA D 90 41.05 8.06 -11.08
N LEU D 91 41.44 9.33 -11.22
CA LEU D 91 42.47 9.71 -12.19
C LEU D 91 43.84 9.17 -11.79
N LEU D 92 44.17 9.25 -10.50
CA LEU D 92 45.42 8.68 -9.99
C LEU D 92 45.49 7.18 -10.30
N ALA D 93 44.38 6.48 -10.09
CA ALA D 93 44.29 5.06 -10.39
C ALA D 93 44.55 4.76 -11.87
N LYS D 94 44.00 5.59 -12.76
CA LYS D 94 44.23 5.44 -14.19
C LYS D 94 45.69 5.70 -14.58
N PHE D 95 46.32 6.70 -13.96
CA PHE D 95 47.75 6.99 -14.15
C PHE D 95 48.67 5.89 -13.61
N MET D 96 48.20 5.17 -12.59
CA MET D 96 48.85 3.95 -12.10
C MET D 96 48.65 2.73 -13.01
N GLY D 97 47.76 2.82 -14.00
CA GLY D 97 47.47 1.70 -14.90
C GLY D 97 46.44 0.73 -14.35
N LYS D 98 45.61 1.18 -13.41
CA LYS D 98 44.52 0.37 -12.86
C LYS D 98 43.35 0.41 -13.84
N THR D 99 42.56 -0.65 -13.85
CA THR D 99 41.42 -0.78 -14.74
C THR D 99 40.09 -0.87 -13.97
N ARG D 100 40.14 -0.69 -12.65
CA ARG D 100 39.00 -0.99 -11.79
C ARG D 100 39.08 -0.21 -10.47
N LEU D 101 37.93 0.27 -10.01
CA LEU D 101 37.81 0.97 -8.74
C LEU D 101 36.92 0.16 -7.82
N ILE D 102 37.26 0.11 -6.54
CA ILE D 102 36.34 -0.37 -5.52
C ILE D 102 36.26 0.60 -4.35
N ALA D 103 35.14 0.52 -3.65
CA ALA D 103 34.88 1.34 -2.49
C ALA D 103 33.75 0.68 -1.70
N GLU D 104 33.44 1.26 -0.55
CA GLU D 104 32.32 0.81 0.26
C GLU D 104 31.53 2.02 0.69
N THR D 105 30.26 1.80 0.98
CA THR D 105 29.34 2.88 1.30
C THR D 105 28.24 2.45 2.28
N GLY D 106 27.76 3.41 3.06
CA GLY D 106 26.63 3.24 3.96
C GLY D 106 25.43 3.94 3.37
N ALA D 107 25.42 5.27 3.46
CA ALA D 107 24.34 6.09 2.89
C ALA D 107 24.24 6.02 1.36
N GLY D 108 25.35 5.74 0.68
CA GLY D 108 25.38 5.64 -0.78
C GLY D 108 26.02 6.83 -1.46
N GLN D 109 26.21 7.92 -0.71
CA GLN D 109 26.70 9.19 -1.26
C GLN D 109 28.12 9.06 -1.83
N HIS D 110 28.98 8.33 -1.12
CA HIS D 110 30.33 8.00 -1.60
C HIS D 110 30.32 6.99 -2.76
N GLY D 111 29.42 6.01 -2.69
CA GLY D 111 29.23 5.05 -3.78
C GLY D 111 28.85 5.69 -5.10
N VAL D 112 27.94 6.67 -5.03
CA VAL D 112 27.53 7.43 -6.21
C VAL D 112 28.71 8.23 -6.77
N ALA D 113 29.42 8.92 -5.88
CA ALA D 113 30.59 9.71 -6.27
C ALA D 113 31.61 8.84 -6.99
N THR D 114 31.95 7.70 -6.38
CA THR D 114 32.91 6.76 -6.95
C THR D 114 32.45 6.22 -8.31
N ALA D 115 31.17 5.88 -8.41
CA ALA D 115 30.59 5.36 -9.64
C ALA D 115 30.64 6.37 -10.78
N MET D 116 30.27 7.62 -10.47
CA MET D 116 30.36 8.74 -11.41
C MET D 116 31.77 8.92 -11.96
N ALA D 117 32.75 8.93 -11.06
CA ALA D 117 34.14 9.13 -11.44
C ALA D 117 34.66 7.97 -12.28
N GLY D 118 34.29 6.76 -11.91
CA GLY D 118 34.62 5.57 -12.69
C GLY D 118 33.99 5.56 -14.06
N ALA D 119 32.75 6.04 -14.15
CA ALA D 119 32.06 6.17 -15.43
C ALA D 119 32.79 7.13 -16.35
N LEU D 120 33.17 8.29 -15.82
CA LEU D 120 33.93 9.32 -16.55
C LEU D 120 35.21 8.77 -17.18
N LEU D 121 36.03 8.09 -16.39
CA LEU D 121 37.33 7.58 -16.83
C LEU D 121 37.28 6.14 -17.34
N GLY D 122 36.09 5.56 -17.43
CA GLY D 122 35.90 4.27 -18.11
C GLY D 122 36.46 3.09 -17.37
N MET D 123 36.18 3.01 -16.08
CA MET D 123 36.71 1.97 -15.20
C MET D 123 35.59 1.11 -14.65
N LYS D 124 35.91 -0.16 -14.39
CA LYS D 124 34.99 -1.07 -13.72
C LYS D 124 34.86 -0.61 -12.29
N VAL D 125 33.63 -0.55 -11.78
CA VAL D 125 33.38 -0.11 -10.41
C VAL D 125 32.52 -1.13 -9.68
N ASP D 126 33.11 -1.82 -8.71
CA ASP D 126 32.38 -2.71 -7.81
C ASP D 126 32.32 -2.02 -6.45
N ILE D 127 31.11 -1.78 -5.95
CA ILE D 127 30.90 -1.07 -4.69
C ILE D 127 30.24 -1.98 -3.65
N TYR D 128 30.94 -2.23 -2.55
CA TYR D 128 30.42 -3.06 -1.47
C TYR D 128 29.48 -2.26 -0.57
N MET D 129 28.34 -2.86 -0.22
CA MET D 129 27.32 -2.19 0.58
C MET D 129 26.65 -3.20 1.51
N GLY D 130 26.42 -2.80 2.75
CA GLY D 130 25.77 -3.66 3.74
C GLY D 130 24.33 -3.96 3.34
N ALA D 131 23.91 -5.21 3.50
CA ALA D 131 22.58 -5.65 3.06
C ALA D 131 21.44 -4.84 3.69
N GLU D 132 21.62 -4.38 4.92
CA GLU D 132 20.70 -3.41 5.56
C GLU D 132 20.66 -2.12 4.76
N ASP D 133 21.84 -1.59 4.42
CA ASP D 133 21.97 -0.32 3.69
C ASP D 133 21.38 -0.36 2.29
N VAL D 134 21.38 -1.51 1.63
CA VAL D 134 20.82 -1.65 0.28
C VAL D 134 19.30 -1.48 0.29
N GLU D 135 18.63 -2.08 1.28
CA GLU D 135 17.18 -1.91 1.45
C GLU D 135 16.81 -0.49 1.86
N ARG D 136 17.64 0.14 2.69
CA ARG D 136 17.41 1.51 3.15
C ARG D 136 17.55 2.52 2.01
N GLN D 137 18.62 2.36 1.22
CA GLN D 137 18.98 3.32 0.17
C GLN D 137 18.58 2.81 -1.21
N LYS D 138 17.29 2.51 -1.38
CA LYS D 138 16.75 2.05 -2.64
C LYS D 138 17.18 2.92 -3.83
N MET D 139 17.13 4.23 -3.64
CA MET D 139 17.35 5.18 -4.74
C MET D 139 18.82 5.42 -5.03
N ASN D 140 19.66 5.49 -4.00
CA ASN D 140 21.11 5.59 -4.20
C ASN D 140 21.67 4.36 -4.90
N VAL D 141 21.21 3.16 -4.50
CA VAL D 141 21.65 1.90 -5.11
C VAL D 141 21.37 1.90 -6.62
N PHE D 142 20.14 2.27 -6.98
CA PHE D 142 19.75 2.38 -8.39
C PHE D 142 20.61 3.39 -9.14
N ARG D 143 20.90 4.51 -8.49
CA ARG D 143 21.73 5.56 -9.06
C ARG D 143 23.12 5.05 -9.47
N MET D 144 23.70 4.16 -8.67
CA MET D 144 25.01 3.59 -8.97
C MET D 144 24.97 2.68 -10.20
N LYS D 145 23.92 1.86 -10.27
CA LYS D 145 23.74 0.95 -11.40
C LYS D 145 23.53 1.68 -12.72
N LEU D 146 22.87 2.84 -12.68
CA LEU D 146 22.76 3.72 -13.85
C LEU D 146 24.12 4.19 -14.38
N LEU D 147 25.05 4.47 -13.46
CA LEU D 147 26.39 4.94 -13.79
C LEU D 147 27.36 3.83 -14.23
N GLY D 148 26.87 2.60 -14.39
CA GLY D 148 27.68 1.50 -14.90
C GLY D 148 28.31 0.66 -13.82
N ALA D 149 28.28 1.12 -12.57
CA ALA D 149 28.78 0.35 -11.45
C ALA D 149 27.83 -0.80 -11.14
N ASN D 150 28.32 -1.79 -10.41
CA ASN D 150 27.44 -2.83 -9.87
C ASN D 150 27.69 -3.00 -8.38
N VAL D 151 26.60 -2.96 -7.61
CA VAL D 151 26.69 -3.05 -6.15
C VAL D 151 26.76 -4.51 -5.73
N ILE D 152 27.56 -4.78 -4.71
CA ILE D 152 27.69 -6.10 -4.14
C ILE D 152 27.13 -6.00 -2.73
N PRO D 153 25.93 -6.57 -2.50
CA PRO D 153 25.42 -6.61 -1.13
C PRO D 153 26.19 -7.62 -0.30
N VAL D 154 26.70 -7.22 0.87
CA VAL D 154 27.37 -8.14 1.79
C VAL D 154 26.38 -8.52 2.88
N ASN D 155 26.18 -9.82 3.06
CA ASN D 155 25.11 -10.36 3.90
C ASN D 155 25.59 -10.96 5.24
N SER D 156 26.83 -10.65 5.61
CA SER D 156 27.45 -11.24 6.80
C SER D 156 27.42 -10.27 7.99
N GLY D 157 27.30 -10.83 9.19
CA GLY D 157 27.46 -10.11 10.46
C GLY D 157 26.39 -9.09 10.79
N SER D 158 26.80 -7.83 10.94
CA SER D 158 25.88 -6.71 11.15
C SER D 158 25.13 -6.34 9.89
N ARG D 159 25.75 -6.60 8.72
CA ARG D 159 25.25 -6.18 7.41
C ARG D 159 25.21 -4.65 7.28
N THR D 160 26.18 -4.00 7.94
CA THR D 160 26.33 -2.54 7.98
C THR D 160 27.58 -2.19 7.17
N LEU D 161 27.85 -0.90 7.05
CA LEU D 161 29.12 -0.37 6.55
C LEU D 161 30.37 -1.18 6.95
N LYS D 162 30.53 -1.44 8.25
CA LYS D 162 31.77 -2.06 8.75
C LYS D 162 32.05 -3.41 8.11
N ASP D 163 30.98 -4.16 7.82
CA ASP D 163 31.10 -5.44 7.16
C ASP D 163 31.48 -5.28 5.68
N ALA D 164 30.96 -4.23 5.05
CA ALA D 164 31.33 -3.89 3.68
C ALA D 164 32.79 -3.46 3.54
N ILE D 165 33.30 -2.76 4.56
CA ILE D 165 34.72 -2.38 4.61
C ILE D 165 35.60 -3.64 4.52
N ASN D 166 35.30 -4.62 5.38
CA ASN D 166 36.06 -5.88 5.42
C ASN D 166 36.08 -6.63 4.07
N GLU D 167 34.92 -6.70 3.43
CA GLU D 167 34.81 -7.28 2.09
C GLU D 167 35.62 -6.49 1.05
N ALA D 168 35.56 -5.16 1.13
CA ALA D 168 36.32 -4.30 0.23
C ALA D 168 37.83 -4.45 0.43
N LEU D 169 38.27 -4.59 1.68
CA LEU D 169 39.70 -4.75 1.98
C LEU D 169 40.24 -6.12 1.58
N ARG D 170 39.47 -7.18 1.87
CA ARG D 170 39.81 -8.53 1.40
C ARG D 170 39.92 -8.60 -0.12
N ASP D 171 39.03 -7.87 -0.79
CA ASP D 171 39.04 -7.75 -2.24
C ASP D 171 40.26 -6.99 -2.76
N TRP D 172 40.64 -5.91 -2.08
CA TRP D 172 41.79 -5.10 -2.49
C TRP D 172 43.10 -5.85 -2.31
N VAL D 173 43.25 -6.46 -1.13
CA VAL D 173 44.41 -7.30 -0.79
C VAL D 173 44.76 -8.28 -1.92
N ALA D 174 43.74 -8.86 -2.56
CA ALA D 174 43.92 -9.81 -3.67
C ALA D 174 44.00 -9.20 -5.07
N THR D 175 43.29 -8.09 -5.31
CA THR D 175 43.18 -7.49 -6.66
C THR D 175 43.94 -6.17 -6.88
N PHE D 176 44.77 -5.75 -5.92
CA PHE D 176 45.38 -4.41 -5.98
C PHE D 176 46.29 -4.12 -7.19
N GLU D 177 46.81 -5.17 -7.84
CA GLU D 177 47.61 -5.01 -9.07
C GLU D 177 46.89 -4.27 -10.19
N TYR D 178 45.57 -4.42 -10.27
CA TYR D 178 44.74 -3.76 -11.29
C TYR D 178 43.54 -3.02 -10.69
N THR D 179 43.50 -2.86 -9.37
CA THR D 179 42.36 -2.25 -8.68
C THR D 179 42.82 -1.24 -7.64
N HIS D 180 42.13 -0.11 -7.58
CA HIS D 180 42.37 0.91 -6.57
C HIS D 180 41.17 1.02 -5.63
N TYR D 181 41.47 1.17 -4.34
CA TYR D 181 40.48 1.30 -3.29
C TYR D 181 40.31 2.77 -3.00
N LEU D 182 39.09 3.29 -3.17
CA LEU D 182 38.80 4.72 -3.04
C LEU D 182 38.14 5.03 -1.70
N ILE D 183 38.84 5.78 -0.84
CA ILE D 183 38.34 6.18 0.48
C ILE D 183 37.63 7.53 0.33
N GLY D 184 36.47 7.65 0.96
CA GLY D 184 35.61 8.83 0.80
C GLY D 184 36.03 10.08 1.54
N SER D 185 36.70 9.93 2.68
CA SER D 185 37.05 11.05 3.53
C SER D 185 38.53 11.06 3.93
N VAL D 186 38.92 12.05 4.74
CA VAL D 186 40.31 12.22 5.19
C VAL D 186 40.65 11.28 6.35
N VAL D 187 40.37 10.00 6.15
CA VAL D 187 40.40 8.99 7.21
C VAL D 187 41.15 7.76 6.70
N GLY D 188 41.40 6.83 7.60
CA GLY D 188 42.06 5.58 7.25
C GLY D 188 43.58 5.65 7.31
N PRO D 189 44.25 4.58 6.84
CA PRO D 189 45.71 4.55 6.88
C PRO D 189 46.34 5.50 5.88
N HIS D 190 47.56 5.91 6.17
CA HIS D 190 48.37 6.69 5.23
C HIS D 190 48.50 5.93 3.91
N PRO D 191 48.44 6.64 2.76
CA PRO D 191 48.38 8.07 2.51
C PRO D 191 47.00 8.68 2.28
N TYR D 192 45.93 8.02 2.69
CA TYR D 192 44.57 8.48 2.34
C TYR D 192 44.16 9.83 2.95
N PRO D 193 44.47 10.07 4.25
CA PRO D 193 44.16 11.39 4.82
C PRO D 193 44.83 12.58 4.13
N THR D 194 46.07 12.42 3.67
CA THR D 194 46.77 13.48 2.94
C THR D 194 46.27 13.59 1.49
N ILE D 195 46.10 12.45 0.83
CA ILE D 195 45.61 12.42 -0.55
C ILE D 195 44.24 13.11 -0.69
N VAL D 196 43.32 12.79 0.21
CA VAL D 196 41.95 13.31 0.13
C VAL D 196 41.92 14.81 0.41
N ARG D 197 42.67 15.26 1.41
CA ARG D 197 42.81 16.69 1.69
C ARG D 197 43.31 17.45 0.48
N ASP D 198 44.37 16.93 -0.13
CA ASP D 198 44.99 17.57 -1.28
C ASP D 198 44.03 17.68 -2.46
N PHE D 199 43.18 16.67 -2.66
CA PHE D 199 42.14 16.75 -3.70
C PHE D 199 40.93 17.63 -3.35
N GLN D 200 40.75 17.98 -2.08
CA GLN D 200 39.71 18.94 -1.67
C GLN D 200 40.21 20.38 -1.49
N SER D 201 41.53 20.58 -1.48
CA SER D 201 42.11 21.90 -1.24
C SER D 201 41.70 22.99 -2.24
N VAL D 202 41.33 22.59 -3.46
CA VAL D 202 40.66 23.51 -4.42
C VAL D 202 39.59 24.42 -3.80
N ILE D 203 38.80 23.88 -2.88
CA ILE D 203 37.68 24.63 -2.30
C ILE D 203 38.23 25.89 -1.64
N GLY D 204 39.24 25.72 -0.78
CA GLY D 204 39.85 26.83 -0.07
C GLY D 204 40.62 27.80 -0.95
N ARG D 205 41.33 27.29 -1.94
CA ARG D 205 42.06 28.15 -2.89
C ARG D 205 41.11 29.04 -3.67
N GLU D 206 40.04 28.44 -4.20
CA GLU D 206 38.99 29.19 -4.89
C GLU D 206 38.30 30.19 -3.95
N ALA D 207 37.95 29.74 -2.75
CA ALA D 207 37.28 30.58 -1.78
C ALA D 207 38.13 31.77 -1.34
N LYS D 208 39.44 31.55 -1.19
CA LYS D 208 40.38 32.61 -0.82
C LYS D 208 40.50 33.68 -1.90
N ALA D 209 40.62 33.23 -3.14
CA ALA D 209 40.59 34.13 -4.30
C ALA D 209 39.26 34.90 -4.33
N GLN D 210 38.15 34.19 -4.14
CA GLN D 210 36.82 34.80 -4.24
C GLN D 210 36.51 35.81 -3.13
N ILE D 211 36.87 35.50 -1.89
CA ILE D 211 36.68 36.45 -0.78
C ILE D 211 37.57 37.70 -0.89
N LEU D 212 38.81 37.54 -1.36
CA LEU D 212 39.67 38.69 -1.65
C LEU D 212 39.09 39.55 -2.77
N GLU D 213 38.40 38.91 -3.71
CA GLU D 213 37.72 39.57 -4.82
C GLU D 213 36.49 40.36 -4.34
N ALA D 214 35.75 39.80 -3.38
CA ALA D 214 34.51 40.39 -2.87
C ALA D 214 34.71 41.38 -1.75
N GLU D 215 35.68 41.11 -0.86
CA GLU D 215 35.88 41.92 0.34
C GLU D 215 37.21 42.68 0.42
N GLY D 216 38.18 42.33 -0.41
CA GLY D 216 39.53 42.86 -0.30
C GLY D 216 40.31 42.43 0.93
N GLN D 217 39.86 41.38 1.61
CA GLN D 217 40.52 40.90 2.81
C GLN D 217 40.06 39.47 3.13
N LEU D 218 40.80 38.81 4.01
CA LEU D 218 40.47 37.45 4.43
C LEU D 218 39.31 37.49 5.41
N PRO D 219 38.57 36.37 5.53
CA PRO D 219 37.43 36.34 6.42
C PRO D 219 37.84 36.21 7.88
N ASP D 220 36.93 36.59 8.77
CA ASP D 220 37.15 36.46 10.21
C ASP D 220 37.00 35.01 10.68
N VAL D 221 35.97 34.31 10.17
CA VAL D 221 35.72 32.91 10.52
C VAL D 221 35.39 32.10 9.28
N ILE D 222 35.76 30.81 9.30
CA ILE D 222 35.30 29.84 8.32
C ILE D 222 34.60 28.70 9.07
N VAL D 223 33.36 28.41 8.69
CA VAL D 223 32.55 27.36 9.32
C VAL D 223 32.30 26.25 8.30
N ALA D 224 32.48 25.01 8.74
CA ALA D 224 32.27 23.85 7.89
C ALA D 224 31.90 22.65 8.74
N CYS D 225 31.06 21.77 8.19
CA CYS D 225 30.66 20.57 8.93
C CYS D 225 31.78 19.54 8.88
N VAL D 226 31.80 18.68 9.89
CA VAL D 226 32.81 17.65 10.04
C VAL D 226 32.11 16.34 10.31
N GLY D 227 32.31 15.37 9.43
CA GLY D 227 31.96 13.99 9.69
C GLY D 227 33.29 13.27 9.82
N GLY D 228 33.86 12.94 8.67
CA GLY D 228 35.22 12.42 8.59
C GLY D 228 36.24 13.54 8.48
N GLY D 229 35.86 14.63 7.82
CA GLY D 229 36.70 15.82 7.68
C GLY D 229 36.91 16.39 6.28
N SER D 230 36.57 15.61 5.25
CA SER D 230 36.85 15.92 3.84
C SER D 230 36.58 17.39 3.43
N ASN D 231 35.33 17.84 3.48
CA ASN D 231 34.99 19.21 3.08
C ASN D 231 35.66 20.25 3.96
N ALA D 232 35.71 19.98 5.27
CA ALA D 232 36.31 20.89 6.24
C ALA D 232 37.80 21.14 5.95
N MET D 233 38.55 20.06 5.71
CA MET D 233 39.96 20.18 5.34
C MET D 233 40.18 20.87 4.01
N GLY D 234 39.30 20.64 3.05
CA GLY D 234 39.40 21.28 1.74
C GLY D 234 39.37 22.79 1.84
N ILE D 235 38.43 23.32 2.62
CA ILE D 235 38.30 24.76 2.77
C ILE D 235 39.26 25.32 3.81
N PHE D 236 39.54 24.58 4.89
CA PHE D 236 40.46 25.03 5.96
C PHE D 236 41.89 25.19 5.48
N TYR D 237 42.40 24.15 4.80
CA TYR D 237 43.84 23.98 4.57
C TYR D 237 44.57 25.20 4.00
N PRO D 238 44.02 25.84 2.96
CA PRO D 238 44.70 27.02 2.41
C PRO D 238 44.74 28.24 3.33
N PHE D 239 43.88 28.29 4.34
CA PHE D 239 43.87 29.38 5.32
C PHE D 239 44.64 29.09 6.61
N VAL D 240 45.31 27.94 6.70
CA VAL D 240 45.88 27.50 7.99
C VAL D 240 46.97 28.46 8.48
N ASN D 241 47.80 28.97 7.58
CA ASN D 241 48.85 29.93 7.95
C ASN D 241 48.41 31.39 8.06
N ASP D 242 47.14 31.67 7.72
CA ASP D 242 46.58 33.01 7.85
C ASP D 242 46.07 33.22 9.27
N LYS D 243 46.92 33.80 10.12
CA LYS D 243 46.64 33.94 11.56
C LYS D 243 45.31 34.63 11.91
N LYS D 244 44.80 35.46 11.01
CA LYS D 244 43.49 36.11 11.18
C LYS D 244 42.31 35.14 11.12
N VAL D 245 42.38 34.13 10.26
CA VAL D 245 41.21 33.29 9.96
C VAL D 245 40.96 32.24 11.05
N LYS D 246 39.82 32.38 11.71
CA LYS D 246 39.34 31.42 12.71
C LYS D 246 38.68 30.24 11.98
N LEU D 247 39.01 29.02 12.38
CA LEU D 247 38.48 27.81 11.74
C LEU D 247 37.58 27.09 12.72
N VAL D 248 36.36 26.78 12.29
CA VAL D 248 35.35 26.17 13.15
C VAL D 248 34.76 24.97 12.43
N GLY D 249 35.10 23.78 12.92
CA GLY D 249 34.52 22.52 12.43
C GLY D 249 33.29 22.19 13.25
N VAL D 250 32.19 21.84 12.57
CA VAL D 250 30.89 21.61 13.22
C VAL D 250 30.48 20.15 13.11
N GLU D 251 30.41 19.46 14.24
CA GLU D 251 30.04 18.04 14.25
C GLU D 251 28.55 17.85 14.53
N ALA D 252 28.09 16.62 14.30
CA ALA D 252 26.71 16.23 14.54
C ALA D 252 26.43 16.08 16.03
N GLY D 253 25.67 17.03 16.58
CA GLY D 253 25.19 16.95 17.95
C GLY D 253 24.03 15.99 18.16
N GLY D 254 23.38 15.57 17.08
CA GLY D 254 22.32 14.57 17.15
C GLY D 254 21.16 14.97 18.04
N LYS D 255 20.78 14.09 18.96
CA LYS D 255 19.73 14.40 19.93
C LYS D 255 20.26 15.16 21.16
N GLY D 256 21.54 15.52 21.16
CA GLY D 256 22.17 16.23 22.26
C GLY D 256 23.30 15.38 22.82
N LEU D 257 24.32 16.05 23.36
CA LEU D 257 25.48 15.34 23.92
C LEU D 257 25.11 14.56 25.19
N GLU D 258 24.21 15.09 26.02
CA GLU D 258 23.71 14.37 27.20
C GLU D 258 22.98 13.06 26.86
N SER D 259 22.33 13.01 25.70
CA SER D 259 21.59 11.82 25.27
C SER D 259 22.50 10.69 24.79
N GLY D 260 23.70 11.02 24.34
CA GLY D 260 24.63 10.03 23.79
C GLY D 260 24.35 9.56 22.37
N LYS D 261 23.32 10.09 21.71
CA LYS D 261 23.04 9.80 20.30
C LYS D 261 23.57 10.95 19.45
N HIS D 262 24.79 10.80 18.95
CA HIS D 262 25.46 11.82 18.14
C HIS D 262 26.64 11.21 17.39
N SER D 263 27.39 12.04 16.65
CA SER D 263 28.67 11.62 16.06
C SER D 263 29.80 12.62 16.30
N ALA D 264 29.67 13.44 17.33
CA ALA D 264 30.73 14.36 17.75
C ALA D 264 31.96 13.64 18.33
N SER D 265 32.77 13.12 17.41
CA SER D 265 33.94 12.30 17.75
C SER D 265 35.03 13.15 18.41
N LEU D 266 35.25 14.36 17.91
CA LEU D 266 36.19 15.30 18.50
C LEU D 266 35.72 15.85 19.85
N ASN D 267 34.44 16.17 19.99
CA ASN D 267 33.93 16.73 21.25
C ASN D 267 33.81 15.70 22.35
N ALA D 268 33.38 14.49 22.01
CA ALA D 268 33.05 13.49 23.02
C ALA D 268 33.75 12.13 22.90
N GLY D 269 34.65 11.96 21.93
CA GLY D 269 35.35 10.68 21.72
C GLY D 269 36.64 10.59 22.52
N GLN D 270 37.24 9.39 22.52
CA GLN D 270 38.58 9.16 23.04
C GLN D 270 39.53 8.85 21.90
N VAL D 271 40.82 9.09 22.14
CA VAL D 271 41.85 8.78 21.15
C VAL D 271 42.07 7.27 21.14
N GLY D 272 42.07 6.70 19.95
CA GLY D 272 42.20 5.25 19.78
C GLY D 272 42.59 4.87 18.37
N VAL D 273 42.74 3.57 18.12
CA VAL D 273 43.18 3.06 16.82
C VAL D 273 42.13 2.14 16.20
N PHE D 274 41.45 2.65 15.18
CA PHE D 274 40.47 1.88 14.40
C PHE D 274 40.63 2.30 12.94
N HIS D 275 40.19 1.46 12.03
CA HIS D 275 40.21 1.76 10.59
C HIS D 275 41.59 2.17 10.04
N GLY D 276 42.67 1.72 10.69
CA GLY D 276 44.02 2.05 10.27
C GLY D 276 44.60 3.40 10.67
N MET D 277 43.98 4.09 11.63
CA MET D 277 44.48 5.39 12.07
C MET D 277 44.36 5.60 13.58
N LEU D 278 45.34 6.29 14.15
CA LEU D 278 45.25 6.82 15.50
C LEU D 278 44.56 8.17 15.34
N SER D 279 43.38 8.29 15.95
CA SER D 279 42.58 9.52 15.86
C SER D 279 41.53 9.49 16.95
N TYR D 280 40.56 10.40 16.88
CA TYR D 280 39.44 10.43 17.82
C TYR D 280 38.32 9.50 17.33
N PHE D 281 37.77 8.71 18.24
CA PHE D 281 36.70 7.77 17.95
C PHE D 281 35.70 7.75 19.11
N LEU D 282 34.43 7.47 18.81
CA LEU D 282 33.41 7.33 19.84
C LEU D 282 33.39 5.89 20.33
N GLN D 283 33.76 5.69 21.59
CA GLN D 283 33.94 4.35 22.16
C GLN D 283 33.26 4.18 23.51
N ASP D 284 32.93 2.92 23.82
CA ASP D 284 32.38 2.56 25.13
C ASP D 284 33.50 2.37 26.16
N GLU D 285 33.13 2.10 27.40
CA GLU D 285 34.08 1.76 28.49
C GLU D 285 35.17 0.76 28.08
N GLU D 286 34.80 -0.24 27.29
CA GLU D 286 35.73 -1.30 26.86
C GLU D 286 36.56 -0.95 25.61
N GLY D 287 36.45 0.27 25.08
CA GLY D 287 37.21 0.65 23.90
C GLY D 287 36.78 -0.06 22.64
N GLN D 288 35.46 -0.12 22.45
CA GLN D 288 34.86 -0.65 21.23
C GLN D 288 34.06 0.49 20.61
N ILE D 289 33.99 0.53 19.28
CA ILE D 289 33.20 1.56 18.58
C ILE D 289 31.75 1.50 19.06
N LYS D 290 31.21 2.66 19.40
CA LYS D 290 29.81 2.81 19.78
C LYS D 290 28.94 2.99 18.54
N PRO D 291 27.62 2.74 18.67
CA PRO D 291 26.71 3.19 17.62
C PRO D 291 26.61 4.72 17.63
N THR D 292 26.49 5.32 16.46
CA THR D 292 26.36 6.76 16.31
C THR D 292 25.03 7.12 15.66
N HIS D 293 24.68 8.39 15.74
CA HIS D 293 23.45 8.91 15.16
C HIS D 293 23.65 10.33 14.65
N SER D 294 22.99 10.63 13.54
CA SER D 294 22.78 12.00 13.06
C SER D 294 21.65 11.97 12.04
N ILE D 295 20.84 13.02 12.01
CA ILE D 295 19.81 13.18 10.98
C ILE D 295 20.46 13.31 9.58
N ALA D 296 21.66 13.87 9.53
CA ALA D 296 22.43 13.98 8.30
C ALA D 296 23.24 12.71 8.12
N PRO D 297 22.93 11.89 7.09
CA PRO D 297 23.61 10.59 6.93
C PRO D 297 25.12 10.66 6.75
N GLY D 298 25.61 11.70 6.09
CA GLY D 298 27.04 11.90 5.87
C GLY D 298 27.87 12.15 7.11
N LEU D 299 27.23 12.65 8.18
CA LEU D 299 27.91 12.85 9.46
C LEU D 299 27.81 11.66 10.44
N ASP D 300 27.19 10.56 10.01
CA ASP D 300 26.96 9.40 10.87
C ASP D 300 28.15 8.44 10.84
N TYR D 301 29.25 8.85 11.45
CA TYR D 301 30.50 8.09 11.39
C TYR D 301 31.31 8.32 12.68
N PRO D 302 31.61 7.23 13.41
CA PRO D 302 32.17 7.34 14.76
C PRO D 302 33.58 7.92 14.82
N GLY D 303 34.34 7.80 13.73
CA GLY D 303 35.68 8.36 13.65
C GLY D 303 35.73 9.78 13.11
N VAL D 304 36.96 10.27 12.98
CA VAL D 304 37.23 11.59 12.43
C VAL D 304 38.68 11.59 11.94
N GLY D 305 38.97 12.39 10.92
CA GLY D 305 40.29 12.41 10.31
C GLY D 305 41.39 12.82 11.28
N PRO D 306 42.59 12.23 11.15
CA PRO D 306 43.64 12.54 12.12
C PRO D 306 44.17 13.98 12.07
N GLU D 307 44.03 14.64 10.92
CA GLU D 307 44.47 16.02 10.79
C GLU D 307 43.60 16.98 11.60
N HIS D 308 42.32 16.66 11.75
CA HIS D 308 41.42 17.44 12.59
C HIS D 308 41.75 17.26 14.06
N ALA D 309 42.06 16.04 14.46
CA ALA D 309 42.53 15.76 15.82
C ALA D 309 43.74 16.64 16.15
N TYR D 310 44.66 16.76 15.20
CA TYR D 310 45.86 17.59 15.32
C TYR D 310 45.53 19.07 15.47
N LEU D 311 44.67 19.58 14.60
CA LEU D 311 44.23 20.97 14.66
C LEU D 311 43.54 21.27 16.00
N LYS D 312 42.67 20.37 16.44
CA LYS D 312 42.07 20.44 17.78
C LYS D 312 43.15 20.55 18.85
N LYS D 313 44.13 19.66 18.79
CA LYS D 313 45.21 19.58 19.79
C LYS D 313 45.95 20.91 19.95
N ILE D 314 46.47 21.41 18.83
CA ILE D 314 47.21 22.68 18.81
C ILE D 314 46.32 23.94 18.74
N GLN D 315 45.00 23.74 18.74
CA GLN D 315 44.02 24.81 18.92
C GLN D 315 43.95 25.80 17.76
N ARG D 316 44.31 25.34 16.57
CA ARG D 316 44.18 26.13 15.35
C ARG D 316 42.73 26.18 14.93
N ALA D 317 42.06 25.03 14.97
CA ALA D 317 40.63 24.95 14.71
C ALA D 317 39.87 24.70 16.01
N GLU D 318 38.67 25.27 16.10
CA GLU D 318 37.74 25.04 17.20
C GLU D 318 36.65 24.08 16.69
N TYR D 319 36.27 23.11 17.51
CA TYR D 319 35.24 22.15 17.12
C TYR D 319 34.03 22.23 18.03
N VAL D 320 32.84 22.24 17.41
CA VAL D 320 31.58 22.52 18.09
C VAL D 320 30.55 21.49 17.66
N THR D 321 29.34 21.58 18.21
CA THR D 321 28.23 20.70 17.83
C THR D 321 26.97 21.49 17.52
N VAL D 322 26.12 20.88 16.70
CA VAL D 322 24.79 21.41 16.38
C VAL D 322 23.84 20.21 16.37
N THR D 323 22.65 20.36 16.95
CA THR D 323 21.69 19.27 17.07
C THR D 323 20.94 19.02 15.76
N ASP D 324 20.33 17.83 15.66
CA ASP D 324 19.41 17.49 14.57
C ASP D 324 18.39 18.60 14.37
N GLU D 325 17.79 19.03 15.48
CA GLU D 325 16.74 20.05 15.49
C GLU D 325 17.23 21.37 14.91
N GLU D 326 18.42 21.80 15.35
CA GLU D 326 19.03 23.05 14.91
C GLU D 326 19.40 23.04 13.44
N ALA D 327 19.97 21.93 12.99
CA ALA D 327 20.34 21.75 11.58
C ALA D 327 19.11 21.73 10.69
N LEU D 328 18.02 21.18 11.23
CA LEU D 328 16.76 21.10 10.50
C LEU D 328 16.13 22.49 10.31
N LYS D 329 16.21 23.34 11.33
CA LYS D 329 15.77 24.75 11.22
C LYS D 329 16.55 25.48 10.14
N ALA D 330 17.87 25.30 10.14
CA ALA D 330 18.75 25.86 9.13
C ALA D 330 18.42 25.37 7.73
N PHE D 331 18.14 24.08 7.59
CA PHE D 331 17.69 23.50 6.33
C PHE D 331 16.49 24.29 5.77
N HIS D 332 15.48 24.50 6.62
CA HIS D 332 14.30 25.27 6.23
C HIS D 332 14.60 26.75 6.02
N GLU D 333 15.34 27.34 6.95
CA GLU D 333 15.64 28.78 6.96
C GLU D 333 16.39 29.23 5.71
N LEU D 334 17.38 28.46 5.29
CA LEU D 334 18.14 28.79 4.09
C LEU D 334 17.28 28.64 2.83
N SER D 335 16.42 27.63 2.80
CA SER D 335 15.54 27.38 1.65
C SER D 335 14.54 28.54 1.42
N ARG D 336 13.92 29.00 2.50
CA ARG D 336 13.04 30.16 2.47
C ARG D 336 13.76 31.45 2.12
N THR D 337 14.92 31.65 2.74
CA THR D 337 15.58 32.94 2.75
C THR D 337 16.45 33.17 1.52
N GLU D 338 17.24 32.18 1.13
CA GLU D 338 18.13 32.32 -0.02
C GLU D 338 17.75 31.50 -1.26
N GLY D 339 16.72 30.66 -1.17
CA GLY D 339 16.33 29.81 -2.30
C GLY D 339 17.33 28.72 -2.63
N ILE D 340 18.05 28.26 -1.60
CA ILE D 340 19.05 27.20 -1.72
C ILE D 340 18.71 26.12 -0.71
N ILE D 341 18.46 24.90 -1.19
CA ILE D 341 18.14 23.78 -0.30
C ILE D 341 19.45 23.08 0.05
N PRO D 342 19.96 23.28 1.27
CA PRO D 342 21.28 22.74 1.58
C PRO D 342 21.20 21.27 1.97
N ALA D 343 22.30 20.54 1.81
CA ALA D 343 22.37 19.18 2.33
C ALA D 343 22.29 19.25 3.85
N LEU D 344 21.70 18.22 4.47
CA LEU D 344 21.55 18.15 5.93
C LEU D 344 22.90 18.16 6.66
N GLU D 345 23.95 17.69 5.99
CA GLU D 345 25.31 17.75 6.53
C GLU D 345 25.77 19.21 6.57
N SER D 346 25.55 19.93 5.48
CA SER D 346 25.92 21.35 5.36
C SER D 346 25.07 22.23 6.28
N ALA D 347 23.80 21.87 6.43
CA ALA D 347 22.89 22.59 7.33
C ALA D 347 23.43 22.73 8.75
N HIS D 348 24.21 21.74 9.20
CA HIS D 348 24.92 21.85 10.47
C HIS D 348 25.86 23.06 10.48
N ALA D 349 26.63 23.22 9.42
CA ALA D 349 27.53 24.38 9.27
C ALA D 349 26.75 25.69 9.20
N VAL D 350 25.69 25.72 8.41
CA VAL D 350 24.85 26.90 8.28
C VAL D 350 24.25 27.28 9.63
N ALA D 351 23.74 26.28 10.36
CA ALA D 351 23.09 26.49 11.66
C ALA D 351 24.01 27.18 12.67
N TYR D 352 25.25 26.70 12.78
CA TYR D 352 26.23 27.30 13.69
C TYR D 352 26.66 28.68 13.20
N ALA D 353 26.91 28.81 11.90
CA ALA D 353 27.24 30.11 11.31
C ALA D 353 26.20 31.15 11.70
N MET D 354 24.92 30.78 11.69
CA MET D 354 23.86 31.70 12.02
C MET D 354 23.87 32.15 13.48
N LYS D 355 24.24 31.23 14.38
CA LYS D 355 24.39 31.56 15.80
C LYS D 355 25.57 32.50 16.01
N LEU D 356 26.67 32.17 15.35
CA LEU D 356 27.90 32.93 15.46
C LEU D 356 27.76 34.34 14.87
N ALA D 357 27.09 34.43 13.72
CA ALA D 357 26.87 35.71 13.04
C ALA D 357 26.13 36.73 13.89
N LYS D 358 25.15 36.29 14.67
CA LYS D 358 24.40 37.17 15.57
C LYS D 358 25.29 37.89 16.60
N GLU D 359 26.33 37.20 17.06
CA GLU D 359 27.23 37.74 18.09
C GLU D 359 28.37 38.57 17.50
N MET D 360 28.41 38.76 16.19
CA MET D 360 29.52 39.43 15.51
C MET D 360 29.09 40.77 14.93
N SER D 361 30.07 41.63 14.65
CA SER D 361 29.85 42.95 14.05
C SER D 361 29.39 42.85 12.61
N ARG D 362 28.75 43.91 12.13
CA ARG D 362 28.20 43.95 10.77
C ARG D 362 29.26 44.10 9.69
N ASP D 363 30.47 44.53 10.08
CA ASP D 363 31.61 44.62 9.16
C ASP D 363 32.50 43.35 9.12
N GLU D 364 32.19 42.35 9.94
CA GLU D 364 32.93 41.08 9.95
C GLU D 364 32.39 40.10 8.90
N ILE D 365 33.21 39.11 8.56
CA ILE D 365 32.96 38.23 7.41
C ILE D 365 33.09 36.76 7.80
N ILE D 366 32.05 35.98 7.50
CA ILE D 366 32.03 34.53 7.69
C ILE D 366 31.86 33.83 6.34
N ILE D 367 32.67 32.80 6.09
CA ILE D 367 32.50 31.91 4.95
C ILE D 367 32.04 30.55 5.48
N VAL D 368 30.83 30.17 5.09
CA VAL D 368 30.28 28.86 5.43
C VAL D 368 30.54 27.97 4.22
N ASN D 369 31.07 26.78 4.44
CA ASN D 369 31.27 25.82 3.36
C ASN D 369 29.98 25.01 3.18
N LEU D 370 29.23 25.34 2.12
CA LEU D 370 28.00 24.65 1.79
C LEU D 370 28.36 23.40 1.01
N SER D 371 28.65 22.32 1.74
CA SER D 371 29.26 21.11 1.20
C SER D 371 28.42 20.37 0.17
N GLY D 372 27.10 20.53 0.19
CA GLY D 372 26.26 19.94 -0.85
C GLY D 372 24.82 20.42 -0.90
N ARG D 373 24.10 19.99 -1.93
CA ARG D 373 22.67 20.25 -2.04
C ARG D 373 21.87 19.15 -1.37
N GLY D 374 20.67 19.50 -0.92
CA GLY D 374 19.81 18.62 -0.14
C GLY D 374 18.61 18.08 -0.88
N ASP D 375 18.75 17.79 -2.18
CA ASP D 375 17.71 17.12 -2.94
C ASP D 375 17.55 15.69 -2.44
N LYS D 376 18.69 15.05 -2.18
CA LYS D 376 18.76 13.72 -1.56
C LYS D 376 18.12 13.57 -0.18
N ASP D 377 17.99 14.67 0.56
CA ASP D 377 17.44 14.65 1.93
C ASP D 377 15.94 14.94 2.03
N LEU D 378 15.26 15.10 0.90
CA LEU D 378 13.83 15.46 0.91
C LEU D 378 12.93 14.37 1.49
N ASP D 379 13.24 13.10 1.23
CA ASP D 379 12.52 11.98 1.86
C ASP D 379 12.64 12.00 3.37
N ILE D 380 13.84 12.28 3.87
CA ILE D 380 14.09 12.34 5.32
C ILE D 380 13.40 13.54 5.95
N VAL D 381 13.52 14.71 5.32
CA VAL D 381 12.99 15.96 5.88
C VAL D 381 11.46 15.98 5.85
N LEU D 382 10.86 15.35 4.83
CA LEU D 382 9.41 15.23 4.74
C LEU D 382 8.83 14.39 5.88
N LYS D 383 9.41 13.21 6.10
CA LYS D 383 8.97 12.30 7.17
C LYS D 383 9.04 12.94 8.56
N VAL D 384 10.16 13.60 8.86
CA VAL D 384 10.35 14.25 10.17
C VAL D 384 9.51 15.51 10.38
N SER D 385 9.37 16.35 9.35
CA SER D 385 8.69 17.65 9.47
C SER D 385 7.18 17.52 9.61
N MET E 1 -23.77 -59.95 -3.73
CA MET E 1 -24.89 -59.75 -2.77
C MET E 1 -26.21 -60.42 -3.20
N PHE E 2 -26.13 -61.45 -4.04
CA PHE E 2 -27.32 -62.22 -4.44
C PHE E 2 -26.91 -63.60 -4.93
N LYS E 3 -27.83 -64.57 -4.79
CA LYS E 3 -27.57 -65.96 -5.17
C LYS E 3 -27.37 -66.06 -6.69
N ASP E 4 -26.51 -66.97 -7.12
CA ASP E 4 -26.22 -67.14 -8.55
C ASP E 4 -27.46 -67.58 -9.33
N GLY E 5 -27.51 -67.18 -10.60
CA GLY E 5 -28.67 -67.42 -11.46
C GLY E 5 -29.85 -66.50 -11.20
N SER E 6 -29.63 -65.40 -10.49
CA SER E 6 -30.71 -64.51 -10.08
C SER E 6 -31.14 -63.56 -11.20
N LEU E 7 -32.45 -63.37 -11.33
CA LEU E 7 -33.03 -62.34 -12.19
C LEU E 7 -33.20 -61.10 -11.33
N ILE E 8 -32.79 -59.94 -11.84
CA ILE E 8 -32.81 -58.68 -11.08
C ILE E 8 -33.69 -57.65 -11.78
N PRO E 9 -34.93 -57.44 -11.30
CA PRO E 9 -35.75 -56.38 -11.89
C PRO E 9 -35.22 -54.97 -11.60
N TYR E 10 -35.07 -54.16 -12.65
CA TYR E 10 -34.85 -52.72 -12.51
C TYR E 10 -36.16 -52.01 -12.76
N LEU E 11 -36.57 -51.18 -11.81
CA LEU E 11 -37.75 -50.34 -11.93
C LEU E 11 -37.40 -48.91 -11.53
N THR E 12 -38.02 -47.93 -12.19
CA THR E 12 -37.87 -46.53 -11.80
C THR E 12 -38.92 -46.19 -10.74
N ALA E 13 -38.47 -45.63 -9.62
CA ALA E 13 -39.34 -45.27 -8.51
C ALA E 13 -40.25 -44.10 -8.88
N GLY E 14 -41.53 -44.23 -8.54
CA GLY E 14 -42.53 -43.22 -8.87
C GLY E 14 -43.04 -43.24 -10.30
N ASP E 15 -42.92 -44.40 -10.95
CA ASP E 15 -43.42 -44.61 -12.32
C ASP E 15 -44.55 -45.63 -12.28
N PRO E 16 -45.83 -45.18 -12.35
CA PRO E 16 -46.33 -43.80 -12.39
C PRO E 16 -46.49 -43.13 -11.01
N ASP E 17 -46.39 -43.88 -9.93
CA ASP E 17 -46.45 -43.32 -8.58
C ASP E 17 -45.81 -44.28 -7.57
N LYS E 18 -45.53 -43.78 -6.37
CA LYS E 18 -44.80 -44.56 -5.37
C LYS E 18 -45.54 -45.82 -4.93
N GLN E 19 -46.87 -45.71 -4.80
CA GLN E 19 -47.70 -46.85 -4.41
C GLN E 19 -47.71 -47.94 -5.47
N SER E 20 -47.65 -47.54 -6.74
CA SER E 20 -47.60 -48.49 -7.85
C SER E 20 -46.27 -49.23 -7.90
N THR E 21 -45.17 -48.49 -7.75
CA THR E 21 -43.83 -49.10 -7.74
C THR E 21 -43.72 -50.15 -6.62
N LEU E 22 -44.24 -49.85 -5.45
CA LEU E 22 -44.33 -50.83 -4.35
C LEU E 22 -45.13 -52.07 -4.75
N ASN E 23 -46.27 -51.86 -5.41
CA ASN E 23 -47.08 -52.99 -5.90
C ASN E 23 -46.34 -53.87 -6.88
N PHE E 24 -45.51 -53.25 -7.73
CA PHE E 24 -44.73 -54.00 -8.73
C PHE E 24 -43.58 -54.77 -8.09
N LEU E 25 -42.95 -54.19 -7.08
CA LEU E 25 -41.85 -54.85 -6.39
C LEU E 25 -42.33 -56.06 -5.60
N LEU E 26 -43.46 -55.91 -4.90
CA LEU E 26 -44.03 -56.99 -4.08
C LEU E 26 -44.53 -58.16 -4.94
N ALA E 27 -45.12 -57.86 -6.09
CA ALA E 27 -45.59 -58.88 -7.03
C ALA E 27 -44.47 -59.61 -7.77
N LEU E 28 -43.34 -58.93 -7.97
CA LEU E 28 -42.15 -59.53 -8.60
C LEU E 28 -41.14 -60.13 -7.63
N ASP E 29 -41.36 -59.99 -6.32
CA ASP E 29 -40.34 -60.37 -5.33
C ASP E 29 -39.98 -61.86 -5.33
N GLU E 30 -40.99 -62.72 -5.52
CA GLU E 30 -40.79 -64.17 -5.58
C GLU E 30 -39.90 -64.63 -6.75
N TYR E 31 -39.85 -63.86 -7.83
CA TYR E 31 -38.97 -64.15 -8.98
C TYR E 31 -37.59 -63.47 -8.90
N ALA E 32 -37.43 -62.53 -7.97
CA ALA E 32 -36.22 -61.71 -7.88
C ALA E 32 -35.24 -62.24 -6.85
N GLY E 33 -33.96 -62.29 -7.24
CA GLY E 33 -32.86 -62.53 -6.31
C GLY E 33 -32.28 -61.25 -5.74
N ALA E 34 -32.39 -60.17 -6.50
CA ALA E 34 -32.13 -58.82 -6.01
C ALA E 34 -32.96 -57.84 -6.83
N ILE E 35 -32.97 -56.58 -6.41
CA ILE E 35 -33.82 -55.55 -7.03
C ILE E 35 -33.02 -54.25 -7.19
N GLU E 36 -33.14 -53.63 -8.35
CA GLU E 36 -32.56 -52.31 -8.61
C GLU E 36 -33.67 -51.28 -8.65
N LEU E 37 -33.52 -50.20 -7.86
CA LEU E 37 -34.55 -49.16 -7.78
C LEU E 37 -33.95 -47.82 -8.21
N GLY E 38 -34.43 -47.30 -9.34
CA GLY E 38 -33.93 -46.06 -9.92
C GLY E 38 -34.57 -44.82 -9.32
N ILE E 39 -33.76 -43.84 -8.94
CA ILE E 39 -34.24 -42.54 -8.50
C ILE E 39 -34.31 -41.61 -9.72
N PRO E 40 -35.50 -41.05 -10.01
CA PRO E 40 -35.70 -40.09 -11.10
C PRO E 40 -34.75 -38.90 -11.08
N PHE E 41 -34.56 -38.33 -12.26
CA PHE E 41 -33.54 -37.31 -12.51
C PHE E 41 -33.89 -36.58 -13.80
N SER E 42 -33.71 -35.26 -13.81
CA SER E 42 -34.12 -34.43 -14.93
C SER E 42 -33.29 -34.71 -16.19
N ASP E 43 -31.97 -34.81 -16.05
CA ASP E 43 -31.07 -34.97 -17.20
C ASP E 43 -30.21 -36.25 -17.13
N PRO E 44 -30.83 -37.43 -17.36
CA PRO E 44 -30.12 -38.70 -17.30
C PRO E 44 -29.26 -38.95 -18.54
N ILE E 45 -27.95 -38.85 -18.35
CA ILE E 45 -26.96 -38.84 -19.43
C ILE E 45 -26.79 -40.24 -20.04
N ALA E 46 -26.73 -41.25 -19.18
CA ALA E 46 -26.46 -42.63 -19.59
C ALA E 46 -27.63 -43.26 -20.36
N ASP E 47 -28.77 -43.30 -19.67
CA ASP E 47 -29.83 -44.27 -19.93
C ASP E 47 -30.38 -44.24 -21.36
N GLY E 48 -30.85 -45.40 -21.81
CA GLY E 48 -31.49 -45.55 -23.12
C GLY E 48 -32.87 -44.92 -23.11
N LYS E 49 -33.49 -44.88 -24.29
CA LYS E 49 -34.79 -44.21 -24.46
C LYS E 49 -35.85 -44.72 -23.49
N THR E 50 -35.94 -46.03 -23.32
CA THR E 50 -36.96 -46.66 -22.48
C THR E 50 -36.86 -46.25 -21.01
N ILE E 51 -35.66 -46.29 -20.45
CA ILE E 51 -35.43 -45.91 -19.05
C ILE E 51 -35.53 -44.38 -18.90
N GLN E 52 -35.05 -43.65 -19.90
CA GLN E 52 -35.11 -42.19 -19.93
C GLN E 52 -36.55 -41.66 -19.85
N GLU E 53 -37.47 -42.29 -20.56
CA GLU E 53 -38.90 -41.94 -20.50
C GLU E 53 -39.51 -42.14 -19.11
N SER E 54 -39.10 -43.20 -18.42
CA SER E 54 -39.59 -43.47 -17.05
C SER E 54 -39.21 -42.36 -16.06
N HIS E 55 -38.01 -41.82 -16.20
CA HIS E 55 -37.59 -40.66 -15.39
C HIS E 55 -38.47 -39.42 -15.63
N TYR E 56 -38.81 -39.14 -16.89
CA TYR E 56 -39.67 -38.00 -17.23
C TYR E 56 -41.10 -38.15 -16.71
N ARG E 57 -41.66 -39.35 -16.82
CA ARG E 57 -42.99 -39.66 -16.27
C ARG E 57 -43.08 -39.49 -14.75
N ALA E 58 -42.05 -39.93 -14.05
CA ALA E 58 -42.00 -39.86 -12.59
C ALA E 58 -41.99 -38.43 -12.08
N LEU E 59 -41.18 -37.59 -12.72
CA LEU E 59 -41.07 -36.18 -12.36
C LEU E 59 -42.29 -35.37 -12.83
N LYS E 60 -42.88 -35.74 -13.97
CA LYS E 60 -44.14 -35.13 -14.41
C LYS E 60 -45.28 -35.40 -13.42
N ASN E 61 -45.30 -36.59 -12.84
CA ASN E 61 -46.30 -36.98 -11.83
C ASN E 61 -46.04 -36.48 -10.41
N GLY E 62 -44.89 -35.83 -10.19
CA GLY E 62 -44.61 -35.12 -8.94
C GLY E 62 -43.89 -35.96 -7.92
N PHE E 63 -42.81 -36.60 -8.34
CA PHE E 63 -42.01 -37.47 -7.48
C PHE E 63 -41.02 -36.66 -6.66
N LYS E 64 -40.87 -37.04 -5.38
CA LYS E 64 -39.89 -36.46 -4.48
C LYS E 64 -38.91 -37.55 -4.01
N LEU E 65 -37.70 -37.14 -3.63
CA LEU E 65 -36.66 -38.07 -3.17
C LEU E 65 -37.09 -38.85 -1.92
N ARG E 66 -37.79 -38.18 -1.00
CA ARG E 66 -38.41 -38.81 0.17
C ARG E 66 -39.22 -40.07 -0.17
N GLU E 67 -39.91 -40.04 -1.31
CA GLU E 67 -40.75 -41.15 -1.75
C GLU E 67 -39.99 -42.40 -2.18
N ALA E 68 -38.75 -42.25 -2.66
CA ALA E 68 -37.89 -43.41 -2.96
C ALA E 68 -37.57 -44.21 -1.70
N PHE E 69 -37.23 -43.51 -0.62
CA PHE E 69 -36.94 -44.13 0.67
C PHE E 69 -38.19 -44.71 1.33
N TRP E 70 -39.34 -44.09 1.09
CA TRP E 70 -40.63 -44.61 1.53
C TRP E 70 -40.98 -45.95 0.87
N ILE E 71 -40.69 -46.08 -0.43
CA ILE E 71 -40.92 -47.32 -1.16
C ILE E 71 -40.13 -48.48 -0.55
N VAL E 72 -38.87 -48.23 -0.22
CA VAL E 72 -37.97 -49.27 0.29
C VAL E 72 -38.41 -49.68 1.70
N LYS E 73 -38.72 -48.68 2.54
CA LYS E 73 -39.13 -48.93 3.92
C LYS E 73 -40.43 -49.75 3.99
N GLU E 74 -41.35 -49.47 3.09
CA GLU E 74 -42.63 -50.18 3.03
C GLU E 74 -42.44 -51.60 2.49
N PHE E 75 -41.61 -51.74 1.45
CA PHE E 75 -41.22 -53.06 0.92
C PHE E 75 -40.56 -53.95 1.97
N ARG E 76 -39.77 -53.33 2.85
CA ARG E 76 -39.09 -54.04 3.93
C ARG E 76 -40.00 -54.61 5.03
N ARG E 77 -41.27 -54.23 5.04
CA ARG E 77 -42.27 -54.91 5.89
C ARG E 77 -42.53 -56.34 5.42
N HIS E 78 -42.41 -56.59 4.11
CA HIS E 78 -42.75 -57.88 3.51
C HIS E 78 -41.56 -58.75 3.08
N SER E 79 -40.42 -58.13 2.77
CA SER E 79 -39.29 -58.85 2.17
C SER E 79 -37.93 -58.30 2.58
N SER E 80 -36.94 -59.20 2.61
CA SER E 80 -35.55 -58.86 2.89
C SER E 80 -34.69 -59.05 1.62
N THR E 81 -35.33 -59.11 0.46
CA THR E 81 -34.62 -59.19 -0.82
C THR E 81 -33.73 -57.95 -0.98
N PRO E 82 -32.46 -58.13 -1.40
CA PRO E 82 -31.57 -56.97 -1.46
C PRO E 82 -31.99 -55.91 -2.50
N ILE E 83 -32.03 -54.64 -2.07
CA ILE E 83 -32.37 -53.50 -2.91
C ILE E 83 -31.07 -52.75 -3.21
N VAL E 84 -30.83 -52.46 -4.48
CA VAL E 84 -29.75 -51.56 -4.89
C VAL E 84 -30.37 -50.28 -5.43
N LEU E 85 -30.04 -49.16 -4.80
CA LEU E 85 -30.60 -47.86 -5.14
C LEU E 85 -29.73 -47.26 -6.22
N MET E 86 -30.31 -46.95 -7.38
CA MET E 86 -29.56 -46.43 -8.53
C MET E 86 -29.87 -44.97 -8.75
N THR E 87 -28.85 -44.13 -8.63
CA THR E 87 -29.04 -42.68 -8.62
C THR E 87 -27.88 -41.95 -9.30
N TYR E 88 -28.16 -40.72 -9.73
CA TYR E 88 -27.12 -39.80 -10.15
C TYR E 88 -26.60 -39.10 -8.89
N TYR E 89 -25.49 -38.38 -9.01
CA TYR E 89 -24.79 -37.82 -7.85
C TYR E 89 -25.50 -36.63 -7.20
N ASN E 90 -26.19 -35.82 -8.00
CA ASN E 90 -26.74 -34.54 -7.53
C ASN E 90 -27.56 -34.58 -6.22
N PRO E 91 -28.51 -35.53 -6.08
CA PRO E 91 -29.25 -35.65 -4.83
C PRO E 91 -28.40 -36.11 -3.63
N ILE E 92 -27.32 -36.84 -3.90
CA ILE E 92 -26.36 -37.25 -2.89
C ILE E 92 -25.49 -36.05 -2.50
N TYR E 93 -25.01 -35.32 -3.51
CA TYR E 93 -24.24 -34.11 -3.29
C TYR E 93 -25.00 -33.08 -2.45
N ARG E 94 -26.26 -32.86 -2.79
CA ARG E 94 -27.14 -31.91 -2.08
C ARG E 94 -27.40 -32.30 -0.63
N ALA E 95 -27.79 -33.55 -0.41
CA ALA E 95 -28.08 -34.05 0.94
C ALA E 95 -26.84 -34.18 1.82
N GLY E 96 -25.69 -34.45 1.20
CA GLY E 96 -24.46 -34.78 1.90
C GLY E 96 -24.28 -36.29 1.84
N VAL E 97 -23.06 -36.73 1.53
CA VAL E 97 -22.78 -38.15 1.25
C VAL E 97 -23.08 -39.02 2.46
N ARG E 98 -22.55 -38.62 3.62
CA ARG E 98 -22.86 -39.24 4.91
C ARG E 98 -24.36 -39.30 5.14
N ASN E 99 -25.01 -38.15 4.96
CA ASN E 99 -26.42 -37.99 5.33
C ASN E 99 -27.38 -38.74 4.40
N PHE E 100 -27.04 -38.80 3.12
CA PHE E 100 -27.82 -39.56 2.15
C PHE E 100 -27.72 -41.06 2.39
N LEU E 101 -26.49 -41.55 2.56
CA LEU E 101 -26.23 -42.98 2.77
C LEU E 101 -26.76 -43.51 4.11
N ALA E 102 -26.81 -42.65 5.13
CA ALA E 102 -27.39 -43.00 6.41
C ALA E 102 -28.91 -43.16 6.33
N GLU E 103 -29.58 -42.23 5.65
CA GLU E 103 -31.03 -42.31 5.42
C GLU E 103 -31.40 -43.46 4.47
N ALA E 104 -30.50 -43.81 3.56
CA ALA E 104 -30.66 -44.97 2.68
C ALA E 104 -30.60 -46.27 3.49
N LYS E 105 -29.54 -46.39 4.29
CA LYS E 105 -29.35 -47.55 5.19
C LYS E 105 -30.53 -47.76 6.13
N ALA E 106 -31.03 -46.67 6.72
CA ALA E 106 -32.14 -46.71 7.67
C ALA E 106 -33.44 -47.25 7.08
N SER E 107 -33.69 -46.96 5.81
CA SER E 107 -34.84 -47.48 5.08
C SER E 107 -34.75 -48.96 4.70
N GLY E 108 -33.52 -49.50 4.70
CA GLY E 108 -33.27 -50.90 4.37
C GLY E 108 -32.63 -51.13 3.01
N VAL E 109 -31.87 -50.15 2.54
CA VAL E 109 -31.12 -50.26 1.29
C VAL E 109 -29.79 -50.98 1.58
N ASP E 110 -29.41 -51.88 0.69
CA ASP E 110 -28.16 -52.64 0.81
C ASP E 110 -27.08 -52.07 -0.08
N GLY E 111 -27.38 -51.95 -1.36
CA GLY E 111 -26.43 -51.47 -2.36
C GLY E 111 -26.74 -50.08 -2.89
N ILE E 112 -25.75 -49.47 -3.53
CA ILE E 112 -25.94 -48.19 -4.22
C ILE E 112 -25.01 -48.08 -5.43
N LEU E 113 -25.55 -47.65 -6.55
CA LEU E 113 -24.77 -47.29 -7.72
C LEU E 113 -24.99 -45.81 -8.00
N VAL E 114 -23.91 -45.04 -7.95
CA VAL E 114 -23.92 -43.67 -8.41
C VAL E 114 -23.55 -43.74 -9.90
N VAL E 115 -24.49 -43.36 -10.77
CA VAL E 115 -24.35 -43.57 -12.21
C VAL E 115 -23.29 -42.68 -12.85
N ASP E 116 -23.29 -41.40 -12.46
CA ASP E 116 -22.40 -40.40 -13.08
C ASP E 116 -21.23 -39.99 -12.18
N LEU E 117 -20.74 -40.94 -11.38
CA LEU E 117 -19.58 -40.73 -10.51
C LEU E 117 -18.50 -41.73 -10.93
N PRO E 118 -17.48 -41.25 -11.67
CA PRO E 118 -16.37 -42.13 -12.07
C PRO E 118 -15.66 -42.78 -10.88
N VAL E 119 -14.84 -43.78 -11.18
CA VAL E 119 -14.16 -44.55 -10.14
C VAL E 119 -13.09 -43.69 -9.46
N PHE E 120 -12.43 -42.84 -10.23
CA PHE E 120 -11.39 -41.96 -9.70
C PHE E 120 -11.93 -40.77 -8.90
N HIS E 121 -13.23 -40.54 -8.91
CA HIS E 121 -13.86 -39.56 -8.01
C HIS E 121 -14.62 -40.19 -6.83
N ALA E 122 -14.60 -41.52 -6.73
CA ALA E 122 -15.41 -42.25 -5.75
C ALA E 122 -14.64 -42.75 -4.53
N LYS E 123 -13.42 -42.25 -4.29
CA LYS E 123 -12.60 -42.73 -3.17
C LYS E 123 -13.27 -42.43 -1.84
N GLU E 124 -13.61 -41.16 -1.62
CA GLU E 124 -14.37 -40.73 -0.44
C GLU E 124 -15.73 -41.42 -0.34
N PHE E 125 -16.38 -41.63 -1.49
CA PHE E 125 -17.69 -42.26 -1.50
C PHE E 125 -17.66 -43.71 -1.00
N THR E 126 -16.73 -44.51 -1.49
CA THR E 126 -16.59 -45.91 -1.08
C THR E 126 -16.29 -46.08 0.41
N GLU E 127 -15.52 -45.14 0.96
CA GLU E 127 -15.11 -45.19 2.37
C GLU E 127 -16.25 -44.87 3.34
N ILE E 128 -17.12 -43.93 2.98
CA ILE E 128 -18.31 -43.60 3.79
C ILE E 128 -19.37 -44.69 3.66
N ALA E 129 -19.52 -45.21 2.45
CA ALA E 129 -20.44 -46.33 2.18
C ALA E 129 -20.11 -47.56 3.01
N ARG E 130 -18.82 -47.87 3.16
CA ARG E 130 -18.38 -48.96 4.03
C ARG E 130 -18.77 -48.71 5.48
N GLU E 131 -18.50 -47.49 5.95
CA GLU E 131 -18.81 -47.09 7.33
C GLU E 131 -20.30 -47.10 7.66
N GLU E 132 -21.11 -46.60 6.75
CA GLU E 132 -22.58 -46.58 6.94
C GLU E 132 -23.28 -47.90 6.55
N GLY E 133 -22.51 -48.90 6.13
CA GLY E 133 -23.03 -50.25 5.89
C GLY E 133 -23.76 -50.40 4.57
N ILE E 134 -23.30 -49.68 3.54
CA ILE E 134 -23.86 -49.72 2.20
C ILE E 134 -22.82 -50.35 1.28
N LYS E 135 -23.22 -51.41 0.58
CA LYS E 135 -22.35 -52.05 -0.42
C LYS E 135 -22.30 -51.19 -1.67
N THR E 136 -21.13 -51.15 -2.31
CA THR E 136 -20.94 -50.35 -3.51
C THR E 136 -21.19 -51.17 -4.77
N VAL E 137 -21.75 -50.52 -5.78
CA VAL E 137 -21.88 -51.06 -7.12
C VAL E 137 -21.28 -50.03 -8.09
N PHE E 138 -20.35 -50.49 -8.92
CA PHE E 138 -19.75 -49.67 -9.98
C PHE E 138 -19.95 -50.39 -11.30
N LEU E 139 -20.12 -49.62 -12.38
CA LEU E 139 -20.41 -50.24 -13.67
C LEU E 139 -19.24 -50.18 -14.65
N ALA E 140 -19.28 -51.09 -15.61
CA ALA E 140 -18.28 -51.21 -16.66
C ALA E 140 -18.95 -51.42 -18.00
N ALA E 141 -18.35 -50.88 -19.06
CA ALA E 141 -18.85 -51.02 -20.43
C ALA E 141 -17.79 -51.73 -21.28
N PRO E 142 -18.13 -52.10 -22.54
CA PRO E 142 -17.13 -52.73 -23.41
C PRO E 142 -15.91 -51.87 -23.72
N ASN E 143 -16.07 -50.55 -23.78
CA ASN E 143 -14.93 -49.63 -23.94
C ASN E 143 -14.04 -49.47 -22.69
N THR E 144 -14.50 -49.92 -21.52
CA THR E 144 -13.70 -49.92 -20.30
C THR E 144 -12.53 -50.90 -20.47
N PRO E 145 -11.27 -50.42 -20.36
CA PRO E 145 -10.13 -51.35 -20.45
C PRO E 145 -9.95 -52.25 -19.22
N ASP E 146 -9.08 -53.25 -19.36
CA ASP E 146 -8.71 -54.15 -18.27
C ASP E 146 -8.05 -53.43 -17.10
N GLU E 147 -7.18 -52.46 -17.41
CA GLU E 147 -6.51 -51.64 -16.39
C GLU E 147 -7.51 -51.00 -15.43
N ARG E 148 -8.57 -50.40 -16.00
CA ARG E 148 -9.64 -49.75 -15.21
C ARG E 148 -10.67 -50.74 -14.67
N LEU E 149 -10.90 -51.84 -15.38
CA LEU E 149 -11.82 -52.88 -14.91
C LEU E 149 -11.34 -53.55 -13.61
N LYS E 150 -10.02 -53.67 -13.44
CA LYS E 150 -9.44 -54.14 -12.18
C LYS E 150 -9.67 -53.16 -11.01
N VAL E 151 -9.61 -51.86 -11.31
CA VAL E 151 -9.86 -50.82 -10.30
C VAL E 151 -11.35 -50.76 -9.90
N ILE E 152 -12.23 -50.95 -10.88
CA ILE E 152 -13.68 -51.05 -10.64
C ILE E 152 -13.97 -52.17 -9.66
N ASP E 153 -13.42 -53.35 -9.94
CA ASP E 153 -13.60 -54.50 -9.05
C ASP E 153 -13.05 -54.25 -7.64
N ASP E 154 -11.89 -53.60 -7.55
CA ASP E 154 -11.24 -53.31 -6.26
C ASP E 154 -12.17 -52.51 -5.35
N MET E 155 -12.77 -51.46 -5.89
CA MET E 155 -13.63 -50.56 -5.12
C MET E 155 -15.07 -51.05 -4.94
N THR E 156 -15.47 -52.06 -5.71
CA THR E 156 -16.81 -52.64 -5.62
C THR E 156 -16.89 -53.59 -4.43
N THR E 157 -17.91 -53.42 -3.59
CA THR E 157 -18.20 -54.34 -2.47
C THR E 157 -19.55 -55.05 -2.57
N GLY E 158 -20.36 -54.75 -3.60
CA GLY E 158 -21.64 -55.41 -3.83
C GLY E 158 -21.56 -56.34 -5.03
N PHE E 159 -21.54 -55.74 -6.22
CA PHE E 159 -21.30 -56.46 -7.48
C PHE E 159 -20.93 -55.48 -8.58
N VAL E 160 -20.17 -55.96 -9.56
CA VAL E 160 -19.84 -55.17 -10.75
C VAL E 160 -20.99 -55.27 -11.74
N TYR E 161 -21.42 -54.12 -12.26
CA TYR E 161 -22.59 -54.05 -13.12
C TYR E 161 -22.21 -53.80 -14.58
N LEU E 162 -22.25 -54.84 -15.40
CA LEU E 162 -21.87 -54.71 -16.81
C LEU E 162 -23.03 -54.18 -17.66
N VAL E 163 -22.73 -53.35 -18.65
CA VAL E 163 -23.73 -52.79 -19.56
C VAL E 163 -23.19 -52.74 -20.98
N SER E 164 -24.05 -52.88 -21.98
CA SER E 164 -23.63 -52.84 -23.38
C SER E 164 -23.51 -51.39 -23.85
N LEU E 165 -23.06 -51.21 -25.10
CA LEU E 165 -22.97 -49.88 -25.70
C LEU E 165 -24.36 -49.35 -26.08
N TYR E 166 -25.17 -50.23 -26.67
CA TYR E 166 -26.50 -49.88 -27.18
C TYR E 166 -27.49 -51.01 -26.89
N GLU E 173 -33.75 -58.84 -32.39
CA GLU E 173 -33.02 -58.26 -31.27
C GLU E 173 -32.11 -59.30 -30.61
N GLU E 174 -30.91 -59.48 -31.17
CA GLU E 174 -29.88 -60.35 -30.59
C GLU E 174 -28.97 -59.56 -29.64
N ILE E 175 -28.31 -60.26 -28.72
CA ILE E 175 -27.39 -59.63 -27.76
C ILE E 175 -26.08 -59.30 -28.49
N PRO E 176 -25.50 -58.10 -28.27
CA PRO E 176 -24.27 -57.75 -29.01
C PRO E 176 -23.05 -58.61 -28.66
N LYS E 177 -22.14 -58.77 -29.62
CA LYS E 177 -20.91 -59.55 -29.43
C LYS E 177 -19.90 -58.86 -28.50
N THR E 178 -19.91 -57.53 -28.49
CA THR E 178 -19.05 -56.73 -27.60
C THR E 178 -19.46 -56.87 -26.13
N ALA E 179 -20.74 -57.14 -25.89
CA ALA E 179 -21.23 -57.45 -24.54
C ALA E 179 -20.74 -58.80 -24.04
N TYR E 180 -20.78 -59.83 -24.90
CA TYR E 180 -20.23 -61.15 -24.56
C TYR E 180 -18.72 -61.12 -24.31
N ASP E 181 -18.00 -60.22 -25.00
CA ASP E 181 -16.57 -59.99 -24.74
C ASP E 181 -16.36 -59.33 -23.38
N LEU E 182 -17.21 -58.36 -23.04
CA LEU E 182 -17.17 -57.70 -21.73
C LEU E 182 -17.44 -58.69 -20.59
N LEU E 183 -18.39 -59.59 -20.80
CA LEU E 183 -18.69 -60.63 -19.82
C LEU E 183 -17.52 -61.60 -19.63
N ARG E 184 -16.90 -62.00 -20.75
CA ARG E 184 -15.77 -62.94 -20.74
C ARG E 184 -14.56 -62.36 -20.02
N ARG E 185 -14.27 -61.09 -20.29
CA ARG E 185 -13.15 -60.40 -19.65
C ARG E 185 -13.40 -60.14 -18.16
N ALA E 186 -14.64 -59.80 -17.81
CA ALA E 186 -15.03 -59.52 -16.43
C ALA E 186 -14.94 -60.74 -15.52
N LYS E 187 -15.21 -61.93 -16.06
CA LYS E 187 -15.01 -63.17 -15.32
C LYS E 187 -13.54 -63.58 -15.21
N ARG E 188 -12.74 -63.21 -16.19
CA ARG E 188 -11.28 -63.40 -16.13
C ARG E 188 -10.59 -62.51 -15.09
N ILE E 189 -11.18 -61.38 -14.72
CA ILE E 189 -10.51 -60.35 -13.90
C ILE E 189 -11.14 -60.08 -12.53
N CYS E 190 -12.47 -60.01 -12.44
CA CYS E 190 -13.15 -59.57 -11.21
C CYS E 190 -13.28 -60.63 -10.13
N ARG E 191 -12.87 -60.29 -8.91
CA ARG E 191 -13.18 -61.09 -7.72
C ARG E 191 -14.67 -61.04 -7.33
N ASN E 192 -15.31 -59.88 -7.56
CA ASN E 192 -16.74 -59.68 -7.27
C ASN E 192 -17.69 -60.43 -8.21
N LYS E 193 -18.95 -60.49 -7.78
CA LYS E 193 -20.02 -60.99 -8.63
C LYS E 193 -20.33 -59.99 -9.75
N VAL E 194 -20.80 -60.52 -10.87
CA VAL E 194 -21.07 -59.75 -12.08
C VAL E 194 -22.57 -59.78 -12.38
N ALA E 195 -23.18 -58.62 -12.63
CA ALA E 195 -24.56 -58.52 -13.07
C ALA E 195 -24.61 -57.82 -14.43
N VAL E 196 -25.39 -58.35 -15.36
CA VAL E 196 -25.44 -57.85 -16.74
C VAL E 196 -26.79 -57.22 -17.10
N GLY E 197 -26.73 -55.99 -17.62
CA GLY E 197 -27.89 -55.29 -18.14
C GLY E 197 -27.66 -55.00 -19.61
N PHE E 198 -27.86 -56.02 -20.44
CA PHE E 198 -27.70 -55.90 -21.89
C PHE E 198 -29.05 -55.86 -22.63
N GLY E 199 -30.06 -55.22 -22.03
CA GLY E 199 -31.38 -55.08 -22.65
C GLY E 199 -32.04 -56.40 -23.02
N VAL E 200 -32.14 -57.28 -22.04
CA VAL E 200 -32.69 -58.62 -22.22
C VAL E 200 -34.20 -58.54 -22.47
N SER E 201 -34.61 -58.87 -23.69
CA SER E 201 -36.03 -58.92 -24.09
C SER E 201 -36.65 -60.33 -24.14
N LYS E 202 -35.82 -61.36 -24.35
CA LYS E 202 -36.29 -62.72 -24.57
C LYS E 202 -35.70 -63.72 -23.58
N ARG E 203 -36.36 -64.88 -23.47
CA ARG E 203 -35.91 -66.01 -22.65
C ARG E 203 -34.54 -66.54 -23.08
N GLU E 204 -34.36 -66.70 -24.39
CA GLU E 204 -33.10 -67.19 -24.97
C GLU E 204 -31.86 -66.46 -24.45
N HIS E 205 -31.99 -65.16 -24.21
CA HIS E 205 -30.90 -64.34 -23.68
C HIS E 205 -30.53 -64.70 -22.24
N VAL E 206 -31.55 -64.97 -21.42
CA VAL E 206 -31.32 -65.28 -20.01
C VAL E 206 -30.56 -66.59 -19.85
N VAL E 207 -30.95 -67.60 -20.63
CA VAL E 207 -30.29 -68.92 -20.57
C VAL E 207 -28.83 -68.80 -21.03
N SER E 208 -28.62 -68.12 -22.15
CA SER E 208 -27.29 -67.98 -22.74
C SER E 208 -26.34 -67.17 -21.86
N LEU E 209 -26.79 -66.01 -21.40
CA LEU E 209 -25.97 -65.14 -20.55
C LEU E 209 -25.57 -65.82 -19.24
N LEU E 210 -26.50 -66.54 -18.63
CA LEU E 210 -26.19 -67.33 -17.43
C LEU E 210 -25.19 -68.44 -17.75
N LYS E 211 -25.39 -69.16 -18.86
CA LYS E 211 -24.44 -70.17 -19.34
C LYS E 211 -23.02 -69.60 -19.49
N GLU E 212 -22.91 -68.43 -20.12
CA GLU E 212 -21.62 -67.80 -20.40
C GLU E 212 -20.93 -67.12 -19.20
N GLY E 213 -21.57 -67.12 -18.03
CA GLY E 213 -20.92 -66.73 -16.78
C GLY E 213 -21.61 -65.71 -15.90
N ALA E 214 -22.60 -64.99 -16.42
CA ALA E 214 -23.24 -63.92 -15.66
C ALA E 214 -23.91 -64.43 -14.38
N ASN E 215 -23.50 -63.88 -13.23
CA ASN E 215 -24.09 -64.25 -11.95
C ASN E 215 -25.54 -63.79 -11.85
N GLY E 216 -25.76 -62.51 -12.17
CA GLY E 216 -27.10 -61.94 -12.24
C GLY E 216 -27.42 -61.43 -13.62
N VAL E 217 -28.69 -61.44 -13.98
CA VAL E 217 -29.17 -60.88 -15.26
C VAL E 217 -30.24 -59.85 -14.94
N VAL E 218 -29.95 -58.58 -15.23
CA VAL E 218 -30.87 -57.49 -14.95
C VAL E 218 -31.90 -57.39 -16.08
N VAL E 219 -33.15 -57.14 -15.69
CA VAL E 219 -34.26 -56.92 -16.61
C VAL E 219 -34.87 -55.57 -16.26
N GLY E 220 -34.71 -54.58 -17.14
CA GLY E 220 -35.15 -53.20 -16.91
C GLY E 220 -36.02 -52.67 -18.03
N SER E 221 -35.41 -52.52 -19.21
CA SER E 221 -36.09 -52.03 -20.41
C SER E 221 -37.37 -52.79 -20.72
N ALA E 222 -37.28 -54.11 -20.69
CA ALA E 222 -38.44 -54.98 -20.88
C ALA E 222 -39.59 -54.68 -19.92
N LEU E 223 -39.25 -54.41 -18.67
CA LEU E 223 -40.24 -54.15 -17.62
C LEU E 223 -40.81 -52.72 -17.66
N VAL E 224 -39.94 -51.71 -17.79
CA VAL E 224 -40.43 -50.33 -17.83
C VAL E 224 -41.22 -49.98 -19.10
N LYS E 225 -40.95 -50.66 -20.21
CA LYS E 225 -41.75 -50.52 -21.43
C LYS E 225 -43.21 -50.92 -21.21
N ILE E 226 -43.41 -51.95 -20.38
CA ILE E 226 -44.74 -52.39 -19.96
C ILE E 226 -45.37 -51.38 -19.00
N ILE E 227 -44.59 -50.86 -18.06
CA ILE E 227 -45.08 -49.86 -17.10
C ILE E 227 -45.46 -48.56 -17.81
N GLY E 228 -44.73 -48.21 -18.87
CA GLY E 228 -45.08 -47.08 -19.74
C GLY E 228 -46.42 -47.24 -20.43
N GLU E 229 -46.69 -48.45 -20.91
CA GLU E 229 -47.95 -48.78 -21.60
C GLU E 229 -49.13 -48.94 -20.65
N LYS E 230 -48.98 -49.81 -19.66
CA LYS E 230 -50.09 -50.21 -18.78
C LYS E 230 -50.30 -49.30 -17.56
N GLY E 231 -49.24 -48.68 -17.06
CA GLY E 231 -49.33 -47.68 -16.00
C GLY E 231 -49.66 -48.29 -14.64
N ARG E 232 -50.72 -47.78 -14.00
CA ARG E 232 -51.18 -48.29 -12.71
C ARG E 232 -51.58 -49.76 -12.78
N GLU E 233 -52.11 -50.19 -13.93
CA GLU E 233 -52.58 -51.56 -14.15
C GLU E 233 -51.49 -52.50 -14.72
N ALA E 234 -50.22 -52.21 -14.46
CA ALA E 234 -49.11 -52.96 -15.06
C ALA E 234 -48.78 -54.28 -14.37
N THR E 235 -49.20 -54.43 -13.11
CA THR E 235 -48.72 -55.48 -12.20
C THR E 235 -48.78 -56.92 -12.76
N GLU E 236 -49.90 -57.27 -13.37
CA GLU E 236 -50.11 -58.62 -13.89
C GLU E 236 -49.31 -58.89 -15.18
N PHE E 237 -49.15 -57.85 -16.00
CA PHE E 237 -48.38 -57.95 -17.25
C PHE E 237 -46.88 -58.06 -16.97
N LEU E 238 -46.42 -57.36 -15.93
CA LEU E 238 -45.05 -57.48 -15.43
C LEU E 238 -44.74 -58.89 -14.96
N LYS E 239 -45.66 -59.49 -14.20
CA LYS E 239 -45.53 -60.87 -13.73
C LYS E 239 -45.36 -61.86 -14.88
N LYS E 240 -46.25 -61.76 -15.88
CA LYS E 240 -46.24 -62.65 -17.04
C LYS E 240 -44.94 -62.56 -17.86
N LYS E 241 -44.38 -61.36 -17.97
CA LYS E 241 -43.10 -61.14 -18.66
C LYS E 241 -41.92 -61.78 -17.93
N VAL E 242 -41.85 -61.59 -16.62
CA VAL E 242 -40.79 -62.20 -15.79
C VAL E 242 -40.86 -63.74 -15.81
N GLU E 243 -42.08 -64.29 -15.81
CA GLU E 243 -42.29 -65.74 -15.94
C GLU E 243 -41.79 -66.29 -17.28
N GLU E 244 -41.98 -65.54 -18.36
CA GLU E 244 -41.43 -65.88 -19.67
C GLU E 244 -39.91 -66.02 -19.60
N LEU E 245 -39.26 -64.99 -19.05
CA LEU E 245 -37.80 -64.94 -18.93
C LEU E 245 -37.21 -66.00 -17.97
N LEU E 246 -38.03 -66.56 -17.08
CA LEU E 246 -37.62 -67.66 -16.22
C LEU E 246 -38.06 -69.06 -16.69
N GLY E 247 -39.15 -69.15 -17.46
CA GLY E 247 -39.65 -70.43 -17.98
C GLY E 247 -40.52 -71.17 -16.99
N MET F 1 -8.42 -30.53 -14.50
CA MET F 1 -9.84 -31.01 -14.41
C MET F 1 -10.73 -30.10 -13.58
N TRP F 2 -10.20 -29.62 -12.46
CA TRP F 2 -10.98 -28.82 -11.51
C TRP F 2 -10.60 -27.34 -11.62
N PHE F 3 -11.58 -26.48 -11.33
CA PHE F 3 -11.36 -25.06 -11.10
C PHE F 3 -11.87 -24.79 -9.68
N GLY F 4 -10.97 -24.83 -8.71
CA GLY F 4 -11.35 -24.83 -7.30
C GLY F 4 -12.13 -26.10 -6.99
N GLU F 5 -13.32 -25.93 -6.40
CA GLU F 5 -14.24 -27.05 -6.12
C GLU F 5 -15.12 -27.46 -7.33
N PHE F 6 -15.04 -26.72 -8.43
CA PHE F 6 -15.92 -26.91 -9.59
C PHE F 6 -15.22 -27.61 -10.74
N GLY F 7 -16.00 -28.20 -11.63
CA GLY F 7 -15.50 -28.92 -12.81
C GLY F 7 -15.83 -30.39 -12.72
N GLY F 8 -14.82 -31.24 -12.93
CA GLY F 8 -14.97 -32.68 -12.82
C GLY F 8 -15.26 -33.35 -14.15
N GLN F 9 -15.54 -34.64 -14.08
CA GLN F 9 -15.76 -35.50 -15.25
C GLN F 9 -16.93 -36.44 -14.95
N TYR F 10 -18.02 -35.87 -14.45
CA TYR F 10 -19.13 -36.65 -13.87
C TYR F 10 -20.04 -37.28 -14.93
N VAL F 11 -19.52 -38.33 -15.57
CA VAL F 11 -20.23 -39.06 -16.61
C VAL F 11 -20.26 -40.55 -16.28
N PRO F 12 -21.14 -41.32 -16.95
CA PRO F 12 -21.08 -42.78 -16.80
C PRO F 12 -19.80 -43.37 -17.37
N GLU F 13 -19.52 -44.62 -17.01
CA GLU F 13 -18.31 -45.31 -17.47
C GLU F 13 -18.22 -45.46 -18.99
N THR F 14 -19.37 -45.54 -19.66
CA THR F 14 -19.42 -45.61 -21.13
C THR F 14 -18.73 -44.42 -21.81
N LEU F 15 -18.81 -43.23 -21.20
CA LEU F 15 -18.21 -42.01 -21.75
C LEU F 15 -16.77 -41.72 -21.31
N ILE F 16 -16.20 -42.52 -20.41
CA ILE F 16 -14.88 -42.21 -19.81
C ILE F 16 -13.75 -42.37 -20.83
N GLU F 17 -13.72 -43.51 -21.53
CA GLU F 17 -12.64 -43.81 -22.46
C GLU F 17 -12.62 -42.89 -23.70
N PRO F 18 -13.80 -42.48 -24.20
CA PRO F 18 -13.82 -41.39 -25.18
C PRO F 18 -13.18 -40.08 -24.71
N LEU F 19 -13.43 -39.71 -23.46
CA LEU F 19 -12.86 -38.51 -22.86
C LEU F 19 -11.38 -38.67 -22.52
N LYS F 20 -10.98 -39.86 -22.07
CA LYS F 20 -9.58 -40.15 -21.77
C LYS F 20 -8.68 -40.06 -23.01
N GLU F 21 -9.17 -40.54 -24.15
CA GLU F 21 -8.44 -40.43 -25.42
C GLU F 21 -8.34 -38.98 -25.89
N LEU F 22 -9.42 -38.22 -25.69
CA LEU F 22 -9.43 -36.78 -25.97
C LEU F 22 -8.48 -36.01 -25.06
N GLU F 23 -8.34 -36.42 -23.80
CA GLU F 23 -7.41 -35.80 -22.85
C GLU F 23 -5.98 -35.87 -23.36
N LYS F 24 -5.55 -37.07 -23.75
CA LYS F 24 -4.15 -37.30 -24.12
C LYS F 24 -3.82 -36.78 -25.51
N ALA F 25 -4.79 -36.90 -26.43
CA ALA F 25 -4.67 -36.33 -27.76
C ALA F 25 -4.61 -34.81 -27.73
N TYR F 26 -5.37 -34.18 -26.83
CA TYR F 26 -5.23 -32.74 -26.61
C TYR F 26 -3.87 -32.39 -26.01
N LYS F 27 -3.43 -33.13 -25.00
CA LYS F 27 -2.10 -32.94 -24.38
C LYS F 27 -0.97 -32.98 -25.42
N ARG F 28 -1.09 -33.88 -26.39
CA ARG F 28 -0.12 -34.02 -27.48
C ARG F 28 -0.08 -32.79 -28.40
N PHE F 29 -1.24 -32.42 -28.94
CA PHE F 29 -1.36 -31.40 -29.97
C PHE F 29 -1.58 -29.96 -29.46
N LYS F 30 -1.90 -29.82 -28.17
CA LYS F 30 -2.05 -28.51 -27.51
C LYS F 30 -0.96 -27.52 -27.89
N ASP F 31 0.30 -27.96 -27.74
CA ASP F 31 1.47 -27.12 -27.99
C ASP F 31 2.31 -27.60 -29.19
N ASP F 32 1.72 -28.37 -30.10
CA ASP F 32 2.44 -28.90 -31.28
C ASP F 32 2.68 -27.77 -32.29
N GLU F 33 3.88 -27.74 -32.88
CA GLU F 33 4.24 -26.70 -33.84
C GLU F 33 3.33 -26.72 -35.07
N GLU F 34 3.03 -27.92 -35.57
CA GLU F 34 2.20 -28.08 -36.77
C GLU F 34 0.73 -27.77 -36.52
N PHE F 35 0.16 -28.32 -35.43
CA PHE F 35 -1.24 -28.07 -35.09
C PHE F 35 -1.57 -26.59 -34.98
N ASN F 36 -0.75 -25.85 -34.25
CA ASN F 36 -0.93 -24.40 -34.08
C ASN F 36 -0.70 -23.59 -35.36
N ARG F 37 0.20 -24.04 -36.22
CA ARG F 37 0.44 -23.41 -37.53
C ARG F 37 -0.77 -23.56 -38.45
N GLN F 38 -1.34 -24.77 -38.48
CA GLN F 38 -2.59 -25.03 -39.21
C GLN F 38 -3.77 -24.30 -38.59
N LEU F 39 -3.85 -24.28 -37.27
CA LEU F 39 -4.94 -23.60 -36.57
C LEU F 39 -4.97 -22.10 -36.90
N ASN F 40 -3.81 -21.46 -36.81
CA ASN F 40 -3.67 -20.03 -37.10
C ASN F 40 -3.86 -19.68 -38.57
N TYR F 41 -3.46 -20.60 -39.45
CA TYR F 41 -3.70 -20.49 -40.89
C TYR F 41 -5.19 -20.41 -41.21
N TYR F 42 -5.98 -21.31 -40.62
CA TYR F 42 -7.42 -21.32 -40.84
C TYR F 42 -8.09 -20.12 -40.18
N LEU F 43 -7.69 -19.80 -38.95
CA LEU F 43 -8.23 -18.61 -38.28
C LEU F 43 -7.94 -17.31 -39.05
N LYS F 44 -6.80 -17.24 -39.74
CA LYS F 44 -6.44 -16.05 -40.51
C LYS F 44 -7.17 -16.00 -41.85
N THR F 45 -6.93 -16.99 -42.69
CA THR F 45 -7.38 -16.96 -44.08
C THR F 45 -8.85 -17.35 -44.26
N TRP F 46 -9.38 -18.18 -43.37
CA TRP F 46 -10.76 -18.65 -43.48
C TRP F 46 -11.68 -17.88 -42.56
N ALA F 47 -11.31 -17.73 -41.29
CA ALA F 47 -12.16 -17.04 -40.31
C ALA F 47 -12.04 -15.52 -40.35
N GLY F 48 -10.89 -15.01 -40.81
CA GLY F 48 -10.65 -13.58 -40.92
C GLY F 48 -9.95 -12.93 -39.73
N ARG F 49 -9.34 -13.74 -38.86
CA ARG F 49 -8.65 -13.21 -37.68
C ARG F 49 -7.34 -12.51 -38.07
N PRO F 50 -6.93 -11.46 -37.33
CA PRO F 50 -7.57 -10.89 -36.15
C PRO F 50 -8.85 -10.11 -36.46
N THR F 51 -9.79 -10.11 -35.52
CA THR F 51 -10.91 -9.19 -35.56
C THR F 51 -10.48 -7.87 -34.95
N PRO F 52 -11.07 -6.76 -35.41
CA PRO F 52 -10.65 -5.45 -34.91
C PRO F 52 -11.24 -5.12 -33.54
N LEU F 53 -10.62 -4.14 -32.89
CA LEU F 53 -11.16 -3.50 -31.70
C LEU F 53 -11.59 -2.11 -32.16
N TYR F 54 -12.87 -1.79 -31.94
CA TYR F 54 -13.48 -0.56 -32.46
C TYR F 54 -13.89 0.37 -31.32
N TYR F 55 -13.42 1.61 -31.36
CA TYR F 55 -13.82 2.61 -30.38
C TYR F 55 -15.20 3.16 -30.75
N ALA F 56 -16.20 2.83 -29.94
CA ALA F 56 -17.56 3.36 -30.10
C ALA F 56 -17.62 4.78 -29.56
N LYS F 57 -17.10 5.72 -30.36
CA LYS F 57 -16.94 7.11 -29.94
C LYS F 57 -18.28 7.80 -29.72
N ARG F 58 -19.24 7.54 -30.59
CA ARG F 58 -20.55 8.20 -30.51
C ARG F 58 -21.36 7.72 -29.30
N LEU F 59 -21.32 6.42 -29.03
CA LEU F 59 -22.01 5.84 -27.88
C LEU F 59 -21.46 6.40 -26.57
N THR F 60 -20.14 6.58 -26.48
CA THR F 60 -19.51 7.14 -25.29
C THR F 60 -19.90 8.60 -25.04
N GLU F 61 -19.93 9.38 -26.11
CA GLU F 61 -20.34 10.79 -26.04
C GLU F 61 -21.79 10.96 -25.60
N LYS F 62 -22.67 10.06 -26.05
CA LYS F 62 -24.08 10.07 -25.67
C LYS F 62 -24.29 9.76 -24.18
N ILE F 63 -23.57 8.77 -23.67
CA ILE F 63 -23.61 8.40 -22.26
C ILE F 63 -22.89 9.43 -21.39
N GLY F 64 -21.77 9.95 -21.89
CA GLY F 64 -21.02 11.01 -21.21
C GLY F 64 -20.17 10.50 -20.06
N GLY F 65 -19.55 9.35 -20.24
CA GLY F 65 -18.77 8.68 -19.19
C GLY F 65 -17.48 8.08 -19.70
N ALA F 66 -17.28 6.79 -19.44
CA ALA F 66 -16.05 6.09 -19.83
C ALA F 66 -16.05 5.75 -21.32
N LYS F 67 -14.86 5.41 -21.83
CA LYS F 67 -14.69 4.94 -23.20
C LYS F 67 -15.20 3.51 -23.33
N ILE F 68 -15.73 3.18 -24.51
CA ILE F 68 -16.37 1.91 -24.79
C ILE F 68 -15.77 1.40 -26.08
N TYR F 69 -14.80 0.49 -25.94
CA TYR F 69 -14.27 -0.25 -27.07
C TYR F 69 -15.08 -1.54 -27.23
N LEU F 70 -15.20 -1.99 -28.47
CA LEU F 70 -15.94 -3.21 -28.81
C LEU F 70 -15.00 -4.19 -29.51
N LYS F 71 -14.85 -5.39 -28.93
CA LYS F 71 -14.11 -6.45 -29.58
C LYS F 71 -15.06 -7.11 -30.58
N ARG F 72 -14.75 -6.97 -31.86
CA ARG F 72 -15.70 -7.24 -32.93
C ARG F 72 -15.68 -8.70 -33.37
N GLU F 73 -16.16 -9.59 -32.51
CA GLU F 73 -16.29 -11.00 -32.87
C GLU F 73 -17.41 -11.24 -33.88
N ASP F 74 -18.29 -10.26 -34.02
CA ASP F 74 -19.29 -10.27 -35.08
C ASP F 74 -18.70 -10.31 -36.49
N LEU F 75 -17.44 -9.92 -36.64
CA LEU F 75 -16.77 -9.93 -37.95
C LEU F 75 -16.06 -11.23 -38.32
N VAL F 76 -16.04 -12.23 -37.42
CA VAL F 76 -15.49 -13.52 -37.81
C VAL F 76 -16.42 -14.20 -38.79
N HIS F 77 -15.86 -15.09 -39.61
CA HIS F 77 -16.66 -15.89 -40.52
C HIS F 77 -17.69 -16.69 -39.73
N GLY F 78 -18.96 -16.57 -40.13
CA GLY F 78 -20.09 -17.16 -39.39
C GLY F 78 -20.89 -16.13 -38.60
N GLY F 79 -20.21 -15.08 -38.15
CA GLY F 79 -20.85 -13.99 -37.43
C GLY F 79 -20.95 -14.23 -35.94
N ALA F 80 -20.05 -15.06 -35.42
CA ALA F 80 -20.05 -15.39 -33.98
C ALA F 80 -18.72 -16.02 -33.55
N HIS F 81 -18.30 -15.68 -32.33
CA HIS F 81 -17.10 -16.24 -31.69
C HIS F 81 -17.01 -17.77 -31.74
N1 LLP F 82 -22.96 -14.93 -28.01
C2 LLP F 82 -23.18 -15.31 -29.28
C2' LLP F 82 -23.05 -14.32 -30.40
C3 LLP F 82 -23.59 -16.71 -29.58
O3 LLP F 82 -23.82 -17.12 -30.86
C4 LLP F 82 -23.71 -17.66 -28.44
C4' LLP F 82 -24.11 -19.11 -28.64
C5 LLP F 82 -23.43 -17.10 -27.08
C6 LLP F 82 -23.07 -15.76 -26.95
C5' LLP F 82 -23.53 -17.96 -25.85
OP4 LLP F 82 -22.38 -18.79 -25.70
P LLP F 82 -21.19 -18.49 -24.64
OP1 LLP F 82 -20.59 -19.87 -24.48
OP2 LLP F 82 -20.29 -17.49 -25.32
OP3 LLP F 82 -21.85 -17.98 -23.38
N LLP F 82 -18.17 -18.43 -31.70
CA LLP F 82 -18.30 -19.88 -31.77
CB LLP F 82 -19.73 -20.23 -32.15
CG LLP F 82 -20.67 -20.14 -30.95
CD LLP F 82 -22.04 -20.68 -31.34
CE LLP F 82 -22.95 -20.79 -30.14
NZ LLP F 82 -23.78 -19.60 -29.96
C LLP F 82 -17.41 -20.56 -32.77
O LLP F 82 -16.93 -21.67 -32.52
N THR F 83 -17.22 -19.91 -33.93
CA THR F 83 -16.34 -20.37 -35.00
C THR F 83 -14.92 -20.74 -34.55
N ASN F 84 -14.37 -19.95 -33.64
CA ASN F 84 -13.01 -20.19 -33.10
C ASN F 84 -12.91 -21.59 -32.52
N ASN F 85 -13.85 -21.90 -31.62
CA ASN F 85 -13.95 -23.20 -30.97
C ASN F 85 -14.26 -24.36 -31.92
N ALA F 86 -15.09 -24.11 -32.92
CA ALA F 86 -15.44 -25.12 -33.93
C ALA F 86 -14.26 -25.54 -34.77
N ILE F 87 -13.45 -24.58 -35.22
CA ILE F 87 -12.26 -24.87 -36.03
C ILE F 87 -11.24 -25.65 -35.20
N GLY F 88 -10.99 -25.18 -33.98
CA GLY F 88 -10.03 -25.80 -33.09
C GLY F 88 -10.34 -27.26 -32.80
N GLN F 89 -11.59 -27.54 -32.43
CA GLN F 89 -12.03 -28.90 -32.14
C GLN F 89 -12.12 -29.77 -33.39
N ALA F 90 -12.56 -29.19 -34.50
CA ALA F 90 -12.61 -29.93 -35.76
C ALA F 90 -11.20 -30.30 -36.24
N LEU F 91 -10.27 -29.37 -36.09
CA LEU F 91 -8.86 -29.59 -36.46
C LEU F 91 -8.16 -30.56 -35.51
N LEU F 92 -8.55 -30.57 -34.24
CA LEU F 92 -8.04 -31.57 -33.30
C LEU F 92 -8.48 -32.96 -33.73
N ALA F 93 -9.77 -33.12 -34.02
CA ALA F 93 -10.34 -34.37 -34.52
C ALA F 93 -9.66 -34.86 -35.81
N LYS F 94 -9.31 -33.91 -36.68
CA LYS F 94 -8.56 -34.20 -37.91
C LYS F 94 -7.19 -34.78 -37.57
N PHE F 95 -6.49 -34.13 -36.64
CA PHE F 95 -5.18 -34.61 -36.16
C PHE F 95 -5.26 -35.94 -35.38
N MET F 96 -6.38 -36.19 -34.71
CA MET F 96 -6.64 -37.49 -34.09
C MET F 96 -6.92 -38.61 -35.10
N GLY F 97 -7.14 -38.25 -36.37
CA GLY F 97 -7.43 -39.21 -37.42
C GLY F 97 -8.92 -39.48 -37.59
N LYS F 98 -9.77 -38.66 -36.99
CA LYS F 98 -11.22 -38.87 -37.07
C LYS F 98 -11.68 -38.46 -38.47
N THR F 99 -12.75 -39.10 -38.94
CA THR F 99 -13.35 -38.79 -40.23
C THR F 99 -14.69 -38.08 -40.09
N ARG F 100 -15.16 -37.90 -38.86
CA ARG F 100 -16.55 -37.49 -38.62
C ARG F 100 -16.68 -36.59 -37.39
N LEU F 101 -17.64 -35.68 -37.44
CA LEU F 101 -17.98 -34.81 -36.32
C LEU F 101 -19.45 -35.01 -35.95
N ILE F 102 -19.76 -34.93 -34.67
CA ILE F 102 -21.16 -34.82 -34.23
C ILE F 102 -21.31 -33.71 -33.20
N ALA F 103 -22.54 -33.26 -33.05
CA ALA F 103 -22.92 -32.29 -32.02
C ALA F 103 -24.43 -32.30 -31.88
N GLU F 104 -24.93 -31.48 -30.95
CA GLU F 104 -26.36 -31.19 -30.86
C GLU F 104 -26.56 -29.69 -30.76
N THR F 105 -27.81 -29.26 -30.95
CA THR F 105 -28.14 -27.84 -30.95
C THR F 105 -29.63 -27.59 -30.70
N GLY F 106 -29.93 -26.47 -30.05
CA GLY F 106 -31.30 -26.02 -29.82
C GLY F 106 -31.64 -24.88 -30.76
N ALA F 107 -31.03 -23.73 -30.51
CA ALA F 107 -31.21 -22.53 -31.35
C ALA F 107 -30.70 -22.70 -32.78
N GLY F 108 -29.69 -23.55 -32.98
CA GLY F 108 -29.13 -23.82 -34.31
C GLY F 108 -27.81 -23.13 -34.59
N GLN F 109 -27.37 -22.27 -33.67
CA GLN F 109 -26.14 -21.49 -33.85
C GLN F 109 -24.88 -22.36 -33.76
N HIS F 110 -24.84 -23.29 -32.81
CA HIS F 110 -23.71 -24.21 -32.68
C HIS F 110 -23.66 -25.26 -33.79
N GLY F 111 -24.83 -25.70 -34.26
CA GLY F 111 -24.91 -26.63 -35.38
C GLY F 111 -24.31 -26.08 -36.65
N VAL F 112 -24.57 -24.80 -36.90
CA VAL F 112 -24.05 -24.12 -38.08
C VAL F 112 -22.53 -24.09 -37.96
N ALA F 113 -22.04 -23.52 -36.86
CA ALA F 113 -20.60 -23.45 -36.59
C ALA F 113 -19.86 -24.76 -36.82
N THR F 114 -20.43 -25.85 -36.30
CA THR F 114 -19.86 -27.19 -36.47
C THR F 114 -19.90 -27.65 -37.92
N ALA F 115 -21.03 -27.40 -38.59
CA ALA F 115 -21.18 -27.74 -40.00
C ALA F 115 -20.17 -27.01 -40.88
N MET F 116 -19.90 -25.75 -40.55
CA MET F 116 -18.91 -24.93 -41.26
C MET F 116 -17.50 -25.50 -41.15
N ALA F 117 -17.07 -25.72 -39.90
CA ALA F 117 -15.75 -26.28 -39.62
C ALA F 117 -15.56 -27.66 -40.24
N GLY F 118 -16.61 -28.48 -40.23
CA GLY F 118 -16.60 -29.78 -40.88
C GLY F 118 -16.45 -29.66 -42.38
N ALA F 119 -17.24 -28.79 -42.99
CA ALA F 119 -17.19 -28.54 -44.44
C ALA F 119 -15.79 -28.11 -44.88
N LEU F 120 -15.18 -27.22 -44.09
CA LEU F 120 -13.82 -26.74 -44.32
C LEU F 120 -12.81 -27.89 -44.38
N LEU F 121 -12.86 -28.76 -43.38
CA LEU F 121 -11.86 -29.81 -43.21
C LEU F 121 -12.24 -31.17 -43.82
N GLY F 122 -13.33 -31.22 -44.57
CA GLY F 122 -13.70 -32.43 -45.33
C GLY F 122 -14.11 -33.58 -44.45
N MET F 123 -14.88 -33.27 -43.40
CA MET F 123 -15.35 -34.25 -42.43
C MET F 123 -16.86 -34.40 -42.59
N LYS F 124 -17.35 -35.62 -42.36
CA LYS F 124 -18.78 -35.87 -42.27
C LYS F 124 -19.32 -35.16 -41.03
N VAL F 125 -20.51 -34.56 -41.14
CA VAL F 125 -21.15 -33.90 -40.00
C VAL F 125 -22.60 -34.37 -39.85
N ASP F 126 -22.87 -35.04 -38.73
CA ASP F 126 -24.23 -35.36 -38.31
C ASP F 126 -24.54 -34.49 -37.10
N ILE F 127 -25.66 -33.78 -37.13
CA ILE F 127 -26.07 -32.93 -36.01
C ILE F 127 -27.44 -33.37 -35.49
N TYR F 128 -27.50 -33.66 -34.19
CA TYR F 128 -28.75 -34.02 -33.53
C TYR F 128 -29.50 -32.77 -33.11
N MET F 129 -30.82 -32.82 -33.22
CA MET F 129 -31.67 -31.67 -32.96
C MET F 129 -33.06 -32.12 -32.55
N GLY F 130 -33.61 -31.52 -31.50
CA GLY F 130 -34.99 -31.77 -31.11
C GLY F 130 -35.92 -31.50 -32.27
N ALA F 131 -36.95 -32.33 -32.44
CA ALA F 131 -37.90 -32.18 -33.56
C ALA F 131 -38.67 -30.85 -33.52
N GLU F 132 -38.95 -30.35 -32.32
CA GLU F 132 -39.53 -29.00 -32.15
C GLU F 132 -38.55 -27.90 -32.51
N ASP F 133 -37.28 -28.08 -32.16
CA ASP F 133 -36.21 -27.15 -32.56
C ASP F 133 -36.04 -27.13 -34.08
N VAL F 134 -36.19 -28.28 -34.73
CA VAL F 134 -36.13 -28.39 -36.19
C VAL F 134 -37.26 -27.60 -36.86
N GLU F 135 -38.47 -27.70 -36.31
CA GLU F 135 -39.62 -26.94 -36.81
C GLU F 135 -39.47 -25.43 -36.56
N ARG F 136 -39.07 -25.07 -35.33
CA ARG F 136 -38.83 -23.67 -34.97
C ARG F 136 -37.76 -22.98 -35.81
N GLN F 137 -36.61 -23.65 -35.96
CA GLN F 137 -35.42 -23.07 -36.59
C GLN F 137 -35.27 -23.48 -38.07
N LYS F 138 -36.30 -23.21 -38.87
CA LYS F 138 -36.36 -23.62 -40.28
C LYS F 138 -35.09 -23.22 -41.05
N MET F 139 -34.65 -21.99 -40.85
CA MET F 139 -33.54 -21.42 -41.62
C MET F 139 -32.17 -21.97 -41.20
N ASN F 140 -31.91 -22.08 -39.90
CA ASN F 140 -30.67 -22.69 -39.41
C ASN F 140 -30.52 -24.15 -39.81
N VAL F 141 -31.63 -24.90 -39.83
CA VAL F 141 -31.61 -26.28 -40.32
C VAL F 141 -31.18 -26.31 -41.79
N PHE F 142 -31.71 -25.38 -42.59
CA PHE F 142 -31.35 -25.27 -43.99
C PHE F 142 -29.89 -24.83 -44.18
N ARG F 143 -29.45 -23.93 -43.30
CA ARG F 143 -28.06 -23.46 -43.29
C ARG F 143 -27.10 -24.62 -43.08
N MET F 144 -27.42 -25.51 -42.14
CA MET F 144 -26.61 -26.70 -41.87
C MET F 144 -26.58 -27.64 -43.06
N LYS F 145 -27.75 -27.88 -43.67
CA LYS F 145 -27.87 -28.76 -44.82
C LYS F 145 -27.08 -28.27 -46.05
N LEU F 146 -27.05 -26.96 -46.27
CA LEU F 146 -26.22 -26.34 -47.31
C LEU F 146 -24.74 -26.66 -47.14
N LEU F 147 -24.30 -26.64 -45.88
CA LEU F 147 -22.90 -26.90 -45.54
C LEU F 147 -22.53 -28.38 -45.55
N GLY F 148 -23.46 -29.25 -45.98
CA GLY F 148 -23.18 -30.67 -46.14
C GLY F 148 -23.30 -31.46 -44.86
N ALA F 149 -24.11 -30.96 -43.92
CA ALA F 149 -24.37 -31.66 -42.67
C ALA F 149 -25.74 -32.31 -42.72
N ASN F 150 -25.87 -33.47 -42.07
CA ASN F 150 -27.14 -34.15 -41.91
C ASN F 150 -27.72 -33.75 -40.58
N VAL F 151 -28.84 -33.05 -40.61
CA VAL F 151 -29.58 -32.72 -39.40
C VAL F 151 -30.43 -33.94 -39.08
N ILE F 152 -30.18 -34.57 -37.93
CA ILE F 152 -30.96 -35.72 -37.48
C ILE F 152 -32.03 -35.22 -36.51
N PRO F 153 -33.31 -35.23 -36.92
CA PRO F 153 -34.36 -34.88 -35.96
C PRO F 153 -34.56 -36.04 -35.00
N VAL F 154 -34.59 -35.75 -33.70
CA VAL F 154 -34.91 -36.77 -32.68
C VAL F 154 -36.35 -36.53 -32.23
N ASN F 155 -37.18 -37.57 -32.34
CA ASN F 155 -38.63 -37.46 -32.11
C ASN F 155 -39.10 -38.02 -30.76
N SER F 156 -38.16 -38.48 -29.93
CA SER F 156 -38.49 -39.10 -28.63
C SER F 156 -38.66 -38.06 -27.52
N GLY F 157 -39.47 -38.41 -26.52
CA GLY F 157 -39.64 -37.61 -25.31
C GLY F 157 -40.11 -36.19 -25.54
N SER F 158 -39.37 -35.22 -24.99
CA SER F 158 -39.69 -33.80 -25.14
C SER F 158 -39.44 -33.25 -26.54
N ARG F 159 -38.59 -33.93 -27.32
CA ARG F 159 -38.23 -33.52 -28.68
C ARG F 159 -37.53 -32.15 -28.71
N THR F 160 -36.70 -31.89 -27.71
CA THR F 160 -35.99 -30.62 -27.54
C THR F 160 -34.50 -30.90 -27.29
N LEU F 161 -33.74 -29.85 -26.95
CA LEU F 161 -32.30 -29.94 -26.66
C LEU F 161 -31.88 -31.15 -25.82
N LYS F 162 -32.59 -31.38 -24.70
CA LYS F 162 -32.24 -32.43 -23.73
C LYS F 162 -32.20 -33.83 -24.34
N ASP F 163 -33.22 -34.14 -25.14
CA ASP F 163 -33.31 -35.43 -25.84
C ASP F 163 -32.23 -35.57 -26.91
N ALA F 164 -31.91 -34.45 -27.59
CA ALA F 164 -30.86 -34.43 -28.61
C ALA F 164 -29.45 -34.59 -28.05
N ILE F 165 -29.23 -34.13 -26.81
CA ILE F 165 -27.96 -34.35 -26.12
C ILE F 165 -27.78 -35.86 -25.90
N ASN F 166 -28.71 -36.48 -25.17
CA ASN F 166 -28.69 -37.92 -24.89
C ASN F 166 -28.52 -38.80 -26.14
N GLU F 167 -29.10 -38.40 -27.26
CA GLU F 167 -28.94 -39.12 -28.53
C GLU F 167 -27.51 -39.03 -29.05
N ALA F 168 -26.92 -37.84 -28.96
CA ALA F 168 -25.54 -37.62 -29.40
C ALA F 168 -24.53 -38.38 -28.55
N LEU F 169 -24.73 -38.42 -27.23
CA LEU F 169 -23.85 -39.20 -26.34
C LEU F 169 -23.93 -40.70 -26.64
N ARG F 170 -25.14 -41.21 -26.84
CA ARG F 170 -25.32 -42.60 -27.25
C ARG F 170 -24.57 -42.92 -28.55
N ASP F 171 -24.64 -41.99 -29.50
CA ASP F 171 -23.91 -42.13 -30.76
C ASP F 171 -22.41 -42.13 -30.56
N TRP F 172 -21.90 -41.21 -29.74
CA TRP F 172 -20.45 -41.06 -29.54
C TRP F 172 -19.83 -42.30 -28.91
N VAL F 173 -20.50 -42.86 -27.90
CA VAL F 173 -20.06 -44.09 -27.21
C VAL F 173 -19.76 -45.25 -28.19
N ALA F 174 -20.57 -45.39 -29.23
CA ALA F 174 -20.37 -46.41 -30.26
C ALA F 174 -19.34 -46.03 -31.33
N THR F 175 -19.36 -44.77 -31.75
CA THR F 175 -18.59 -44.31 -32.92
C THR F 175 -17.34 -43.47 -32.63
N PHE F 176 -16.99 -43.27 -31.35
CA PHE F 176 -15.83 -42.44 -30.97
C PHE F 176 -14.49 -42.82 -31.60
N GLU F 177 -14.34 -44.09 -31.98
CA GLU F 177 -13.16 -44.58 -32.70
C GLU F 177 -12.84 -43.76 -33.96
N TYR F 178 -13.88 -43.27 -34.64
CA TYR F 178 -13.74 -42.44 -35.85
C TYR F 178 -14.50 -41.09 -35.81
N THR F 179 -15.06 -40.75 -34.64
CA THR F 179 -15.95 -39.60 -34.49
C THR F 179 -15.53 -38.73 -33.30
N HIS F 180 -15.64 -37.41 -33.48
CA HIS F 180 -15.46 -36.44 -32.40
C HIS F 180 -16.80 -35.78 -32.05
N TYR F 181 -17.01 -35.56 -30.76
CA TYR F 181 -18.21 -34.91 -30.23
C TYR F 181 -17.83 -33.47 -29.87
N LEU F 182 -18.43 -32.51 -30.55
CA LEU F 182 -17.99 -31.11 -30.52
C LEU F 182 -18.89 -30.30 -29.59
N ILE F 183 -18.40 -30.02 -28.38
CA ILE F 183 -19.14 -29.21 -27.39
C ILE F 183 -18.91 -27.74 -27.73
N GLY F 184 -19.99 -26.97 -27.75
CA GLY F 184 -19.97 -25.59 -28.23
C GLY F 184 -19.61 -24.49 -27.24
N SER F 185 -19.55 -24.81 -25.95
CA SER F 185 -19.27 -23.82 -24.92
C SER F 185 -18.32 -24.41 -23.88
N VAL F 186 -17.91 -23.59 -22.92
CA VAL F 186 -17.00 -24.03 -21.85
C VAL F 186 -17.71 -24.84 -20.76
N VAL F 187 -18.30 -25.96 -21.17
CA VAL F 187 -19.16 -26.79 -20.32
C VAL F 187 -18.91 -28.27 -20.63
N GLY F 188 -19.53 -29.12 -19.83
CA GLY F 188 -19.42 -30.57 -19.99
C GLY F 188 -18.36 -31.15 -19.07
N PRO F 189 -18.04 -32.44 -19.23
CA PRO F 189 -16.93 -33.02 -18.48
C PRO F 189 -15.58 -32.52 -18.99
N HIS F 190 -14.55 -32.61 -18.15
CA HIS F 190 -13.17 -32.42 -18.57
C HIS F 190 -12.89 -33.40 -19.71
N PRO F 191 -12.15 -32.97 -20.76
CA PRO F 191 -11.40 -31.72 -20.94
C PRO F 191 -12.13 -30.57 -21.65
N TYR F 192 -13.44 -30.67 -21.87
CA TYR F 192 -14.13 -29.67 -22.70
C TYR F 192 -14.09 -28.22 -22.20
N PRO F 193 -14.40 -27.97 -20.91
CA PRO F 193 -14.37 -26.59 -20.40
C PRO F 193 -13.02 -25.87 -20.55
N THR F 194 -11.94 -26.62 -20.44
CA THR F 194 -10.59 -26.08 -20.64
C THR F 194 -10.24 -26.02 -22.13
N ILE F 195 -10.55 -27.07 -22.89
CA ILE F 195 -10.27 -27.06 -24.33
C ILE F 195 -10.93 -25.86 -25.02
N VAL F 196 -12.23 -25.69 -24.76
CA VAL F 196 -13.02 -24.65 -25.43
C VAL F 196 -12.50 -23.26 -25.06
N ARG F 197 -12.14 -23.07 -23.80
CA ARG F 197 -11.53 -21.80 -23.37
C ARG F 197 -10.26 -21.51 -24.16
N ASP F 198 -9.39 -22.51 -24.29
CA ASP F 198 -8.10 -22.33 -24.94
C ASP F 198 -8.24 -21.90 -26.40
N PHE F 199 -9.21 -22.48 -27.11
CA PHE F 199 -9.49 -22.08 -28.49
C PHE F 199 -10.20 -20.72 -28.64
N GLN F 200 -10.78 -20.20 -27.56
CA GLN F 200 -11.36 -18.85 -27.53
C GLN F 200 -10.44 -17.79 -26.92
N SER F 201 -9.34 -18.23 -26.29
CA SER F 201 -8.34 -17.33 -25.70
C SER F 201 -7.76 -16.31 -26.69
N VAL F 202 -7.75 -16.68 -27.97
CA VAL F 202 -7.35 -15.78 -29.06
C VAL F 202 -8.07 -14.42 -28.99
N ILE F 203 -9.34 -14.42 -28.59
CA ILE F 203 -10.14 -13.19 -28.47
C ILE F 203 -9.47 -12.19 -27.53
N GLY F 204 -9.10 -12.67 -26.34
CA GLY F 204 -8.48 -11.83 -25.32
C GLY F 204 -7.05 -11.41 -25.65
N ARG F 205 -6.28 -12.33 -26.22
CA ARG F 205 -4.89 -12.05 -26.60
C ARG F 205 -4.80 -10.96 -27.66
N GLU F 206 -5.70 -11.01 -28.64
CA GLU F 206 -5.81 -9.95 -29.65
C GLU F 206 -6.24 -8.62 -29.03
N ALA F 207 -7.26 -8.67 -28.18
CA ALA F 207 -7.82 -7.49 -27.52
C ALA F 207 -6.80 -6.75 -26.65
N LYS F 208 -5.96 -7.51 -25.95
CA LYS F 208 -4.87 -6.97 -25.15
C LYS F 208 -3.87 -6.19 -26.02
N ALA F 209 -3.39 -6.85 -27.07
CA ALA F 209 -2.50 -6.22 -28.04
C ALA F 209 -3.08 -4.93 -28.62
N GLN F 210 -4.37 -4.97 -28.96
CA GLN F 210 -5.05 -3.85 -29.62
C GLN F 210 -5.31 -2.65 -28.69
N ILE F 211 -5.70 -2.91 -27.44
CA ILE F 211 -5.96 -1.83 -26.50
C ILE F 211 -4.68 -1.10 -26.07
N LEU F 212 -3.59 -1.85 -25.92
CA LEU F 212 -2.27 -1.25 -25.66
C LEU F 212 -1.85 -0.38 -26.82
N GLU F 213 -1.99 -0.92 -28.03
CA GLU F 213 -1.70 -0.19 -29.26
C GLU F 213 -2.55 1.08 -29.37
N ALA F 214 -3.83 0.96 -29.03
CA ALA F 214 -4.80 2.06 -29.20
C ALA F 214 -4.79 3.10 -28.08
N GLU F 215 -4.75 2.66 -26.83
CA GLU F 215 -4.85 3.56 -25.67
C GLU F 215 -3.65 3.54 -24.71
N GLY F 216 -2.58 2.84 -25.08
CA GLY F 216 -1.33 2.84 -24.29
C GLY F 216 -1.37 2.22 -22.91
N GLN F 217 -2.41 1.42 -22.64
CA GLN F 217 -2.68 0.85 -21.31
C GLN F 217 -3.77 -0.22 -21.35
N LEU F 218 -3.86 -1.00 -20.28
CA LEU F 218 -4.91 -2.00 -20.13
C LEU F 218 -6.25 -1.33 -19.78
N PRO F 219 -7.38 -2.01 -20.06
CA PRO F 219 -8.68 -1.44 -19.71
C PRO F 219 -8.97 -1.56 -18.21
N ASP F 220 -9.87 -0.71 -17.74
CA ASP F 220 -10.35 -0.79 -16.35
C ASP F 220 -11.32 -1.95 -16.18
N VAL F 221 -12.23 -2.11 -17.15
CA VAL F 221 -13.24 -3.17 -17.11
C VAL F 221 -13.32 -3.92 -18.45
N ILE F 222 -13.62 -5.21 -18.38
CA ILE F 222 -14.00 -6.02 -19.54
C ILE F 222 -15.37 -6.60 -19.25
N VAL F 223 -16.34 -6.34 -20.13
CA VAL F 223 -17.71 -6.83 -19.98
C VAL F 223 -18.02 -7.83 -21.10
N ALA F 224 -18.74 -8.90 -20.76
CA ALA F 224 -19.10 -9.95 -21.72
C ALA F 224 -20.32 -10.72 -21.26
N CYS F 225 -21.15 -11.15 -22.21
CA CYS F 225 -22.33 -11.95 -21.87
C CYS F 225 -21.89 -13.36 -21.47
N VAL F 226 -22.72 -14.01 -20.64
CA VAL F 226 -22.41 -15.36 -20.15
C VAL F 226 -23.68 -16.22 -20.18
N GLY F 227 -23.76 -17.09 -21.19
CA GLY F 227 -24.77 -18.13 -21.25
C GLY F 227 -24.15 -19.38 -20.66
N GLY F 228 -23.28 -19.99 -21.46
CA GLY F 228 -22.44 -21.10 -21.02
C GLY F 228 -21.12 -20.59 -20.48
N GLY F 229 -20.47 -19.69 -21.22
CA GLY F 229 -19.23 -19.05 -20.77
C GLY F 229 -18.11 -18.83 -21.77
N SER F 230 -18.21 -19.37 -22.98
CA SER F 230 -17.08 -19.38 -23.93
C SER F 230 -16.55 -18.02 -24.37
N ASN F 231 -17.43 -17.10 -24.81
CA ASN F 231 -16.96 -15.77 -25.26
C ASN F 231 -16.38 -14.96 -24.10
N ALA F 232 -17.04 -15.02 -22.94
CA ALA F 232 -16.56 -14.34 -21.74
C ALA F 232 -15.22 -14.90 -21.28
N MET F 233 -15.10 -16.22 -21.24
CA MET F 233 -13.87 -16.86 -20.80
C MET F 233 -12.74 -16.60 -21.80
N GLY F 234 -13.07 -16.52 -23.08
CA GLY F 234 -12.11 -16.20 -24.13
C GLY F 234 -11.46 -14.84 -24.00
N ILE F 235 -12.24 -13.83 -23.65
CA ILE F 235 -11.73 -12.47 -23.46
C ILE F 235 -11.17 -12.23 -22.04
N PHE F 236 -11.69 -12.91 -21.04
CA PHE F 236 -11.19 -12.80 -19.67
C PHE F 236 -9.80 -13.41 -19.47
N TYR F 237 -9.56 -14.60 -20.01
CA TYR F 237 -8.42 -15.45 -19.61
C TYR F 237 -7.03 -14.82 -19.71
N PRO F 238 -6.71 -14.13 -20.82
CA PRO F 238 -5.44 -13.42 -20.89
C PRO F 238 -5.30 -12.20 -19.96
N PHE F 239 -6.40 -11.71 -19.40
CA PHE F 239 -6.38 -10.61 -18.42
C PHE F 239 -6.48 -11.07 -16.95
N VAL F 240 -6.46 -12.37 -16.68
CA VAL F 240 -6.69 -12.87 -15.32
C VAL F 240 -5.57 -12.45 -14.38
N ASN F 241 -4.32 -12.57 -14.82
CA ASN F 241 -3.17 -12.19 -13.99
C ASN F 241 -2.95 -10.68 -13.86
N ASP F 242 -3.59 -9.89 -14.71
CA ASP F 242 -3.60 -8.43 -14.55
C ASP F 242 -4.56 -8.04 -13.43
N LYS F 243 -4.01 -7.72 -12.26
CA LYS F 243 -4.78 -7.39 -11.05
C LYS F 243 -5.68 -6.17 -11.24
N LYS F 244 -5.21 -5.18 -11.98
CA LYS F 244 -5.97 -3.97 -12.33
C LYS F 244 -7.32 -4.25 -12.99
N VAL F 245 -7.32 -5.13 -13.99
CA VAL F 245 -8.43 -5.23 -14.96
C VAL F 245 -9.64 -5.98 -14.39
N LYS F 246 -10.70 -5.23 -14.12
CA LYS F 246 -11.96 -5.76 -13.61
C LYS F 246 -12.69 -6.56 -14.68
N LEU F 247 -13.24 -7.71 -14.31
CA LEU F 247 -13.95 -8.60 -15.24
C LEU F 247 -15.42 -8.68 -14.83
N VAL F 248 -16.32 -8.52 -15.79
CA VAL F 248 -17.76 -8.54 -15.54
C VAL F 248 -18.46 -9.46 -16.52
N GLY F 249 -19.04 -10.55 -16.03
CA GLY F 249 -19.90 -11.44 -16.82
C GLY F 249 -21.34 -10.96 -16.70
N VAL F 250 -22.08 -11.00 -17.81
CA VAL F 250 -23.48 -10.55 -17.82
C VAL F 250 -24.39 -11.72 -18.19
N GLU F 251 -25.25 -12.10 -17.25
CA GLU F 251 -26.16 -13.23 -17.42
C GLU F 251 -27.56 -12.75 -17.77
N ALA F 252 -28.38 -13.67 -18.26
CA ALA F 252 -29.69 -13.34 -18.80
C ALA F 252 -30.70 -13.09 -17.69
N GLY F 253 -31.12 -11.83 -17.56
CA GLY F 253 -32.15 -11.45 -16.59
C GLY F 253 -33.55 -11.86 -16.99
N GLY F 254 -33.79 -12.03 -18.30
CA GLY F 254 -35.07 -12.52 -18.80
C GLY F 254 -36.18 -11.50 -18.63
N LYS F 255 -37.21 -11.87 -17.87
CA LYS F 255 -38.28 -10.95 -17.52
C LYS F 255 -38.17 -10.49 -16.05
N GLY F 256 -36.93 -10.44 -15.54
CA GLY F 256 -36.65 -10.14 -14.13
C GLY F 256 -36.36 -11.39 -13.32
N LEU F 257 -35.54 -11.24 -12.29
CA LEU F 257 -35.18 -12.35 -11.41
C LEU F 257 -36.36 -12.78 -10.51
N GLU F 258 -37.13 -11.82 -10.04
CA GLU F 258 -38.36 -12.08 -9.27
C GLU F 258 -39.48 -12.73 -10.07
N SER F 259 -39.43 -12.67 -11.40
CA SER F 259 -40.43 -13.28 -12.28
C SER F 259 -40.30 -14.80 -12.47
N GLY F 260 -39.17 -15.39 -12.08
CA GLY F 260 -38.91 -16.82 -12.29
C GLY F 260 -38.75 -17.24 -13.74
N LYS F 261 -38.39 -16.30 -14.61
CA LYS F 261 -38.26 -16.51 -16.05
C LYS F 261 -36.93 -15.93 -16.54
N HIS F 262 -35.84 -16.64 -16.26
CA HIS F 262 -34.48 -16.17 -16.54
C HIS F 262 -33.50 -17.33 -16.75
N SER F 263 -32.23 -17.02 -16.97
CA SER F 263 -31.16 -18.02 -17.06
C SER F 263 -29.88 -17.61 -16.32
N ALA F 264 -30.03 -16.76 -15.31
CA ALA F 264 -28.91 -16.34 -14.46
C ALA F 264 -28.50 -17.45 -13.49
N SER F 265 -27.62 -18.32 -13.97
CA SER F 265 -27.21 -19.53 -13.26
C SER F 265 -26.31 -19.21 -12.07
N LEU F 266 -25.30 -18.37 -12.31
CA LEU F 266 -24.41 -17.87 -11.25
C LEU F 266 -25.13 -16.99 -10.23
N ASN F 267 -26.01 -16.11 -10.72
CA ASN F 267 -26.69 -15.11 -9.90
C ASN F 267 -27.73 -15.68 -8.93
N ALA F 268 -28.52 -16.64 -9.39
CA ALA F 268 -29.64 -17.17 -8.61
C ALA F 268 -29.83 -18.69 -8.74
N GLY F 269 -28.72 -19.42 -8.81
CA GLY F 269 -28.74 -20.88 -8.84
C GLY F 269 -27.95 -21.43 -7.67
N GLN F 270 -28.05 -22.75 -7.46
CA GLN F 270 -27.23 -23.44 -6.46
C GLN F 270 -26.40 -24.53 -7.14
N VAL F 271 -25.30 -24.91 -6.48
CA VAL F 271 -24.31 -25.78 -7.10
C VAL F 271 -24.79 -27.24 -7.11
N GLY F 272 -24.50 -27.93 -8.21
CA GLY F 272 -24.96 -29.31 -8.38
C GLY F 272 -24.18 -30.00 -9.49
N VAL F 273 -24.59 -31.22 -9.84
CA VAL F 273 -23.91 -32.00 -10.88
C VAL F 273 -24.87 -32.40 -11.98
N PHE F 274 -24.73 -31.75 -13.14
CA PHE F 274 -25.46 -32.09 -14.36
C PHE F 274 -24.52 -31.95 -15.55
N HIS F 275 -24.83 -32.67 -16.63
CA HIS F 275 -24.08 -32.59 -17.88
C HIS F 275 -22.57 -32.76 -17.72
N GLY F 276 -22.16 -33.67 -16.85
CA GLY F 276 -20.73 -33.96 -16.67
C GLY F 276 -19.91 -33.01 -15.81
N MET F 277 -20.53 -32.00 -15.21
CA MET F 277 -19.81 -30.97 -14.46
C MET F 277 -20.47 -30.59 -13.14
N LEU F 278 -19.64 -30.30 -12.14
CA LEU F 278 -20.06 -29.67 -10.90
C LEU F 278 -19.94 -28.15 -11.12
N SER F 279 -21.07 -27.45 -11.06
CA SER F 279 -21.12 -26.01 -11.25
C SER F 279 -22.46 -25.47 -10.75
N TYR F 280 -22.73 -24.18 -11.00
CA TYR F 280 -24.03 -23.59 -10.67
C TYR F 280 -25.09 -23.97 -11.70
N PHE F 281 -26.25 -24.42 -11.23
CA PHE F 281 -27.40 -24.76 -12.08
C PHE F 281 -28.69 -24.23 -11.46
N LEU F 282 -29.66 -23.91 -12.33
CA LEU F 282 -30.97 -23.45 -11.88
C LEU F 282 -31.82 -24.68 -11.56
N GLN F 283 -31.97 -24.93 -10.26
CA GLN F 283 -32.64 -26.12 -9.75
C GLN F 283 -33.89 -25.75 -8.96
N ASP F 284 -34.93 -26.57 -9.09
CA ASP F 284 -36.13 -26.43 -8.26
C ASP F 284 -35.86 -26.90 -6.82
N GLU F 285 -36.87 -26.85 -5.96
CA GLU F 285 -36.78 -27.32 -4.57
C GLU F 285 -36.22 -28.75 -4.41
N GLU F 286 -36.53 -29.64 -5.36
CA GLU F 286 -36.12 -31.05 -5.32
C GLU F 286 -34.77 -31.39 -5.97
N GLY F 287 -33.98 -30.37 -6.32
CA GLY F 287 -32.69 -30.57 -6.99
C GLY F 287 -32.79 -31.02 -8.44
N GLN F 288 -33.91 -30.70 -9.06
CA GLN F 288 -34.19 -31.04 -10.46
C GLN F 288 -34.01 -29.79 -11.32
N ILE F 289 -33.62 -29.96 -12.58
CA ILE F 289 -33.41 -28.84 -13.48
C ILE F 289 -34.70 -28.02 -13.65
N LYS F 290 -34.56 -26.70 -13.74
CA LYS F 290 -35.69 -25.77 -13.82
C LYS F 290 -35.83 -25.27 -15.26
N PRO F 291 -37.06 -24.99 -15.71
CA PRO F 291 -37.20 -24.33 -17.01
C PRO F 291 -36.58 -22.93 -17.01
N THR F 292 -36.03 -22.55 -18.16
CA THR F 292 -35.34 -21.26 -18.32
C THR F 292 -35.87 -20.48 -19.51
N HIS F 293 -35.47 -19.20 -19.55
CA HIS F 293 -35.86 -18.30 -20.62
C HIS F 293 -34.86 -17.15 -20.81
N SER F 294 -34.65 -16.79 -22.07
CA SER F 294 -34.08 -15.50 -22.45
C SER F 294 -34.49 -15.17 -23.88
N ILE F 295 -34.60 -13.89 -24.18
CA ILE F 295 -34.85 -13.43 -25.55
C ILE F 295 -33.68 -13.79 -26.47
N ALA F 296 -32.47 -13.79 -25.92
CA ALA F 296 -31.28 -14.29 -26.61
C ALA F 296 -31.22 -15.81 -26.50
N PRO F 297 -31.34 -16.54 -27.64
CA PRO F 297 -31.30 -18.00 -27.60
C PRO F 297 -30.02 -18.58 -26.99
N GLY F 298 -28.87 -17.99 -27.31
CA GLY F 298 -27.59 -18.44 -26.79
C GLY F 298 -27.41 -18.42 -25.28
N LEU F 299 -28.17 -17.57 -24.57
CA LEU F 299 -28.10 -17.48 -23.11
C LEU F 299 -29.08 -18.37 -22.35
N ASP F 300 -30.03 -18.99 -23.07
CA ASP F 300 -31.07 -19.84 -22.47
C ASP F 300 -30.52 -21.22 -22.09
N TYR F 301 -29.69 -21.28 -21.06
CA TYR F 301 -29.06 -22.53 -20.61
C TYR F 301 -29.01 -22.54 -19.08
N PRO F 302 -29.64 -23.55 -18.43
CA PRO F 302 -29.75 -23.58 -16.96
C PRO F 302 -28.42 -23.68 -16.20
N GLY F 303 -27.39 -24.20 -16.86
CA GLY F 303 -26.04 -24.26 -16.30
C GLY F 303 -25.14 -23.10 -16.71
N VAL F 304 -23.87 -23.27 -16.35
CA VAL F 304 -22.80 -22.33 -16.64
C VAL F 304 -21.47 -23.06 -16.47
N GLY F 305 -20.44 -22.61 -17.17
CA GLY F 305 -19.12 -23.23 -17.12
C GLY F 305 -18.51 -23.24 -15.72
N PRO F 306 -17.77 -24.30 -15.37
CA PRO F 306 -17.21 -24.40 -14.01
C PRO F 306 -16.18 -23.33 -13.69
N GLU F 307 -15.42 -22.89 -14.68
CA GLU F 307 -14.39 -21.87 -14.45
C GLU F 307 -14.97 -20.49 -14.09
N HIS F 308 -16.18 -20.20 -14.56
CA HIS F 308 -16.89 -18.99 -14.13
C HIS F 308 -17.29 -19.06 -12.65
N ALA F 309 -17.71 -20.25 -12.22
CA ALA F 309 -18.02 -20.51 -10.81
C ALA F 309 -16.79 -20.37 -9.91
N TYR F 310 -15.63 -20.78 -10.42
CA TYR F 310 -14.35 -20.56 -9.73
C TYR F 310 -14.03 -19.07 -9.60
N LEU F 311 -14.15 -18.34 -10.71
CA LEU F 311 -13.94 -16.88 -10.73
C LEU F 311 -14.99 -16.10 -9.92
N LYS F 312 -16.18 -16.68 -9.73
CA LYS F 312 -17.20 -16.09 -8.87
C LYS F 312 -16.84 -16.24 -7.38
N LYS F 313 -16.45 -17.45 -6.97
CA LYS F 313 -16.16 -17.77 -5.57
C LYS F 313 -14.91 -17.06 -5.02
N ILE F 314 -13.85 -17.04 -5.82
CA ILE F 314 -12.63 -16.28 -5.47
C ILE F 314 -12.78 -14.78 -5.74
N GLN F 315 -13.88 -14.38 -6.39
CA GLN F 315 -14.23 -12.99 -6.66
C GLN F 315 -13.23 -12.29 -7.58
N ARG F 316 -12.64 -13.04 -8.49
CA ARG F 316 -11.78 -12.52 -9.54
C ARG F 316 -12.64 -11.76 -10.54
N ALA F 317 -13.77 -12.38 -10.90
CA ALA F 317 -14.76 -11.78 -11.77
C ALA F 317 -16.03 -11.46 -10.99
N GLU F 318 -16.76 -10.46 -11.49
CA GLU F 318 -18.08 -10.09 -10.98
C GLU F 318 -19.13 -10.57 -11.98
N TYR F 319 -20.33 -10.85 -11.48
CA TYR F 319 -21.42 -11.34 -12.33
C TYR F 319 -22.73 -10.59 -12.03
N VAL F 320 -23.35 -10.09 -13.09
CA VAL F 320 -24.56 -9.23 -13.01
C VAL F 320 -25.63 -9.70 -14.00
N THR F 321 -26.83 -9.13 -13.90
CA THR F 321 -27.92 -9.47 -14.80
C THR F 321 -28.54 -8.25 -15.48
N VAL F 322 -29.08 -8.49 -16.67
CA VAL F 322 -29.70 -7.47 -17.52
C VAL F 322 -30.97 -8.10 -18.09
N THR F 323 -32.09 -7.38 -18.02
CA THR F 323 -33.38 -7.92 -18.47
C THR F 323 -33.45 -8.05 -19.99
N ASP F 324 -34.47 -8.75 -20.47
CA ASP F 324 -34.74 -8.85 -21.92
C ASP F 324 -34.89 -7.46 -22.54
N GLU F 325 -35.66 -6.61 -21.85
CA GLU F 325 -36.01 -5.29 -22.34
C GLU F 325 -34.79 -4.36 -22.40
N GLU F 326 -33.89 -4.47 -21.42
CA GLU F 326 -32.64 -3.71 -21.41
C GLU F 326 -31.68 -4.13 -22.54
N ALA F 327 -31.59 -5.43 -22.77
CA ALA F 327 -30.84 -5.98 -23.90
C ALA F 327 -31.42 -5.51 -25.23
N LEU F 328 -32.75 -5.47 -25.30
CA LEU F 328 -33.47 -5.11 -26.51
C LEU F 328 -33.34 -3.61 -26.81
N LYS F 329 -33.22 -2.78 -25.78
CA LYS F 329 -32.88 -1.37 -25.96
C LYS F 329 -31.47 -1.21 -26.53
N ALA F 330 -30.51 -1.97 -26.02
CA ALA F 330 -29.12 -1.89 -26.48
C ALA F 330 -28.94 -2.38 -27.92
N PHE F 331 -29.76 -3.35 -28.31
CA PHE F 331 -29.80 -3.83 -29.70
C PHE F 331 -30.14 -2.68 -30.65
N HIS F 332 -31.15 -1.90 -30.32
CA HIS F 332 -31.53 -0.72 -31.12
C HIS F 332 -30.54 0.44 -31.02
N GLU F 333 -30.00 0.65 -29.82
CA GLU F 333 -29.09 1.77 -29.56
C GLU F 333 -27.78 1.63 -30.34
N LEU F 334 -27.17 0.46 -30.28
CA LEU F 334 -25.92 0.18 -31.01
C LEU F 334 -26.12 0.21 -32.52
N SER F 335 -27.30 -0.17 -32.98
CA SER F 335 -27.65 -0.10 -34.40
C SER F 335 -27.73 1.35 -34.89
N ARG F 336 -28.47 2.19 -34.18
CA ARG F 336 -28.61 3.61 -34.53
C ARG F 336 -27.30 4.40 -34.43
N THR F 337 -26.59 4.19 -33.32
CA THR F 337 -25.49 5.07 -32.91
C THR F 337 -24.15 4.71 -33.53
N GLU F 338 -23.87 3.42 -33.68
CA GLU F 338 -22.61 2.93 -34.27
C GLU F 338 -22.73 2.20 -35.59
N GLY F 339 -23.96 1.95 -36.05
CA GLY F 339 -24.18 1.21 -37.30
C GLY F 339 -23.79 -0.25 -37.23
N ILE F 340 -23.88 -0.85 -36.04
CA ILE F 340 -23.52 -2.26 -35.80
C ILE F 340 -24.73 -2.93 -35.16
N ILE F 341 -25.30 -3.92 -35.86
CA ILE F 341 -26.47 -4.66 -35.37
C ILE F 341 -25.93 -5.86 -34.61
N PRO F 342 -25.98 -5.84 -33.27
CA PRO F 342 -25.36 -6.90 -32.49
C PRO F 342 -26.31 -8.07 -32.27
N ALA F 343 -25.75 -9.22 -31.94
CA ALA F 343 -26.53 -10.35 -31.46
C ALA F 343 -27.19 -9.97 -30.13
N LEU F 344 -28.39 -10.49 -29.89
CA LEU F 344 -29.10 -10.28 -28.64
C LEU F 344 -28.31 -10.78 -27.42
N GLU F 345 -27.45 -11.77 -27.65
CA GLU F 345 -26.50 -12.26 -26.64
C GLU F 345 -25.53 -11.13 -26.29
N SER F 346 -24.84 -10.62 -27.31
CA SER F 346 -23.89 -9.52 -27.15
C SER F 346 -24.57 -8.26 -26.60
N ALA F 347 -25.82 -8.05 -27.00
CA ALA F 347 -26.61 -6.91 -26.54
C ALA F 347 -26.77 -6.84 -25.02
N HIS F 348 -26.81 -7.98 -24.35
CA HIS F 348 -26.79 -8.03 -22.89
C HIS F 348 -25.52 -7.40 -22.32
N ALA F 349 -24.38 -7.71 -22.93
CA ALA F 349 -23.08 -7.16 -22.51
C ALA F 349 -22.99 -5.66 -22.79
N VAL F 350 -23.53 -5.24 -23.92
CA VAL F 350 -23.57 -3.83 -24.31
C VAL F 350 -24.43 -3.04 -23.34
N ALA F 351 -25.63 -3.55 -23.06
CA ALA F 351 -26.60 -2.88 -22.17
C ALA F 351 -26.04 -2.55 -20.78
N TYR F 352 -25.26 -3.46 -20.21
CA TYR F 352 -24.62 -3.23 -18.91
C TYR F 352 -23.47 -2.23 -19.01
N ALA F 353 -22.66 -2.35 -20.06
CA ALA F 353 -21.57 -1.42 -20.32
C ALA F 353 -22.05 0.02 -20.48
N MET F 354 -23.26 0.20 -21.02
CA MET F 354 -23.90 1.51 -21.12
C MET F 354 -24.29 2.10 -19.74
N LYS F 355 -24.73 1.23 -18.83
CA LYS F 355 -24.98 1.63 -17.44
C LYS F 355 -23.70 1.89 -16.66
N LEU F 356 -22.72 1.01 -16.86
CA LEU F 356 -21.47 1.04 -16.11
C LEU F 356 -20.63 2.26 -16.45
N ALA F 357 -20.47 2.51 -17.76
CA ALA F 357 -19.72 3.66 -18.26
C ALA F 357 -20.22 5.01 -17.71
N LYS F 358 -21.53 5.13 -17.53
CA LYS F 358 -22.16 6.36 -17.01
C LYS F 358 -21.69 6.76 -15.60
N GLU F 359 -21.27 5.79 -14.79
CA GLU F 359 -20.78 6.04 -13.44
C GLU F 359 -19.25 6.17 -13.36
N MET F 360 -18.59 6.26 -14.51
CA MET F 360 -17.12 6.26 -14.62
C MET F 360 -16.67 7.53 -15.35
N SER F 361 -15.40 7.91 -15.17
CA SER F 361 -14.84 9.09 -15.84
C SER F 361 -14.26 8.75 -17.23
N ARG F 362 -14.00 9.80 -18.00
CA ARG F 362 -13.43 9.69 -19.36
C ARG F 362 -12.08 8.99 -19.45
N ASP F 363 -11.25 9.14 -18.41
CA ASP F 363 -9.94 8.50 -18.36
C ASP F 363 -10.05 6.97 -18.44
N GLU F 364 -11.14 6.43 -17.88
CA GLU F 364 -11.32 4.99 -17.74
C GLU F 364 -11.86 4.36 -19.03
N ILE F 365 -11.50 3.09 -19.25
CA ILE F 365 -11.79 2.37 -20.49
C ILE F 365 -12.54 1.05 -20.20
N ILE F 366 -13.51 0.72 -21.06
CA ILE F 366 -14.25 -0.55 -21.01
C ILE F 366 -14.15 -1.24 -22.36
N ILE F 367 -13.76 -2.52 -22.38
CA ILE F 367 -13.77 -3.33 -23.59
C ILE F 367 -14.93 -4.33 -23.51
N VAL F 368 -15.99 -4.08 -24.29
CA VAL F 368 -17.13 -4.98 -24.36
C VAL F 368 -16.85 -6.02 -25.44
N ASN F 369 -17.04 -7.29 -25.11
CA ASN F 369 -16.90 -8.37 -26.08
C ASN F 369 -18.19 -8.51 -26.88
N LEU F 370 -18.16 -8.06 -28.13
CA LEU F 370 -19.32 -8.10 -29.01
C LEU F 370 -19.31 -9.45 -29.72
N SER F 371 -19.90 -10.45 -29.05
CA SER F 371 -19.75 -11.86 -29.41
C SER F 371 -20.22 -12.26 -30.80
N GLY F 372 -21.28 -11.62 -31.31
CA GLY F 372 -21.77 -11.93 -32.64
C GLY F 372 -22.69 -10.88 -33.23
N ARG F 373 -22.89 -10.96 -34.54
CA ARG F 373 -23.84 -10.09 -35.24
C ARG F 373 -25.28 -10.56 -35.00
N GLY F 374 -26.22 -9.62 -35.11
CA GLY F 374 -27.64 -9.90 -34.90
C GLY F 374 -28.50 -10.03 -36.13
N ASP F 375 -27.92 -10.52 -37.23
CA ASP F 375 -28.69 -10.77 -38.46
C ASP F 375 -29.63 -11.96 -38.23
N LYS F 376 -29.13 -12.97 -37.52
CA LYS F 376 -29.93 -14.08 -37.00
C LYS F 376 -31.14 -13.71 -36.14
N ASP F 377 -31.06 -12.55 -35.46
CA ASP F 377 -32.10 -12.10 -34.53
C ASP F 377 -33.11 -11.10 -35.09
N LEU F 378 -33.15 -10.91 -36.40
CA LEU F 378 -34.05 -9.91 -36.99
C LEU F 378 -35.54 -10.29 -36.89
N ASP F 379 -35.85 -11.58 -37.00
CA ASP F 379 -37.24 -12.06 -36.85
C ASP F 379 -37.74 -11.99 -35.41
N ILE F 380 -36.84 -12.22 -34.46
CA ILE F 380 -37.20 -12.17 -33.04
C ILE F 380 -37.54 -10.73 -32.65
N VAL F 381 -36.68 -9.80 -33.06
CA VAL F 381 -36.81 -8.39 -32.70
C VAL F 381 -37.98 -7.72 -33.43
N LEU F 382 -38.26 -8.16 -34.66
CA LEU F 382 -39.44 -7.66 -35.38
C LEU F 382 -40.75 -8.09 -34.73
N LYS F 383 -40.81 -9.35 -34.27
CA LYS F 383 -42.00 -9.89 -33.59
C LYS F 383 -42.43 -9.05 -32.39
N VAL F 384 -41.45 -8.62 -31.58
CA VAL F 384 -41.71 -7.78 -30.40
C VAL F 384 -41.86 -6.27 -30.69
N SER F 385 -41.17 -5.78 -31.72
CA SER F 385 -41.24 -4.37 -32.12
C SER F 385 -42.00 -4.21 -33.43
N MET G 1 -38.86 32.47 -80.49
CA MET G 1 -39.60 31.89 -81.66
C MET G 1 -41.12 31.98 -81.50
N PHE G 2 -41.59 32.93 -80.70
CA PHE G 2 -43.02 33.11 -80.40
C PHE G 2 -43.29 34.54 -79.93
N LYS G 3 -44.52 35.03 -80.15
CA LYS G 3 -44.90 36.39 -79.77
C LYS G 3 -44.80 36.60 -78.26
N ASP G 4 -44.34 37.78 -77.84
CA ASP G 4 -44.19 38.10 -76.42
C ASP G 4 -45.54 38.04 -75.71
N GLY G 5 -45.54 37.61 -74.46
CA GLY G 5 -46.76 37.40 -73.70
C GLY G 5 -47.53 36.14 -74.10
N SER G 6 -46.84 35.19 -74.73
CA SER G 6 -47.46 33.94 -75.14
C SER G 6 -47.64 32.99 -73.95
N LEU G 7 -48.65 32.14 -74.06
CA LEU G 7 -48.83 31.00 -73.18
C LEU G 7 -48.41 29.76 -73.97
N ILE G 8 -47.68 28.86 -73.32
CA ILE G 8 -47.03 27.72 -73.99
C ILE G 8 -47.42 26.41 -73.29
N PRO G 9 -48.43 25.69 -73.84
CA PRO G 9 -48.75 24.36 -73.32
C PRO G 9 -47.61 23.36 -73.46
N TYR G 10 -47.39 22.56 -72.42
CA TYR G 10 -46.48 21.41 -72.47
C TYR G 10 -47.31 20.16 -72.22
N LEU G 11 -47.37 19.28 -73.21
CA LEU G 11 -48.08 18.00 -73.12
C LEU G 11 -47.16 16.86 -73.52
N THR G 12 -47.27 15.73 -72.82
CA THR G 12 -46.53 14.53 -73.17
C THR G 12 -47.26 13.80 -74.31
N ALA G 13 -46.52 13.45 -75.36
CA ALA G 13 -47.08 12.75 -76.51
C ALA G 13 -47.49 11.32 -76.14
N GLY G 14 -48.66 10.91 -76.62
CA GLY G 14 -49.17 9.57 -76.37
C GLY G 14 -49.79 9.38 -74.99
N ASP G 15 -50.17 10.48 -74.33
CA ASP G 15 -50.80 10.46 -72.99
C ASP G 15 -52.25 10.95 -73.07
N PRO G 16 -53.24 10.03 -73.00
CA PRO G 16 -53.17 8.58 -72.91
C PRO G 16 -52.90 7.87 -74.25
N ASP G 17 -53.09 8.58 -75.36
CA ASP G 17 -52.85 8.03 -76.70
C ASP G 17 -52.58 9.16 -77.69
N LYS G 18 -52.02 8.85 -78.85
CA LYS G 18 -51.59 9.88 -79.81
C LYS G 18 -52.76 10.74 -80.34
N GLN G 19 -53.91 10.11 -80.57
CA GLN G 19 -55.10 10.80 -81.03
C GLN G 19 -55.57 11.81 -80.00
N SER G 20 -55.55 11.43 -78.73
CA SER G 20 -55.93 12.33 -77.65
C SER G 20 -54.99 13.54 -77.55
N THR G 21 -53.70 13.31 -77.73
CA THR G 21 -52.73 14.39 -77.72
C THR G 21 -53.02 15.40 -78.82
N LEU G 22 -53.24 14.91 -80.05
CA LEU G 22 -53.63 15.77 -81.17
C LEU G 22 -54.88 16.56 -80.84
N ASN G 23 -55.88 15.90 -80.26
CA ASN G 23 -57.10 16.59 -79.85
C ASN G 23 -56.84 17.71 -78.84
N PHE G 24 -55.92 17.48 -77.91
CA PHE G 24 -55.54 18.50 -76.92
C PHE G 24 -54.83 19.69 -77.54
N LEU G 25 -53.87 19.42 -78.43
CA LEU G 25 -53.12 20.49 -79.08
C LEU G 25 -54.02 21.35 -79.97
N LEU G 26 -54.89 20.71 -80.75
CA LEU G 26 -55.83 21.46 -81.60
C LEU G 26 -56.83 22.28 -80.80
N ALA G 27 -57.27 21.76 -79.65
CA ALA G 27 -58.21 22.47 -78.79
C ALA G 27 -57.58 23.70 -78.14
N LEU G 28 -56.32 23.57 -77.73
CA LEU G 28 -55.59 24.65 -77.06
C LEU G 28 -54.82 25.58 -78.00
N ASP G 29 -54.80 25.28 -79.30
CA ASP G 29 -53.99 26.07 -80.25
C ASP G 29 -54.36 27.55 -80.29
N GLU G 30 -55.65 27.85 -80.19
CA GLU G 30 -56.13 29.24 -80.19
C GLU G 30 -55.54 30.09 -79.06
N TYR G 31 -55.33 29.47 -77.90
CA TYR G 31 -54.77 30.14 -76.72
C TYR G 31 -53.25 30.15 -76.70
N ALA G 32 -52.63 29.18 -77.39
CA ALA G 32 -51.18 28.99 -77.37
C ALA G 32 -50.45 29.82 -78.43
N GLY G 33 -49.27 30.31 -78.06
CA GLY G 33 -48.33 31.00 -78.95
C GLY G 33 -47.13 30.16 -79.38
N ALA G 34 -46.84 29.12 -78.59
CA ALA G 34 -45.99 28.02 -79.02
C ALA G 34 -46.44 26.79 -78.24
N ILE G 35 -45.92 25.62 -78.60
CA ILE G 35 -46.31 24.35 -77.96
C ILE G 35 -45.05 23.51 -77.73
N GLU G 36 -44.95 22.90 -76.56
CA GLU G 36 -43.90 21.93 -76.28
C GLU G 36 -44.52 20.54 -76.26
N LEU G 37 -43.97 19.63 -77.04
CA LEU G 37 -44.46 18.26 -77.11
C LEU G 37 -43.43 17.30 -76.55
N GLY G 38 -43.77 16.65 -75.44
CA GLY G 38 -42.86 15.74 -74.74
C GLY G 38 -42.79 14.36 -75.36
N ILE G 39 -41.58 13.85 -75.53
CA ILE G 39 -41.35 12.47 -75.97
C ILE G 39 -41.11 11.59 -74.74
N PRO G 40 -42.00 10.60 -74.49
CA PRO G 40 -41.85 9.67 -73.37
C PRO G 40 -40.51 8.93 -73.34
N PHE G 41 -40.09 8.60 -72.11
CA PHE G 41 -38.80 8.01 -71.85
C PHE G 41 -38.91 7.11 -70.61
N SER G 42 -38.26 5.95 -70.66
CA SER G 42 -38.36 4.99 -69.57
C SER G 42 -37.81 5.51 -68.24
N ASP G 43 -36.68 6.22 -68.28
CA ASP G 43 -35.99 6.67 -67.07
C ASP G 43 -35.73 8.18 -67.08
N PRO G 44 -36.79 8.99 -66.85
CA PRO G 44 -36.70 10.45 -66.98
C PRO G 44 -36.26 11.16 -65.69
N ILE G 45 -34.95 11.18 -65.45
CA ILE G 45 -34.37 11.62 -64.17
C ILE G 45 -34.69 13.06 -63.71
N ALA G 46 -34.85 13.97 -64.66
CA ALA G 46 -35.18 15.37 -64.33
C ALA G 46 -36.55 15.50 -63.68
N ASP G 47 -37.56 15.12 -64.46
CA ASP G 47 -38.89 15.73 -64.43
C ASP G 47 -39.67 15.59 -63.13
N GLY G 48 -40.60 16.51 -62.92
CA GLY G 48 -41.46 16.55 -61.74
C GLY G 48 -42.39 15.36 -61.67
N LYS G 49 -43.03 15.18 -60.51
CA LYS G 49 -43.90 14.04 -60.26
C LYS G 49 -45.00 13.89 -61.32
N THR G 50 -45.61 15.01 -61.72
CA THR G 50 -46.71 15.02 -62.69
C THR G 50 -46.29 14.56 -64.08
N ILE G 51 -45.14 15.05 -64.55
CA ILE G 51 -44.63 14.74 -65.89
C ILE G 51 -44.09 13.31 -65.97
N GLN G 52 -43.41 12.85 -64.90
CA GLN G 52 -42.95 11.46 -64.79
C GLN G 52 -44.11 10.47 -64.97
N GLU G 53 -45.23 10.75 -64.33
CA GLU G 53 -46.45 9.93 -64.46
C GLU G 53 -46.97 9.84 -65.90
N SER G 54 -46.95 10.97 -66.62
CA SER G 54 -47.38 10.99 -68.01
C SER G 54 -46.49 10.12 -68.91
N HIS G 55 -45.18 10.08 -68.64
CA HIS G 55 -44.26 9.22 -69.40
C HIS G 55 -44.60 7.76 -69.15
N TYR G 56 -44.86 7.44 -67.88
CA TYR G 56 -45.29 6.11 -67.47
C TYR G 56 -46.60 5.69 -68.14
N ARG G 57 -47.61 6.55 -68.10
CA ARG G 57 -48.87 6.31 -68.79
C ARG G 57 -48.67 6.13 -70.29
N ALA G 58 -47.92 7.06 -70.89
CA ALA G 58 -47.64 7.05 -72.31
C ALA G 58 -46.99 5.74 -72.78
N LEU G 59 -45.93 5.33 -72.08
CA LEU G 59 -45.25 4.08 -72.42
C LEU G 59 -46.05 2.83 -72.06
N LYS G 60 -46.78 2.84 -70.94
CA LYS G 60 -47.62 1.69 -70.57
C LYS G 60 -48.67 1.38 -71.63
N ASN G 61 -49.15 2.41 -72.33
CA ASN G 61 -50.10 2.25 -73.44
C ASN G 61 -49.42 2.10 -74.81
N GLY G 62 -48.17 1.67 -74.85
CA GLY G 62 -47.53 1.23 -76.09
C GLY G 62 -47.11 2.33 -77.05
N PHE G 63 -46.59 3.42 -76.51
CA PHE G 63 -46.09 4.53 -77.32
C PHE G 63 -44.84 4.10 -78.08
N LYS G 64 -44.72 4.59 -79.31
CA LYS G 64 -43.55 4.40 -80.17
C LYS G 64 -43.14 5.77 -80.70
N LEU G 65 -41.85 6.00 -80.93
CA LEU G 65 -41.34 7.31 -81.36
C LEU G 65 -42.00 7.84 -82.64
N ARG G 66 -42.28 6.93 -83.59
CA ARG G 66 -43.05 7.24 -84.82
C ARG G 66 -44.28 8.12 -84.56
N GLU G 67 -44.97 7.84 -83.46
CA GLU G 67 -46.22 8.50 -83.13
C GLU G 67 -46.06 9.97 -82.73
N ALA G 68 -44.90 10.35 -82.21
CA ALA G 68 -44.63 11.76 -81.92
C ALA G 68 -44.63 12.57 -83.20
N PHE G 69 -43.90 12.09 -84.21
CA PHE G 69 -43.83 12.78 -85.50
C PHE G 69 -45.16 12.77 -86.24
N TRP G 70 -45.98 11.74 -85.99
CA TRP G 70 -47.36 11.70 -86.49
C TRP G 70 -48.19 12.83 -85.88
N ILE G 71 -48.08 13.04 -84.57
CA ILE G 71 -48.83 14.11 -83.90
C ILE G 71 -48.51 15.47 -84.52
N VAL G 72 -47.23 15.71 -84.84
CA VAL G 72 -46.79 17.01 -85.39
C VAL G 72 -47.27 17.18 -86.83
N LYS G 73 -47.07 16.17 -87.67
CA LYS G 73 -47.51 16.17 -89.07
C LYS G 73 -49.01 16.43 -89.20
N GLU G 74 -49.79 15.81 -88.31
CA GLU G 74 -51.24 15.92 -88.31
C GLU G 74 -51.72 17.25 -87.75
N PHE G 75 -51.00 17.76 -86.75
CA PHE G 75 -51.21 19.11 -86.21
C PHE G 75 -50.93 20.17 -87.29
N ARG G 76 -49.82 19.98 -88.00
CA ARG G 76 -49.40 20.88 -89.08
C ARG G 76 -50.39 21.07 -90.24
N ARG G 77 -51.27 20.09 -90.46
CA ARG G 77 -52.35 20.23 -91.44
C ARG G 77 -53.33 21.36 -91.11
N HIS G 78 -53.51 21.66 -89.82
CA HIS G 78 -54.42 22.72 -89.37
C HIS G 78 -53.73 24.03 -89.00
N SER G 79 -52.61 23.93 -88.30
CA SER G 79 -51.96 25.09 -87.67
C SER G 79 -50.46 25.14 -87.94
N SER G 80 -49.91 26.35 -88.00
CA SER G 80 -48.45 26.55 -88.08
C SER G 80 -47.86 27.15 -86.79
N THR G 81 -48.53 26.90 -85.66
CA THR G 81 -48.04 27.32 -84.35
C THR G 81 -46.73 26.59 -84.05
N PRO G 82 -45.67 27.32 -83.66
CA PRO G 82 -44.38 26.68 -83.39
C PRO G 82 -44.45 25.48 -82.45
N ILE G 83 -43.77 24.39 -82.82
CA ILE G 83 -43.65 23.18 -82.01
C ILE G 83 -42.20 23.05 -81.57
N VAL G 84 -42.00 22.83 -80.27
CA VAL G 84 -40.71 22.47 -79.71
C VAL G 84 -40.83 21.04 -79.20
N LEU G 85 -39.88 20.18 -79.60
CA LEU G 85 -39.88 18.79 -79.19
C LEU G 85 -39.02 18.66 -77.94
N MET G 86 -39.61 18.18 -76.85
CA MET G 86 -38.87 17.99 -75.60
C MET G 86 -38.59 16.51 -75.40
N THR G 87 -37.31 16.15 -75.42
CA THR G 87 -36.88 14.76 -75.43
C THR G 87 -35.56 14.53 -74.70
N TYR G 88 -35.37 13.28 -74.25
CA TYR G 88 -34.09 12.84 -73.73
C TYR G 88 -33.19 12.49 -74.90
N TYR G 89 -31.90 12.27 -74.62
CA TYR G 89 -30.89 12.17 -75.67
C TYR G 89 -30.84 10.81 -76.36
N ASN G 90 -31.20 9.72 -75.69
CA ASN G 90 -31.03 8.38 -76.26
C ASN G 90 -31.76 8.15 -77.59
N PRO G 91 -33.04 8.57 -77.69
CA PRO G 91 -33.74 8.44 -78.97
C PRO G 91 -33.02 9.09 -80.14
N ILE G 92 -32.38 10.23 -79.88
CA ILE G 92 -31.58 10.95 -80.85
C ILE G 92 -30.28 10.19 -81.16
N TYR G 93 -29.59 9.76 -80.10
CA TYR G 93 -28.34 9.03 -80.21
C TYR G 93 -28.49 7.71 -80.97
N ARG G 94 -29.59 7.00 -80.75
CA ARG G 94 -29.89 5.76 -81.48
C ARG G 94 -30.14 5.98 -82.97
N ALA G 95 -31.02 6.94 -83.27
CA ALA G 95 -31.38 7.27 -84.64
C ALA G 95 -30.23 7.88 -85.45
N GLY G 96 -29.33 8.57 -84.77
CA GLY G 96 -28.33 9.43 -85.39
C GLY G 96 -28.82 10.86 -85.28
N VAL G 97 -27.96 11.75 -84.80
CA VAL G 97 -28.34 13.14 -84.55
C VAL G 97 -28.94 13.79 -85.81
N ARG G 98 -28.26 13.65 -86.93
CA ARG G 98 -28.72 14.26 -88.19
C ARG G 98 -30.05 13.65 -88.66
N ASN G 99 -30.15 12.32 -88.64
CA ASN G 99 -31.37 11.61 -89.03
C ASN G 99 -32.58 12.06 -88.23
N PHE G 100 -32.40 12.12 -86.90
CA PHE G 100 -33.46 12.51 -85.98
C PHE G 100 -33.93 13.94 -86.24
N LEU G 101 -32.98 14.88 -86.27
CA LEU G 101 -33.30 16.29 -86.49
C LEU G 101 -33.92 16.55 -87.87
N ALA G 102 -33.43 15.83 -88.88
CA ALA G 102 -34.01 15.87 -90.22
C ALA G 102 -35.44 15.35 -90.27
N GLU G 103 -35.70 14.26 -89.55
CA GLU G 103 -37.05 13.70 -89.45
C GLU G 103 -37.98 14.63 -88.68
N ALA G 104 -37.46 15.26 -87.64
CA ALA G 104 -38.22 16.24 -86.86
C ALA G 104 -38.63 17.42 -87.74
N LYS G 105 -37.64 18.01 -88.40
CA LYS G 105 -37.86 19.15 -89.31
C LYS G 105 -38.91 18.84 -90.39
N ALA G 106 -38.83 17.65 -90.97
CA ALA G 106 -39.77 17.21 -92.00
C ALA G 106 -41.21 17.10 -91.49
N SER G 107 -41.37 16.80 -90.20
CA SER G 107 -42.70 16.76 -89.59
C SER G 107 -43.30 18.14 -89.37
N GLY G 108 -42.45 19.15 -89.21
CA GLY G 108 -42.86 20.51 -88.87
C GLY G 108 -42.46 20.95 -87.49
N VAL G 109 -41.47 20.27 -86.91
CA VAL G 109 -40.92 20.66 -85.62
C VAL G 109 -40.00 21.85 -85.87
N ASP G 110 -40.17 22.91 -85.07
CA ASP G 110 -39.42 24.15 -85.24
C ASP G 110 -38.19 24.23 -84.34
N GLY G 111 -38.33 23.78 -83.10
CA GLY G 111 -37.23 23.71 -82.16
C GLY G 111 -37.19 22.43 -81.36
N ILE G 112 -36.16 22.29 -80.54
CA ILE G 112 -35.92 21.06 -79.78
C ILE G 112 -35.12 21.34 -78.52
N LEU G 113 -35.51 20.67 -77.43
CA LEU G 113 -34.81 20.72 -76.16
C LEU G 113 -34.44 19.29 -75.77
N VAL G 114 -33.13 19.02 -75.70
CA VAL G 114 -32.62 17.75 -75.23
C VAL G 114 -32.35 17.88 -73.73
N VAL G 115 -33.19 17.24 -72.92
CA VAL G 115 -33.25 17.52 -71.47
C VAL G 115 -31.97 17.13 -70.73
N ASP G 116 -31.34 16.02 -71.16
CA ASP G 116 -30.17 15.47 -70.46
C ASP G 116 -28.89 15.56 -71.30
N LEU G 117 -28.80 16.59 -72.15
CA LEU G 117 -27.62 16.89 -72.93
C LEU G 117 -27.10 18.26 -72.49
N PRO G 118 -26.12 18.29 -71.56
CA PRO G 118 -25.53 19.54 -71.08
C PRO G 118 -24.85 20.34 -72.17
N VAL G 119 -24.53 21.59 -71.83
CA VAL G 119 -24.03 22.55 -72.81
C VAL G 119 -22.67 22.10 -73.37
N PHE G 120 -21.86 21.51 -72.50
CA PHE G 120 -20.52 21.01 -72.85
C PHE G 120 -20.49 19.64 -73.55
N HIS G 121 -21.65 19.05 -73.81
CA HIS G 121 -21.76 17.91 -74.73
C HIS G 121 -22.63 18.23 -75.94
N ALA G 122 -22.92 19.51 -76.19
CA ALA G 122 -23.90 19.90 -77.19
C ALA G 122 -23.37 20.67 -78.40
N LYS G 123 -22.05 20.84 -78.51
CA LYS G 123 -21.47 21.59 -79.64
C LYS G 123 -21.88 20.95 -80.97
N GLU G 124 -21.71 19.64 -81.09
CA GLU G 124 -22.06 18.91 -82.32
C GLU G 124 -23.58 18.93 -82.59
N PHE G 125 -24.38 18.81 -81.54
CA PHE G 125 -25.83 18.84 -81.66
C PHE G 125 -26.35 20.17 -82.22
N THR G 126 -25.84 21.28 -81.67
CA THR G 126 -26.24 22.62 -82.10
C THR G 126 -25.78 22.93 -83.53
N GLU G 127 -24.66 22.33 -83.93
CA GLU G 127 -24.10 22.50 -85.27
C GLU G 127 -25.01 21.83 -86.30
N ILE G 128 -25.32 20.56 -86.05
CA ILE G 128 -26.21 19.79 -86.93
C ILE G 128 -27.64 20.35 -86.89
N ALA G 129 -28.08 20.82 -85.72
CA ALA G 129 -29.39 21.46 -85.59
C ALA G 129 -29.53 22.66 -86.51
N ARG G 130 -28.54 23.55 -86.49
CA ARG G 130 -28.57 24.75 -87.35
C ARG G 130 -28.57 24.36 -88.82
N GLU G 131 -27.74 23.38 -89.18
CA GLU G 131 -27.68 22.85 -90.55
C GLU G 131 -29.03 22.29 -91.03
N GLU G 132 -29.75 21.59 -90.15
CA GLU G 132 -31.02 20.97 -90.50
C GLU G 132 -32.24 21.87 -90.27
N GLY G 133 -32.02 23.11 -89.84
CA GLY G 133 -33.10 24.09 -89.70
C GLY G 133 -33.93 23.94 -88.44
N ILE G 134 -33.32 23.40 -87.39
CA ILE G 134 -33.96 23.22 -86.10
C ILE G 134 -33.38 24.22 -85.11
N LYS G 135 -34.25 25.00 -84.47
CA LYS G 135 -33.82 25.93 -83.44
C LYS G 135 -33.52 25.17 -82.15
N THR G 136 -32.47 25.60 -81.45
CA THR G 136 -32.05 24.97 -80.21
C THR G 136 -32.70 25.62 -79.01
N VAL G 137 -33.02 24.81 -78.01
CA VAL G 137 -33.53 25.29 -76.74
C VAL G 137 -32.71 24.59 -75.65
N PHE G 138 -32.13 25.41 -74.76
CA PHE G 138 -31.39 24.92 -73.60
C PHE G 138 -32.02 25.49 -72.36
N LEU G 139 -31.99 24.72 -71.27
CA LEU G 139 -32.60 25.20 -70.04
C LEU G 139 -31.57 25.67 -69.03
N ALA G 140 -32.04 26.49 -68.08
CA ALA G 140 -31.24 27.00 -66.97
C ALA G 140 -32.03 26.89 -65.66
N ALA G 141 -31.30 26.73 -64.55
CA ALA G 141 -31.90 26.60 -63.22
C ALA G 141 -31.42 27.75 -62.32
N PRO G 142 -32.02 27.91 -61.12
CA PRO G 142 -31.54 28.94 -60.20
C PRO G 142 -30.08 28.79 -59.79
N ASN G 143 -29.64 27.55 -59.56
CA ASN G 143 -28.24 27.26 -59.23
C ASN G 143 -27.23 27.44 -60.38
N THR G 144 -27.72 27.62 -61.60
CA THR G 144 -26.87 27.89 -62.78
C THR G 144 -26.12 29.21 -62.60
N PRO G 145 -24.77 29.18 -62.59
CA PRO G 145 -24.03 30.44 -62.46
C PRO G 145 -24.21 31.35 -63.67
N ASP G 146 -23.86 32.62 -63.49
CA ASP G 146 -23.91 33.60 -64.58
C ASP G 146 -22.96 33.26 -65.72
N GLU G 147 -21.80 32.67 -65.39
CA GLU G 147 -20.85 32.20 -66.40
C GLU G 147 -21.51 31.24 -67.41
N ARG G 148 -22.15 30.19 -66.93
CA ARG G 148 -22.84 29.21 -67.80
C ARG G 148 -24.08 29.79 -68.48
N LEU G 149 -24.81 30.64 -67.78
CA LEU G 149 -26.01 31.26 -68.35
C LEU G 149 -25.70 32.05 -69.63
N LYS G 150 -24.53 32.67 -69.70
CA LYS G 150 -24.06 33.32 -70.94
C LYS G 150 -23.74 32.30 -72.04
N VAL G 151 -23.14 31.17 -71.66
CA VAL G 151 -22.81 30.10 -72.62
C VAL G 151 -24.07 29.39 -73.12
N ILE G 152 -25.02 29.15 -72.21
CA ILE G 152 -26.36 28.66 -72.55
C ILE G 152 -27.00 29.55 -73.61
N ASP G 153 -26.99 30.86 -73.37
CA ASP G 153 -27.56 31.84 -74.29
C ASP G 153 -26.87 31.85 -75.66
N ASP G 154 -25.53 31.76 -75.66
CA ASP G 154 -24.75 31.71 -76.92
C ASP G 154 -25.16 30.58 -77.84
N MET G 155 -25.42 29.40 -77.26
CA MET G 155 -25.82 28.23 -78.04
C MET G 155 -27.32 28.19 -78.39
N THR G 156 -28.14 28.96 -77.66
CA THR G 156 -29.58 29.02 -77.89
C THR G 156 -29.94 29.86 -79.13
N THR G 157 -30.67 29.26 -80.06
CA THR G 157 -31.23 29.97 -81.22
C THR G 157 -32.76 30.05 -81.22
N GLY G 158 -33.40 29.43 -80.23
CA GLY G 158 -34.86 29.44 -80.08
C GLY G 158 -35.26 30.29 -78.88
N PHE G 159 -35.18 29.69 -77.69
CA PHE G 159 -35.38 30.42 -76.44
C PHE G 159 -34.75 29.69 -75.27
N VAL G 160 -34.33 30.45 -74.27
CA VAL G 160 -33.81 29.88 -73.03
C VAL G 160 -35.01 29.50 -72.16
N TYR G 161 -34.97 28.28 -71.63
CA TYR G 161 -36.08 27.72 -70.84
C TYR G 161 -35.68 27.73 -69.37
N LEU G 162 -36.27 28.62 -68.58
CA LEU G 162 -35.99 28.70 -67.16
C LEU G 162 -36.91 27.75 -66.40
N VAL G 163 -36.36 27.09 -65.37
CA VAL G 163 -37.11 26.14 -64.54
C VAL G 163 -36.75 26.30 -63.06
N SER G 164 -37.70 25.99 -62.18
CA SER G 164 -37.49 26.10 -60.73
C SER G 164 -36.93 24.80 -60.13
N LEU G 165 -36.79 24.76 -58.81
CA LEU G 165 -36.28 23.58 -58.07
C LEU G 165 -37.36 22.73 -57.38
N TYR G 166 -38.64 23.02 -57.59
CA TYR G 166 -39.72 22.27 -56.92
C TYR G 166 -41.07 22.47 -57.61
N GLU G 174 -47.51 28.95 -54.29
CA GLU G 174 -46.85 30.25 -54.48
C GLU G 174 -45.48 30.05 -55.13
N ILE G 175 -45.11 30.97 -56.02
CA ILE G 175 -43.86 30.87 -56.78
C ILE G 175 -42.67 31.20 -55.87
N PRO G 176 -41.58 30.41 -55.91
CA PRO G 176 -40.40 30.71 -55.09
C PRO G 176 -39.73 32.05 -55.42
N LYS G 177 -39.12 32.67 -54.41
CA LYS G 177 -38.29 33.88 -54.60
C LYS G 177 -37.05 33.57 -55.43
N THR G 178 -36.47 32.39 -55.21
CA THR G 178 -35.33 31.89 -56.00
C THR G 178 -35.61 31.74 -57.51
N ALA G 179 -36.87 31.51 -57.87
CA ALA G 179 -37.28 31.42 -59.27
C ALA G 179 -37.30 32.79 -59.94
N TYR G 180 -37.86 33.78 -59.25
CA TYR G 180 -37.86 35.18 -59.72
C TYR G 180 -36.44 35.75 -59.86
N ASP G 181 -35.56 35.36 -58.94
CA ASP G 181 -34.14 35.72 -59.03
C ASP G 181 -33.51 35.24 -60.34
N LEU G 182 -33.84 34.02 -60.75
CA LEU G 182 -33.35 33.45 -62.01
C LEU G 182 -33.84 34.23 -63.23
N LEU G 183 -35.11 34.61 -63.22
CA LEU G 183 -35.70 35.39 -64.31
C LEU G 183 -35.08 36.79 -64.43
N ARG G 184 -34.89 37.47 -63.30
CA ARG G 184 -34.31 38.82 -63.28
C ARG G 184 -32.90 38.80 -63.85
N ARG G 185 -32.11 37.81 -63.44
CA ARG G 185 -30.75 37.59 -63.98
C ARG G 185 -30.75 37.18 -65.45
N ALA G 186 -31.71 36.34 -65.85
CA ALA G 186 -31.78 35.85 -67.23
C ALA G 186 -32.14 36.97 -68.21
N LYS G 187 -33.14 37.76 -67.87
CA LYS G 187 -33.51 38.93 -68.67
C LYS G 187 -32.35 39.93 -68.77
N ARG G 188 -31.59 40.07 -67.69
CA ARG G 188 -30.41 40.92 -67.68
C ARG G 188 -29.32 40.43 -68.65
N ILE G 189 -29.07 39.11 -68.67
CA ILE G 189 -27.93 38.53 -69.40
C ILE G 189 -28.28 38.10 -70.83
N CYS G 190 -29.43 37.44 -71.01
CA CYS G 190 -29.72 36.77 -72.28
C CYS G 190 -30.22 37.71 -73.39
N ARG G 191 -29.66 37.53 -74.59
CA ARG G 191 -30.18 38.16 -75.81
C ARG G 191 -31.42 37.42 -76.32
N ASN G 192 -31.41 36.09 -76.23
CA ASN G 192 -32.57 35.27 -76.59
C ASN G 192 -33.78 35.55 -75.72
N LYS G 193 -34.94 35.19 -76.26
CA LYS G 193 -36.18 35.23 -75.49
C LYS G 193 -36.12 34.14 -74.41
N VAL G 194 -36.91 34.35 -73.37
CA VAL G 194 -36.89 33.49 -72.20
C VAL G 194 -38.29 32.92 -71.97
N ALA G 195 -38.36 31.62 -71.68
CA ALA G 195 -39.60 30.95 -71.30
C ALA G 195 -39.47 30.41 -69.89
N VAL G 196 -40.55 30.49 -69.12
CA VAL G 196 -40.53 30.13 -67.70
C VAL G 196 -41.53 29.02 -67.39
N GLY G 197 -41.01 27.91 -66.84
CA GLY G 197 -41.84 26.80 -66.37
C GLY G 197 -41.65 26.64 -64.87
N PHE G 198 -42.30 27.52 -64.10
CA PHE G 198 -42.17 27.52 -62.65
C PHE G 198 -43.38 26.92 -61.93
N GLY G 199 -44.10 26.00 -62.59
CA GLY G 199 -45.23 25.31 -61.96
C GLY G 199 -46.44 26.20 -61.70
N VAL G 200 -46.90 26.86 -62.76
CA VAL G 200 -48.05 27.75 -62.68
C VAL G 200 -49.33 26.94 -62.41
N SER G 201 -50.11 27.37 -61.41
CA SER G 201 -51.43 26.82 -61.13
C SER G 201 -52.60 27.82 -61.24
N LYS G 202 -52.32 29.13 -61.25
CA LYS G 202 -53.37 30.16 -61.14
C LYS G 202 -52.98 31.51 -61.77
N ARG G 203 -53.99 32.30 -62.13
CA ARG G 203 -53.83 33.54 -62.91
C ARG G 203 -52.92 34.60 -62.25
N GLU G 204 -52.88 34.61 -60.92
CA GLU G 204 -51.92 35.42 -60.17
C GLU G 204 -50.50 35.26 -60.72
N HIS G 205 -50.11 34.02 -60.96
CA HIS G 205 -48.75 33.69 -61.40
C HIS G 205 -48.45 34.11 -62.85
N VAL G 206 -49.44 34.01 -63.74
CA VAL G 206 -49.21 34.33 -65.16
C VAL G 206 -48.98 35.82 -65.36
N VAL G 207 -49.76 36.65 -64.67
CA VAL G 207 -49.61 38.11 -64.74
C VAL G 207 -48.29 38.53 -64.09
N SER G 208 -48.00 37.95 -62.93
CA SER G 208 -46.77 38.23 -62.17
C SER G 208 -45.52 37.96 -63.00
N LEU G 209 -45.43 36.78 -63.61
CA LEU G 209 -44.25 36.37 -64.38
C LEU G 209 -44.06 37.17 -65.67
N LEU G 210 -45.16 37.53 -66.32
CA LEU G 210 -45.11 38.39 -67.51
C LEU G 210 -44.63 39.79 -67.14
N LYS G 211 -45.22 40.37 -66.09
CA LYS G 211 -44.81 41.67 -65.57
C LYS G 211 -43.31 41.74 -65.26
N GLU G 212 -42.77 40.68 -64.65
CA GLU G 212 -41.35 40.61 -64.31
C GLU G 212 -40.41 40.23 -65.47
N GLY G 213 -40.90 40.31 -66.71
CA GLY G 213 -40.05 40.32 -67.91
C GLY G 213 -40.09 39.09 -68.80
N ALA G 214 -40.76 38.03 -68.40
CA ALA G 214 -40.73 36.75 -69.14
C ALA G 214 -41.52 36.84 -70.43
N ASN G 215 -40.93 36.34 -71.52
CA ASN G 215 -41.58 36.39 -72.84
C ASN G 215 -42.72 35.40 -72.93
N GLY G 216 -42.42 34.14 -72.62
CA GLY G 216 -43.40 33.06 -72.61
C GLY G 216 -43.52 32.43 -71.24
N VAL G 217 -44.72 31.98 -70.91
CA VAL G 217 -45.00 31.28 -69.66
C VAL G 217 -45.49 29.87 -70.02
N VAL G 218 -44.77 28.86 -69.54
CA VAL G 218 -45.07 27.47 -69.87
C VAL G 218 -46.01 26.90 -68.81
N VAL G 219 -47.10 26.28 -69.28
CA VAL G 219 -48.03 25.55 -68.44
C VAL G 219 -47.93 24.10 -68.86
N GLY G 220 -47.39 23.27 -67.96
CA GLY G 220 -47.23 21.83 -68.19
C GLY G 220 -47.98 21.00 -67.17
N SER G 221 -47.47 21.01 -65.94
CA SER G 221 -48.01 20.17 -64.87
C SER G 221 -49.50 20.37 -64.59
N ALA G 222 -49.96 21.62 -64.62
CA ALA G 222 -51.38 21.94 -64.40
C ALA G 222 -52.31 21.34 -65.45
N LEU G 223 -51.81 21.20 -66.68
CA LEU G 223 -52.56 20.56 -67.77
C LEU G 223 -52.36 19.04 -67.79
N VAL G 224 -51.13 18.60 -67.51
CA VAL G 224 -50.81 17.17 -67.49
C VAL G 224 -51.52 16.46 -66.33
N LYS G 225 -51.68 17.14 -65.19
CA LYS G 225 -52.45 16.61 -64.06
C LYS G 225 -53.92 16.34 -64.43
N ILE G 226 -54.50 17.23 -65.24
CA ILE G 226 -55.86 17.06 -65.74
C ILE G 226 -55.96 15.86 -66.69
N ILE G 227 -54.97 15.72 -67.57
CA ILE G 227 -54.91 14.60 -68.53
C ILE G 227 -54.74 13.27 -67.80
N GLY G 228 -54.06 13.29 -66.66
CA GLY G 228 -53.99 12.13 -65.77
C GLY G 228 -55.33 11.74 -65.18
N GLU G 229 -56.08 12.74 -64.72
CA GLU G 229 -57.39 12.52 -64.10
C GLU G 229 -58.49 12.18 -65.10
N LYS G 230 -58.51 12.89 -66.22
CA LYS G 230 -59.60 12.80 -67.19
C LYS G 230 -59.34 11.92 -68.41
N GLY G 231 -58.08 11.66 -68.74
CA GLY G 231 -57.73 10.82 -69.88
C GLY G 231 -58.26 11.40 -71.18
N ARG G 232 -58.95 10.58 -71.96
CA ARG G 232 -59.52 10.99 -73.24
C ARG G 232 -60.50 12.17 -73.17
N GLU G 233 -61.12 12.37 -72.01
CA GLU G 233 -62.17 13.38 -71.82
C GLU G 233 -61.63 14.75 -71.37
N ALA G 234 -60.30 14.91 -71.36
CA ALA G 234 -59.67 16.09 -70.76
C ALA G 234 -59.88 17.40 -71.52
N THR G 235 -60.01 17.31 -72.85
CA THR G 235 -60.10 18.46 -73.74
C THR G 235 -60.86 19.68 -73.23
N GLU G 236 -62.07 19.44 -72.72
CA GLU G 236 -62.95 20.51 -72.26
C GLU G 236 -62.48 21.07 -70.92
N PHE G 237 -61.92 20.21 -70.08
CA PHE G 237 -61.38 20.62 -68.79
C PHE G 237 -60.03 21.34 -68.95
N LEU G 238 -59.28 20.99 -70.00
CA LEU G 238 -58.06 21.70 -70.36
C LEU G 238 -58.32 23.12 -70.83
N LYS G 239 -59.31 23.30 -71.71
CA LYS G 239 -59.68 24.63 -72.20
C LYS G 239 -60.05 25.58 -71.06
N LYS G 240 -60.81 25.06 -70.10
CA LYS G 240 -61.22 25.84 -68.92
C LYS G 240 -60.03 26.30 -68.08
N LYS G 241 -59.00 25.46 -67.98
CA LYS G 241 -57.79 25.80 -67.22
C LYS G 241 -56.93 26.86 -67.93
N VAL G 242 -56.75 26.71 -69.24
CA VAL G 242 -55.99 27.68 -70.02
C VAL G 242 -56.74 29.02 -70.10
N GLU G 243 -58.06 28.96 -70.24
CA GLU G 243 -58.91 30.16 -70.16
C GLU G 243 -58.80 30.86 -68.80
N GLU G 244 -58.73 30.07 -67.72
CA GLU G 244 -58.53 30.60 -66.36
C GLU G 244 -57.19 31.32 -66.24
N LEU G 245 -56.13 30.65 -66.68
CA LEU G 245 -54.77 31.20 -66.61
C LEU G 245 -54.52 32.37 -67.55
N LEU G 246 -55.34 32.50 -68.60
CA LEU G 246 -55.33 33.70 -69.45
C LEU G 246 -56.23 34.82 -68.92
N GLY G 247 -57.13 34.48 -68.00
CA GLY G 247 -58.04 35.46 -67.39
C GLY G 247 -59.15 35.86 -68.35
N ILE G 248 -59.76 34.87 -68.99
CA ILE G 248 -60.87 35.09 -69.93
C ILE G 248 -61.93 34.01 -69.73
N MET H 1 -14.04 12.32 -67.06
CA MET H 1 -15.39 11.71 -67.24
C MET H 1 -15.50 10.65 -68.35
N TRP H 2 -14.53 10.61 -69.25
CA TRP H 2 -14.57 9.72 -70.41
C TRP H 2 -13.66 8.52 -70.19
N PHE H 3 -14.23 7.33 -70.35
CA PHE H 3 -13.47 6.10 -70.48
C PHE H 3 -13.61 5.73 -71.95
N GLY H 4 -12.68 6.21 -72.77
CA GLY H 4 -12.81 6.11 -74.22
C GLY H 4 -14.01 6.90 -74.69
N GLU H 5 -14.92 6.25 -75.42
CA GLU H 5 -16.16 6.88 -75.88
C GLU H 5 -17.29 6.91 -74.83
N PHE H 6 -17.12 6.18 -73.72
CA PHE H 6 -18.17 5.97 -72.72
C PHE H 6 -18.01 6.86 -71.48
N GLY H 7 -19.12 7.07 -70.78
CA GLY H 7 -19.16 7.84 -69.54
C GLY H 7 -19.91 9.15 -69.68
N GLY H 8 -19.26 10.25 -69.34
CA GLY H 8 -19.87 11.58 -69.43
C GLY H 8 -20.79 11.92 -68.27
N GLN H 9 -21.59 12.96 -68.48
CA GLN H 9 -22.31 13.67 -67.45
C GLN H 9 -23.68 14.12 -68.01
N TYR H 10 -24.38 13.17 -68.63
CA TYR H 10 -25.60 13.44 -69.37
C TYR H 10 -26.78 13.63 -68.41
N VAL H 11 -26.83 14.81 -67.82
CA VAL H 11 -27.88 15.16 -66.85
C VAL H 11 -28.50 16.51 -67.19
N PRO H 12 -29.68 16.80 -66.63
CA PRO H 12 -30.26 18.14 -66.75
C PRO H 12 -29.42 19.19 -66.04
N GLU H 13 -29.65 20.45 -66.40
CA GLU H 13 -28.93 21.59 -65.84
C GLU H 13 -29.07 21.67 -64.31
N THR H 14 -30.22 21.26 -63.79
CA THR H 14 -30.49 21.21 -62.36
C THR H 14 -29.49 20.37 -61.55
N LEU H 15 -28.97 19.31 -62.17
CA LEU H 15 -27.99 18.42 -61.53
C LEU H 15 -26.52 18.80 -61.76
N ILE H 16 -26.24 19.82 -62.55
CA ILE H 16 -24.86 20.15 -62.93
C ILE H 16 -24.07 20.72 -61.75
N GLU H 17 -24.60 21.76 -61.13
CA GLU H 17 -23.89 22.44 -60.03
C GLU H 17 -23.63 21.57 -58.80
N PRO H 18 -24.55 20.65 -58.45
CA PRO H 18 -24.22 19.62 -57.46
C PRO H 18 -23.02 18.74 -57.84
N LEU H 19 -23.00 18.28 -59.09
CA LEU H 19 -21.92 17.41 -59.57
C LEU H 19 -20.58 18.14 -59.68
N LYS H 20 -20.63 19.42 -60.08
CA LYS H 20 -19.44 20.27 -60.10
C LYS H 20 -18.84 20.44 -58.70
N GLU H 21 -19.70 20.73 -57.72
CA GLU H 21 -19.31 20.77 -56.30
C GLU H 21 -18.68 19.47 -55.81
N LEU H 22 -19.25 18.35 -56.23
CA LEU H 22 -18.73 17.03 -55.88
C LEU H 22 -17.38 16.74 -56.52
N GLU H 23 -17.15 17.20 -57.75
CA GLU H 23 -15.87 17.03 -58.43
C GLU H 23 -14.75 17.75 -57.67
N LYS H 24 -14.99 19.03 -57.37
CA LYS H 24 -14.04 19.87 -56.62
C LYS H 24 -13.67 19.26 -55.27
N ALA H 25 -14.70 18.85 -54.51
CA ALA H 25 -14.52 18.18 -53.23
C ALA H 25 -13.66 16.93 -53.36
N TYR H 26 -14.00 16.08 -54.32
CA TYR H 26 -13.25 14.84 -54.52
C TYR H 26 -11.81 15.10 -54.98
N LYS H 27 -11.60 16.08 -55.85
CA LYS H 27 -10.25 16.46 -56.27
C LYS H 27 -9.41 16.94 -55.08
N ARG H 28 -10.04 17.69 -54.17
CA ARG H 28 -9.39 18.20 -52.97
C ARG H 28 -9.03 17.08 -52.00
N PHE H 29 -10.04 16.32 -51.58
CA PHE H 29 -9.89 15.35 -50.49
C PHE H 29 -9.35 13.96 -50.88
N LYS H 30 -9.43 13.57 -52.15
CA LYS H 30 -8.95 12.26 -52.61
C LYS H 30 -7.58 11.89 -52.03
N ASP H 31 -6.61 12.80 -52.17
CA ASP H 31 -5.24 12.56 -51.71
C ASP H 31 -4.90 13.25 -50.38
N ASP H 32 -5.88 13.88 -49.74
CA ASP H 32 -5.68 14.61 -48.48
C ASP H 32 -5.26 13.64 -47.37
N GLU H 33 -4.22 14.02 -46.64
CA GLU H 33 -3.64 13.18 -45.59
C GLU H 33 -4.68 12.82 -44.53
N GLU H 34 -5.44 13.82 -44.09
CA GLU H 34 -6.45 13.64 -43.04
C GLU H 34 -7.69 12.86 -43.51
N PHE H 35 -8.12 13.06 -44.77
CA PHE H 35 -9.23 12.29 -45.33
C PHE H 35 -8.91 10.79 -45.37
N ASN H 36 -7.73 10.46 -45.89
CA ASN H 36 -7.28 9.07 -45.98
C ASN H 36 -6.95 8.41 -44.63
N ARG H 37 -6.47 9.19 -43.67
CA ARG H 37 -6.21 8.70 -42.31
C ARG H 37 -7.51 8.24 -41.64
N GLN H 38 -8.55 9.07 -41.76
CA GLN H 38 -9.90 8.73 -41.27
C GLN H 38 -10.53 7.58 -42.04
N LEU H 39 -10.33 7.55 -43.36
CA LEU H 39 -10.87 6.49 -44.21
C LEU H 39 -10.28 5.13 -43.84
N ASN H 40 -8.96 5.07 -43.69
CA ASN H 40 -8.27 3.85 -43.30
C ASN H 40 -8.60 3.41 -41.87
N TYR H 41 -8.73 4.37 -40.95
CA TYR H 41 -9.16 4.11 -39.57
C TYR H 41 -10.52 3.41 -39.51
N TYR H 42 -11.48 3.91 -40.28
CA TYR H 42 -12.82 3.32 -40.31
C TYR H 42 -12.88 1.98 -41.05
N LEU H 43 -12.15 1.87 -42.16
CA LEU H 43 -12.04 0.60 -42.88
C LEU H 43 -11.40 -0.50 -42.04
N LYS H 44 -10.46 -0.13 -41.16
CA LYS H 44 -9.76 -1.09 -40.31
C LYS H 44 -10.58 -1.50 -39.08
N THR H 45 -10.95 -0.52 -38.25
CA THR H 45 -11.57 -0.79 -36.95
C THR H 45 -13.06 -1.14 -37.06
N TRP H 46 -13.80 -0.41 -37.90
CA TRP H 46 -15.25 -0.61 -38.06
C TRP H 46 -15.60 -1.68 -39.09
N ALA H 47 -15.01 -1.58 -40.28
CA ALA H 47 -15.34 -2.46 -41.41
C ALA H 47 -14.64 -3.81 -41.36
N GLY H 48 -13.43 -3.85 -40.81
CA GLY H 48 -12.67 -5.09 -40.66
C GLY H 48 -11.63 -5.36 -41.73
N ARG H 49 -11.21 -4.32 -42.45
CA ARG H 49 -10.17 -4.44 -43.46
C ARG H 49 -8.78 -4.59 -42.81
N PRO H 50 -7.88 -5.38 -43.43
CA PRO H 50 -8.03 -6.09 -44.70
C PRO H 50 -8.78 -7.41 -44.55
N THR H 51 -9.46 -7.82 -45.62
CA THR H 51 -10.07 -9.13 -45.71
C THR H 51 -9.02 -10.10 -46.23
N PRO H 52 -9.05 -11.35 -45.76
CA PRO H 52 -8.03 -12.30 -46.19
C PRO H 52 -8.20 -12.77 -47.64
N LEU H 53 -7.12 -13.31 -48.18
CA LEU H 53 -7.15 -14.00 -49.46
C LEU H 53 -7.07 -15.48 -49.12
N TYR H 54 -8.20 -16.18 -49.29
CA TYR H 54 -8.34 -17.60 -48.93
C TYR H 54 -8.01 -18.50 -50.11
N TYR H 55 -7.15 -19.51 -49.88
CA TYR H 55 -6.91 -20.56 -50.86
C TYR H 55 -7.95 -21.67 -50.73
N ALA H 56 -8.79 -21.85 -51.75
CA ALA H 56 -9.81 -22.89 -51.76
C ALA H 56 -9.18 -24.23 -52.15
N LYS H 57 -8.56 -24.88 -51.17
CA LYS H 57 -7.77 -26.10 -51.37
C LYS H 57 -8.64 -27.28 -51.77
N ARG H 58 -9.77 -27.47 -51.08
CA ARG H 58 -10.69 -28.57 -51.38
C ARG H 58 -11.31 -28.41 -52.77
N LEU H 59 -11.70 -27.18 -53.09
CA LEU H 59 -12.31 -26.87 -54.38
C LEU H 59 -11.36 -27.12 -55.56
N THR H 60 -10.09 -26.73 -55.44
CA THR H 60 -9.15 -26.94 -56.54
C THR H 60 -8.87 -28.43 -56.79
N GLU H 61 -8.74 -29.21 -55.72
CA GLU H 61 -8.57 -30.67 -55.84
C GLU H 61 -9.74 -31.33 -56.55
N LYS H 62 -10.95 -30.82 -56.30
CA LYS H 62 -12.16 -31.33 -56.94
C LYS H 62 -12.19 -31.05 -58.44
N ILE H 63 -11.98 -29.78 -58.82
CA ILE H 63 -11.92 -29.40 -60.23
C ILE H 63 -10.71 -30.06 -60.92
N GLY H 64 -9.60 -30.15 -60.21
CA GLY H 64 -8.39 -30.81 -60.70
C GLY H 64 -7.61 -30.01 -61.74
N GLY H 65 -7.68 -28.69 -61.64
CA GLY H 65 -6.94 -27.79 -62.53
C GLY H 65 -6.23 -26.71 -61.74
N ALA H 66 -6.49 -25.45 -62.11
CA ALA H 66 -5.77 -24.31 -61.56
C ALA H 66 -6.12 -24.03 -60.11
N LYS H 67 -5.21 -23.32 -59.44
CA LYS H 67 -5.39 -22.96 -58.03
C LYS H 67 -6.38 -21.83 -57.97
N ILE H 68 -7.22 -21.83 -56.94
CA ILE H 68 -8.40 -20.99 -56.87
C ILE H 68 -8.34 -20.31 -55.52
N TYR H 69 -8.15 -18.99 -55.54
CA TYR H 69 -8.14 -18.18 -54.34
C TYR H 69 -9.42 -17.36 -54.29
N LEU H 70 -9.96 -17.16 -53.10
CA LEU H 70 -11.16 -16.38 -52.89
C LEU H 70 -10.80 -15.14 -52.08
N LYS H 71 -11.00 -13.97 -52.68
CA LYS H 71 -10.85 -12.71 -51.96
C LYS H 71 -12.10 -12.56 -51.11
N ARG H 72 -11.94 -12.54 -49.79
CA ARG H 72 -13.06 -12.73 -48.86
C ARG H 72 -13.79 -11.45 -48.49
N GLU H 73 -14.38 -10.79 -49.49
CA GLU H 73 -15.21 -9.60 -49.23
C GLU H 73 -16.52 -9.93 -48.48
N ASP H 74 -16.89 -11.22 -48.44
CA ASP H 74 -17.95 -11.67 -47.54
C ASP H 74 -17.69 -11.38 -46.07
N LEU H 75 -16.43 -11.22 -45.68
CA LEU H 75 -16.06 -10.93 -44.30
C LEU H 75 -16.11 -9.46 -43.88
N VAL H 76 -16.29 -8.52 -44.81
CA VAL H 76 -16.40 -7.11 -44.43
C VAL H 76 -17.72 -6.85 -43.70
N HIS H 77 -17.72 -5.86 -42.83
CA HIS H 77 -18.88 -5.50 -42.05
C HIS H 77 -20.05 -5.19 -42.99
N GLY H 78 -21.17 -5.88 -42.79
CA GLY H 78 -22.32 -5.78 -43.68
C GLY H 78 -22.49 -7.01 -44.55
N GLY H 79 -21.38 -7.69 -44.85
CA GLY H 79 -21.39 -8.92 -45.61
C GLY H 79 -21.22 -8.72 -47.11
N ALA H 80 -20.73 -7.55 -47.51
CA ALA H 80 -20.57 -7.22 -48.92
C ALA H 80 -19.65 -6.02 -49.13
N HIS H 81 -18.88 -6.06 -50.22
CA HIS H 81 -17.97 -4.99 -50.63
C HIS H 81 -18.55 -3.56 -50.65
N1 LLP H 82 -21.93 -8.82 -54.98
C2 LLP H 82 -22.62 -8.58 -53.85
C2' LLP H 82 -22.40 -9.44 -52.64
C3 LLP H 82 -23.58 -7.45 -53.76
O3 LLP H 82 -24.27 -7.22 -52.61
C4 LLP H 82 -23.76 -6.61 -54.97
C4' LLP H 82 -24.72 -5.44 -55.01
C5 LLP H 82 -22.96 -7.01 -56.15
C6 LLP H 82 -22.07 -8.09 -56.08
C5' LLP H 82 -23.04 -6.23 -57.44
OP4 LLP H 82 -22.31 -5.04 -57.21
P LLP H 82 -21.57 -4.30 -58.41
OP1 LLP H 82 -21.45 -2.87 -57.92
OP2 LLP H 82 -20.25 -5.01 -58.64
OP3 LLP H 82 -22.52 -4.48 -59.57
N LLP H 82 -19.86 -3.45 -50.82
CA LLP H 82 -20.57 -2.17 -50.85
CB LLP H 82 -22.09 -2.40 -50.88
CG LLP H 82 -22.58 -2.84 -52.25
CD LLP H 82 -24.10 -2.92 -52.25
CE LLP H 82 -24.64 -3.32 -53.61
NZ LLP H 82 -24.81 -4.75 -53.73
C LLP H 82 -20.31 -1.24 -49.70
O LLP H 82 -20.45 -0.03 -49.84
N THR H 83 -19.95 -1.80 -48.55
CA THR H 83 -19.53 -1.03 -47.37
C THR H 83 -18.33 -0.13 -47.64
N ASN H 84 -17.36 -0.62 -48.43
CA ASN H 84 -16.16 0.14 -48.78
C ASN H 84 -16.50 1.50 -49.41
N ASN H 85 -17.38 1.46 -50.41
CA ASN H 85 -17.86 2.65 -51.10
C ASN H 85 -18.77 3.52 -50.24
N ALA H 86 -19.65 2.88 -49.47
CA ALA H 86 -20.56 3.59 -48.57
C ALA H 86 -19.79 4.43 -47.54
N ILE H 87 -18.77 3.84 -46.95
CA ILE H 87 -17.91 4.54 -45.99
C ILE H 87 -17.21 5.71 -46.68
N GLY H 88 -16.64 5.45 -47.86
CA GLY H 88 -15.88 6.45 -48.60
C GLY H 88 -16.69 7.68 -48.96
N GLN H 89 -17.87 7.47 -49.53
CA GLN H 89 -18.73 8.58 -49.95
C GLN H 89 -19.39 9.32 -48.78
N ALA H 90 -19.76 8.59 -47.74
CA ALA H 90 -20.31 9.20 -46.53
C ALA H 90 -19.25 10.04 -45.82
N LEU H 91 -18.01 9.56 -45.81
CA LEU H 91 -16.89 10.32 -45.25
C LEU H 91 -16.59 11.59 -46.06
N LEU H 92 -16.63 11.47 -47.38
CA LEU H 92 -16.48 12.62 -48.28
C LEU H 92 -17.57 13.66 -48.04
N ALA H 93 -18.80 13.20 -47.83
CA ALA H 93 -19.90 14.09 -47.45
C ALA H 93 -19.65 14.78 -46.10
N LYS H 94 -19.07 14.06 -45.14
CA LYS H 94 -18.71 14.65 -43.84
C LYS H 94 -17.71 15.79 -44.03
N PHE H 95 -16.65 15.50 -44.80
CA PHE H 95 -15.63 16.49 -45.13
C PHE H 95 -16.17 17.67 -45.95
N MET H 96 -17.17 17.44 -46.80
CA MET H 96 -17.89 18.53 -47.49
C MET H 96 -18.78 19.37 -46.56
N GLY H 97 -19.04 18.88 -45.35
CA GLY H 97 -19.87 19.59 -44.36
C GLY H 97 -21.34 19.26 -44.46
N LYS H 98 -21.67 18.08 -44.98
CA LYS H 98 -23.06 17.69 -45.22
C LYS H 98 -23.58 16.91 -44.01
N THR H 99 -24.82 17.21 -43.61
CA THR H 99 -25.45 16.59 -42.45
C THR H 99 -26.26 15.34 -42.79
N ARG H 100 -26.54 15.12 -44.08
CA ARG H 100 -27.58 14.20 -44.53
C ARG H 100 -27.13 13.37 -45.73
N LEU H 101 -27.59 12.11 -45.79
CA LEU H 101 -27.34 11.23 -46.93
C LEU H 101 -28.65 10.79 -47.54
N ILE H 102 -28.68 10.71 -48.87
CA ILE H 102 -29.78 10.06 -49.57
C ILE H 102 -29.27 9.05 -50.59
N ALA H 103 -30.08 8.02 -50.82
CA ALA H 103 -29.82 7.00 -51.83
C ALA H 103 -31.13 6.37 -52.26
N GLU H 104 -31.05 5.53 -53.29
CA GLU H 104 -32.17 4.74 -53.77
C GLU H 104 -31.79 3.28 -53.69
N THR H 105 -32.78 2.39 -53.66
CA THR H 105 -32.52 0.97 -53.55
C THR H 105 -33.65 0.12 -54.15
N GLY H 106 -33.26 -0.99 -54.79
CA GLY H 106 -34.18 -1.98 -55.34
C GLY H 106 -34.37 -3.09 -54.33
N ALA H 107 -33.32 -3.89 -54.13
CA ALA H 107 -33.35 -5.01 -53.19
C ALA H 107 -33.12 -4.64 -51.72
N GLY H 108 -32.63 -3.42 -51.46
CA GLY H 108 -32.32 -2.96 -50.11
C GLY H 108 -30.85 -3.02 -49.70
N GLN H 109 -30.02 -3.69 -50.51
CA GLN H 109 -28.63 -4.00 -50.15
C GLN H 109 -27.74 -2.76 -50.08
N HIS H 110 -27.90 -1.86 -51.05
CA HIS H 110 -27.25 -0.56 -51.00
C HIS H 110 -27.88 0.35 -49.94
N GLY H 111 -29.19 0.23 -49.77
CA GLY H 111 -29.90 0.92 -48.69
C GLY H 111 -29.30 0.64 -47.32
N VAL H 112 -29.05 -0.62 -47.02
CA VAL H 112 -28.43 -1.01 -45.75
C VAL H 112 -27.04 -0.41 -45.62
N ALA H 113 -26.23 -0.59 -46.66
CA ALA H 113 -24.86 -0.07 -46.70
C ALA H 113 -24.77 1.44 -46.44
N THR H 114 -25.72 2.18 -47.02
CA THR H 114 -25.81 3.63 -46.83
C THR H 114 -26.28 3.97 -45.40
N ALA H 115 -27.31 3.26 -44.94
CA ALA H 115 -27.82 3.42 -43.55
C ALA H 115 -26.75 3.21 -42.49
N MET H 116 -25.92 2.18 -42.68
CA MET H 116 -24.84 1.86 -41.76
C MET H 116 -23.78 2.97 -41.69
N ALA H 117 -23.38 3.47 -42.86
CA ALA H 117 -22.36 4.52 -42.92
C ALA H 117 -22.86 5.84 -42.32
N GLY H 118 -24.13 6.15 -42.55
CA GLY H 118 -24.78 7.28 -41.91
C GLY H 118 -24.92 7.14 -40.41
N ALA H 119 -25.16 5.92 -39.94
CA ALA H 119 -25.16 5.62 -38.51
C ALA H 119 -23.77 5.84 -37.91
N LEU H 120 -22.76 5.37 -38.63
CA LEU H 120 -21.35 5.50 -38.22
C LEU H 120 -20.94 6.95 -38.06
N LEU H 121 -21.22 7.76 -39.08
CA LEU H 121 -20.80 9.17 -39.09
C LEU H 121 -21.88 10.13 -38.60
N GLY H 122 -22.95 9.61 -38.01
CA GLY H 122 -23.96 10.41 -37.32
C GLY H 122 -24.82 11.28 -38.21
N MET H 123 -25.06 10.84 -39.43
CA MET H 123 -25.81 11.61 -40.41
C MET H 123 -27.24 11.14 -40.51
N LYS H 124 -28.12 12.03 -40.97
CA LYS H 124 -29.49 11.67 -41.31
C LYS H 124 -29.43 10.81 -42.57
N VAL H 125 -30.26 9.77 -42.64
CA VAL H 125 -30.36 8.94 -43.84
C VAL H 125 -31.82 8.78 -44.25
N ASP H 126 -32.17 9.36 -45.39
CA ASP H 126 -33.48 9.17 -46.00
C ASP H 126 -33.27 8.33 -47.25
N ILE H 127 -33.75 7.08 -47.22
CA ILE H 127 -33.57 6.15 -48.34
C ILE H 127 -34.88 5.98 -49.11
N TYR H 128 -34.82 6.27 -50.41
CA TYR H 128 -35.97 6.19 -51.30
C TYR H 128 -36.06 4.78 -51.90
N MET H 129 -37.27 4.22 -51.93
CA MET H 129 -37.49 2.84 -52.35
C MET H 129 -38.87 2.69 -52.99
N GLY H 130 -38.95 1.89 -54.05
CA GLY H 130 -40.22 1.56 -54.69
C GLY H 130 -41.21 0.95 -53.71
N ALA H 131 -42.49 1.23 -53.88
CA ALA H 131 -43.53 0.68 -53.00
C ALA H 131 -43.61 -0.86 -53.11
N GLU H 132 -43.48 -1.37 -54.34
CA GLU H 132 -43.43 -2.81 -54.59
C GLU H 132 -42.16 -3.46 -54.05
N ASP H 133 -41.05 -2.71 -54.04
CA ASP H 133 -39.83 -3.15 -53.40
C ASP H 133 -39.92 -3.18 -51.87
N VAL H 134 -40.65 -2.22 -51.29
CA VAL H 134 -40.89 -2.18 -49.84
C VAL H 134 -41.70 -3.41 -49.38
N GLU H 135 -42.69 -3.82 -50.18
CA GLU H 135 -43.43 -5.06 -49.91
C GLU H 135 -42.55 -6.30 -49.98
N ARG H 136 -41.73 -6.40 -51.03
CA ARG H 136 -40.88 -7.59 -51.25
C ARG H 136 -39.68 -7.72 -50.30
N GLN H 137 -39.16 -6.60 -49.78
CA GLN H 137 -37.99 -6.60 -48.92
C GLN H 137 -38.33 -6.18 -47.49
N LYS H 138 -39.16 -6.98 -46.81
CA LYS H 138 -39.58 -6.70 -45.44
C LYS H 138 -38.39 -6.50 -44.49
N MET H 139 -37.39 -7.38 -44.58
CA MET H 139 -36.25 -7.38 -43.64
C MET H 139 -35.22 -6.29 -43.86
N ASN H 140 -34.81 -6.07 -45.11
CA ASN H 140 -33.86 -5.00 -45.43
C ASN H 140 -34.43 -3.62 -45.09
N VAL H 141 -35.75 -3.45 -45.23
CA VAL H 141 -36.45 -2.25 -44.79
C VAL H 141 -36.36 -2.09 -43.27
N PHE H 142 -36.58 -3.19 -42.55
CA PHE H 142 -36.43 -3.20 -41.10
C PHE H 142 -34.98 -2.96 -40.68
N ARG H 143 -34.05 -3.55 -41.42
CA ARG H 143 -32.61 -3.39 -41.15
C ARG H 143 -32.22 -1.91 -41.22
N MET H 144 -32.64 -1.25 -42.29
CA MET H 144 -32.45 0.19 -42.44
C MET H 144 -33.05 0.99 -41.29
N LYS H 145 -34.28 0.66 -40.90
CA LYS H 145 -34.94 1.34 -39.78
C LYS H 145 -34.19 1.13 -38.46
N LEU H 146 -33.64 -0.06 -38.22
CA LEU H 146 -32.79 -0.30 -37.05
C LEU H 146 -31.58 0.64 -37.01
N LEU H 147 -30.99 0.84 -38.19
CA LEU H 147 -29.80 1.67 -38.35
C LEU H 147 -30.03 3.19 -38.33
N GLY H 148 -31.26 3.64 -38.09
CA GLY H 148 -31.57 5.06 -37.92
C GLY H 148 -32.08 5.75 -39.18
N ALA H 149 -32.00 5.08 -40.33
CA ALA H 149 -32.50 5.61 -41.58
C ALA H 149 -34.01 5.53 -41.59
N ASN H 150 -34.67 6.47 -42.27
CA ASN H 150 -36.10 6.33 -42.55
C ASN H 150 -36.31 6.03 -44.04
N VAL H 151 -37.07 4.98 -44.30
CA VAL H 151 -37.31 4.48 -45.64
C VAL H 151 -38.52 5.25 -46.18
N ILE H 152 -38.35 5.92 -47.32
CA ILE H 152 -39.41 6.67 -47.95
C ILE H 152 -40.00 5.87 -49.11
N PRO H 153 -41.23 5.35 -48.98
CA PRO H 153 -41.83 4.65 -50.11
C PRO H 153 -42.27 5.62 -51.21
N VAL H 154 -41.97 5.29 -52.45
CA VAL H 154 -42.40 6.10 -53.61
C VAL H 154 -43.53 5.37 -54.34
N ASN H 155 -44.61 6.11 -54.60
CA ASN H 155 -45.84 5.55 -55.14
C ASN H 155 -46.18 6.01 -56.56
N SER H 156 -45.27 6.77 -57.19
CA SER H 156 -45.45 7.22 -58.57
C SER H 156 -44.97 6.15 -59.54
N GLY H 157 -45.62 6.08 -60.70
CA GLY H 157 -45.16 5.29 -61.84
C GLY H 157 -45.26 3.79 -61.61
N SER H 158 -44.22 3.08 -62.01
CA SER H 158 -44.15 1.63 -61.82
C SER H 158 -43.99 1.19 -60.36
N ARG H 159 -43.62 2.11 -59.47
CA ARG H 159 -43.39 1.84 -58.04
C ARG H 159 -42.17 0.92 -57.85
N THR H 160 -41.13 1.15 -58.66
CA THR H 160 -39.91 0.34 -58.68
C THR H 160 -38.69 1.27 -58.57
N LEU H 161 -37.49 0.71 -58.74
CA LEU H 161 -36.23 1.46 -58.61
C LEU H 161 -36.13 2.74 -59.43
N LYS H 162 -36.56 2.70 -60.70
CA LYS H 162 -36.40 3.87 -61.58
C LYS H 162 -37.26 5.08 -61.18
N ASP H 163 -38.33 4.83 -60.44
CA ASP H 163 -39.16 5.88 -59.85
C ASP H 163 -38.51 6.43 -58.59
N ALA H 164 -37.84 5.56 -57.83
CA ALA H 164 -37.10 5.95 -56.61
C ALA H 164 -35.82 6.74 -56.90
N ILE H 165 -35.21 6.49 -58.05
CA ILE H 165 -34.10 7.31 -58.55
C ILE H 165 -34.62 8.72 -58.79
N ASN H 166 -35.71 8.82 -59.55
CA ASN H 166 -36.38 10.09 -59.86
C ASN H 166 -36.66 10.97 -58.64
N GLU H 167 -37.18 10.36 -57.58
CA GLU H 167 -37.49 11.05 -56.32
C GLU H 167 -36.23 11.47 -55.57
N ALA H 168 -35.21 10.61 -55.57
CA ALA H 168 -33.94 10.92 -54.91
C ALA H 168 -33.21 12.08 -55.58
N LEU H 169 -33.14 12.05 -56.91
CA LEU H 169 -32.51 13.13 -57.67
C LEU H 169 -33.27 14.46 -57.60
N ARG H 170 -34.60 14.41 -57.55
CA ARG H 170 -35.38 15.63 -57.29
C ARG H 170 -35.02 16.20 -55.93
N ASP H 171 -35.00 15.33 -54.92
CA ASP H 171 -34.68 15.73 -53.55
C ASP H 171 -33.27 16.31 -53.42
N TRP H 172 -32.31 15.74 -54.14
CA TRP H 172 -30.92 16.21 -54.09
C TRP H 172 -30.79 17.62 -54.63
N VAL H 173 -31.36 17.85 -55.80
CA VAL H 173 -31.41 19.19 -56.43
C VAL H 173 -31.87 20.27 -55.46
N ALA H 174 -32.90 19.97 -54.67
CA ALA H 174 -33.41 20.90 -53.66
C ALA H 174 -32.47 21.06 -52.46
N THR H 175 -31.92 19.96 -51.96
CA THR H 175 -31.20 19.93 -50.69
C THR H 175 -29.69 19.67 -50.81
N PHE H 176 -29.11 19.79 -52.00
CA PHE H 176 -27.70 19.43 -52.22
C PHE H 176 -26.72 20.24 -51.38
N GLU H 177 -27.16 21.43 -50.95
CA GLU H 177 -26.40 22.29 -50.04
C GLU H 177 -25.94 21.55 -48.78
N TYR H 178 -26.82 20.75 -48.18
CA TYR H 178 -26.54 20.03 -46.93
C TYR H 178 -26.69 18.50 -47.02
N THR H 179 -26.83 17.97 -48.24
CA THR H 179 -27.12 16.55 -48.49
C THR H 179 -26.19 16.00 -49.56
N HIS H 180 -25.70 14.77 -49.37
CA HIS H 180 -24.96 14.05 -50.40
C HIS H 180 -25.78 12.88 -50.97
N TYR H 181 -25.73 12.71 -52.29
CA TYR H 181 -26.44 11.64 -52.99
C TYR H 181 -25.47 10.49 -53.25
N LEU H 182 -25.68 9.38 -52.56
CA LEU H 182 -24.74 8.28 -52.55
C LEU H 182 -25.15 7.24 -53.60
N ILE H 183 -24.29 7.01 -54.59
CA ILE H 183 -24.51 5.99 -55.61
C ILE H 183 -23.75 4.73 -55.22
N GLY H 184 -24.32 3.56 -55.55
CA GLY H 184 -23.84 2.27 -55.07
C GLY H 184 -22.97 1.43 -55.97
N SER H 185 -22.84 1.81 -57.25
CA SER H 185 -21.96 1.11 -58.18
C SER H 185 -21.23 2.11 -59.07
N VAL H 186 -20.38 1.61 -59.98
CA VAL H 186 -19.57 2.46 -60.86
C VAL H 186 -20.39 2.99 -62.04
N VAL H 187 -21.51 3.63 -61.71
CA VAL H 187 -22.53 4.05 -62.65
C VAL H 187 -22.94 5.49 -62.35
N GLY H 188 -23.79 6.04 -63.21
CA GLY H 188 -24.26 7.40 -63.06
C GLY H 188 -23.36 8.39 -63.76
N PRO H 189 -23.68 9.69 -63.64
CA PRO H 189 -22.85 10.71 -64.26
C PRO H 189 -21.52 10.87 -63.53
N HIS H 190 -20.51 11.36 -64.25
CA HIS H 190 -19.25 11.78 -63.64
C HIS H 190 -19.55 12.77 -62.51
N PRO H 191 -18.84 12.68 -61.37
CA PRO H 191 -17.68 11.85 -61.05
C PRO H 191 -17.98 10.49 -60.39
N TYR H 192 -19.23 10.08 -60.32
CA TYR H 192 -19.57 8.86 -59.56
C TYR H 192 -18.85 7.59 -60.03
N PRO H 193 -18.86 7.27 -61.33
CA PRO H 193 -18.18 6.04 -61.77
C PRO H 193 -16.69 5.95 -61.40
N THR H 194 -15.99 7.07 -61.47
CA THR H 194 -14.57 7.12 -61.13
C THR H 194 -14.36 7.11 -59.60
N ILE H 195 -15.22 7.81 -58.87
CA ILE H 195 -15.19 7.82 -57.39
C ILE H 195 -15.41 6.43 -56.79
N VAL H 196 -16.47 5.75 -57.25
CA VAL H 196 -16.87 4.46 -56.68
C VAL H 196 -15.79 3.41 -56.92
N ARG H 197 -15.16 3.43 -58.10
CA ARG H 197 -14.01 2.57 -58.37
C ARG H 197 -12.85 2.81 -57.40
N ASP H 198 -12.49 4.08 -57.20
CA ASP H 198 -11.38 4.45 -56.31
C ASP H 198 -11.58 3.96 -54.87
N PHE H 199 -12.80 4.03 -54.35
CA PHE H 199 -13.12 3.48 -53.02
C PHE H 199 -13.13 1.95 -52.97
N GLN H 200 -13.42 1.28 -54.09
CA GLN H 200 -13.37 -0.19 -54.15
C GLN H 200 -11.99 -0.74 -54.52
N SER H 201 -11.10 0.10 -55.06
CA SER H 201 -9.71 -0.28 -55.39
C SER H 201 -8.91 -0.94 -54.26
N VAL H 202 -9.27 -0.66 -53.01
CA VAL H 202 -8.69 -1.32 -51.84
C VAL H 202 -8.74 -2.85 -51.96
N ILE H 203 -9.80 -3.36 -52.58
CA ILE H 203 -9.98 -4.81 -52.77
C ILE H 203 -8.82 -5.42 -53.57
N GLY H 204 -8.47 -4.78 -54.67
CA GLY H 204 -7.38 -5.26 -55.54
C GLY H 204 -6.00 -4.99 -54.97
N ARG H 205 -5.84 -3.83 -54.33
CA ARG H 205 -4.56 -3.48 -53.71
C ARG H 205 -4.15 -4.47 -52.61
N GLU H 206 -5.12 -4.92 -51.83
CA GLU H 206 -4.89 -6.00 -50.85
C GLU H 206 -4.62 -7.32 -51.55
N ALA H 207 -5.51 -7.71 -52.46
CA ALA H 207 -5.40 -8.97 -53.19
C ALA H 207 -4.05 -9.14 -53.89
N LYS H 208 -3.52 -8.03 -54.44
CA LYS H 208 -2.22 -8.02 -55.10
C LYS H 208 -1.08 -8.26 -54.11
N ALA H 209 -1.13 -7.59 -52.97
CA ALA H 209 -0.17 -7.80 -51.90
C ALA H 209 -0.27 -9.22 -51.36
N GLN H 210 -1.49 -9.69 -51.15
CA GLN H 210 -1.75 -11.01 -50.58
C GLN H 210 -1.37 -12.17 -51.50
N ILE H 211 -1.63 -12.03 -52.80
CA ILE H 211 -1.25 -13.07 -53.77
C ILE H 211 0.27 -13.12 -53.93
N LEU H 212 0.94 -11.97 -53.97
CA LEU H 212 2.40 -11.91 -54.01
C LEU H 212 3.05 -12.56 -52.79
N GLU H 213 2.47 -12.29 -51.62
CA GLU H 213 2.88 -12.91 -50.36
C GLU H 213 2.78 -14.44 -50.40
N ALA H 214 1.67 -14.93 -50.93
CA ALA H 214 1.36 -16.36 -50.98
C ALA H 214 2.06 -17.12 -52.10
N GLU H 215 2.13 -16.52 -53.29
CA GLU H 215 2.64 -17.18 -54.51
C GLU H 215 3.99 -16.67 -55.03
N GLY H 216 4.41 -15.48 -54.59
CA GLY H 216 5.60 -14.83 -55.15
C GLY H 216 5.44 -14.30 -56.57
N GLN H 217 4.19 -14.15 -57.01
CA GLN H 217 3.88 -13.71 -58.37
C GLN H 217 2.40 -13.30 -58.50
N LEU H 218 2.08 -12.68 -59.63
CA LEU H 218 0.71 -12.25 -59.93
C LEU H 218 -0.12 -13.41 -60.46
N PRO H 219 -1.46 -13.32 -60.35
CA PRO H 219 -2.32 -14.40 -60.85
C PRO H 219 -2.43 -14.45 -62.38
N ASP H 220 -2.97 -15.54 -62.88
CA ASP H 220 -3.24 -15.69 -64.32
C ASP H 220 -4.58 -15.09 -64.73
N VAL H 221 -5.59 -15.24 -63.86
CA VAL H 221 -6.93 -14.72 -64.10
C VAL H 221 -7.51 -14.11 -62.82
N ILE H 222 -8.20 -12.99 -62.96
CA ILE H 222 -9.06 -12.47 -61.88
C ILE H 222 -10.51 -12.50 -62.39
N VAL H 223 -11.38 -13.16 -61.62
CA VAL H 223 -12.79 -13.30 -61.96
C VAL H 223 -13.65 -12.57 -60.92
N ALA H 224 -14.54 -11.70 -61.40
CA ALA H 224 -15.53 -11.03 -60.55
C ALA H 224 -16.87 -10.91 -61.27
N CYS H 225 -17.96 -10.91 -60.51
CA CYS H 225 -19.29 -10.70 -61.10
C CYS H 225 -19.49 -9.22 -61.39
N VAL H 226 -20.44 -8.94 -62.27
CA VAL H 226 -20.65 -7.59 -62.79
C VAL H 226 -22.14 -7.25 -62.91
N GLY H 227 -22.65 -6.49 -61.94
CA GLY H 227 -23.94 -5.82 -62.07
C GLY H 227 -23.68 -4.49 -62.75
N GLY H 228 -23.60 -3.44 -61.93
CA GLY H 228 -23.03 -2.16 -62.36
C GLY H 228 -21.53 -2.25 -62.49
N GLY H 229 -20.92 -3.02 -61.57
CA GLY H 229 -19.53 -3.46 -61.67
C GLY H 229 -18.52 -2.83 -60.71
N SER H 230 -18.98 -2.39 -59.54
CA SER H 230 -18.08 -1.83 -58.53
C SER H 230 -17.15 -2.85 -57.91
N ASN H 231 -17.63 -4.05 -57.54
CA ASN H 231 -16.73 -5.09 -57.02
C ASN H 231 -15.72 -5.54 -58.09
N ALA H 232 -16.19 -5.64 -59.34
CA ALA H 232 -15.32 -6.01 -60.44
C ALA H 232 -14.22 -4.98 -60.65
N MET H 233 -14.58 -3.70 -60.65
CA MET H 233 -13.59 -2.62 -60.82
C MET H 233 -12.61 -2.48 -59.65
N GLY H 234 -13.10 -2.74 -58.43
CA GLY H 234 -12.28 -2.68 -57.23
C GLY H 234 -11.12 -3.68 -57.19
N ILE H 235 -11.36 -4.88 -57.71
CA ILE H 235 -10.33 -5.90 -57.79
C ILE H 235 -9.54 -5.82 -59.10
N PHE H 236 -10.17 -5.39 -60.18
CA PHE H 236 -9.52 -5.26 -61.49
C PHE H 236 -8.44 -4.17 -61.51
N TYR H 237 -8.80 -2.98 -61.01
CA TYR H 237 -8.07 -1.75 -61.33
C TYR H 237 -6.56 -1.79 -61.06
N PRO H 238 -6.14 -2.26 -59.87
CA PRO H 238 -4.70 -2.31 -59.60
C PRO H 238 -3.88 -3.32 -60.43
N PHE H 239 -4.56 -4.22 -61.16
CA PHE H 239 -3.91 -5.19 -62.06
C PHE H 239 -4.01 -4.78 -63.54
N VAL H 240 -4.47 -3.56 -63.83
CA VAL H 240 -4.75 -3.15 -65.21
C VAL H 240 -3.48 -3.04 -66.04
N ASN H 241 -2.35 -2.66 -65.44
CA ASN H 241 -1.08 -2.58 -66.18
C ASN H 241 -0.17 -3.79 -66.03
N ASP H 242 -0.70 -4.88 -65.51
CA ASP H 242 0.02 -6.14 -65.43
C ASP H 242 -0.45 -7.02 -66.58
N LYS H 243 0.37 -7.08 -67.64
CA LYS H 243 0.04 -7.78 -68.88
C LYS H 243 -0.26 -9.26 -68.67
N LYS H 244 0.40 -9.89 -67.69
CA LYS H 244 0.13 -11.28 -67.32
C LYS H 244 -1.30 -11.55 -66.87
N VAL H 245 -1.89 -10.60 -66.14
CA VAL H 245 -3.14 -10.84 -65.42
C VAL H 245 -4.36 -10.65 -66.33
N LYS H 246 -5.03 -11.74 -66.68
CA LYS H 246 -6.27 -11.74 -67.44
C LYS H 246 -7.42 -11.30 -66.53
N LEU H 247 -8.34 -10.50 -67.05
CA LEU H 247 -9.47 -9.99 -66.27
C LEU H 247 -10.79 -10.49 -66.86
N VAL H 248 -11.63 -11.12 -66.04
CA VAL H 248 -12.90 -11.67 -66.51
C VAL H 248 -14.07 -11.20 -65.63
N GLY H 249 -14.99 -10.45 -66.24
CA GLY H 249 -16.24 -10.04 -65.60
C GLY H 249 -17.37 -10.99 -65.96
N VAL H 250 -18.13 -11.42 -64.96
CA VAL H 250 -19.23 -12.38 -65.15
C VAL H 250 -20.57 -11.70 -64.95
N GLU H 251 -21.41 -11.70 -65.99
CA GLU H 251 -22.74 -11.10 -65.92
C GLU H 251 -23.85 -12.12 -65.73
N ALA H 252 -25.03 -11.61 -65.38
CA ALA H 252 -26.20 -12.45 -65.15
C ALA H 252 -26.75 -13.02 -66.44
N GLY H 253 -26.63 -14.34 -66.59
CA GLY H 253 -27.25 -15.07 -67.69
C GLY H 253 -28.74 -15.31 -67.47
N GLY H 254 -29.17 -15.25 -66.22
CA GLY H 254 -30.58 -15.38 -65.86
C GLY H 254 -31.14 -16.75 -66.24
N LYS H 255 -32.12 -16.76 -67.13
CA LYS H 255 -32.71 -18.00 -67.62
C LYS H 255 -32.19 -18.37 -69.01
N GLY H 256 -30.95 -17.97 -69.31
CA GLY H 256 -30.35 -18.15 -70.62
C GLY H 256 -30.50 -16.88 -71.46
N LEU H 257 -29.47 -16.57 -72.24
CA LEU H 257 -29.48 -15.40 -73.11
C LEU H 257 -30.57 -15.43 -74.18
N GLU H 258 -30.93 -16.63 -74.63
CA GLU H 258 -31.99 -16.80 -75.64
C GLU H 258 -33.38 -16.54 -75.07
N SER H 259 -33.56 -16.68 -73.76
CA SER H 259 -34.86 -16.48 -73.12
C SER H 259 -35.29 -15.01 -72.99
N GLY H 260 -34.32 -14.09 -73.05
CA GLY H 260 -34.60 -12.67 -72.83
C GLY H 260 -34.86 -12.29 -71.39
N LYS H 261 -34.56 -13.18 -70.43
CA LYS H 261 -34.67 -12.89 -69.01
C LYS H 261 -33.29 -13.02 -68.38
N HIS H 262 -32.50 -11.96 -68.56
CA HIS H 262 -31.12 -11.88 -68.09
C HIS H 262 -30.80 -10.42 -67.80
N SER H 263 -29.60 -10.14 -67.29
CA SER H 263 -29.13 -8.76 -67.09
C SER H 263 -27.73 -8.50 -67.66
N ALA H 264 -27.33 -9.32 -68.62
CA ALA H 264 -26.05 -9.19 -69.32
C ALA H 264 -26.04 -8.07 -70.34
N SER H 265 -25.69 -6.87 -69.88
CA SER H 265 -25.73 -5.64 -70.68
C SER H 265 -24.56 -5.56 -71.66
N LEU H 266 -23.37 -5.93 -71.20
CA LEU H 266 -22.19 -5.94 -72.05
C LEU H 266 -22.28 -6.97 -73.19
N ASN H 267 -22.86 -8.14 -72.91
CA ASN H 267 -22.93 -9.21 -73.90
C ASN H 267 -24.01 -8.99 -74.96
N ALA H 268 -25.21 -8.60 -74.51
CA ALA H 268 -26.37 -8.49 -75.40
C ALA H 268 -27.16 -7.19 -75.29
N GLY H 269 -26.51 -6.11 -74.82
CA GLY H 269 -27.12 -4.79 -74.78
C GLY H 269 -26.60 -3.91 -75.89
N GLN H 270 -27.13 -2.69 -75.96
CA GLN H 270 -26.75 -1.71 -76.98
C GLN H 270 -26.32 -0.40 -76.31
N VAL H 271 -25.34 0.28 -76.91
CA VAL H 271 -24.86 1.56 -76.38
C VAL H 271 -25.97 2.61 -76.38
N GLY H 272 -26.16 3.27 -75.24
CA GLY H 272 -27.20 4.28 -75.08
C GLY H 272 -26.94 5.18 -73.89
N VAL H 273 -27.83 6.15 -73.68
CA VAL H 273 -27.65 7.16 -72.65
C VAL H 273 -28.84 7.15 -71.71
N PHE H 274 -28.63 6.56 -70.52
CA PHE H 274 -29.60 6.54 -69.43
C PHE H 274 -28.88 6.82 -68.11
N HIS H 275 -29.62 7.34 -67.12
CA HIS H 275 -29.09 7.59 -65.78
C HIS H 275 -27.80 8.42 -65.71
N GLY H 276 -27.59 9.34 -66.66
CA GLY H 276 -26.40 10.19 -66.63
C GLY H 276 -25.17 9.73 -67.41
N MET H 277 -25.18 8.51 -67.92
CA MET H 277 -23.99 7.92 -68.54
C MET H 277 -24.25 7.34 -69.93
N LEU H 278 -23.25 7.46 -70.79
CA LEU H 278 -23.19 6.76 -72.07
C LEU H 278 -22.51 5.42 -71.81
N SER H 279 -23.25 4.32 -71.95
CA SER H 279 -22.72 2.98 -71.69
C SER H 279 -23.63 1.92 -72.34
N TYR H 280 -23.35 0.64 -72.08
CA TYR H 280 -24.19 -0.45 -72.57
C TYR H 280 -25.43 -0.61 -71.70
N PHE H 281 -26.60 -0.67 -72.34
CA PHE H 281 -27.87 -0.88 -71.66
C PHE H 281 -28.70 -1.89 -72.44
N LEU H 282 -29.50 -2.66 -71.71
CA LEU H 282 -30.44 -3.58 -72.34
C LEU H 282 -31.66 -2.76 -72.70
N GLN H 283 -31.90 -2.62 -74.01
CA GLN H 283 -33.00 -1.81 -74.52
C GLN H 283 -33.92 -2.63 -75.42
N ASP H 284 -35.16 -2.17 -75.54
CA ASP H 284 -36.12 -2.74 -76.47
C ASP H 284 -35.94 -2.10 -77.86
N GLU H 285 -36.80 -2.50 -78.82
CA GLU H 285 -36.77 -1.97 -80.18
C GLU H 285 -36.92 -0.45 -80.26
N GLU H 286 -37.67 0.12 -79.31
CA GLU H 286 -37.91 1.58 -79.24
C GLU H 286 -36.81 2.42 -78.58
N GLY H 287 -35.79 1.77 -78.00
CA GLY H 287 -34.74 2.49 -77.26
C GLY H 287 -35.16 2.85 -75.85
N GLN H 288 -35.99 1.99 -75.25
CA GLN H 288 -36.43 2.11 -73.87
C GLN H 288 -35.85 0.94 -73.08
N ILE H 289 -35.62 1.15 -71.78
CA ILE H 289 -35.06 0.11 -70.93
C ILE H 289 -36.00 -1.11 -70.89
N LYS H 290 -35.45 -2.29 -71.21
CA LYS H 290 -36.17 -3.55 -71.05
C LYS H 290 -36.28 -3.92 -69.58
N PRO H 291 -37.22 -4.81 -69.22
CA PRO H 291 -37.12 -5.44 -67.91
C PRO H 291 -35.97 -6.43 -67.88
N THR H 292 -35.36 -6.58 -66.71
CA THR H 292 -34.24 -7.50 -66.53
C THR H 292 -34.56 -8.54 -65.46
N HIS H 293 -33.73 -9.57 -65.41
CA HIS H 293 -33.87 -10.63 -64.43
C HIS H 293 -32.52 -11.24 -64.06
N SER H 294 -32.33 -11.47 -62.76
CA SER H 294 -31.37 -12.45 -62.27
C SER H 294 -31.81 -12.93 -60.89
N ILE H 295 -31.45 -14.17 -60.57
CA ILE H 295 -31.71 -14.74 -59.25
C ILE H 295 -30.93 -13.99 -58.16
N ALA H 296 -29.75 -13.50 -58.52
CA ALA H 296 -28.99 -12.59 -57.67
C ALA H 296 -29.59 -11.20 -57.81
N PRO H 297 -30.21 -10.66 -56.74
CA PRO H 297 -30.85 -9.35 -56.88
C PRO H 297 -29.90 -8.24 -57.33
N GLY H 298 -28.69 -8.24 -56.79
CA GLY H 298 -27.67 -7.23 -57.10
C GLY H 298 -27.15 -7.18 -58.51
N LEU H 299 -27.39 -8.24 -59.29
CA LEU H 299 -27.08 -8.26 -60.73
C LEU H 299 -28.25 -7.85 -61.61
N ASP H 300 -29.42 -7.60 -61.02
CA ASP H 300 -30.64 -7.27 -61.75
C ASP H 300 -30.64 -5.77 -62.06
N TYR H 301 -29.87 -5.39 -63.07
CA TYR H 301 -29.70 -3.99 -63.46
C TYR H 301 -29.43 -3.90 -64.99
N PRO H 302 -30.28 -3.15 -65.72
CA PRO H 302 -30.22 -3.09 -67.19
C PRO H 302 -28.95 -2.48 -67.78
N GLY H 303 -28.31 -1.59 -67.04
CA GLY H 303 -27.04 -0.99 -67.46
C GLY H 303 -25.79 -1.64 -66.91
N VAL H 304 -24.66 -0.96 -67.13
CA VAL H 304 -23.35 -1.36 -66.65
C VAL H 304 -22.44 -0.13 -66.67
N GLY H 305 -21.42 -0.14 -65.82
CA GLY H 305 -20.51 1.01 -65.70
C GLY H 305 -19.75 1.28 -66.99
N PRO H 306 -19.45 2.57 -67.28
CA PRO H 306 -18.78 2.93 -68.53
C PRO H 306 -17.35 2.41 -68.66
N GLU H 307 -16.66 2.25 -67.54
CA GLU H 307 -15.29 1.74 -67.53
C GLU H 307 -15.19 0.28 -67.93
N HIS H 308 -16.23 -0.49 -67.63
CA HIS H 308 -16.36 -1.86 -68.14
C HIS H 308 -16.66 -1.86 -69.65
N ALA H 309 -17.50 -0.93 -70.09
CA ALA H 309 -17.74 -0.72 -71.52
C ALA H 309 -16.45 -0.40 -72.28
N TYR H 310 -15.60 0.40 -71.65
CA TYR H 310 -14.30 0.75 -72.20
C TYR H 310 -13.31 -0.41 -72.22
N LEU H 311 -13.23 -1.16 -71.12
CA LEU H 311 -12.36 -2.33 -71.03
C LEU H 311 -12.76 -3.43 -72.03
N LYS H 312 -14.06 -3.52 -72.31
CA LYS H 312 -14.58 -4.42 -73.34
C LYS H 312 -14.07 -4.01 -74.72
N LYS H 313 -14.20 -2.73 -75.05
CA LYS H 313 -13.79 -2.19 -76.36
C LYS H 313 -12.32 -2.44 -76.67
N ILE H 314 -11.45 -2.08 -75.73
CA ILE H 314 -10.00 -2.25 -75.90
C ILE H 314 -9.50 -3.66 -75.54
N GLN H 315 -10.39 -4.53 -75.08
CA GLN H 315 -10.12 -5.95 -74.84
C GLN H 315 -9.11 -6.20 -73.71
N ARG H 316 -9.09 -5.27 -72.76
CA ARG H 316 -8.31 -5.42 -71.53
C ARG H 316 -9.01 -6.43 -70.63
N ALA H 317 -10.32 -6.55 -70.77
CA ALA H 317 -11.10 -7.51 -70.00
C ALA H 317 -12.05 -8.30 -70.89
N GLU H 318 -12.21 -9.59 -70.57
CA GLU H 318 -13.17 -10.48 -71.22
C GLU H 318 -14.44 -10.46 -70.38
N TYR H 319 -15.60 -10.54 -71.04
CA TYR H 319 -16.88 -10.54 -70.34
C TYR H 319 -17.77 -11.71 -70.79
N VAL H 320 -18.32 -12.42 -69.81
CA VAL H 320 -19.02 -13.69 -70.03
C VAL H 320 -20.34 -13.67 -69.26
N THR H 321 -21.14 -14.73 -69.43
CA THR H 321 -22.40 -14.88 -68.72
C THR H 321 -22.45 -16.23 -67.99
N VAL H 322 -23.24 -16.26 -66.92
CA VAL H 322 -23.51 -17.47 -66.16
C VAL H 322 -25.00 -17.50 -65.82
N THR H 323 -25.65 -18.64 -66.02
CA THR H 323 -27.09 -18.77 -65.81
C THR H 323 -27.44 -18.91 -64.34
N ASP H 324 -28.72 -18.69 -64.01
CA ASP H 324 -29.26 -18.87 -62.65
C ASP H 324 -28.97 -20.27 -62.09
N GLU H 325 -29.14 -21.28 -62.92
CA GLU H 325 -28.91 -22.67 -62.54
C GLU H 325 -27.44 -22.93 -62.18
N GLU H 326 -26.52 -22.35 -62.95
CA GLU H 326 -25.09 -22.48 -62.69
C GLU H 326 -24.66 -21.78 -61.41
N ALA H 327 -25.22 -20.59 -61.18
CA ALA H 327 -24.92 -19.81 -59.98
C ALA H 327 -25.45 -20.49 -58.72
N LEU H 328 -26.65 -21.07 -58.80
CA LEU H 328 -27.18 -21.89 -57.71
C LEU H 328 -26.31 -23.12 -57.42
N LYS H 329 -25.73 -23.73 -58.46
CA LYS H 329 -24.83 -24.86 -58.28
C LYS H 329 -23.57 -24.48 -57.52
N ALA H 330 -22.98 -23.34 -57.87
CA ALA H 330 -21.82 -22.79 -57.16
C ALA H 330 -22.13 -22.43 -55.71
N PHE H 331 -23.32 -21.87 -55.49
CA PHE H 331 -23.82 -21.54 -54.15
C PHE H 331 -23.82 -22.78 -53.23
N HIS H 332 -24.39 -23.88 -53.73
CA HIS H 332 -24.41 -25.16 -53.01
C HIS H 332 -23.03 -25.82 -52.95
N GLU H 333 -22.27 -25.73 -54.04
CA GLU H 333 -20.96 -26.38 -54.15
C GLU H 333 -19.95 -25.80 -53.16
N LEU H 334 -19.88 -24.48 -53.12
CA LEU H 334 -18.91 -23.78 -52.27
C LEU H 334 -19.21 -23.97 -50.78
N SER H 335 -20.49 -23.96 -50.43
CA SER H 335 -20.93 -24.19 -49.06
C SER H 335 -20.48 -25.56 -48.52
N ARG H 336 -20.75 -26.61 -49.30
CA ARG H 336 -20.32 -27.98 -48.96
C ARG H 336 -18.82 -28.16 -48.94
N THR H 337 -18.14 -27.61 -49.95
CA THR H 337 -16.73 -27.88 -50.21
C THR H 337 -15.78 -27.06 -49.33
N GLU H 338 -16.08 -25.78 -49.10
CA GLU H 338 -15.22 -24.89 -48.31
C GLU H 338 -15.85 -24.33 -47.02
N GLY H 339 -17.14 -24.57 -46.79
CA GLY H 339 -17.83 -24.04 -45.62
C GLY H 339 -18.15 -22.56 -45.71
N ILE H 340 -18.19 -22.01 -46.92
CA ILE H 340 -18.47 -20.59 -47.16
C ILE H 340 -19.76 -20.49 -48.00
N ILE H 341 -20.78 -19.84 -47.44
CA ILE H 341 -22.03 -19.59 -48.17
C ILE H 341 -21.90 -18.23 -48.89
N PRO H 342 -21.66 -18.26 -50.21
CA PRO H 342 -21.42 -17.00 -50.91
C PRO H 342 -22.73 -16.33 -51.26
N ALA H 343 -22.67 -15.06 -51.65
CA ALA H 343 -23.84 -14.36 -52.19
C ALA H 343 -24.10 -14.92 -53.56
N LEU H 344 -25.38 -14.95 -53.95
CA LEU H 344 -25.77 -15.36 -55.30
C LEU H 344 -25.11 -14.53 -56.40
N GLU H 345 -24.81 -13.26 -56.10
CA GLU H 345 -24.06 -12.40 -57.00
C GLU H 345 -22.66 -12.97 -57.20
N SER H 346 -21.96 -13.20 -56.09
CA SER H 346 -20.62 -13.79 -56.08
C SER H 346 -20.60 -15.21 -56.65
N ALA H 347 -21.69 -15.95 -56.43
CA ALA H 347 -21.84 -17.31 -56.95
C ALA H 347 -21.76 -17.40 -58.49
N HIS H 348 -22.10 -16.31 -59.20
CA HIS H 348 -21.86 -16.24 -60.64
C HIS H 348 -20.37 -16.28 -60.96
N ALA H 349 -19.59 -15.48 -60.23
CA ALA H 349 -18.13 -15.45 -60.41
C ALA H 349 -17.52 -16.79 -60.04
N VAL H 350 -17.97 -17.33 -58.91
CA VAL H 350 -17.51 -18.65 -58.45
C VAL H 350 -17.80 -19.73 -59.50
N ALA H 351 -18.97 -19.66 -60.12
CA ALA H 351 -19.41 -20.65 -61.11
C ALA H 351 -18.55 -20.65 -62.37
N TYR H 352 -18.24 -19.47 -62.91
CA TYR H 352 -17.39 -19.37 -64.10
C TYR H 352 -15.96 -19.80 -63.80
N ALA H 353 -15.45 -19.34 -62.65
CA ALA H 353 -14.12 -19.71 -62.20
C ALA H 353 -13.91 -21.22 -62.11
N MET H 354 -14.96 -21.97 -61.80
CA MET H 354 -14.87 -23.42 -61.75
C MET H 354 -14.67 -24.06 -63.13
N LYS H 355 -15.41 -23.60 -64.13
CA LYS H 355 -15.28 -24.20 -65.47
C LYS H 355 -14.04 -23.68 -66.20
N LEU H 356 -13.58 -22.47 -65.83
CA LEU H 356 -12.33 -21.92 -66.36
C LEU H 356 -11.11 -22.65 -65.79
N ALA H 357 -11.10 -22.85 -64.48
CA ALA H 357 -10.03 -23.57 -63.81
C ALA H 357 -9.83 -24.99 -64.31
N LYS H 358 -10.91 -25.64 -64.75
CA LYS H 358 -10.85 -27.02 -65.26
C LYS H 358 -10.02 -27.15 -66.53
N GLU H 359 -10.10 -26.17 -67.42
CA GLU H 359 -9.29 -26.17 -68.65
C GLU H 359 -7.84 -25.78 -68.40
N MET H 360 -7.61 -25.02 -67.33
CA MET H 360 -6.28 -24.51 -66.97
C MET H 360 -5.36 -25.54 -66.32
N SER H 361 -4.05 -25.29 -66.38
CA SER H 361 -3.02 -26.15 -65.79
C SER H 361 -3.03 -26.10 -64.26
N ARG H 362 -2.40 -27.09 -63.64
CA ARG H 362 -2.34 -27.19 -62.18
C ARG H 362 -1.44 -26.14 -61.53
N ASP H 363 -0.46 -25.64 -62.28
CA ASP H 363 0.41 -24.55 -61.82
C ASP H 363 -0.24 -23.16 -61.84
N GLU H 364 -1.28 -22.98 -62.66
CA GLU H 364 -1.87 -21.66 -62.87
C GLU H 364 -2.73 -21.20 -61.68
N ILE H 365 -2.93 -19.88 -61.58
CA ILE H 365 -3.50 -19.24 -60.41
C ILE H 365 -4.69 -18.34 -60.76
N ILE H 366 -5.83 -18.59 -60.12
CA ILE H 366 -7.03 -17.78 -60.27
C ILE H 366 -7.38 -17.10 -58.94
N ILE H 367 -7.75 -15.83 -59.01
CA ILE H 367 -8.37 -15.13 -57.89
C ILE H 367 -9.81 -14.84 -58.28
N VAL H 368 -10.74 -15.21 -57.41
CA VAL H 368 -12.16 -14.95 -57.56
C VAL H 368 -12.55 -13.96 -56.48
N ASN H 369 -13.20 -12.87 -56.85
CA ASN H 369 -13.65 -11.89 -55.88
C ASN H 369 -14.99 -12.32 -55.29
N LEU H 370 -14.95 -12.85 -54.07
CA LEU H 370 -16.15 -13.30 -53.38
C LEU H 370 -16.80 -12.08 -52.73
N SER H 371 -17.57 -11.36 -53.53
CA SER H 371 -18.08 -10.03 -53.18
C SER H 371 -18.96 -9.97 -51.93
N GLY H 372 -19.64 -11.06 -51.58
CA GLY H 372 -20.44 -11.10 -50.35
C GLY H 372 -20.89 -12.46 -49.86
N ARG H 373 -21.43 -12.48 -48.65
CA ARG H 373 -21.99 -13.68 -48.02
C ARG H 373 -23.46 -13.83 -48.42
N GLY H 374 -23.94 -15.07 -48.31
CA GLY H 374 -25.27 -15.44 -48.79
C GLY H 374 -26.39 -15.55 -47.76
N ASP H 375 -26.20 -14.99 -46.56
CA ASP H 375 -27.22 -15.06 -45.51
C ASP H 375 -28.53 -14.39 -45.96
N LYS H 376 -28.38 -13.28 -46.68
CA LYS H 376 -29.49 -12.59 -47.33
C LYS H 376 -30.23 -13.43 -48.40
N ASP H 377 -29.54 -14.38 -49.03
CA ASP H 377 -30.11 -15.19 -50.11
C ASP H 377 -30.69 -16.56 -49.70
N LEU H 378 -30.79 -16.84 -48.41
CA LEU H 378 -31.25 -18.15 -47.95
C LEU H 378 -32.73 -18.39 -48.24
N ASP H 379 -33.56 -17.36 -48.06
CA ASP H 379 -34.97 -17.43 -48.45
C ASP H 379 -35.17 -17.69 -49.94
N ILE H 380 -34.33 -17.07 -50.76
CA ILE H 380 -34.43 -17.21 -52.21
C ILE H 380 -34.06 -18.63 -52.62
N VAL H 381 -32.97 -19.16 -52.06
CA VAL H 381 -32.46 -20.48 -52.41
C VAL H 381 -33.31 -21.61 -51.82
N LEU H 382 -33.87 -21.39 -50.62
CA LEU H 382 -34.81 -22.33 -50.02
C LEU H 382 -36.08 -22.53 -50.85
N LYS H 383 -36.58 -21.46 -51.48
CA LYS H 383 -37.80 -21.54 -52.26
C LYS H 383 -37.63 -22.35 -53.56
N VAL H 384 -36.50 -22.19 -54.23
CA VAL H 384 -36.19 -23.00 -55.42
C VAL H 384 -35.80 -24.46 -55.11
N SER H 385 -35.34 -24.73 -53.89
CA SER H 385 -35.13 -26.11 -53.41
C SER H 385 -36.36 -26.59 -52.64
N MET I 1 -52.24 -3.82 40.07
CA MET I 1 -52.52 -5.20 39.57
C MET I 1 -52.87 -6.21 40.69
N PHE I 2 -53.22 -5.71 41.88
CA PHE I 2 -53.60 -6.57 42.99
C PHE I 2 -54.49 -5.82 43.97
N LYS I 3 -55.26 -6.57 44.75
CA LYS I 3 -56.27 -6.00 45.64
C LYS I 3 -55.63 -5.23 46.80
N ASP I 4 -56.21 -4.08 47.17
CA ASP I 4 -55.69 -3.28 48.28
C ASP I 4 -55.80 -4.03 49.60
N GLY I 5 -54.83 -3.78 50.48
CA GLY I 5 -54.71 -4.51 51.73
C GLY I 5 -53.98 -5.84 51.62
N SER I 6 -53.46 -6.16 50.44
CA SER I 6 -52.90 -7.49 50.17
C SER I 6 -51.49 -7.70 50.71
N LEU I 7 -51.17 -8.98 50.90
CA LEU I 7 -49.86 -9.43 51.35
C LEU I 7 -49.25 -10.10 50.13
N ILE I 8 -47.99 -9.80 49.85
CA ILE I 8 -47.32 -10.32 48.65
C ILE I 8 -46.09 -11.15 49.05
N PRO I 9 -46.20 -12.49 49.00
CA PRO I 9 -44.99 -13.30 49.24
C PRO I 9 -43.99 -13.19 48.10
N TYR I 10 -42.72 -12.98 48.43
CA TYR I 10 -41.61 -13.12 47.47
C TYR I 10 -40.89 -14.42 47.79
N LEU I 11 -40.69 -15.25 46.78
CA LEU I 11 -39.85 -16.45 46.87
C LEU I 11 -38.82 -16.44 45.76
N THR I 12 -37.68 -17.07 46.02
CA THR I 12 -36.65 -17.26 45.01
C THR I 12 -36.94 -18.60 44.32
N ALA I 13 -36.91 -18.59 42.99
CA ALA I 13 -37.20 -19.78 42.21
C ALA I 13 -36.09 -20.81 42.39
N GLY I 14 -36.46 -22.08 42.43
CA GLY I 14 -35.50 -23.17 42.55
C GLY I 14 -34.74 -23.23 43.86
N ASP I 15 -35.33 -22.69 44.92
CA ASP I 15 -34.72 -22.66 46.26
C ASP I 15 -35.60 -23.44 47.25
N PRO I 16 -35.18 -24.66 47.63
CA PRO I 16 -34.01 -25.45 47.22
C PRO I 16 -34.12 -26.13 45.85
N ASP I 17 -35.33 -26.41 45.38
CA ASP I 17 -35.55 -26.96 44.03
C ASP I 17 -36.88 -26.45 43.46
N LYS I 18 -37.13 -26.71 42.18
CA LYS I 18 -38.30 -26.14 41.50
C LYS I 18 -39.64 -26.66 42.05
N GLN I 19 -39.71 -27.95 42.36
CA GLN I 19 -40.92 -28.54 42.92
C GLN I 19 -41.22 -27.98 44.31
N SER I 20 -40.17 -27.81 45.13
CA SER I 20 -40.32 -27.21 46.45
C SER I 20 -40.91 -25.79 46.37
N THR I 21 -40.43 -24.99 45.44
CA THR I 21 -40.97 -23.64 45.22
C THR I 21 -42.43 -23.68 44.79
N LEU I 22 -42.79 -24.60 43.90
CA LEU I 22 -44.19 -24.80 43.50
C LEU I 22 -45.08 -25.17 44.68
N ASN I 23 -44.59 -26.05 45.56
CA ASN I 23 -45.33 -26.44 46.77
C ASN I 23 -45.61 -25.26 47.67
N PHE I 24 -44.62 -24.37 47.79
CA PHE I 24 -44.74 -23.17 48.65
C PHE I 24 -45.74 -22.18 48.07
N LEU I 25 -45.64 -21.92 46.76
CA LEU I 25 -46.58 -21.03 46.09
C LEU I 25 -48.03 -21.51 46.25
N LEU I 26 -48.25 -22.80 46.02
CA LEU I 26 -49.59 -23.39 46.21
C LEU I 26 -50.06 -23.31 47.67
N ALA I 27 -49.14 -23.49 48.62
CA ALA I 27 -49.47 -23.44 50.04
C ALA I 27 -49.83 -22.03 50.53
N LEU I 28 -49.10 -21.03 50.04
CA LEU I 28 -49.28 -19.64 50.46
C LEU I 28 -50.33 -18.86 49.65
N ASP I 29 -50.87 -19.46 48.59
CA ASP I 29 -51.75 -18.75 47.65
C ASP I 29 -53.05 -18.22 48.28
N GLU I 30 -53.59 -18.98 49.22
CA GLU I 30 -54.81 -18.59 49.96
C GLU I 30 -54.66 -17.31 50.81
N TYR I 31 -53.43 -16.97 51.21
CA TYR I 31 -53.17 -15.77 52.01
C TYR I 31 -52.70 -14.56 51.18
N ALA I 32 -52.48 -14.77 49.88
CA ALA I 32 -51.77 -13.83 49.02
C ALA I 32 -52.68 -13.20 47.96
N GLY I 33 -52.58 -11.87 47.85
CA GLY I 33 -53.25 -11.12 46.80
C GLY I 33 -52.43 -11.04 45.53
N ALA I 34 -51.11 -11.23 45.65
CA ALA I 34 -50.21 -11.39 44.50
C ALA I 34 -48.91 -12.05 44.95
N ILE I 35 -48.08 -12.46 43.99
CA ILE I 35 -46.84 -13.17 44.29
C ILE I 35 -45.68 -12.64 43.44
N GLU I 36 -44.56 -12.34 44.09
CA GLU I 36 -43.29 -12.04 43.41
C GLU I 36 -42.44 -13.30 43.36
N LEU I 37 -41.86 -13.60 42.19
CA LEU I 37 -41.01 -14.77 42.01
C LEU I 37 -39.66 -14.34 41.49
N GLY I 38 -38.62 -14.57 42.29
CA GLY I 38 -37.25 -14.21 41.94
C GLY I 38 -36.58 -15.20 41.02
N ILE I 39 -35.87 -14.68 40.02
CA ILE I 39 -35.00 -15.49 39.15
C ILE I 39 -33.56 -15.37 39.66
N PRO I 40 -32.97 -16.50 40.13
CA PRO I 40 -31.59 -16.52 40.61
C PRO I 40 -30.57 -15.90 39.64
N PHE I 41 -29.43 -15.52 40.20
CA PHE I 41 -28.45 -14.67 39.52
C PHE I 41 -27.18 -14.70 40.35
N SER I 42 -26.03 -14.77 39.67
CA SER I 42 -24.75 -14.97 40.36
C SER I 42 -24.30 -13.77 41.17
N ASP I 43 -24.51 -12.57 40.63
CA ASP I 43 -24.05 -11.32 41.26
C ASP I 43 -25.20 -10.33 41.47
N PRO I 44 -26.09 -10.63 42.42
CA PRO I 44 -27.20 -9.72 42.72
C PRO I 44 -26.72 -8.60 43.65
N ILE I 45 -26.56 -7.40 43.08
CA ILE I 45 -25.96 -6.27 43.80
C ILE I 45 -27.00 -5.50 44.63
N ALA I 46 -26.56 -5.02 45.79
CA ALA I 46 -27.41 -4.36 46.81
C ALA I 46 -28.77 -5.03 47.08
N ASP I 47 -28.76 -6.36 47.11
CA ASP I 47 -29.91 -7.17 47.49
C ASP I 47 -29.65 -7.60 48.94
N GLY I 48 -30.71 -7.94 49.67
CA GLY I 48 -30.59 -8.27 51.10
C GLY I 48 -29.86 -9.58 51.34
N LYS I 49 -29.12 -9.66 52.45
CA LYS I 49 -28.32 -10.84 52.78
C LYS I 49 -29.11 -12.13 52.69
N THR I 50 -30.29 -12.17 53.32
CA THR I 50 -31.12 -13.37 53.35
C THR I 50 -31.66 -13.77 51.97
N ILE I 51 -31.95 -12.79 51.11
CA ILE I 51 -32.38 -13.03 49.73
C ILE I 51 -31.18 -13.47 48.88
N GLN I 52 -30.08 -12.75 49.04
CA GLN I 52 -28.81 -13.02 48.37
C GLN I 52 -28.29 -14.45 48.59
N GLU I 53 -28.49 -15.00 49.78
CA GLU I 53 -28.15 -16.41 50.07
C GLU I 53 -29.01 -17.37 49.25
N SER I 54 -30.30 -17.07 49.11
CA SER I 54 -31.21 -17.91 48.34
C SER I 54 -30.88 -17.96 46.85
N HIS I 55 -30.33 -16.87 46.31
CA HIS I 55 -29.79 -16.87 44.96
C HIS I 55 -28.66 -17.92 44.83
N TYR I 56 -27.75 -17.96 45.80
CA TYR I 56 -26.62 -18.90 45.79
C TYR I 56 -27.06 -20.35 45.98
N ARG I 57 -28.04 -20.59 46.86
CA ARG I 57 -28.58 -21.94 47.07
C ARG I 57 -29.14 -22.54 45.78
N ALA I 58 -29.95 -21.77 45.06
CA ALA I 58 -30.66 -22.27 43.88
C ALA I 58 -29.71 -22.63 42.73
N LEU I 59 -28.70 -21.78 42.53
CA LEU I 59 -27.70 -22.00 41.49
C LEU I 59 -26.73 -23.13 41.84
N LYS I 60 -26.36 -23.25 43.12
CA LYS I 60 -25.58 -24.40 43.60
C LYS I 60 -26.30 -25.73 43.41
N ASN I 61 -27.64 -25.71 43.49
CA ASN I 61 -28.49 -26.86 43.20
C ASN I 61 -28.89 -27.00 41.72
N GLY I 62 -28.25 -26.21 40.85
CA GLY I 62 -28.37 -26.40 39.41
C GLY I 62 -29.69 -25.88 38.88
N PHE I 63 -29.88 -24.58 38.99
CA PHE I 63 -31.07 -23.92 38.48
C PHE I 63 -30.86 -23.47 37.04
N LYS I 64 -31.88 -23.71 36.21
CA LYS I 64 -31.93 -23.24 34.83
C LYS I 64 -33.09 -22.24 34.68
N LEU I 65 -32.95 -21.32 33.74
CA LEU I 65 -34.01 -20.34 33.46
C LEU I 65 -35.32 -21.00 33.00
N ARG I 66 -35.20 -22.11 32.27
CA ARG I 66 -36.34 -22.94 31.87
C ARG I 66 -37.21 -23.33 33.07
N GLU I 67 -36.58 -23.65 34.21
CA GLU I 67 -37.29 -24.08 35.41
C GLU I 67 -38.18 -23.00 36.03
N ALA I 68 -37.85 -21.72 35.85
CA ALA I 68 -38.67 -20.61 36.38
C ALA I 68 -40.05 -20.55 35.70
N PHE I 69 -40.04 -20.61 34.38
CA PHE I 69 -41.26 -20.61 33.56
C PHE I 69 -42.09 -21.89 33.75
N TRP I 70 -41.42 -22.98 34.10
CA TRP I 70 -42.11 -24.23 34.46
C TRP I 70 -42.94 -24.07 35.74
N ILE I 71 -42.37 -23.42 36.76
CA ILE I 71 -43.07 -23.18 38.02
C ILE I 71 -44.33 -22.35 37.80
N VAL I 72 -44.22 -21.32 36.97
CA VAL I 72 -45.33 -20.39 36.73
C VAL I 72 -46.46 -21.04 35.93
N LYS I 73 -46.11 -21.83 34.92
CA LYS I 73 -47.09 -22.58 34.13
C LYS I 73 -47.83 -23.61 34.97
N GLU I 74 -47.09 -24.32 35.81
CA GLU I 74 -47.65 -25.35 36.69
C GLU I 74 -48.51 -24.75 37.83
N PHE I 75 -48.13 -23.57 38.32
CA PHE I 75 -48.93 -22.80 39.27
C PHE I 75 -50.24 -22.31 38.64
N ARG I 76 -50.15 -21.90 37.37
CA ARG I 76 -51.33 -21.43 36.62
C ARG I 76 -52.37 -22.52 36.35
N ARG I 77 -51.93 -23.78 36.30
CA ARG I 77 -52.84 -24.92 36.26
C ARG I 77 -53.84 -24.92 37.42
N HIS I 78 -53.44 -24.39 38.58
CA HIS I 78 -54.29 -24.30 39.77
C HIS I 78 -54.85 -22.91 40.07
N SER I 79 -53.99 -21.90 40.03
CA SER I 79 -54.36 -20.55 40.48
C SER I 79 -54.35 -19.50 39.38
N SER I 80 -55.04 -18.39 39.64
CA SER I 80 -55.06 -17.22 38.76
C SER I 80 -54.46 -15.98 39.44
N THR I 81 -53.81 -16.18 40.59
CA THR I 81 -53.28 -15.09 41.39
C THR I 81 -52.14 -14.40 40.63
N PRO I 82 -52.13 -13.05 40.60
CA PRO I 82 -51.14 -12.34 39.78
C PRO I 82 -49.68 -12.64 40.17
N ILE I 83 -48.89 -13.06 39.19
CA ILE I 83 -47.47 -13.38 39.38
C ILE I 83 -46.64 -12.23 38.81
N VAL I 84 -45.68 -11.75 39.61
CA VAL I 84 -44.69 -10.76 39.18
C VAL I 84 -43.33 -11.47 39.18
N LEU I 85 -42.63 -11.39 38.06
CA LEU I 85 -41.32 -12.01 37.93
C LEU I 85 -40.24 -10.98 38.25
N MET I 86 -39.37 -11.28 39.21
CA MET I 86 -38.29 -10.39 39.59
C MET I 86 -36.97 -10.97 39.08
N THR I 87 -36.27 -10.21 38.24
CA THR I 87 -35.05 -10.68 37.59
C THR I 87 -34.07 -9.56 37.31
N TYR I 88 -32.84 -9.97 37.01
CA TYR I 88 -31.82 -9.06 36.49
C TYR I 88 -31.87 -9.07 34.96
N TYR I 89 -31.25 -8.06 34.36
CA TYR I 89 -31.36 -7.82 32.92
C TYR I 89 -30.63 -8.86 32.08
N ASN I 90 -29.57 -9.46 32.62
CA ASN I 90 -28.72 -10.33 31.79
C ASN I 90 -29.45 -11.51 31.13
N PRO I 91 -30.30 -12.25 31.87
CA PRO I 91 -31.17 -13.23 31.23
C PRO I 91 -32.00 -12.67 30.07
N ILE I 92 -32.55 -11.47 30.27
CA ILE I 92 -33.36 -10.79 29.26
C ILE I 92 -32.49 -10.31 28.08
N TYR I 93 -31.28 -9.85 28.37
CA TYR I 93 -30.34 -9.41 27.34
C TYR I 93 -29.98 -10.56 26.38
N ARG I 94 -29.67 -11.73 26.95
CA ARG I 94 -29.26 -12.89 26.18
C ARG I 94 -30.38 -13.46 25.31
N ALA I 95 -31.56 -13.63 25.92
CA ALA I 95 -32.73 -14.16 25.21
C ALA I 95 -33.34 -13.21 24.16
N GLY I 96 -33.03 -11.92 24.24
CA GLY I 96 -33.68 -10.90 23.42
C GLY I 96 -34.93 -10.41 24.14
N VAL I 97 -35.12 -9.10 24.17
CA VAL I 97 -36.13 -8.48 25.04
C VAL I 97 -37.52 -9.05 24.76
N ARG I 98 -37.93 -9.00 23.49
CA ARG I 98 -39.26 -9.46 23.07
C ARG I 98 -39.50 -10.95 23.36
N ASN I 99 -38.50 -11.79 23.10
CA ASN I 99 -38.62 -13.25 23.29
C ASN I 99 -38.74 -13.67 24.75
N PHE I 100 -38.05 -12.98 25.65
CA PHE I 100 -38.17 -13.23 27.09
C PHE I 100 -39.57 -12.89 27.60
N LEU I 101 -40.06 -11.71 27.23
CA LEU I 101 -41.37 -11.24 27.66
C LEU I 101 -42.53 -12.08 27.09
N ALA I 102 -42.39 -12.51 25.84
CA ALA I 102 -43.35 -13.40 25.20
C ALA I 102 -43.44 -14.76 25.89
N GLU I 103 -42.27 -15.34 26.20
CA GLU I 103 -42.19 -16.63 26.93
C GLU I 103 -42.76 -16.50 28.35
N ALA I 104 -42.54 -15.35 28.98
CA ALA I 104 -43.09 -15.06 30.30
C ALA I 104 -44.62 -14.99 30.26
N LYS I 105 -45.15 -14.27 29.26
CA LYS I 105 -46.59 -14.16 29.05
C LYS I 105 -47.23 -15.51 28.77
N ALA I 106 -46.56 -16.35 27.98
CA ALA I 106 -47.01 -17.72 27.71
C ALA I 106 -47.15 -18.57 28.98
N SER I 107 -46.22 -18.41 29.92
CA SER I 107 -46.29 -19.08 31.22
C SER I 107 -47.44 -18.60 32.10
N GLY I 108 -47.84 -17.35 31.91
CA GLY I 108 -48.90 -16.71 32.71
C GLY I 108 -48.40 -15.67 33.70
N VAL I 109 -47.27 -15.04 33.38
CA VAL I 109 -46.69 -13.97 34.19
C VAL I 109 -47.44 -12.68 33.87
N ASP I 110 -47.77 -11.92 34.91
CA ASP I 110 -48.57 -10.69 34.75
C ASP I 110 -47.71 -9.44 34.71
N GLY I 111 -46.73 -9.38 35.61
CA GLY I 111 -45.84 -8.23 35.72
C GLY I 111 -44.39 -8.65 35.73
N ILE I 112 -43.50 -7.67 35.62
CA ILE I 112 -42.06 -7.92 35.68
C ILE I 112 -41.29 -6.73 36.24
N LEU I 113 -40.29 -7.03 37.07
CA LEU I 113 -39.36 -6.04 37.60
C LEU I 113 -37.97 -6.45 37.18
N VAL I 114 -37.33 -5.63 36.34
CA VAL I 114 -35.93 -5.81 35.99
C VAL I 114 -35.14 -4.99 37.01
N VAL I 115 -34.48 -5.68 37.94
CA VAL I 115 -33.90 -5.05 39.13
C VAL I 115 -32.82 -4.04 38.79
N ASP I 116 -31.93 -4.42 37.88
CA ASP I 116 -30.75 -3.62 37.51
C ASP I 116 -30.90 -2.86 36.17
N LEU I 117 -32.13 -2.59 35.74
CA LEU I 117 -32.38 -1.75 34.56
C LEU I 117 -32.97 -0.41 35.01
N PRO I 118 -32.17 0.67 34.98
CA PRO I 118 -32.67 1.98 35.38
C PRO I 118 -33.88 2.47 34.57
N VAL I 119 -34.57 3.44 35.15
CA VAL I 119 -35.86 3.91 34.63
C VAL I 119 -35.66 4.63 33.30
N PHE I 120 -34.56 5.35 33.19
CA PHE I 120 -34.23 6.09 31.97
C PHE I 120 -33.73 5.17 30.83
N HIS I 121 -33.29 3.96 31.15
CA HIS I 121 -32.92 2.96 30.12
C HIS I 121 -34.04 1.99 29.74
N ALA I 122 -35.21 2.11 30.37
CA ALA I 122 -36.30 1.14 30.18
C ALA I 122 -37.35 1.53 29.14
N LYS I 123 -37.11 2.59 28.35
CA LYS I 123 -38.10 3.09 27.39
C LYS I 123 -38.52 2.04 26.37
N GLU I 124 -37.54 1.43 25.71
CA GLU I 124 -37.78 0.32 24.77
C GLU I 124 -38.43 -0.88 25.47
N PHE I 125 -37.95 -1.19 26.67
CA PHE I 125 -38.43 -2.34 27.46
C PHE I 125 -39.92 -2.25 27.83
N THR I 126 -40.33 -1.07 28.28
CA THR I 126 -41.73 -0.81 28.64
C THR I 126 -42.66 -0.88 27.43
N GLU I 127 -42.17 -0.38 26.29
CA GLU I 127 -42.90 -0.44 25.02
C GLU I 127 -43.18 -1.87 24.56
N ILE I 128 -42.17 -2.74 24.67
CA ILE I 128 -42.28 -4.14 24.28
C ILE I 128 -43.12 -4.92 25.31
N ALA I 129 -42.97 -4.59 26.59
CA ALA I 129 -43.77 -5.20 27.66
C ALA I 129 -45.26 -4.97 27.45
N ARG I 130 -45.64 -3.76 27.07
CA ARG I 130 -47.04 -3.41 26.78
C ARG I 130 -47.60 -4.24 25.63
N GLU I 131 -46.85 -4.31 24.54
CA GLU I 131 -47.23 -5.10 23.36
C GLU I 131 -47.37 -6.60 23.67
N GLU I 132 -46.41 -7.14 24.42
CA GLU I 132 -46.42 -8.55 24.81
C GLU I 132 -47.34 -8.88 26.01
N GLY I 133 -47.97 -7.87 26.59
CA GLY I 133 -49.01 -8.06 27.60
C GLY I 133 -48.51 -8.19 29.03
N ILE I 134 -47.31 -7.66 29.30
CA ILE I 134 -46.67 -7.71 30.61
C ILE I 134 -46.71 -6.31 31.22
N LYS I 135 -47.15 -6.25 32.47
CA LYS I 135 -47.14 -5.00 33.23
C LYS I 135 -45.75 -4.74 33.81
N THR I 136 -45.41 -3.48 33.95
CA THR I 136 -44.10 -3.05 34.41
C THR I 136 -44.14 -2.74 35.90
N VAL I 137 -43.11 -3.16 36.61
CA VAL I 137 -42.94 -2.84 38.03
C VAL I 137 -41.54 -2.26 38.19
N PHE I 138 -41.45 -0.96 38.51
CA PHE I 138 -40.18 -0.29 38.75
C PHE I 138 -40.08 0.06 40.22
N LEU I 139 -38.89 -0.06 40.78
CA LEU I 139 -38.71 0.24 42.20
C LEU I 139 -38.19 1.65 42.47
N ALA I 140 -38.49 2.13 43.67
CA ALA I 140 -38.05 3.42 44.18
C ALA I 140 -37.50 3.26 45.59
N ALA I 141 -36.55 4.11 45.96
CA ALA I 141 -35.86 4.03 47.24
C ALA I 141 -35.95 5.37 47.96
N PRO I 142 -35.59 5.42 49.26
CA PRO I 142 -35.65 6.69 49.99
C PRO I 142 -34.76 7.80 49.42
N ASN I 143 -33.65 7.44 48.78
CA ASN I 143 -32.78 8.42 48.14
C ASN I 143 -33.23 8.89 46.74
N THR I 144 -34.29 8.28 46.20
CA THR I 144 -34.91 8.75 44.95
C THR I 144 -35.61 10.08 45.20
N PRO I 145 -35.24 11.14 44.43
CA PRO I 145 -35.97 12.42 44.55
C PRO I 145 -37.38 12.37 43.99
N ASP I 146 -38.15 13.43 44.23
CA ASP I 146 -39.51 13.53 43.73
C ASP I 146 -39.56 13.59 42.21
N GLU I 147 -38.58 14.25 41.59
CA GLU I 147 -38.49 14.34 40.13
C GLU I 147 -38.55 12.95 39.48
N ARG I 148 -37.68 12.05 39.93
CA ARG I 148 -37.63 10.67 39.41
C ARG I 148 -38.83 9.84 39.83
N LEU I 149 -39.30 10.01 41.07
CA LEU I 149 -40.46 9.28 41.55
C LEU I 149 -41.72 9.46 40.67
N LYS I 150 -41.90 10.66 40.13
CA LYS I 150 -42.95 10.92 39.12
C LYS I 150 -42.68 10.16 37.83
N VAL I 151 -41.43 10.13 37.39
CA VAL I 151 -41.03 9.40 36.18
C VAL I 151 -41.19 7.89 36.37
N ILE I 152 -40.84 7.37 37.54
CA ILE I 152 -40.98 5.94 37.85
C ILE I 152 -42.46 5.56 37.78
N ASP I 153 -43.31 6.41 38.36
CA ASP I 153 -44.75 6.24 38.30
C ASP I 153 -45.26 6.24 36.86
N ASP I 154 -44.81 7.21 36.06
CA ASP I 154 -45.24 7.35 34.66
C ASP I 154 -45.00 6.10 33.82
N MET I 155 -43.92 5.37 34.08
CA MET I 155 -43.60 4.17 33.31
C MET I 155 -44.09 2.86 33.92
N THR I 156 -44.52 2.92 35.17
CA THR I 156 -45.14 1.79 35.85
C THR I 156 -46.57 1.56 35.34
N THR I 157 -46.86 0.33 34.90
CA THR I 157 -48.24 -0.10 34.61
C THR I 157 -48.80 -1.14 35.58
N GLY I 158 -47.96 -1.66 36.49
CA GLY I 158 -48.37 -2.67 37.48
C GLY I 158 -48.45 -2.11 38.88
N PHE I 159 -47.30 -1.84 39.47
CA PHE I 159 -47.21 -1.15 40.77
C PHE I 159 -45.77 -0.68 41.03
N VAL I 160 -45.63 0.39 41.80
CA VAL I 160 -44.33 0.90 42.20
C VAL I 160 -43.86 0.10 43.42
N TYR I 161 -42.68 -0.50 43.33
CA TYR I 161 -42.15 -1.31 44.43
C TYR I 161 -41.22 -0.45 45.31
N LEU I 162 -41.70 -0.03 46.47
CA LEU I 162 -40.87 0.74 47.39
C LEU I 162 -39.98 -0.19 48.20
N VAL I 163 -38.73 0.20 48.40
CA VAL I 163 -37.77 -0.54 49.21
C VAL I 163 -37.05 0.40 50.16
N SER I 164 -36.50 -0.14 51.24
CA SER I 164 -35.72 0.64 52.21
C SER I 164 -34.23 0.59 51.87
N LEU I 165 -33.45 1.41 52.58
CA LEU I 165 -32.00 1.44 52.41
C LEU I 165 -31.33 0.17 52.96
N TYR I 166 -32.00 -0.48 53.92
CA TYR I 166 -31.53 -1.74 54.53
C TYR I 166 -32.77 -2.50 55.03
N GLU I 173 -36.01 -5.28 65.73
CA GLU I 173 -35.85 -4.46 64.54
C GLU I 173 -37.15 -3.74 64.21
N GLU I 174 -37.08 -2.41 64.12
CA GLU I 174 -38.22 -1.56 63.76
C GLU I 174 -38.08 -1.09 62.32
N ILE I 175 -39.21 -0.67 61.73
CA ILE I 175 -39.22 -0.10 60.39
C ILE I 175 -38.70 1.34 60.54
N PRO I 176 -37.69 1.74 59.73
CA PRO I 176 -37.09 3.06 59.97
C PRO I 176 -37.94 4.22 59.47
N LYS I 177 -37.80 5.37 60.12
CA LYS I 177 -38.50 6.61 59.75
C LYS I 177 -38.28 7.01 58.29
N THR I 178 -37.11 6.64 57.75
CA THR I 178 -36.76 6.93 56.36
C THR I 178 -37.63 6.17 55.33
N ALA I 179 -38.04 4.95 55.70
CA ALA I 179 -38.91 4.12 54.85
C ALA I 179 -40.34 4.64 54.84
N TYR I 180 -40.84 5.07 56.00
CA TYR I 180 -42.15 5.69 56.10
C TYR I 180 -42.23 7.00 55.31
N ASP I 181 -41.14 7.76 55.30
CA ASP I 181 -41.08 9.01 54.52
C ASP I 181 -41.17 8.75 53.02
N LEU I 182 -40.62 7.63 52.55
CA LEU I 182 -40.78 7.21 51.16
C LEU I 182 -42.23 6.84 50.84
N LEU I 183 -42.86 6.11 51.76
CA LEU I 183 -44.26 5.71 51.62
C LEU I 183 -45.18 6.92 51.56
N ARG I 184 -44.89 7.94 52.38
CA ARG I 184 -45.71 9.16 52.44
C ARG I 184 -45.62 9.96 51.14
N ARG I 185 -44.41 10.16 50.65
CA ARG I 185 -44.17 10.84 49.37
C ARG I 185 -44.74 10.05 48.18
N ALA I 186 -44.63 8.73 48.24
CA ALA I 186 -45.12 7.87 47.16
C ALA I 186 -46.64 7.91 47.03
N LYS I 187 -47.36 7.92 48.16
CA LYS I 187 -48.82 8.03 48.12
C LYS I 187 -49.30 9.40 47.66
N ARG I 188 -48.59 10.45 48.05
CA ARG I 188 -48.87 11.82 47.60
C ARG I 188 -48.62 11.98 46.10
N ILE I 189 -47.55 11.37 45.58
CA ILE I 189 -47.10 11.57 44.20
C ILE I 189 -47.67 10.51 43.22
N CYS I 190 -47.45 9.24 43.52
CA CYS I 190 -47.82 8.15 42.60
C CYS I 190 -49.32 7.92 42.45
N ARG I 191 -49.79 7.83 41.21
CA ARG I 191 -51.16 7.42 40.91
C ARG I 191 -51.27 5.89 40.84
N ASN I 192 -50.15 5.21 40.58
CA ASN I 192 -50.13 3.74 40.66
C ASN I 192 -50.27 3.25 42.08
N LYS I 193 -50.61 1.97 42.21
CA LYS I 193 -50.54 1.28 43.49
C LYS I 193 -49.10 1.12 43.92
N VAL I 194 -48.90 1.01 45.23
CA VAL I 194 -47.59 1.02 45.82
C VAL I 194 -47.45 -0.21 46.72
N ALA I 195 -46.43 -1.02 46.46
CA ALA I 195 -46.07 -2.13 47.34
C ALA I 195 -44.82 -1.74 48.12
N VAL I 196 -44.73 -2.20 49.36
CA VAL I 196 -43.57 -1.93 50.22
C VAL I 196 -42.86 -3.23 50.58
N GLY I 197 -41.55 -3.25 50.34
CA GLY I 197 -40.66 -4.32 50.79
C GLY I 197 -39.65 -3.74 51.74
N PHE I 198 -40.10 -3.47 52.98
CA PHE I 198 -39.27 -2.84 54.00
C PHE I 198 -38.71 -3.84 55.03
N GLY I 199 -38.67 -5.12 54.69
CA GLY I 199 -38.13 -6.14 55.59
C GLY I 199 -39.02 -6.42 56.78
N VAL I 200 -40.28 -6.72 56.50
CA VAL I 200 -41.30 -6.98 57.51
C VAL I 200 -41.03 -8.32 58.19
N SER I 201 -40.85 -8.30 59.50
CA SER I 201 -40.69 -9.53 60.31
C SER I 201 -41.86 -9.89 61.23
N LYS I 202 -42.76 -8.95 61.54
CA LYS I 202 -43.85 -9.18 62.49
C LYS I 202 -45.16 -8.45 62.18
N ARG I 203 -46.25 -8.88 62.83
CA ARG I 203 -47.61 -8.40 62.54
C ARG I 203 -47.77 -6.89 62.71
N GLU I 204 -47.14 -6.34 63.74
CA GLU I 204 -47.14 -4.89 63.99
C GLU I 204 -46.82 -4.07 62.73
N HIS I 205 -45.88 -4.56 61.93
CA HIS I 205 -45.39 -3.85 60.74
C HIS I 205 -46.38 -3.83 59.59
N VAL I 206 -47.03 -4.97 59.34
CA VAL I 206 -48.03 -5.06 58.27
C VAL I 206 -49.17 -4.09 58.54
N VAL I 207 -49.71 -4.15 59.76
CA VAL I 207 -50.79 -3.27 60.20
C VAL I 207 -50.37 -1.80 60.06
N SER I 208 -49.18 -1.49 60.55
CA SER I 208 -48.65 -0.13 60.50
C SER I 208 -48.47 0.39 59.07
N LEU I 209 -47.97 -0.44 58.17
CA LEU I 209 -47.73 -0.03 56.78
C LEU I 209 -49.03 0.09 55.99
N LEU I 210 -49.94 -0.84 56.19
CA LEU I 210 -51.29 -0.74 55.62
C LEU I 210 -52.02 0.52 56.08
N LYS I 211 -51.84 0.86 57.35
CA LYS I 211 -52.40 2.09 57.92
C LYS I 211 -51.84 3.36 57.28
N GLU I 212 -50.53 3.38 57.00
CA GLU I 212 -49.88 4.54 56.39
C GLU I 212 -50.11 4.67 54.89
N GLY I 213 -50.82 3.73 54.27
CA GLY I 213 -51.30 3.87 52.89
C GLY I 213 -50.82 2.83 51.89
N ALA I 214 -49.90 1.96 52.29
CA ALA I 214 -49.39 0.91 51.40
C ALA I 214 -50.53 0.06 50.88
N ASN I 215 -50.61 -0.06 49.56
CA ASN I 215 -51.63 -0.88 48.90
C ASN I 215 -51.33 -2.35 49.11
N GLY I 216 -50.03 -2.70 49.04
CA GLY I 216 -49.55 -4.06 49.27
C GLY I 216 -48.32 -4.09 50.16
N VAL I 217 -48.15 -5.21 50.86
CA VAL I 217 -47.01 -5.41 51.76
C VAL I 217 -46.31 -6.70 51.37
N VAL I 218 -45.08 -6.57 50.86
CA VAL I 218 -44.27 -7.70 50.43
C VAL I 218 -43.66 -8.40 51.65
N VAL I 219 -43.66 -9.72 51.62
CA VAL I 219 -43.03 -10.55 52.66
C VAL I 219 -42.03 -11.47 51.95
N GLY I 220 -40.76 -11.05 51.95
CA GLY I 220 -39.68 -11.78 51.28
C GLY I 220 -38.72 -12.42 52.25
N SER I 221 -38.04 -11.59 53.03
CA SER I 221 -36.94 -12.04 53.88
C SER I 221 -37.34 -13.01 55.00
N ALA I 222 -38.53 -12.82 55.56
CA ALA I 222 -39.04 -13.68 56.64
C ALA I 222 -39.40 -15.08 56.15
N LEU I 223 -39.85 -15.20 54.90
CA LEU I 223 -40.16 -16.51 54.30
C LEU I 223 -38.90 -17.21 53.79
N VAL I 224 -38.03 -16.45 53.12
CA VAL I 224 -36.79 -16.97 52.57
C VAL I 224 -35.82 -17.44 53.68
N LYS I 225 -35.80 -16.73 54.81
CA LYS I 225 -35.03 -17.14 55.99
C LYS I 225 -35.47 -18.51 56.52
N ILE I 226 -36.77 -18.77 56.47
CA ILE I 226 -37.34 -20.07 56.85
C ILE I 226 -36.95 -21.13 55.80
N ILE I 227 -37.07 -20.79 54.52
CA ILE I 227 -36.73 -21.70 53.42
C ILE I 227 -35.27 -22.16 53.50
N GLY I 228 -34.38 -21.24 53.83
CA GLY I 228 -32.96 -21.54 54.03
C GLY I 228 -32.70 -22.53 55.15
N GLU I 229 -33.47 -22.42 56.23
CA GLU I 229 -33.35 -23.32 57.39
C GLU I 229 -33.98 -24.68 57.14
N LYS I 230 -35.25 -24.66 56.72
CA LYS I 230 -36.08 -25.87 56.67
C LYS I 230 -36.02 -26.65 55.36
N GLY I 231 -35.71 -25.99 54.25
CA GLY I 231 -35.53 -26.64 52.97
C GLY I 231 -36.83 -27.12 52.35
N ARG I 232 -36.88 -28.41 51.98
CA ARG I 232 -38.09 -29.04 51.44
C ARG I 232 -39.26 -29.04 52.43
N GLU I 233 -38.96 -29.27 53.71
CA GLU I 233 -39.98 -29.32 54.78
C GLU I 233 -40.47 -27.94 55.24
N ALA I 234 -40.11 -26.87 54.53
CA ALA I 234 -40.49 -25.51 54.90
C ALA I 234 -42.00 -25.22 54.82
N THR I 235 -42.70 -25.92 53.93
CA THR I 235 -44.10 -25.63 53.60
C THR I 235 -44.99 -25.24 54.78
N GLU I 236 -44.94 -26.02 55.86
CA GLU I 236 -45.82 -25.80 57.01
C GLU I 236 -45.35 -24.62 57.88
N PHE I 237 -44.04 -24.43 58.00
CA PHE I 237 -43.48 -23.31 58.76
C PHE I 237 -43.77 -21.97 58.10
N LEU I 238 -43.79 -21.96 56.76
CA LEU I 238 -44.15 -20.77 55.98
C LEU I 238 -45.60 -20.37 56.19
N LYS I 239 -46.49 -21.34 56.33
CA LYS I 239 -47.91 -21.07 56.58
C LYS I 239 -48.16 -20.40 57.94
N LYS I 240 -47.50 -20.90 58.98
CA LYS I 240 -47.57 -20.31 60.31
C LYS I 240 -47.06 -18.86 60.31
N LYS I 241 -46.02 -18.59 59.53
CA LYS I 241 -45.43 -17.24 59.41
C LYS I 241 -46.36 -16.27 58.67
N VAL I 242 -46.91 -16.68 57.54
CA VAL I 242 -47.82 -15.81 56.78
C VAL I 242 -49.10 -15.56 57.57
N GLU I 243 -49.60 -16.59 58.28
CA GLU I 243 -50.72 -16.41 59.18
C GLU I 243 -50.39 -15.45 60.32
N GLU I 244 -49.18 -15.55 60.88
CA GLU I 244 -48.73 -14.59 61.90
C GLU I 244 -48.84 -13.17 61.38
N LEU I 245 -48.36 -12.95 60.16
CA LEU I 245 -48.33 -11.62 59.54
C LEU I 245 -49.69 -11.14 59.04
N LEU I 246 -50.61 -12.06 58.72
CA LEU I 246 -52.00 -11.69 58.39
C LEU I 246 -52.89 -11.45 59.61
N GLY I 247 -52.47 -11.86 60.80
CA GLY I 247 -53.37 -11.96 61.96
C GLY I 247 -54.28 -13.16 61.87
N ILE I 248 -53.79 -14.23 61.23
CA ILE I 248 -54.46 -15.52 61.00
C ILE I 248 -55.48 -15.48 59.87
N MET J 1 -21.24 7.66 29.21
CA MET J 1 -21.83 6.40 29.74
C MET J 1 -21.60 5.20 28.83
N TRP J 2 -21.69 5.43 27.52
CA TRP J 2 -21.57 4.36 26.53
C TRP J 2 -20.24 4.43 25.78
N PHE J 3 -19.71 3.26 25.44
CA PHE J 3 -18.58 3.12 24.53
C PHE J 3 -19.07 2.23 23.39
N GLY J 4 -19.73 2.86 22.43
CA GLY J 4 -20.56 2.15 21.46
C GLY J 4 -21.77 1.56 22.19
N GLU J 5 -21.81 0.23 22.24
CA GLU J 5 -22.92 -0.53 22.84
C GLU J 5 -22.64 -0.97 24.28
N PHE J 6 -21.40 -0.79 24.73
CA PHE J 6 -20.95 -1.25 26.05
C PHE J 6 -20.93 -0.09 27.05
N GLY J 7 -21.03 -0.42 28.33
CA GLY J 7 -21.00 0.56 29.42
C GLY J 7 -22.31 0.56 30.18
N GLY J 8 -22.97 1.72 30.23
CA GLY J 8 -24.28 1.84 30.89
C GLY J 8 -24.21 2.06 32.39
N GLN J 9 -25.38 2.01 33.02
CA GLN J 9 -25.52 2.29 34.45
C GLN J 9 -26.46 1.29 35.11
N TYR J 10 -26.23 0.01 34.82
CA TYR J 10 -27.17 -1.06 35.18
C TYR J 10 -27.15 -1.44 36.66
N VAL J 11 -27.73 -0.58 37.50
CA VAL J 11 -27.81 -0.79 38.94
C VAL J 11 -29.23 -0.50 39.42
N PRO J 12 -29.58 -0.96 40.64
CA PRO J 12 -30.92 -0.68 41.13
C PRO J 12 -31.07 0.77 41.57
N GLU J 13 -32.31 1.22 41.67
CA GLU J 13 -32.65 2.60 42.01
C GLU J 13 -31.97 3.11 43.30
N THR J 14 -31.70 2.21 44.23
CA THR J 14 -30.97 2.54 45.46
C THR J 14 -29.59 3.16 45.22
N LEU J 15 -28.93 2.79 44.13
CA LEU J 15 -27.60 3.30 43.79
C LEU J 15 -27.56 4.47 42.80
N ILE J 16 -28.71 4.89 42.28
CA ILE J 16 -28.74 5.90 41.21
C ILE J 16 -28.39 7.32 41.70
N GLU J 17 -29.01 7.79 42.78
CA GLU J 17 -28.75 9.14 43.29
C GLU J 17 -27.29 9.36 43.73
N PRO J 18 -26.66 8.37 44.39
CA PRO J 18 -25.23 8.50 44.67
C PRO J 18 -24.37 8.62 43.39
N LEU J 19 -24.74 7.86 42.37
CA LEU J 19 -24.02 7.87 41.10
C LEU J 19 -24.27 9.16 40.32
N LYS J 20 -25.50 9.65 40.33
CA LYS J 20 -25.85 10.92 39.70
C LYS J 20 -25.18 12.12 40.35
N GLU J 21 -25.00 12.09 41.67
CA GLU J 21 -24.27 13.14 42.38
C GLU J 21 -22.76 13.10 42.12
N LEU J 22 -22.23 11.91 41.84
CA LEU J 22 -20.83 11.75 41.45
C LEU J 22 -20.59 12.28 40.05
N GLU J 23 -21.49 11.92 39.12
CA GLU J 23 -21.52 12.49 37.77
C GLU J 23 -21.53 14.01 37.79
N LYS J 24 -22.43 14.59 38.57
CA LYS J 24 -22.58 16.05 38.68
C LYS J 24 -21.30 16.69 39.17
N ALA J 25 -20.73 16.10 40.22
CA ALA J 25 -19.48 16.59 40.81
C ALA J 25 -18.28 16.39 39.89
N TYR J 26 -18.24 15.27 39.17
CA TYR J 26 -17.13 15.02 38.25
C TYR J 26 -17.13 16.05 37.13
N LYS J 27 -18.30 16.39 36.59
CA LYS J 27 -18.39 17.43 35.56
C LYS J 27 -17.93 18.80 36.06
N ARG J 28 -18.23 19.11 37.31
CA ARG J 28 -17.82 20.37 37.92
C ARG J 28 -16.31 20.49 38.11
N PHE J 29 -15.68 19.41 38.55
CA PHE J 29 -14.26 19.41 38.96
C PHE J 29 -13.27 18.80 37.96
N LYS J 30 -13.76 17.96 37.05
CA LYS J 30 -12.92 17.32 36.02
C LYS J 30 -11.90 18.28 35.41
N ASP J 31 -12.35 19.49 35.06
CA ASP J 31 -11.52 20.50 34.40
C ASP J 31 -11.29 21.75 35.25
N ASP J 32 -11.44 21.66 36.58
CA ASP J 32 -11.34 22.82 37.45
C ASP J 32 -9.86 23.16 37.65
N GLU J 33 -9.55 24.45 37.67
CA GLU J 33 -8.17 24.89 37.78
C GLU J 33 -7.56 24.50 39.13
N GLU J 34 -8.30 24.70 40.21
CA GLU J 34 -7.83 24.36 41.55
C GLU J 34 -7.75 22.86 41.81
N PHE J 35 -8.75 22.11 41.32
CA PHE J 35 -8.77 20.66 41.49
C PHE J 35 -7.55 19.98 40.87
N ASN J 36 -7.26 20.32 39.61
CA ASN J 36 -6.12 19.74 38.88
C ASN J 36 -4.77 20.22 39.40
N ARG J 37 -4.70 21.44 39.91
CA ARG J 37 -3.47 21.93 40.53
C ARG J 37 -3.11 21.11 41.75
N GLN J 38 -4.10 20.78 42.58
CA GLN J 38 -3.88 19.96 43.77
C GLN J 38 -3.58 18.51 43.41
N LEU J 39 -4.28 17.99 42.40
CA LEU J 39 -4.05 16.62 41.96
C LEU J 39 -2.60 16.44 41.51
N ASN J 40 -2.15 17.36 40.64
CA ASN J 40 -0.79 17.31 40.13
C ASN J 40 0.25 17.52 41.23
N TYR J 41 -0.05 18.38 42.20
CA TYR J 41 0.80 18.58 43.36
C TYR J 41 0.99 17.28 44.15
N TYR J 42 -0.12 16.58 44.44
CA TYR J 42 -0.05 15.30 45.15
C TYR J 42 0.58 14.21 44.30
N LEU J 43 0.21 14.14 43.03
CA LEU J 43 0.87 13.20 42.10
C LEU J 43 2.38 13.42 41.99
N LYS J 44 2.83 14.66 42.08
CA LYS J 44 4.24 14.98 41.95
C LYS J 44 5.01 14.71 43.25
N THR J 45 4.60 15.39 44.32
CA THR J 45 5.37 15.42 45.56
C THR J 45 5.17 14.17 46.41
N TRP J 46 3.96 13.62 46.41
CA TRP J 46 3.65 12.47 47.24
C TRP J 46 3.84 11.17 46.49
N ALA J 47 3.27 11.08 45.29
CA ALA J 47 3.32 9.86 44.49
C ALA J 47 4.60 9.69 43.66
N GLY J 48 5.30 10.79 43.35
CA GLY J 48 6.57 10.73 42.64
C GLY J 48 6.48 10.76 41.12
N ARG J 49 5.38 11.25 40.57
CA ARG J 49 5.25 11.41 39.12
C ARG J 49 6.08 12.60 38.62
N PRO J 50 6.63 12.52 37.39
CA PRO J 50 6.53 11.43 36.43
C PRO J 50 7.40 10.23 36.76
N THR J 51 6.96 9.07 36.30
CA THR J 51 7.77 7.87 36.37
C THR J 51 8.59 7.80 35.07
N PRO J 52 9.80 7.23 35.14
CA PRO J 52 10.67 7.18 33.98
C PRO J 52 10.21 6.17 32.93
N LEU J 53 10.77 6.33 31.74
CA LEU J 53 10.57 5.38 30.64
C LEU J 53 11.94 4.73 30.44
N TYR J 54 12.05 3.48 30.89
CA TYR J 54 13.32 2.76 30.93
C TYR J 54 13.51 1.92 29.68
N TYR J 55 14.69 2.01 29.07
CA TYR J 55 15.05 1.21 27.91
C TYR J 55 15.64 -0.11 28.40
N ALA J 56 14.94 -1.21 28.20
CA ALA J 56 15.44 -2.53 28.59
C ALA J 56 16.46 -2.97 27.54
N LYS J 57 17.68 -2.47 27.71
CA LYS J 57 18.73 -2.63 26.70
C LYS J 57 19.22 -4.07 26.61
N ARG J 58 19.45 -4.67 27.78
CA ARG J 58 20.00 -6.04 27.82
C ARG J 58 18.96 -7.06 27.39
N LEU J 59 17.69 -6.79 27.67
CA LEU J 59 16.59 -7.66 27.26
C LEU J 59 16.36 -7.62 25.75
N THR J 60 16.39 -6.43 25.14
CA THR J 60 16.14 -6.29 23.70
C THR J 60 17.18 -6.99 22.83
N GLU J 61 18.44 -6.88 23.23
CA GLU J 61 19.56 -7.47 22.50
C GLU J 61 19.69 -8.98 22.71
N LYS J 62 19.11 -9.47 23.81
CA LYS J 62 18.99 -10.91 24.05
C LYS J 62 17.94 -11.54 23.12
N ILE J 63 16.78 -10.89 23.00
CA ILE J 63 15.77 -11.25 22.00
C ILE J 63 16.28 -10.98 20.57
N GLY J 64 17.04 -9.91 20.40
CA GLY J 64 17.66 -9.57 19.12
C GLY J 64 16.72 -8.97 18.09
N GLY J 65 15.57 -8.48 18.56
CA GLY J 65 14.54 -7.92 17.70
C GLY J 65 14.33 -6.47 18.06
N ALA J 66 13.08 -6.08 18.28
CA ALA J 66 12.71 -4.68 18.49
C ALA J 66 13.07 -4.14 19.88
N LYS J 67 13.06 -2.81 19.96
CA LYS J 67 13.37 -2.08 21.19
C LYS J 67 12.19 -2.16 22.15
N ILE J 68 12.49 -2.28 23.44
CA ILE J 68 11.53 -2.64 24.49
C ILE J 68 11.73 -1.63 25.60
N TYR J 69 10.77 -0.70 25.70
CA TYR J 69 10.75 0.28 26.78
C TYR J 69 9.75 -0.15 27.85
N LEU J 70 10.06 0.18 29.09
CA LEU J 70 9.23 -0.13 30.25
C LEU J 70 8.76 1.17 30.88
N LYS J 71 7.46 1.40 30.90
CA LYS J 71 6.87 2.54 31.61
C LYS J 71 6.87 2.13 33.09
N ARG J 72 7.68 2.81 33.90
CA ARG J 72 8.00 2.34 35.25
C ARG J 72 6.98 2.77 36.31
N GLU J 73 5.74 2.29 36.19
CA GLU J 73 4.72 2.53 37.20
C GLU J 73 5.03 1.81 38.51
N ASP J 74 5.92 0.83 38.47
CA ASP J 74 6.46 0.19 39.68
C ASP J 74 7.18 1.14 40.64
N LEU J 75 7.61 2.30 40.14
CA LEU J 75 8.27 3.31 40.98
C LEU J 75 7.35 4.34 41.66
N VAL J 76 6.05 4.36 41.34
CA VAL J 76 5.14 5.25 42.07
C VAL J 76 5.01 4.83 43.52
N HIS J 77 4.66 5.78 44.38
CA HIS J 77 4.43 5.50 45.79
C HIS J 77 3.38 4.41 45.93
N GLY J 78 3.70 3.36 46.70
CA GLY J 78 2.83 2.18 46.84
C GLY J 78 3.22 1.02 45.96
N GLY J 79 3.88 1.30 44.83
CA GLY J 79 4.46 0.28 43.97
C GLY J 79 3.53 -0.23 42.88
N ALA J 80 2.56 0.59 42.49
CA ALA J 80 1.56 0.17 41.52
C ALA J 80 0.79 1.38 40.99
N HIS J 81 0.44 1.32 39.71
CA HIS J 81 -0.34 2.37 39.05
C HIS J 81 -1.64 2.76 39.78
N1 LLP J 82 -1.03 -4.56 37.81
C2 LLP J 82 -0.83 -4.32 39.12
C2' LLP J 82 0.55 -4.08 39.66
C3 LLP J 82 -1.99 -4.31 40.05
O3 LLP J 82 -1.77 -4.07 41.37
C4 LLP J 82 -3.34 -4.55 39.48
C4' LLP J 82 -4.56 -4.56 40.38
C5 LLP J 82 -3.42 -4.81 38.01
C6 LLP J 82 -2.23 -4.79 37.26
C5' LLP J 82 -4.72 -5.11 37.29
OP4 LLP J 82 -5.58 -3.98 37.28
P LLP J 82 -5.96 -3.12 35.96
OP1 LLP J 82 -4.84 -2.13 35.78
OP2 LLP J 82 -6.08 -4.08 34.81
OP3 LLP J 82 -7.27 -2.48 36.35
N LLP J 82 -2.19 1.85 40.58
CA LLP J 82 -3.43 2.08 41.35
CB LLP J 82 -3.66 0.90 42.29
CG LLP J 82 -4.12 -0.33 41.52
CD LLP J 82 -4.79 -1.35 42.43
CE LLP J 82 -5.37 -2.51 41.63
NZ LLP J 82 -4.45 -3.60 41.47
C LLP J 82 -3.48 3.35 42.17
O LLP J 82 -4.55 3.92 42.36
N THR J 83 -2.32 3.80 42.65
CA THR J 83 -2.18 5.07 43.40
C THR J 83 -2.69 6.29 42.63
N ASN J 84 -2.55 6.30 41.32
CA ASN J 84 -3.01 7.42 40.51
C ASN J 84 -4.53 7.61 40.63
N ASN J 85 -5.26 6.50 40.53
CA ASN J 85 -6.71 6.50 40.68
C ASN J 85 -7.15 6.77 42.13
N ALA J 86 -6.45 6.13 43.07
CA ALA J 86 -6.71 6.30 44.50
C ALA J 86 -6.64 7.75 44.94
N ILE J 87 -5.61 8.46 44.51
CA ILE J 87 -5.47 9.89 44.82
C ILE J 87 -6.60 10.65 44.14
N GLY J 88 -6.73 10.49 42.84
CA GLY J 88 -7.73 11.20 42.04
C GLY J 88 -9.14 11.17 42.61
N GLN J 89 -9.61 9.96 42.91
CA GLN J 89 -10.94 9.78 43.48
C GLN J 89 -11.03 10.32 44.90
N ALA J 90 -10.02 10.02 45.73
CA ALA J 90 -9.99 10.51 47.11
C ALA J 90 -10.01 12.04 47.18
N LEU J 91 -9.33 12.67 46.23
CA LEU J 91 -9.32 14.13 46.14
C LEU J 91 -10.67 14.64 45.66
N LEU J 92 -11.23 14.02 44.62
CA LEU J 92 -12.59 14.35 44.17
C LEU J 92 -13.58 14.27 45.32
N ALA J 93 -13.48 13.20 46.13
CA ALA J 93 -14.30 13.05 47.33
C ALA J 93 -14.14 14.20 48.31
N LYS J 94 -12.90 14.62 48.54
CA LYS J 94 -12.61 15.75 49.43
C LYS J 94 -13.23 17.06 48.91
N PHE J 95 -13.14 17.29 47.61
CA PHE J 95 -13.75 18.46 46.96
C PHE J 95 -15.27 18.41 46.96
N MET J 96 -15.82 17.20 46.92
CA MET J 96 -17.26 16.98 47.12
C MET J 96 -17.73 17.22 48.57
N GLY J 97 -16.82 17.48 49.49
CA GLY J 97 -17.16 17.73 50.88
C GLY J 97 -17.29 16.46 51.71
N LYS J 98 -16.90 15.32 51.14
CA LYS J 98 -17.02 14.04 51.83
C LYS J 98 -15.94 13.95 52.90
N THR J 99 -16.18 13.13 53.91
CA THR J 99 -15.25 12.90 55.00
C THR J 99 -14.71 11.47 55.03
N ARG J 100 -15.32 10.57 54.25
CA ARG J 100 -15.12 9.13 54.39
C ARG J 100 -14.94 8.45 53.03
N LEU J 101 -14.05 7.46 53.00
CA LEU J 101 -13.82 6.62 51.82
C LEU J 101 -14.16 5.18 52.19
N ILE J 102 -14.82 4.47 51.26
CA ILE J 102 -14.99 3.02 51.37
C ILE J 102 -14.61 2.32 50.08
N ALA J 103 -14.13 1.09 50.23
CA ALA J 103 -13.73 0.26 49.10
C ALA J 103 -13.82 -1.21 49.49
N GLU J 104 -13.70 -2.08 48.50
CA GLU J 104 -13.55 -3.51 48.76
C GLU J 104 -12.25 -4.00 48.14
N THR J 105 -11.82 -5.18 48.54
CA THR J 105 -10.58 -5.75 48.03
C THR J 105 -10.51 -7.28 48.17
N GLY J 106 -9.79 -7.91 47.25
CA GLY J 106 -9.52 -9.34 47.26
C GLY J 106 -8.13 -9.59 47.80
N ALA J 107 -7.13 -9.35 46.97
CA ALA J 107 -5.72 -9.47 47.37
C ALA J 107 -5.27 -8.43 48.41
N GLY J 108 -5.93 -7.28 48.46
CA GLY J 108 -5.55 -6.18 49.35
C GLY J 108 -4.94 -4.96 48.67
N GLN J 109 -4.55 -5.08 47.40
CA GLN J 109 -3.79 -4.01 46.75
C GLN J 109 -4.57 -2.72 46.47
N HIS J 110 -5.82 -2.85 46.04
CA HIS J 110 -6.70 -1.68 45.93
C HIS J 110 -7.01 -1.11 47.31
N GLY J 111 -7.21 -2.00 48.28
CA GLY J 111 -7.46 -1.61 49.66
C GLY J 111 -6.36 -0.77 50.27
N VAL J 112 -5.11 -1.15 50.00
CA VAL J 112 -3.94 -0.43 50.50
C VAL J 112 -3.84 0.93 49.83
N ALA J 113 -4.02 0.96 48.51
CA ALA J 113 -4.00 2.20 47.74
C ALA J 113 -5.05 3.19 48.27
N THR J 114 -6.25 2.70 48.53
CA THR J 114 -7.32 3.51 49.11
C THR J 114 -6.99 4.02 50.51
N ALA J 115 -6.42 3.14 51.34
CA ALA J 115 -5.98 3.52 52.69
C ALA J 115 -4.90 4.59 52.64
N MET J 116 -3.95 4.41 51.72
CA MET J 116 -2.86 5.37 51.49
C MET J 116 -3.36 6.77 51.17
N ALA J 117 -4.29 6.86 50.22
CA ALA J 117 -4.81 8.14 49.76
C ALA J 117 -5.67 8.82 50.83
N GLY J 118 -6.51 8.04 51.51
CA GLY J 118 -7.29 8.54 52.62
C GLY J 118 -6.45 9.04 53.78
N ALA J 119 -5.33 8.38 54.03
CA ALA J 119 -4.37 8.83 55.03
C ALA J 119 -3.79 10.18 54.64
N LEU J 120 -3.39 10.32 53.37
CA LEU J 120 -2.86 11.57 52.82
C LEU J 120 -3.81 12.75 53.02
N LEU J 121 -5.07 12.56 52.59
CA LEU J 121 -6.09 13.62 52.60
C LEU J 121 -6.91 13.72 53.90
N GLY J 122 -6.54 12.97 54.93
CA GLY J 122 -7.15 13.09 56.26
C GLY J 122 -8.59 12.66 56.30
N MET J 123 -8.91 11.58 55.59
CA MET J 123 -10.26 11.04 55.51
C MET J 123 -10.33 9.69 56.22
N LYS J 124 -11.51 9.38 56.76
CA LYS J 124 -11.76 8.08 57.38
C LYS J 124 -11.86 7.01 56.31
N VAL J 125 -11.30 5.84 56.55
CA VAL J 125 -11.25 4.77 55.55
C VAL J 125 -11.64 3.42 56.12
N ASP J 126 -12.72 2.87 55.57
CA ASP J 126 -13.19 1.53 55.91
C ASP J 126 -13.12 0.68 54.66
N ILE J 127 -12.32 -0.38 54.68
CA ILE J 127 -12.27 -1.34 53.58
C ILE J 127 -13.01 -2.63 53.92
N TYR J 128 -13.99 -2.97 53.09
CA TYR J 128 -14.69 -4.24 53.18
C TYR J 128 -13.84 -5.31 52.49
N MET J 129 -13.77 -6.49 53.11
CA MET J 129 -12.91 -7.55 52.61
C MET J 129 -13.43 -8.90 53.07
N GLY J 130 -13.51 -9.86 52.16
CA GLY J 130 -13.93 -11.22 52.51
C GLY J 130 -13.15 -11.77 53.68
N ALA J 131 -13.84 -12.49 54.57
CA ALA J 131 -13.21 -13.01 55.78
C ALA J 131 -12.07 -13.98 55.45
N GLU J 132 -12.23 -14.75 54.37
CA GLU J 132 -11.16 -15.60 53.84
C GLU J 132 -9.99 -14.77 53.32
N ASP J 133 -10.30 -13.73 52.55
CA ASP J 133 -9.27 -12.83 52.04
C ASP J 133 -8.53 -12.16 53.20
N VAL J 134 -9.27 -11.67 54.20
CA VAL J 134 -8.69 -11.05 55.40
C VAL J 134 -7.69 -12.01 56.05
N GLU J 135 -8.09 -13.26 56.16
CA GLU J 135 -7.28 -14.31 56.77
C GLU J 135 -6.04 -14.64 55.95
N ARG J 136 -6.21 -14.71 54.63
CA ARG J 136 -5.13 -15.08 53.70
C ARG J 136 -4.11 -13.96 53.46
N GLN J 137 -4.53 -12.71 53.62
CA GLN J 137 -3.70 -11.53 53.34
C GLN J 137 -3.23 -10.85 54.64
N LYS J 138 -2.44 -11.59 55.42
CA LYS J 138 -1.90 -11.11 56.69
C LYS J 138 -1.25 -9.75 56.57
N MET J 139 -0.35 -9.62 55.59
CA MET J 139 0.48 -8.41 55.46
C MET J 139 -0.26 -7.21 54.89
N ASN J 140 -1.12 -7.42 53.90
CA ASN J 140 -1.93 -6.32 53.35
C ASN J 140 -2.98 -5.81 54.32
N VAL J 141 -3.60 -6.71 55.09
CA VAL J 141 -4.53 -6.30 56.13
C VAL J 141 -3.81 -5.44 57.18
N PHE J 142 -2.61 -5.84 57.56
CA PHE J 142 -1.76 -5.06 58.48
C PHE J 142 -1.36 -3.71 57.90
N ARG J 143 -0.98 -3.69 56.62
CA ARG J 143 -0.60 -2.47 55.90
C ARG J 143 -1.74 -1.44 55.96
N MET J 144 -2.95 -1.89 55.61
CA MET J 144 -4.16 -1.06 55.67
C MET J 144 -4.38 -0.49 57.08
N LYS J 145 -4.24 -1.34 58.09
CA LYS J 145 -4.41 -0.91 59.49
C LYS J 145 -3.33 0.07 59.95
N LEU J 146 -2.07 -0.12 59.54
CA LEU J 146 -1.01 0.87 59.78
C LEU J 146 -1.34 2.25 59.22
N LEU J 147 -1.95 2.26 58.04
CA LEU J 147 -2.31 3.49 57.33
C LEU J 147 -3.58 4.17 57.83
N GLY J 148 -4.10 3.75 58.99
CA GLY J 148 -5.23 4.42 59.62
C GLY J 148 -6.60 3.90 59.25
N ALA J 149 -6.66 2.96 58.31
CA ALA J 149 -7.92 2.35 57.87
C ALA J 149 -8.31 1.22 58.82
N ASN J 150 -9.59 0.86 58.81
CA ASN J 150 -10.04 -0.35 59.49
C ASN J 150 -10.66 -1.32 58.49
N VAL J 151 -10.20 -2.56 58.56
CA VAL J 151 -10.62 -3.63 57.67
C VAL J 151 -11.85 -4.27 58.29
N ILE J 152 -12.93 -4.38 57.52
CA ILE J 152 -14.18 -4.99 57.97
C ILE J 152 -14.32 -6.38 57.32
N PRO J 153 -14.06 -7.46 58.07
CA PRO J 153 -14.26 -8.79 57.49
C PRO J 153 -15.73 -9.08 57.26
N VAL J 154 -16.08 -9.60 56.09
CA VAL J 154 -17.47 -9.97 55.82
C VAL J 154 -17.56 -11.49 55.73
N ASN J 155 -18.56 -12.04 56.40
CA ASN J 155 -18.73 -13.49 56.54
C ASN J 155 -19.91 -14.06 55.76
N SER J 156 -20.68 -13.21 55.09
CA SER J 156 -21.87 -13.67 54.38
C SER J 156 -21.41 -14.40 53.12
N GLY J 157 -22.15 -15.43 52.74
CA GLY J 157 -21.88 -16.17 51.51
C GLY J 157 -20.56 -16.94 51.55
N SER J 158 -19.77 -16.78 50.50
CA SER J 158 -18.47 -17.45 50.38
C SER J 158 -17.33 -16.66 51.01
N ARG J 159 -17.65 -15.52 51.64
CA ARG J 159 -16.68 -14.77 52.45
C ARG J 159 -15.49 -14.30 51.62
N THR J 160 -15.77 -13.89 50.39
CA THR J 160 -14.73 -13.52 49.43
C THR J 160 -15.11 -12.19 48.77
N LEU J 161 -14.50 -11.86 47.63
CA LEU J 161 -14.66 -10.53 47.03
C LEU J 161 -16.11 -10.12 46.73
N LYS J 162 -16.89 -10.96 46.06
CA LYS J 162 -18.27 -10.61 45.66
C LYS J 162 -19.18 -10.27 46.85
N ASP J 163 -18.90 -10.88 47.99
CA ASP J 163 -19.64 -10.64 49.22
C ASP J 163 -19.22 -9.31 49.85
N ALA J 164 -17.93 -8.99 49.80
CA ALA J 164 -17.43 -7.69 50.22
C ALA J 164 -18.02 -6.54 49.37
N ILE J 165 -18.17 -6.77 48.07
CA ILE J 165 -18.74 -5.78 47.17
C ILE J 165 -20.14 -5.39 47.62
N ASN J 166 -20.98 -6.39 47.91
CA ASN J 166 -22.36 -6.13 48.29
C ASN J 166 -22.49 -5.40 49.62
N GLU J 167 -21.59 -5.66 50.56
CA GLU J 167 -21.56 -4.92 51.82
C GLU J 167 -21.18 -3.46 51.59
N ALA J 168 -20.19 -3.23 50.75
CA ALA J 168 -19.73 -1.89 50.40
C ALA J 168 -20.82 -1.07 49.72
N LEU J 169 -21.60 -1.71 48.86
CA LEU J 169 -22.68 -1.04 48.13
C LEU J 169 -23.87 -0.75 49.04
N ARG J 170 -24.22 -1.70 49.90
CA ARG J 170 -25.24 -1.51 50.94
C ARG J 170 -24.87 -0.40 51.91
N ASP J 171 -23.58 -0.29 52.23
CA ASP J 171 -23.05 0.82 53.02
C ASP J 171 -23.19 2.16 52.30
N TRP J 172 -22.78 2.22 51.03
CA TRP J 172 -22.77 3.49 50.28
C TRP J 172 -24.17 4.07 50.08
N VAL J 173 -25.14 3.21 49.78
CA VAL J 173 -26.55 3.60 49.69
C VAL J 173 -27.00 4.38 50.93
N ALA J 174 -26.59 3.92 52.11
CA ALA J 174 -26.93 4.58 53.37
C ALA J 174 -26.09 5.83 53.66
N THR J 175 -24.80 5.78 53.35
CA THR J 175 -23.83 6.77 53.81
C THR J 175 -23.28 7.74 52.74
N PHE J 176 -23.84 7.73 51.53
CA PHE J 176 -23.26 8.48 50.39
C PHE J 176 -23.20 10.00 50.55
N GLU J 177 -24.02 10.57 51.41
CA GLU J 177 -23.97 11.99 51.73
C GLU J 177 -22.58 12.46 52.18
N TYR J 178 -21.91 11.64 52.98
CA TYR J 178 -20.56 11.93 53.47
C TYR J 178 -19.48 10.92 53.07
N THR J 179 -19.86 9.88 52.32
CA THR J 179 -18.96 8.80 51.92
C THR J 179 -18.85 8.70 50.41
N HIS J 180 -17.63 8.47 49.92
CA HIS J 180 -17.38 8.15 48.53
C HIS J 180 -16.93 6.70 48.41
N TYR J 181 -17.52 5.99 47.44
CA TYR J 181 -17.18 4.61 47.12
C TYR J 181 -16.11 4.65 46.05
N LEU J 182 -14.93 4.11 46.37
CA LEU J 182 -13.75 4.20 45.51
C LEU J 182 -13.53 2.88 44.78
N ILE J 183 -13.83 2.86 43.48
CA ILE J 183 -13.65 1.67 42.63
C ILE J 183 -12.28 1.72 41.96
N GLY J 184 -11.55 0.59 42.02
CA GLY J 184 -10.15 0.53 41.61
C GLY J 184 -9.80 0.07 40.20
N SER J 185 -10.78 0.11 39.29
CA SER J 185 -10.52 -0.20 37.89
C SER J 185 -11.58 0.41 36.97
N VAL J 186 -11.35 0.31 35.67
CA VAL J 186 -12.23 0.92 34.67
C VAL J 186 -13.50 0.10 34.44
N VAL J 187 -14.14 -0.26 35.55
CA VAL J 187 -15.25 -1.21 35.60
C VAL J 187 -16.36 -0.59 36.44
N GLY J 188 -17.48 -1.30 36.54
CA GLY J 188 -18.62 -0.81 37.28
C GLY J 188 -19.50 0.09 36.44
N PRO J 189 -20.53 0.69 37.05
CA PRO J 189 -21.41 1.59 36.34
C PRO J 189 -20.77 2.96 36.08
N HIS J 190 -21.36 3.69 35.15
CA HIS J 190 -20.97 5.07 34.89
C HIS J 190 -21.20 5.88 36.16
N PRO J 191 -20.28 6.79 36.51
CA PRO J 191 -19.11 7.29 35.80
C PRO J 191 -17.77 6.62 36.10
N TYR J 192 -17.74 5.47 36.77
CA TYR J 192 -16.46 4.89 37.17
C TYR J 192 -15.50 4.51 36.03
N PRO J 193 -15.96 3.75 35.01
CA PRO J 193 -15.09 3.39 33.89
C PRO J 193 -14.37 4.58 33.24
N THR J 194 -15.04 5.72 33.19
CA THR J 194 -14.51 6.90 32.52
C THR J 194 -13.69 7.78 33.49
N ILE J 195 -14.10 7.84 34.75
CA ILE J 195 -13.32 8.52 35.80
C ILE J 195 -11.95 7.86 36.00
N VAL J 196 -11.96 6.54 36.15
CA VAL J 196 -10.74 5.78 36.46
C VAL J 196 -9.73 5.85 35.31
N ARG J 197 -10.23 5.89 34.06
CA ARG J 197 -9.39 6.10 32.89
C ARG J 197 -8.72 7.48 32.91
N ASP J 198 -9.53 8.51 33.14
CA ASP J 198 -9.04 9.89 33.18
C ASP J 198 -7.94 10.09 34.22
N PHE J 199 -8.07 9.47 35.38
CA PHE J 199 -7.03 9.55 36.41
C PHE J 199 -5.78 8.71 36.11
N GLN J 200 -5.89 7.76 35.20
CA GLN J 200 -4.76 6.95 34.74
C GLN J 200 -4.12 7.38 33.40
N SER J 201 -4.82 8.23 32.64
CA SER J 201 -4.31 8.75 31.36
C SER J 201 -2.87 9.28 31.44
N VAL J 202 -2.55 9.94 32.55
CA VAL J 202 -1.22 10.44 32.87
C VAL J 202 -0.11 9.52 32.37
N ILE J 203 -0.27 8.22 32.59
CA ILE J 203 0.72 7.21 32.21
C ILE J 203 1.06 7.37 30.74
N GLY J 204 0.02 7.35 29.90
CA GLY J 204 0.19 7.47 28.46
C GLY J 204 0.76 8.80 27.98
N ARG J 205 0.34 9.89 28.62
CA ARG J 205 0.80 11.23 28.24
C ARG J 205 2.30 11.40 28.48
N GLU J 206 2.76 10.92 29.64
CA GLU J 206 4.17 10.94 29.98
C GLU J 206 4.94 10.03 29.02
N ALA J 207 4.47 8.80 28.86
CA ALA J 207 5.10 7.83 27.96
C ALA J 207 5.22 8.34 26.52
N LYS J 208 4.22 9.07 26.07
CA LYS J 208 4.24 9.72 24.76
C LYS J 208 5.32 10.80 24.68
N ALA J 209 5.35 11.69 25.68
CA ALA J 209 6.37 12.73 25.75
C ALA J 209 7.78 12.15 25.86
N GLN J 210 7.91 11.10 26.66
CA GLN J 210 9.20 10.47 26.93
C GLN J 210 9.75 9.67 25.75
N ILE J 211 8.89 8.96 25.02
CA ILE J 211 9.33 8.20 23.84
C ILE J 211 9.67 9.12 22.66
N LEU J 212 8.96 10.24 22.53
CA LEU J 212 9.34 11.26 21.54
C LEU J 212 10.71 11.85 21.86
N GLU J 213 10.99 12.03 23.15
CA GLU J 213 12.30 12.48 23.60
C GLU J 213 13.41 11.43 23.42
N ALA J 214 13.10 10.18 23.74
CA ALA J 214 14.10 9.10 23.74
C ALA J 214 14.44 8.56 22.34
N GLU J 215 13.42 8.40 21.51
CA GLU J 215 13.57 7.82 20.17
C GLU J 215 13.15 8.72 19.00
N GLY J 216 12.58 9.89 19.26
CA GLY J 216 12.17 10.81 18.20
C GLY J 216 10.96 10.40 17.39
N GLN J 217 10.16 9.47 17.93
CA GLN J 217 8.93 9.03 17.27
C GLN J 217 7.98 8.32 18.24
N LEU J 218 6.76 8.08 17.77
CA LEU J 218 5.78 7.29 18.52
C LEU J 218 6.15 5.81 18.41
N PRO J 219 5.68 4.97 19.36
CA PRO J 219 5.98 3.54 19.28
C PRO J 219 5.16 2.83 18.20
N ASP J 220 5.61 1.63 17.83
CA ASP J 220 4.87 0.76 16.92
C ASP J 220 3.78 -0.04 17.65
N VAL J 221 4.10 -0.49 18.87
CA VAL J 221 3.16 -1.24 19.70
C VAL J 221 3.24 -0.77 21.16
N ILE J 222 2.10 -0.80 21.86
CA ILE J 222 2.06 -0.61 23.31
C ILE J 222 1.40 -1.84 23.92
N VAL J 223 2.09 -2.50 24.86
CA VAL J 223 1.63 -3.75 25.46
C VAL J 223 1.37 -3.53 26.95
N ALA J 224 0.19 -3.94 27.40
CA ALA J 224 -0.20 -3.81 28.81
C ALA J 224 -1.14 -4.93 29.22
N CYS J 225 -1.10 -5.29 30.50
CA CYS J 225 -1.94 -6.35 31.03
C CYS J 225 -3.34 -5.82 31.35
N VAL J 226 -4.32 -6.71 31.23
CA VAL J 226 -5.72 -6.35 31.40
C VAL J 226 -6.38 -7.29 32.40
N GLY J 227 -6.62 -6.78 33.60
CA GLY J 227 -7.57 -7.36 34.54
C GLY J 227 -8.90 -6.72 34.22
N GLY J 228 -9.27 -5.72 35.01
CA GLY J 228 -10.37 -4.81 34.67
C GLY J 228 -9.94 -3.83 33.60
N GLY J 229 -8.67 -3.43 33.67
CA GLY J 229 -7.97 -2.74 32.58
C GLY J 229 -7.61 -1.27 32.75
N SER J 230 -7.49 -0.79 33.99
CA SER J 230 -7.16 0.61 34.25
C SER J 230 -5.75 1.01 33.80
N ASN J 231 -4.75 0.18 34.06
CA ASN J 231 -3.37 0.48 33.60
C ASN J 231 -3.25 0.46 32.07
N ALA J 232 -3.92 -0.49 31.44
CA ALA J 232 -3.92 -0.62 29.99
C ALA J 232 -4.62 0.58 29.36
N MET J 233 -5.80 0.88 29.86
CA MET J 233 -6.58 2.00 29.36
C MET J 233 -5.88 3.33 29.62
N GLY J 234 -5.13 3.42 30.71
CA GLY J 234 -4.37 4.62 31.06
C GLY J 234 -3.21 4.91 30.12
N ILE J 235 -2.50 3.86 29.69
CA ILE J 235 -1.39 4.03 28.74
C ILE J 235 -1.89 4.10 27.29
N PHE J 236 -2.97 3.40 26.97
CA PHE J 236 -3.57 3.39 25.62
C PHE J 236 -4.19 4.72 25.21
N TYR J 237 -4.97 5.31 26.11
CA TYR J 237 -5.92 6.38 25.75
C TYR J 237 -5.32 7.56 24.98
N PRO J 238 -4.14 8.05 25.40
CA PRO J 238 -3.53 9.15 24.65
C PRO J 238 -3.00 8.80 23.26
N PHE J 239 -2.88 7.50 22.94
CA PHE J 239 -2.43 7.04 21.64
C PHE J 239 -3.56 6.56 20.71
N VAL J 240 -4.81 6.65 21.16
CA VAL J 240 -5.95 6.11 20.38
C VAL J 240 -6.11 6.80 19.01
N ASN J 241 -5.86 8.11 18.97
CA ASN J 241 -5.93 8.89 17.73
C ASN J 241 -4.68 8.85 16.85
N ASP J 242 -3.60 8.25 17.34
CA ASP J 242 -2.42 8.00 16.53
C ASP J 242 -2.58 6.64 15.83
N LYS J 243 -3.03 6.68 14.57
CA LYS J 243 -3.40 5.48 13.79
C LYS J 243 -2.28 4.45 13.62
N LYS J 244 -1.03 4.91 13.57
CA LYS J 244 0.14 4.02 13.45
C LYS J 244 0.44 3.18 14.69
N VAL J 245 -0.04 3.61 15.86
CA VAL J 245 0.29 2.96 17.13
C VAL J 245 -0.62 1.76 17.41
N LYS J 246 -0.05 0.56 17.36
CA LYS J 246 -0.77 -0.66 17.69
C LYS J 246 -0.93 -0.76 19.20
N LEU J 247 -2.02 -1.39 19.65
CA LEU J 247 -2.36 -1.50 21.08
C LEU J 247 -2.72 -2.95 21.44
N VAL J 248 -1.98 -3.52 22.39
CA VAL J 248 -2.14 -4.93 22.75
C VAL J 248 -2.46 -5.11 24.23
N GLY J 249 -3.67 -5.55 24.54
CA GLY J 249 -4.06 -5.92 25.90
C GLY J 249 -3.76 -7.38 26.17
N VAL J 250 -3.14 -7.68 27.30
CA VAL J 250 -2.74 -9.05 27.63
C VAL J 250 -3.53 -9.58 28.82
N GLU J 251 -4.50 -10.46 28.55
CA GLU J 251 -5.32 -11.07 29.61
C GLU J 251 -4.67 -12.31 30.19
N ALA J 252 -5.12 -12.71 31.37
CA ALA J 252 -4.56 -13.87 32.06
C ALA J 252 -4.98 -15.18 31.39
N GLY J 253 -3.99 -15.86 30.82
CA GLY J 253 -4.18 -17.18 30.22
C GLY J 253 -4.26 -18.30 31.23
N GLY J 254 -3.76 -18.06 32.45
CA GLY J 254 -3.90 -19.01 33.55
C GLY J 254 -3.14 -20.29 33.28
N LYS J 255 -3.83 -21.42 33.41
CA LYS J 255 -3.27 -22.72 33.04
C LYS J 255 -3.59 -23.14 31.60
N GLY J 256 -4.29 -22.29 30.84
CA GLY J 256 -4.57 -22.52 29.43
C GLY J 256 -6.05 -22.31 29.15
N LEU J 257 -6.37 -21.78 27.96
CA LEU J 257 -7.76 -21.58 27.56
C LEU J 257 -8.54 -22.90 27.51
N GLU J 258 -7.87 -23.97 27.04
CA GLU J 258 -8.44 -25.33 27.05
C GLU J 258 -8.75 -25.87 28.45
N SER J 259 -7.97 -25.46 29.45
CA SER J 259 -8.16 -25.90 30.84
C SER J 259 -9.45 -25.43 31.49
N GLY J 260 -9.96 -24.28 31.07
CA GLY J 260 -11.09 -23.63 31.73
C GLY J 260 -10.71 -22.97 33.04
N LYS J 261 -9.43 -22.66 33.23
CA LYS J 261 -8.94 -21.96 34.41
C LYS J 261 -8.11 -20.75 33.98
N HIS J 262 -8.82 -19.70 33.56
CA HIS J 262 -8.24 -18.44 33.09
C HIS J 262 -9.13 -17.27 33.51
N SER J 263 -8.71 -16.06 33.17
CA SER J 263 -9.53 -14.86 33.37
C SER J 263 -9.64 -14.01 32.11
N ALA J 264 -9.33 -14.60 30.96
CA ALA J 264 -9.45 -13.92 29.66
C ALA J 264 -10.90 -13.69 29.28
N SER J 265 -11.44 -12.59 29.78
CA SER J 265 -12.83 -12.21 29.58
C SER J 265 -13.11 -11.85 28.12
N LEU J 266 -12.24 -11.03 27.54
CA LEU J 266 -12.35 -10.62 26.14
C LEU J 266 -12.12 -11.76 25.13
N ASN J 267 -11.10 -12.59 25.35
CA ASN J 267 -10.75 -13.63 24.38
C ASN J 267 -11.67 -14.86 24.36
N ALA J 268 -12.40 -15.12 25.43
CA ALA J 268 -13.30 -16.27 25.47
C ALA J 268 -14.48 -16.09 26.44
N GLY J 269 -15.03 -14.88 26.49
CA GLY J 269 -16.23 -14.59 27.28
C GLY J 269 -17.34 -14.09 26.38
N GLN J 270 -18.53 -13.93 26.96
CA GLN J 270 -19.71 -13.48 26.24
C GLN J 270 -20.19 -12.14 26.81
N VAL J 271 -20.83 -11.33 25.98
CA VAL J 271 -21.37 -10.05 26.43
C VAL J 271 -22.56 -10.23 27.37
N GLY J 272 -22.66 -9.34 28.35
CA GLY J 272 -23.66 -9.46 29.40
C GLY J 272 -23.60 -8.32 30.38
N VAL J 273 -24.51 -8.36 31.37
CA VAL J 273 -24.78 -7.26 32.27
C VAL J 273 -24.61 -7.74 33.71
N PHE J 274 -23.40 -7.52 34.23
CA PHE J 274 -23.07 -7.77 35.64
C PHE J 274 -22.33 -6.55 36.18
N HIS J 275 -22.38 -6.36 37.50
CA HIS J 275 -21.67 -5.27 38.19
C HIS J 275 -21.90 -3.86 37.61
N GLY J 276 -23.12 -3.60 37.14
CA GLY J 276 -23.47 -2.28 36.64
C GLY J 276 -22.98 -1.91 35.25
N MET J 277 -22.39 -2.86 34.53
CA MET J 277 -21.84 -2.57 33.21
C MET J 277 -22.22 -3.64 32.19
N LEU J 278 -22.48 -3.21 30.96
CA LEU J 278 -22.60 -4.11 29.81
C LEU J 278 -21.19 -4.25 29.25
N SER J 279 -20.64 -5.47 29.29
CA SER J 279 -19.28 -5.75 28.82
C SER J 279 -19.08 -7.26 28.65
N TYR J 280 -17.85 -7.67 28.35
CA TYR J 280 -17.51 -9.10 28.26
C TYR J 280 -17.31 -9.73 29.64
N PHE J 281 -17.96 -10.86 29.87
CA PHE J 281 -17.84 -11.62 31.11
C PHE J 281 -17.69 -13.11 30.80
N LEU J 282 -16.95 -13.81 31.64
CA LEU J 282 -16.83 -15.26 31.56
C LEU J 282 -18.06 -15.89 32.23
N GLN J 283 -19.03 -16.26 31.40
CA GLN J 283 -20.30 -16.84 31.82
C GLN J 283 -20.34 -18.33 31.50
N ASP J 284 -21.25 -19.05 32.17
CA ASP J 284 -21.51 -20.46 31.89
C ASP J 284 -22.67 -20.60 30.88
N GLU J 285 -23.14 -21.83 30.65
CA GLU J 285 -24.22 -22.11 29.70
C GLU J 285 -25.54 -21.37 30.03
N GLU J 286 -25.81 -21.17 31.32
CA GLU J 286 -27.00 -20.45 31.79
C GLU J 286 -26.85 -18.94 32.01
N GLY J 287 -25.68 -18.39 31.66
CA GLY J 287 -25.43 -16.95 31.76
C GLY J 287 -25.16 -16.46 33.17
N GLN J 288 -24.47 -17.30 33.96
CA GLN J 288 -24.04 -16.96 35.31
C GLN J 288 -22.51 -16.91 35.33
N ILE J 289 -21.94 -16.07 36.20
CA ILE J 289 -20.49 -15.86 36.26
C ILE J 289 -19.77 -17.15 36.62
N LYS J 290 -18.65 -17.39 35.93
CA LYS J 290 -17.86 -18.61 36.04
C LYS J 290 -16.66 -18.35 36.97
N PRO J 291 -16.22 -19.36 37.75
CA PRO J 291 -14.98 -19.18 38.52
C PRO J 291 -13.77 -18.99 37.62
N THR J 292 -12.88 -18.10 38.04
CA THR J 292 -11.68 -17.76 37.27
C THR J 292 -10.41 -17.99 38.09
N HIS J 293 -9.28 -18.01 37.38
CA HIS J 293 -7.98 -18.20 37.97
C HIS J 293 -6.90 -17.41 37.25
N SER J 294 -5.98 -16.85 38.04
CA SER J 294 -4.68 -16.43 37.54
C SER J 294 -3.64 -16.52 38.66
N ILE J 295 -2.38 -16.72 38.28
CA ILE J 295 -1.27 -16.64 39.21
C ILE J 295 -1.21 -15.22 39.78
N ALA J 296 -1.57 -14.24 38.95
CA ALA J 296 -1.60 -12.82 39.34
C ALA J 296 -2.98 -12.46 39.92
N PRO J 297 -3.04 -12.10 41.22
CA PRO J 297 -4.34 -11.77 41.82
C PRO J 297 -5.11 -10.66 41.11
N GLY J 298 -4.39 -9.64 40.63
CA GLY J 298 -4.97 -8.51 39.91
C GLY J 298 -5.70 -8.84 38.63
N LEU J 299 -5.33 -9.94 37.98
CA LEU J 299 -5.97 -10.39 36.75
C LEU J 299 -7.11 -11.39 37.00
N ASP J 300 -7.27 -11.83 38.24
CA ASP J 300 -8.32 -12.78 38.65
C ASP J 300 -9.67 -12.06 38.77
N TYR J 301 -10.32 -11.84 37.64
CA TYR J 301 -11.60 -11.14 37.58
C TYR J 301 -12.36 -11.56 36.31
N PRO J 302 -13.61 -12.04 36.47
CA PRO J 302 -14.36 -12.60 35.34
C PRO J 302 -14.80 -11.60 34.28
N GLY J 303 -15.00 -10.34 34.68
CA GLY J 303 -15.34 -9.26 33.76
C GLY J 303 -14.16 -8.50 33.18
N VAL J 304 -14.49 -7.38 32.56
CA VAL J 304 -13.52 -6.45 31.98
C VAL J 304 -14.24 -5.13 31.68
N GLY J 305 -13.50 -4.03 31.68
CA GLY J 305 -14.09 -2.70 31.46
C GLY J 305 -14.69 -2.50 30.07
N PRO J 306 -15.76 -1.69 29.97
CA PRO J 306 -16.49 -1.62 28.71
C PRO J 306 -15.73 -0.98 27.55
N GLU J 307 -14.73 -0.14 27.83
CA GLU J 307 -13.89 0.45 26.77
C GLU J 307 -13.03 -0.59 26.07
N HIS J 308 -12.47 -1.52 26.84
CA HIS J 308 -11.73 -2.63 26.24
C HIS J 308 -12.64 -3.50 25.38
N ALA J 309 -13.90 -3.67 25.80
CA ALA J 309 -14.91 -4.32 24.97
C ALA J 309 -15.13 -3.54 23.67
N TYR J 310 -15.26 -2.23 23.79
CA TYR J 310 -15.44 -1.34 22.63
C TYR J 310 -14.22 -1.31 21.72
N LEU J 311 -13.03 -1.25 22.29
CA LEU J 311 -11.79 -1.25 21.50
C LEU J 311 -11.62 -2.57 20.75
N LYS J 312 -11.97 -3.69 21.39
CA LYS J 312 -12.01 -5.00 20.73
C LYS J 312 -12.97 -5.01 19.53
N LYS J 313 -14.22 -4.62 19.79
CA LYS J 313 -15.28 -4.55 18.77
C LYS J 313 -14.85 -3.80 17.49
N ILE J 314 -14.32 -2.59 17.66
CA ILE J 314 -13.92 -1.74 16.53
C ILE J 314 -12.50 -2.00 16.00
N GLN J 315 -11.86 -3.08 16.45
CA GLN J 315 -10.55 -3.50 15.95
C GLN J 315 -9.43 -2.47 16.19
N ARG J 316 -9.59 -1.61 17.20
CA ARG J 316 -8.58 -0.58 17.51
C ARG J 316 -7.46 -1.16 18.36
N ALA J 317 -7.81 -2.07 19.28
CA ALA J 317 -6.83 -2.80 20.07
C ALA J 317 -6.98 -4.31 19.84
N GLU J 318 -5.84 -4.99 19.90
CA GLU J 318 -5.76 -6.44 19.87
C GLU J 318 -5.70 -6.95 21.30
N TYR J 319 -6.29 -8.12 21.56
CA TYR J 319 -6.26 -8.73 22.88
C TYR J 319 -5.76 -10.15 22.79
N VAL J 320 -4.79 -10.47 23.65
CA VAL J 320 -4.04 -11.73 23.61
C VAL J 320 -4.00 -12.33 25.01
N THR J 321 -3.47 -13.54 25.13
CA THR J 321 -3.35 -14.21 26.44
C THR J 321 -1.96 -14.79 26.66
N VAL J 322 -1.62 -14.94 27.93
CA VAL J 322 -0.32 -15.44 28.37
C VAL J 322 -0.54 -16.31 29.60
N THR J 323 -0.02 -17.53 29.59
CA THR J 323 -0.24 -18.48 30.68
C THR J 323 0.58 -18.12 31.92
N ASP J 324 0.35 -18.83 33.02
CA ASP J 324 1.02 -18.56 34.30
C ASP J 324 2.51 -18.87 34.19
N GLU J 325 2.83 -20.08 33.75
CA GLU J 325 4.21 -20.50 33.45
C GLU J 325 4.95 -19.43 32.63
N GLU J 326 4.27 -18.94 31.61
CA GLU J 326 4.80 -17.98 30.64
C GLU J 326 5.10 -16.62 31.28
N ALA J 327 4.16 -16.14 32.10
CA ALA J 327 4.35 -14.93 32.90
C ALA J 327 5.40 -15.13 33.99
N LEU J 328 5.37 -16.32 34.59
CA LEU J 328 6.30 -16.67 35.67
C LEU J 328 7.74 -16.76 35.19
N LYS J 329 7.94 -17.19 33.95
CA LYS J 329 9.26 -17.13 33.31
C LYS J 329 9.72 -15.68 33.12
N ALA J 330 8.80 -14.80 32.73
CA ALA J 330 9.09 -13.37 32.55
C ALA J 330 9.43 -12.64 33.84
N PHE J 331 8.81 -13.03 34.94
CA PHE J 331 9.12 -12.52 36.28
C PHE J 331 10.60 -12.76 36.63
N HIS J 332 11.07 -13.99 36.40
CA HIS J 332 12.47 -14.36 36.65
C HIS J 332 13.45 -13.74 35.65
N GLU J 333 12.99 -13.59 34.41
CA GLU J 333 13.79 -13.05 33.31
C GLU J 333 14.13 -11.58 33.54
N LEU J 334 13.12 -10.77 33.81
CA LEU J 334 13.32 -9.32 33.99
C LEU J 334 14.15 -9.03 35.23
N SER J 335 13.93 -9.81 36.28
CA SER J 335 14.68 -9.68 37.53
C SER J 335 16.18 -9.92 37.33
N ARG J 336 16.50 -10.98 36.60
CA ARG J 336 17.89 -11.33 36.28
C ARG J 336 18.54 -10.37 35.27
N THR J 337 17.79 -10.02 34.22
CA THR J 337 18.33 -9.31 33.06
C THR J 337 18.40 -7.80 33.24
N GLU J 338 17.37 -7.22 33.85
CA GLU J 338 17.29 -5.77 34.04
C GLU J 338 17.33 -5.29 35.50
N GLY J 339 17.30 -6.20 36.46
CA GLY J 339 17.32 -5.82 37.88
C GLY J 339 16.05 -5.13 38.36
N ILE J 340 14.93 -5.51 37.77
CA ILE J 340 13.61 -5.00 38.14
C ILE J 340 12.75 -6.22 38.43
N ILE J 341 12.21 -6.32 39.65
CA ILE J 341 11.30 -7.41 39.99
C ILE J 341 9.88 -6.91 39.72
N PRO J 342 9.20 -7.45 38.69
CA PRO J 342 7.89 -6.96 38.32
C PRO J 342 6.75 -7.67 39.05
N ALA J 343 5.60 -7.00 39.12
CA ALA J 343 4.36 -7.62 39.57
C ALA J 343 4.00 -8.73 38.60
N LEU J 344 3.40 -9.81 39.09
CA LEU J 344 2.95 -10.91 38.23
C LEU J 344 1.93 -10.47 37.18
N GLU J 345 1.17 -9.43 37.51
CA GLU J 345 0.25 -8.81 36.55
C GLU J 345 1.04 -8.20 35.38
N SER J 346 2.01 -7.37 35.73
CA SER J 346 2.89 -6.75 34.76
C SER J 346 3.70 -7.77 33.95
N ALA J 347 4.11 -8.85 34.61
CA ALA J 347 4.90 -9.91 33.97
C ALA J 347 4.18 -10.59 32.80
N HIS J 348 2.85 -10.62 32.82
CA HIS J 348 2.05 -11.08 31.68
C HIS J 348 2.32 -10.19 30.44
N ALA J 349 2.36 -8.88 30.65
CA ALA J 349 2.65 -7.93 29.58
C ALA J 349 4.10 -7.99 29.14
N VAL J 350 5.01 -8.24 30.09
CA VAL J 350 6.42 -8.41 29.76
C VAL J 350 6.59 -9.66 28.90
N ALA J 351 5.97 -10.75 29.33
CA ALA J 351 6.03 -12.03 28.61
C ALA J 351 5.64 -11.90 27.14
N TYR J 352 4.48 -11.28 26.86
CA TYR J 352 4.01 -11.13 25.47
C TYR J 352 4.92 -10.23 24.64
N ALA J 353 5.45 -9.17 25.26
CA ALA J 353 6.40 -8.27 24.60
C ALA J 353 7.65 -8.99 24.10
N MET J 354 8.13 -9.96 24.89
CA MET J 354 9.30 -10.76 24.52
C MET J 354 9.03 -11.67 23.32
N LYS J 355 7.82 -12.22 23.22
CA LYS J 355 7.41 -12.98 22.02
C LYS J 355 7.32 -12.07 20.81
N LEU J 356 6.65 -10.94 21.00
CA LEU J 356 6.36 -9.99 19.93
C LEU J 356 7.62 -9.37 19.36
N ALA J 357 8.51 -8.91 20.24
CA ALA J 357 9.78 -8.27 19.85
C ALA J 357 10.61 -9.11 18.87
N LYS J 358 10.68 -10.42 19.14
CA LYS J 358 11.39 -11.36 18.29
C LYS J 358 10.91 -11.37 16.84
N GLU J 359 9.61 -11.13 16.64
CA GLU J 359 8.98 -11.12 15.31
C GLU J 359 9.03 -9.76 14.59
N MET J 360 9.57 -8.72 15.23
CA MET J 360 9.68 -7.37 14.63
C MET J 360 11.15 -7.01 14.43
N SER J 361 11.39 -5.93 13.69
CA SER J 361 12.76 -5.49 13.35
C SER J 361 13.38 -4.59 14.42
N ARG J 362 14.70 -4.41 14.31
CA ARG J 362 15.50 -3.68 15.31
C ARG J 362 15.13 -2.22 15.51
N ASP J 363 14.70 -1.55 14.44
CA ASP J 363 14.37 -0.13 14.49
C ASP J 363 12.91 0.16 14.90
N GLU J 364 12.10 -0.89 15.06
CA GLU J 364 10.76 -0.77 15.67
C GLU J 364 10.84 -0.71 17.21
N ILE J 365 9.77 -0.19 17.82
CA ILE J 365 9.74 0.13 19.26
C ILE J 365 8.47 -0.42 19.93
N ILE J 366 8.63 -1.01 21.12
CA ILE J 366 7.52 -1.49 21.94
C ILE J 366 7.59 -0.83 23.33
N ILE J 367 6.48 -0.28 23.81
CA ILE J 367 6.40 0.23 25.17
C ILE J 367 5.54 -0.70 26.01
N VAL J 368 6.14 -1.29 27.04
CA VAL J 368 5.44 -2.16 27.97
C VAL J 368 5.06 -1.32 29.18
N ASN J 369 3.80 -1.39 29.60
CA ASN J 369 3.39 -0.76 30.86
C ASN J 369 3.74 -1.67 32.03
N LEU J 370 4.81 -1.33 32.75
CA LEU J 370 5.21 -2.09 33.92
C LEU J 370 4.40 -1.61 35.12
N SER J 371 3.16 -2.09 35.18
CA SER J 371 2.13 -1.56 36.10
C SER J 371 2.50 -1.54 37.58
N GLY J 372 3.29 -2.50 38.04
CA GLY J 372 3.72 -2.52 39.44
C GLY J 372 4.98 -3.32 39.71
N ARG J 373 5.49 -3.17 40.93
CA ARG J 373 6.63 -3.96 41.42
C ARG J 373 6.16 -5.31 41.97
N GLY J 374 7.08 -6.26 42.00
CA GLY J 374 6.79 -7.64 42.42
C GLY J 374 7.10 -8.00 43.85
N ASP J 375 7.39 -7.01 44.70
CA ASP J 375 7.69 -7.27 46.10
C ASP J 375 6.56 -8.02 46.80
N LYS J 376 5.31 -7.65 46.48
CA LYS J 376 4.12 -8.35 46.98
C LYS J 376 3.97 -9.81 46.55
N ASP J 377 4.60 -10.20 45.44
CA ASP J 377 4.43 -11.54 44.87
C ASP J 377 5.52 -12.54 45.23
N LEU J 378 6.45 -12.19 46.12
CA LEU J 378 7.56 -13.08 46.48
C LEU J 378 7.12 -14.33 47.25
N ASP J 379 6.02 -14.27 48.01
CA ASP J 379 5.43 -15.46 48.63
C ASP J 379 4.91 -16.45 47.57
N ILE J 380 4.25 -15.92 46.55
CA ILE J 380 3.61 -16.74 45.52
C ILE J 380 4.69 -17.42 44.64
N VAL J 381 5.73 -16.66 44.29
CA VAL J 381 6.82 -17.15 43.43
C VAL J 381 7.78 -18.08 44.18
N LEU J 382 7.97 -17.86 45.48
CA LEU J 382 8.79 -18.76 46.30
C LEU J 382 8.18 -20.15 46.47
N LYS J 383 6.85 -20.22 46.54
CA LYS J 383 6.16 -21.49 46.73
C LYS J 383 6.23 -22.39 45.50
N VAL J 384 5.98 -21.82 44.32
CA VAL J 384 6.02 -22.60 43.06
C VAL J 384 7.41 -23.10 42.65
N SER J 385 8.46 -22.38 43.03
CA SER J 385 9.85 -22.82 42.81
C SER J 385 10.22 -23.89 43.84
N MET K 1 67.13 -10.09 63.40
CA MET K 1 66.58 -10.46 64.73
C MET K 1 66.91 -11.90 65.17
N PHE K 2 67.05 -12.82 64.20
CA PHE K 2 67.34 -14.23 64.47
C PHE K 2 68.48 -14.77 63.58
N LYS K 3 69.09 -15.87 64.02
CA LYS K 3 70.09 -16.59 63.21
C LYS K 3 69.38 -17.38 62.10
N ASP K 4 70.04 -17.52 60.95
CA ASP K 4 69.41 -18.09 59.74
C ASP K 4 69.00 -19.54 59.90
N GLY K 5 67.91 -19.92 59.24
CA GLY K 5 67.31 -21.25 59.38
C GLY K 5 66.54 -21.46 60.67
N SER K 6 65.95 -20.39 61.21
CA SER K 6 65.12 -20.46 62.42
C SER K 6 63.70 -20.83 62.04
N LEU K 7 63.18 -21.90 62.63
CA LEU K 7 61.75 -22.21 62.54
C LEU K 7 61.03 -21.28 63.52
N ILE K 8 59.95 -20.63 63.07
CA ILE K 8 59.28 -19.59 63.84
C ILE K 8 57.80 -19.94 64.07
N PRO K 9 57.47 -20.55 65.23
CA PRO K 9 56.07 -20.77 65.59
C PRO K 9 55.30 -19.48 65.82
N TYR K 10 54.04 -19.45 65.38
CA TYR K 10 53.10 -18.38 65.71
C TYR K 10 51.96 -18.98 66.54
N LEU K 11 51.77 -18.44 67.75
CA LEU K 11 50.65 -18.81 68.62
C LEU K 11 49.86 -17.57 68.99
N THR K 12 48.57 -17.76 69.29
CA THR K 12 47.72 -16.68 69.82
C THR K 12 47.87 -16.65 71.34
N ALA K 13 47.98 -15.44 71.89
CA ALA K 13 48.11 -15.26 73.34
C ALA K 13 46.77 -15.49 74.02
N GLY K 14 46.63 -16.63 74.67
CA GLY K 14 45.49 -16.92 75.53
C GLY K 14 44.42 -17.88 75.01
N ASP K 15 44.78 -18.78 74.09
CA ASP K 15 43.88 -19.85 73.64
C ASP K 15 44.44 -21.24 74.02
N PRO K 16 43.73 -22.00 74.88
CA PRO K 16 42.47 -21.69 75.58
C PRO K 16 42.58 -20.65 76.71
N ASP K 17 43.76 -20.51 77.31
CA ASP K 17 44.01 -19.48 78.33
C ASP K 17 45.52 -19.13 78.41
N LYS K 18 45.85 -18.16 79.27
CA LYS K 18 47.23 -17.67 79.41
C LYS K 18 48.23 -18.73 79.86
N GLN K 19 47.79 -19.64 80.73
CA GLN K 19 48.64 -20.71 81.25
C GLN K 19 48.91 -21.80 80.20
N SER K 20 47.88 -22.17 79.44
CA SER K 20 48.02 -23.18 78.39
C SER K 20 48.89 -22.70 77.22
N THR K 21 48.84 -21.39 76.93
CA THR K 21 49.70 -20.79 75.92
C THR K 21 51.17 -20.79 76.35
N LEU K 22 51.42 -20.53 77.63
CA LEU K 22 52.76 -20.60 78.21
C LEU K 22 53.36 -22.01 78.14
N ASN K 23 52.51 -23.02 78.34
CA ASN K 23 52.94 -24.43 78.25
C ASN K 23 53.26 -24.87 76.82
N PHE K 24 52.62 -24.27 75.82
CA PHE K 24 52.98 -24.48 74.42
C PHE K 24 54.31 -23.79 74.08
N LEU K 25 54.51 -22.59 74.62
CA LEU K 25 55.73 -21.81 74.38
C LEU K 25 56.98 -22.48 74.95
N LEU K 26 56.89 -22.92 76.21
CA LEU K 26 58.01 -23.59 76.89
C LEU K 26 58.36 -24.94 76.26
N ALA K 27 57.35 -25.68 75.84
CA ALA K 27 57.55 -26.95 75.12
C ALA K 27 58.21 -26.74 73.76
N LEU K 28 57.74 -25.74 73.01
CA LEU K 28 58.25 -25.44 71.66
C LEU K 28 59.48 -24.53 71.61
N ASP K 29 60.07 -24.19 72.77
CA ASP K 29 61.26 -23.34 72.83
C ASP K 29 62.54 -24.05 72.36
N GLU K 30 62.72 -25.30 72.80
CA GLU K 30 63.90 -26.11 72.46
C GLU K 30 64.06 -26.43 70.96
N TYR K 31 62.95 -26.43 70.22
CA TYR K 31 62.96 -26.67 68.77
C TYR K 31 62.73 -25.43 67.89
N ALA K 32 62.75 -24.23 68.49
CA ALA K 32 62.50 -22.97 67.75
C ALA K 32 63.62 -21.94 67.89
N GLY K 33 63.82 -21.16 66.83
CA GLY K 33 64.80 -20.07 66.80
C GLY K 33 64.23 -18.66 66.95
N ALA K 34 62.91 -18.54 66.83
CA ALA K 34 62.19 -17.29 67.12
C ALA K 34 60.70 -17.62 67.27
N ILE K 35 59.93 -16.75 67.91
CA ILE K 35 58.49 -16.98 68.13
C ILE K 35 57.69 -15.70 67.90
N GLU K 36 56.50 -15.84 67.31
CA GLU K 36 55.57 -14.73 67.08
C GLU K 36 54.31 -14.88 67.93
N LEU K 37 54.22 -14.11 69.02
CA LEU K 37 53.02 -14.14 69.87
C LEU K 37 52.00 -13.14 69.34
N GLY K 38 50.79 -13.63 69.05
CA GLY K 38 49.70 -12.81 68.55
C GLY K 38 48.77 -12.34 69.66
N ILE K 39 48.35 -11.07 69.60
CA ILE K 39 47.35 -10.54 70.52
C ILE K 39 45.97 -10.68 69.87
N PRO K 40 45.00 -11.30 70.59
CA PRO K 40 43.61 -11.36 70.13
C PRO K 40 42.97 -10.01 69.80
N PHE K 41 41.98 -10.05 68.93
CA PHE K 41 41.33 -8.86 68.40
C PHE K 41 39.94 -9.25 67.90
N SER K 42 38.97 -8.36 68.10
CA SER K 42 37.57 -8.67 67.80
C SER K 42 37.32 -8.77 66.29
N ASP K 43 37.90 -7.84 65.53
CA ASP K 43 37.74 -7.81 64.08
C ASP K 43 39.11 -7.87 63.37
N PRO K 44 39.72 -9.08 63.33
CA PRO K 44 40.97 -9.23 62.57
C PRO K 44 40.68 -9.32 61.08
N ILE K 45 41.39 -8.52 60.28
CA ILE K 45 41.10 -8.36 58.85
C ILE K 45 42.10 -9.20 58.05
N ALA K 46 41.59 -9.98 57.09
CA ALA K 46 42.40 -10.77 56.15
C ALA K 46 43.32 -11.83 56.77
N ASP K 47 43.01 -12.29 57.98
CA ASP K 47 43.68 -13.46 58.56
C ASP K 47 43.02 -14.71 57.96
N GLY K 48 43.75 -15.82 57.96
CA GLY K 48 43.20 -17.12 57.53
C GLY K 48 42.19 -17.63 58.53
N LYS K 49 41.34 -18.55 58.09
CA LYS K 49 40.29 -19.14 58.95
C LYS K 49 40.84 -19.73 60.25
N THR K 50 41.93 -20.50 60.18
CA THR K 50 42.49 -21.17 61.35
C THR K 50 42.99 -20.18 62.41
N ILE K 51 43.56 -19.06 61.97
CA ILE K 51 44.06 -18.02 62.87
C ILE K 51 42.89 -17.22 63.43
N GLN K 52 41.88 -16.97 62.59
CA GLN K 52 40.66 -16.26 62.97
C GLN K 52 39.89 -16.95 64.10
N GLU K 53 39.87 -18.28 64.12
CA GLU K 53 39.21 -19.04 65.19
C GLU K 53 39.89 -18.84 66.55
N SER K 54 41.22 -18.79 66.55
CA SER K 54 42.00 -18.61 67.78
C SER K 54 41.74 -17.27 68.46
N HIS K 55 41.58 -16.22 67.67
CA HIS K 55 41.20 -14.90 68.19
C HIS K 55 39.84 -14.91 68.90
N TYR K 56 38.87 -15.66 68.36
CA TYR K 56 37.56 -15.81 69.00
C TYR K 56 37.60 -16.72 70.23
N ARG K 57 38.48 -17.71 70.24
CA ARG K 57 38.62 -18.61 71.39
C ARG K 57 39.17 -17.88 72.62
N ALA K 58 40.20 -17.05 72.41
CA ALA K 58 40.83 -16.31 73.50
C ALA K 58 39.87 -15.31 74.15
N LEU K 59 39.20 -14.51 73.33
CA LEU K 59 38.27 -13.49 73.80
C LEU K 59 36.98 -14.08 74.40
N LYS K 60 36.47 -15.16 73.82
CA LYS K 60 35.29 -15.86 74.36
C LYS K 60 35.54 -16.36 75.78
N ASN K 61 36.72 -16.94 75.99
CA ASN K 61 37.13 -17.43 77.32
C ASN K 61 37.34 -16.34 78.37
N GLY K 62 37.65 -15.12 77.94
CA GLY K 62 37.85 -13.98 78.82
C GLY K 62 39.32 -13.63 78.90
N PHE K 63 39.83 -13.05 77.81
CA PHE K 63 41.21 -12.60 77.70
C PHE K 63 41.26 -11.07 77.85
N LYS K 64 42.32 -10.58 78.47
CA LYS K 64 42.59 -9.15 78.60
C LYS K 64 44.03 -8.86 78.13
N LEU K 65 44.29 -7.60 77.78
CA LEU K 65 45.58 -7.17 77.24
C LEU K 65 46.74 -7.31 78.24
N ARG K 66 46.45 -7.15 79.53
CA ARG K 66 47.44 -7.31 80.61
C ARG K 66 48.06 -8.71 80.63
N GLU K 67 47.26 -9.73 80.29
CA GLU K 67 47.71 -11.12 80.25
C GLU K 67 48.71 -11.42 79.14
N ALA K 68 48.73 -10.61 78.08
CA ALA K 68 49.69 -10.75 76.97
C ALA K 68 51.14 -10.54 77.40
N PHE K 69 51.34 -9.56 78.29
CA PHE K 69 52.66 -9.29 78.87
C PHE K 69 53.05 -10.30 79.95
N TRP K 70 52.04 -10.83 80.66
CA TRP K 70 52.25 -11.89 81.65
C TRP K 70 52.83 -13.15 81.01
N ILE K 71 52.41 -13.47 79.79
CA ILE K 71 52.93 -14.62 79.04
C ILE K 71 54.38 -14.38 78.58
N VAL K 72 54.71 -13.15 78.18
CA VAL K 72 56.07 -12.80 77.74
C VAL K 72 57.03 -12.68 78.93
N LYS K 73 56.57 -12.02 80.00
CA LYS K 73 57.38 -11.83 81.21
C LYS K 73 57.70 -13.15 81.92
N GLU K 74 56.71 -14.03 82.03
CA GLU K 74 56.89 -15.36 82.65
C GLU K 74 57.75 -16.29 81.81
N PHE K 75 57.58 -16.24 80.48
CA PHE K 75 58.41 -17.02 79.54
C PHE K 75 59.89 -16.60 79.56
N ARG K 76 60.15 -15.33 79.89
CA ARG K 76 61.54 -14.83 80.02
C ARG K 76 62.34 -15.43 81.20
N ARG K 77 61.65 -16.01 82.18
CA ARG K 77 62.31 -16.68 83.31
C ARG K 77 63.06 -17.95 82.92
N HIS K 78 62.50 -18.73 82.00
CA HIS K 78 63.08 -20.00 81.54
C HIS K 78 63.99 -19.88 80.31
N SER K 79 63.76 -18.86 79.47
CA SER K 79 64.50 -18.69 78.21
C SER K 79 64.60 -17.23 77.77
N SER K 80 65.45 -16.96 76.79
CA SER K 80 65.60 -15.62 76.20
C SER K 80 65.58 -15.70 74.67
N THR K 81 64.68 -16.52 74.13
CA THR K 81 64.52 -16.70 72.69
C THR K 81 63.77 -15.48 72.14
N PRO K 82 64.10 -15.01 70.90
CA PRO K 82 63.46 -13.78 70.40
C PRO K 82 61.94 -13.86 70.19
N ILE K 83 61.21 -12.98 70.87
CA ILE K 83 59.75 -12.90 70.77
C ILE K 83 59.38 -11.69 69.90
N VAL K 84 58.50 -11.93 68.93
CA VAL K 84 57.87 -10.86 68.13
C VAL K 84 56.40 -10.77 68.54
N LEU K 85 55.91 -9.55 68.71
CA LEU K 85 54.54 -9.31 69.15
C LEU K 85 53.71 -8.89 67.94
N MET K 86 52.71 -9.70 67.59
CA MET K 86 51.81 -9.42 66.47
C MET K 86 50.49 -8.85 67.00
N THR K 87 50.21 -7.60 66.65
CA THR K 87 49.04 -6.89 67.18
C THR K 87 48.40 -6.01 66.11
N TYR K 88 47.15 -5.65 66.36
CA TYR K 88 46.47 -4.60 65.60
C TYR K 88 46.71 -3.26 66.30
N TYR K 89 46.39 -2.18 65.61
CA TYR K 89 46.77 -0.84 66.04
C TYR K 89 45.89 -0.28 67.18
N ASN K 90 44.67 -0.78 67.33
CA ASN K 90 43.73 -0.26 68.34
C ASN K 90 44.19 -0.42 69.80
N PRO K 91 44.70 -1.62 70.19
CA PRO K 91 45.31 -1.72 71.52
C PRO K 91 46.42 -0.69 71.80
N ILE K 92 47.29 -0.44 70.81
CA ILE K 92 48.42 0.48 70.99
C ILE K 92 48.02 1.95 70.81
N TYR K 93 46.95 2.20 70.06
CA TYR K 93 46.38 3.56 69.93
C TYR K 93 45.76 4.04 71.24
N ARG K 94 45.09 3.13 71.96
CA ARG K 94 44.41 3.45 73.22
C ARG K 94 45.37 3.77 74.35
N ALA K 95 46.38 2.92 74.53
CA ALA K 95 47.40 3.11 75.57
C ALA K 95 48.40 4.22 75.24
N GLY K 96 48.73 4.36 73.95
CA GLY K 96 49.74 5.32 73.48
C GLY K 96 50.86 4.59 72.78
N VAL K 97 51.51 5.27 71.83
CA VAL K 97 52.57 4.66 71.02
C VAL K 97 53.81 4.40 71.88
N ARG K 98 54.28 5.44 72.57
CA ARG K 98 55.42 5.34 73.48
C ARG K 98 55.12 4.50 74.72
N ASN K 99 53.87 4.46 75.15
CA ASN K 99 53.46 3.70 76.35
C ASN K 99 53.45 2.19 76.12
N PHE K 100 52.83 1.78 75.01
CA PHE K 100 52.70 0.36 74.65
C PHE K 100 54.05 -0.30 74.39
N LEU K 101 54.94 0.44 73.72
CA LEU K 101 56.29 -0.05 73.43
C LEU K 101 57.19 -0.06 74.67
N ALA K 102 56.97 0.89 75.59
CA ALA K 102 57.66 0.90 76.88
C ALA K 102 57.23 -0.26 77.77
N GLU K 103 55.95 -0.58 77.75
CA GLU K 103 55.40 -1.75 78.45
C GLU K 103 55.87 -3.05 77.80
N ALA K 104 55.94 -3.06 76.47
CA ALA K 104 56.40 -4.24 75.71
C ALA K 104 57.87 -4.55 75.95
N LYS K 105 58.72 -3.53 75.98
CA LYS K 105 60.15 -3.68 76.25
C LYS K 105 60.42 -4.11 77.70
N ALA K 106 59.68 -3.52 78.63
CA ALA K 106 59.78 -3.87 80.07
C ALA K 106 59.45 -5.33 80.34
N SER K 107 58.49 -5.88 79.60
CA SER K 107 58.15 -7.30 79.66
C SER K 107 59.28 -8.19 79.12
N GLY K 108 59.93 -7.73 78.05
CA GLY K 108 61.07 -8.40 77.43
C GLY K 108 60.82 -8.86 76.00
N VAL K 109 60.26 -7.97 75.19
CA VAL K 109 59.94 -8.26 73.79
C VAL K 109 61.08 -7.70 72.92
N ASP K 110 61.41 -8.45 71.86
CA ASP K 110 62.48 -8.08 70.93
C ASP K 110 61.99 -7.27 69.74
N GLY K 111 60.80 -7.62 69.23
CA GLY K 111 60.21 -6.90 68.08
C GLY K 111 58.69 -6.87 68.05
N ILE K 112 58.15 -6.04 67.15
CA ILE K 112 56.71 -5.84 67.03
C ILE K 112 56.28 -5.58 65.58
N LEU K 113 55.13 -6.15 65.21
CA LEU K 113 54.45 -5.83 63.95
C LEU K 113 53.04 -5.33 64.26
N VAL K 114 52.70 -4.17 63.71
CA VAL K 114 51.32 -3.70 63.69
C VAL K 114 50.73 -4.21 62.38
N VAL K 115 49.72 -5.08 62.48
CA VAL K 115 49.14 -5.78 61.33
C VAL K 115 48.41 -4.83 60.38
N ASP K 116 47.61 -3.93 60.95
CA ASP K 116 46.74 -3.03 60.18
C ASP K 116 47.25 -1.58 60.12
N LEU K 117 48.56 -1.38 60.20
CA LEU K 117 49.17 -0.06 60.03
C LEU K 117 50.03 -0.11 58.76
N PRO K 118 49.66 0.64 57.70
CA PRO K 118 50.51 0.68 56.52
C PRO K 118 51.87 1.36 56.75
N VAL K 119 52.70 1.35 55.72
CA VAL K 119 54.07 1.84 55.81
C VAL K 119 54.06 3.36 55.89
N PHE K 120 53.35 3.98 54.95
CA PHE K 120 53.18 5.44 54.90
C PHE K 120 52.51 6.08 56.12
N HIS K 121 51.84 5.29 56.97
CA HIS K 121 51.38 5.76 58.29
C HIS K 121 52.27 5.36 59.47
N ALA K 122 53.47 4.84 59.21
CA ALA K 122 54.32 4.27 60.27
C ALA K 122 55.58 5.09 60.58
N LYS K 123 55.62 6.36 60.19
CA LYS K 123 56.82 7.19 60.40
C LYS K 123 57.02 7.56 61.87
N GLU K 124 55.94 7.98 62.54
CA GLU K 124 56.00 8.27 63.97
C GLU K 124 56.21 7.00 64.79
N PHE K 125 55.62 5.88 64.35
CA PHE K 125 55.75 4.59 65.02
C PHE K 125 57.19 4.07 65.02
N THR K 126 57.83 4.08 63.86
CA THR K 126 59.20 3.58 63.70
C THR K 126 60.22 4.39 64.51
N GLU K 127 60.05 5.71 64.51
CA GLU K 127 60.93 6.60 65.27
C GLU K 127 60.82 6.41 66.78
N ILE K 128 59.60 6.14 67.27
CA ILE K 128 59.37 5.84 68.69
C ILE K 128 59.81 4.40 69.04
N ALA K 129 59.52 3.45 68.16
CA ALA K 129 59.91 2.04 68.34
C ALA K 129 61.41 1.87 68.52
N ARG K 130 62.19 2.60 67.71
CA ARG K 130 63.65 2.63 67.82
C ARG K 130 64.10 3.26 69.13
N GLU K 131 63.43 4.35 69.54
CA GLU K 131 63.72 5.03 70.81
C GLU K 131 63.42 4.23 72.07
N GLU K 132 62.48 3.28 72.00
CA GLU K 132 62.15 2.40 73.12
C GLU K 132 62.81 1.01 73.05
N GLY K 133 63.69 0.79 72.07
CA GLY K 133 64.43 -0.46 71.93
C GLY K 133 63.67 -1.64 71.35
N ILE K 134 62.54 -1.37 70.69
CA ILE K 134 61.71 -2.41 70.06
C ILE K 134 61.97 -2.40 68.55
N LYS K 135 62.36 -3.54 68.00
CA LYS K 135 62.64 -3.67 66.57
C LYS K 135 61.33 -3.75 65.76
N THR K 136 61.26 -2.99 64.66
CA THR K 136 60.05 -2.96 63.82
C THR K 136 60.04 -4.11 62.82
N VAL K 137 58.85 -4.68 62.62
CA VAL K 137 58.60 -5.68 61.58
C VAL K 137 57.50 -5.11 60.67
N PHE K 138 57.66 -5.29 59.37
CA PHE K 138 56.65 -4.90 58.37
C PHE K 138 56.50 -6.03 57.36
N LEU K 139 55.25 -6.29 56.96
CA LEU K 139 54.95 -7.42 56.07
C LEU K 139 54.76 -6.98 54.63
N ALA K 140 54.87 -7.95 53.72
CA ALA K 140 54.67 -7.75 52.28
C ALA K 140 53.92 -8.91 51.66
N ALA K 141 53.29 -8.66 50.50
CA ALA K 141 52.48 -9.65 49.79
C ALA K 141 52.92 -9.73 48.33
N PRO K 142 52.47 -10.78 47.59
CA PRO K 142 52.86 -10.89 46.19
C PRO K 142 52.42 -9.71 45.31
N ASN K 143 51.23 -9.16 45.58
CA ASN K 143 50.74 -7.97 44.86
C ASN K 143 51.52 -6.68 45.13
N THR K 144 52.24 -6.60 46.26
CA THR K 144 53.06 -5.44 46.63
C THR K 144 54.16 -5.18 45.59
N PRO K 145 54.17 -4.00 44.94
CA PRO K 145 55.22 -3.71 43.94
C PRO K 145 56.61 -3.44 44.54
N ASP K 146 57.62 -3.47 43.67
CA ASP K 146 59.01 -3.26 44.06
C ASP K 146 59.28 -1.85 44.61
N GLU K 147 58.51 -0.86 44.17
CA GLU K 147 58.60 0.50 44.72
C GLU K 147 58.36 0.51 46.22
N ARG K 148 57.31 -0.19 46.68
CA ARG K 148 57.00 -0.27 48.11
C ARG K 148 57.97 -1.16 48.89
N LEU K 149 58.32 -2.33 48.35
CA LEU K 149 59.24 -3.27 49.00
C LEU K 149 60.54 -2.61 49.49
N LYS K 150 61.11 -1.72 48.68
CA LYS K 150 62.30 -0.95 49.06
C LYS K 150 62.02 0.02 50.22
N VAL K 151 60.80 0.56 50.27
CA VAL K 151 60.36 1.42 51.38
C VAL K 151 60.02 0.60 52.64
N ILE K 152 59.53 -0.62 52.47
CA ILE K 152 59.29 -1.54 53.60
C ILE K 152 60.61 -1.87 54.28
N ASP K 153 61.60 -2.28 53.48
CA ASP K 153 62.93 -2.68 53.96
C ASP K 153 63.68 -1.54 54.66
N ASP K 154 63.52 -0.30 54.18
CA ASP K 154 64.14 0.88 54.82
C ASP K 154 63.70 1.06 56.27
N MET K 155 62.40 0.93 56.52
CA MET K 155 61.83 1.13 57.86
C MET K 155 61.80 -0.12 58.75
N THR K 156 62.11 -1.28 58.19
CA THR K 156 62.23 -2.52 58.96
C THR K 156 63.62 -2.59 59.62
N THR K 157 63.64 -2.82 60.92
CA THR K 157 64.86 -3.10 61.67
C THR K 157 65.02 -4.60 61.93
N GLY K 158 63.93 -5.27 62.30
CA GLY K 158 63.92 -6.71 62.53
C GLY K 158 64.03 -7.52 61.24
N PHE K 159 62.88 -7.85 60.65
CA PHE K 159 62.82 -8.69 59.44
C PHE K 159 61.50 -8.52 58.68
N VAL K 160 61.53 -8.77 57.38
CA VAL K 160 60.37 -8.60 56.50
C VAL K 160 59.56 -9.90 56.45
N TYR K 161 58.38 -9.89 57.06
CA TYR K 161 57.53 -11.07 57.19
C TYR K 161 56.65 -11.23 55.94
N LEU K 162 57.08 -12.07 55.01
CA LEU K 162 56.32 -12.31 53.77
C LEU K 162 55.13 -13.24 54.01
N VAL K 163 54.02 -12.96 53.34
CA VAL K 163 52.79 -13.75 53.43
C VAL K 163 52.18 -13.92 52.03
N SER K 164 51.40 -14.98 51.86
CA SER K 164 50.81 -15.34 50.56
C SER K 164 49.33 -14.95 50.43
N LEU K 165 48.81 -15.09 49.20
CA LEU K 165 47.40 -14.84 48.91
C LEU K 165 46.61 -16.12 49.12
N GLU K 174 49.31 -26.67 49.27
CA GLU K 174 50.60 -26.54 48.58
C GLU K 174 50.99 -25.08 48.42
N ILE K 175 52.26 -24.86 48.06
CA ILE K 175 52.80 -23.52 47.85
C ILE K 175 52.53 -23.10 46.40
N PRO K 176 51.91 -21.91 46.18
CA PRO K 176 51.67 -21.47 44.81
C PRO K 176 52.93 -20.88 44.14
N LYS K 177 52.87 -20.72 42.82
CA LYS K 177 53.98 -20.12 42.05
C LYS K 177 54.19 -18.64 42.38
N THR K 178 53.10 -17.93 42.69
CA THR K 178 53.15 -16.51 43.07
C THR K 178 53.87 -16.24 44.41
N ALA K 179 53.81 -17.20 45.33
CA ALA K 179 54.47 -17.07 46.63
C ALA K 179 55.99 -17.16 46.54
N TYR K 180 56.49 -18.10 45.72
CA TYR K 180 57.93 -18.22 45.45
C TYR K 180 58.50 -17.02 44.67
N ASP K 181 57.68 -16.41 43.82
CA ASP K 181 58.08 -15.20 43.09
C ASP K 181 58.32 -14.01 44.03
N LEU K 182 57.52 -13.92 45.10
CA LEU K 182 57.69 -12.88 46.12
C LEU K 182 59.03 -12.99 46.84
N LEU K 183 59.36 -14.20 47.30
CA LEU K 183 60.62 -14.48 47.99
C LEU K 183 61.85 -14.20 47.10
N ARG K 184 61.73 -14.50 45.80
CA ARG K 184 62.81 -14.30 44.83
C ARG K 184 63.08 -12.81 44.61
N ARG K 185 62.00 -12.04 44.49
CA ARG K 185 62.07 -10.57 44.41
C ARG K 185 62.48 -9.91 45.73
N ALA K 186 62.06 -10.50 46.85
CA ALA K 186 62.33 -9.94 48.19
C ALA K 186 63.81 -9.96 48.55
N LYS K 187 64.44 -11.13 48.50
CA LYS K 187 65.87 -11.27 48.83
C LYS K 187 66.79 -10.56 47.83
N ARG K 188 66.32 -10.36 46.60
CA ARG K 188 67.04 -9.55 45.62
C ARG K 188 67.20 -8.09 46.08
N ILE K 189 66.15 -7.56 46.72
CA ILE K 189 66.09 -6.14 47.13
C ILE K 189 66.42 -5.92 48.61
N CYS K 190 65.90 -6.77 49.49
CA CYS K 190 65.93 -6.52 50.94
C CYS K 190 67.31 -6.70 51.58
N ARG K 191 67.78 -5.64 52.27
CA ARG K 191 68.94 -5.73 53.16
C ARG K 191 68.65 -6.59 54.40
N ASN K 192 67.46 -6.44 54.98
CA ASN K 192 67.05 -7.21 56.15
C ASN K 192 66.77 -8.69 55.84
N LYS K 193 66.62 -9.47 56.91
CA LYS K 193 66.23 -10.87 56.81
C LYS K 193 64.77 -11.00 56.40
N VAL K 194 64.41 -12.19 55.93
CA VAL K 194 63.11 -12.48 55.34
C VAL K 194 62.50 -13.72 55.98
N ALA K 195 61.38 -13.53 56.70
CA ALA K 195 60.56 -14.64 57.19
C ALA K 195 59.41 -14.89 56.21
N VAL K 196 58.92 -16.14 56.15
CA VAL K 196 57.82 -16.52 55.25
C VAL K 196 56.73 -17.27 56.02
N GLY K 197 55.49 -16.82 55.87
CA GLY K 197 54.31 -17.42 56.50
C GLY K 197 53.38 -17.94 55.42
N PHE K 198 53.88 -18.92 54.66
CA PHE K 198 53.24 -19.41 53.44
C PHE K 198 52.30 -20.61 53.68
N GLY K 199 51.89 -20.85 54.93
CA GLY K 199 50.94 -21.91 55.25
C GLY K 199 51.55 -23.29 55.13
N VAL K 200 52.54 -23.57 55.96
CA VAL K 200 53.36 -24.77 55.85
C VAL K 200 52.74 -25.94 56.64
N SER K 201 52.22 -26.92 55.91
CA SER K 201 51.62 -28.13 56.49
C SER K 201 52.50 -29.39 56.39
N LYS K 202 53.59 -29.32 55.61
CA LYS K 202 54.44 -30.49 55.35
C LYS K 202 55.90 -30.07 55.13
N ARG K 203 56.83 -30.97 55.44
CA ARG K 203 58.27 -30.66 55.40
C ARG K 203 58.86 -30.52 53.99
N GLU K 204 58.17 -31.05 52.99
CA GLU K 204 58.55 -30.81 51.59
C GLU K 204 58.57 -29.32 51.23
N HIS K 205 57.79 -28.52 51.96
CA HIS K 205 57.78 -27.05 51.82
C HIS K 205 58.95 -26.39 52.54
N VAL K 206 59.24 -26.82 53.77
CA VAL K 206 60.28 -26.22 54.61
C VAL K 206 61.66 -26.32 53.94
N VAL K 207 61.92 -27.45 53.27
CA VAL K 207 63.16 -27.67 52.54
C VAL K 207 63.26 -26.72 51.35
N SER K 208 62.17 -26.58 50.60
CA SER K 208 62.13 -25.74 49.40
C SER K 208 62.28 -24.25 49.70
N LEU K 209 61.69 -23.79 50.80
CA LEU K 209 61.74 -22.37 51.20
C LEU K 209 63.14 -21.94 51.66
N LEU K 210 63.81 -22.81 52.43
CA LEU K 210 65.20 -22.59 52.84
C LEU K 210 66.22 -22.73 51.70
N LYS K 211 65.92 -23.60 50.74
CA LYS K 211 66.77 -23.79 49.56
C LYS K 211 66.68 -22.58 48.60
N GLU K 212 65.46 -22.10 48.37
CA GLU K 212 65.23 -20.87 47.59
C GLU K 212 65.70 -19.60 48.30
N GLY K 213 65.88 -19.66 49.62
CA GLY K 213 66.64 -18.66 50.38
C GLY K 213 65.87 -17.82 51.38
N ALA K 214 64.97 -18.45 52.14
CA ALA K 214 64.23 -17.77 53.20
C ALA K 214 65.00 -17.92 54.51
N ASN K 215 65.17 -16.83 55.24
CA ASN K 215 65.91 -16.86 56.52
C ASN K 215 65.20 -17.74 57.54
N GLY K 216 63.95 -17.38 57.82
CA GLY K 216 63.10 -18.14 58.74
C GLY K 216 61.86 -18.65 58.03
N VAL K 217 61.29 -19.73 58.56
CA VAL K 217 60.03 -20.29 58.07
C VAL K 217 59.02 -20.18 59.20
N VAL K 218 57.99 -19.37 59.01
CA VAL K 218 56.95 -19.17 60.02
C VAL K 218 55.92 -20.29 59.91
N VAL K 219 55.49 -20.80 61.07
CA VAL K 219 54.54 -21.90 61.14
C VAL K 219 53.42 -21.55 62.12
N GLY K 220 52.36 -20.94 61.61
CA GLY K 220 51.19 -20.56 62.40
C GLY K 220 50.02 -21.50 62.20
N SER K 221 49.50 -21.51 60.97
CA SER K 221 48.27 -22.23 60.61
C SER K 221 48.27 -23.71 61.02
N ALA K 222 49.39 -24.39 60.82
CA ALA K 222 49.50 -25.81 61.17
C ALA K 222 49.43 -26.07 62.68
N LEU K 223 49.97 -25.14 63.48
CA LEU K 223 50.04 -25.32 64.93
C LEU K 223 48.75 -24.97 65.66
N VAL K 224 48.17 -23.81 65.34
CA VAL K 224 46.89 -23.40 65.95
C VAL K 224 45.72 -24.29 65.51
N LYS K 225 45.85 -24.96 64.37
CA LYS K 225 44.89 -25.99 63.94
C LYS K 225 44.83 -27.16 64.93
N ILE K 226 45.98 -27.53 65.48
CA ILE K 226 46.08 -28.58 66.51
C ILE K 226 45.58 -28.07 67.87
N ILE K 227 45.83 -26.80 68.18
CA ILE K 227 45.34 -26.17 69.42
C ILE K 227 43.81 -26.01 69.42
N GLY K 228 43.22 -25.86 68.23
CA GLY K 228 41.77 -25.91 68.07
C GLY K 228 41.19 -27.30 68.27
N GLU K 229 41.87 -28.32 67.74
CA GLU K 229 41.45 -29.71 67.83
C GLU K 229 41.63 -30.28 69.24
N LYS K 230 42.88 -30.24 69.73
CA LYS K 230 43.25 -30.84 71.02
C LYS K 230 42.86 -30.02 72.25
N GLY K 231 42.80 -28.69 72.12
CA GLY K 231 42.41 -27.81 73.22
C GLY K 231 43.53 -27.59 74.23
N ARG K 232 43.20 -27.74 75.52
CA ARG K 232 44.16 -27.60 76.61
C ARG K 232 45.27 -28.65 76.59
N GLU K 233 44.98 -29.85 76.06
CA GLU K 233 45.91 -30.99 76.08
C GLU K 233 46.78 -31.13 74.81
N ALA K 234 46.99 -30.05 74.08
CA ALA K 234 47.65 -30.11 72.76
C ALA K 234 49.19 -30.23 72.80
N THR K 235 49.82 -29.97 73.94
CA THR K 235 51.28 -29.84 74.03
C THR K 235 52.07 -30.95 73.36
N GLU K 236 51.65 -32.20 73.57
CA GLU K 236 52.33 -33.37 73.01
C GLU K 236 52.22 -33.46 71.49
N PHE K 237 51.01 -33.25 70.97
CA PHE K 237 50.76 -33.30 69.52
C PHE K 237 51.47 -32.19 68.74
N LEU K 238 51.69 -31.03 69.37
CA LEU K 238 52.45 -29.94 68.77
C LEU K 238 53.93 -30.30 68.56
N LYS K 239 54.53 -30.97 69.54
CA LYS K 239 55.92 -31.45 69.43
C LYS K 239 56.10 -32.43 68.26
N LYS K 240 55.09 -33.28 68.04
CA LYS K 240 55.06 -34.18 66.90
C LYS K 240 54.99 -33.45 65.56
N LYS K 241 54.22 -32.37 65.51
CA LYS K 241 54.11 -31.53 64.32
C LYS K 241 55.39 -30.76 63.99
N VAL K 242 56.06 -30.21 65.01
CA VAL K 242 57.29 -29.43 64.83
C VAL K 242 58.51 -30.30 64.49
N GLU K 243 58.62 -31.46 65.15
CA GLU K 243 59.68 -32.44 64.83
C GLU K 243 59.54 -33.01 63.41
N GLU K 244 58.29 -33.10 62.92
CA GLU K 244 58.01 -33.47 61.53
C GLU K 244 58.50 -32.39 60.57
N LEU K 245 58.29 -31.12 60.91
CA LEU K 245 58.76 -29.98 60.11
C LEU K 245 60.26 -29.69 60.24
N LEU K 246 60.88 -30.12 61.34
CA LEU K 246 62.34 -30.02 61.52
C LEU K 246 63.10 -31.21 60.94
N GLY K 247 62.40 -32.32 60.69
CA GLY K 247 63.01 -33.53 60.13
C GLY K 247 63.86 -34.28 61.14
N ILE K 248 63.31 -34.46 62.34
CA ILE K 248 64.03 -35.08 63.46
C ILE K 248 63.12 -36.04 64.22
N MET L 1 42.43 11.16 52.32
CA MET L 1 41.93 10.09 53.24
C MET L 1 41.61 10.54 54.67
N TRP L 2 41.78 11.83 54.97
CA TRP L 2 41.61 12.35 56.33
C TRP L 2 40.48 13.37 56.40
N PHE L 3 39.59 13.16 57.36
CA PHE L 3 38.61 14.16 57.77
C PHE L 3 39.05 14.58 59.17
N GLY L 4 39.82 15.66 59.25
CA GLY L 4 40.50 16.03 60.49
C GLY L 4 41.45 14.91 60.88
N GLU L 5 41.33 14.45 62.12
CA GLU L 5 42.11 13.31 62.62
C GLU L 5 41.53 11.93 62.25
N PHE L 6 40.35 11.90 61.64
CA PHE L 6 39.61 10.65 61.41
C PHE L 6 39.73 10.14 59.97
N GLY L 7 39.53 8.84 59.81
CA GLY L 7 39.56 8.18 58.50
C GLY L 7 40.76 7.28 58.33
N GLY L 8 41.42 7.37 57.19
CA GLY L 8 42.66 6.65 56.92
C GLY L 8 42.50 5.38 56.12
N GLN L 9 43.55 4.57 56.12
CA GLN L 9 43.68 3.38 55.29
C GLN L 9 44.34 2.26 56.13
N TYR L 10 43.79 2.02 57.31
CA TYR L 10 44.37 1.08 58.29
C TYR L 10 44.05 -0.38 57.99
N VAL L 11 44.75 -0.93 56.99
CA VAL L 11 44.57 -2.30 56.53
C VAL L 11 45.92 -3.01 56.36
N PRO L 12 45.93 -4.35 56.26
CA PRO L 12 47.17 -5.07 55.94
C PRO L 12 47.71 -4.76 54.56
N GLU L 13 48.98 -5.10 54.32
CA GLU L 13 49.64 -4.83 53.04
C GLU L 13 49.02 -5.57 51.85
N THR L 14 48.33 -6.68 52.12
CA THR L 14 47.60 -7.42 51.09
C THR L 14 46.48 -6.59 50.44
N LEU L 15 45.83 -5.73 51.23
CA LEU L 15 44.73 -4.91 50.75
C LEU L 15 45.10 -3.55 50.16
N ILE L 16 46.38 -3.17 50.21
CA ILE L 16 46.81 -1.83 49.79
C ILE L 16 46.70 -1.63 48.27
N GLU L 17 47.21 -2.59 47.49
CA GLU L 17 47.24 -2.46 46.04
C GLU L 17 45.86 -2.43 45.37
N PRO L 18 44.89 -3.25 45.87
CA PRO L 18 43.50 -3.06 45.43
C PRO L 18 42.94 -1.67 45.74
N LEU L 19 43.23 -1.14 46.93
CA LEU L 19 42.80 0.20 47.31
C LEU L 19 43.49 1.28 46.49
N LYS L 20 44.78 1.14 46.23
CA LYS L 20 45.55 2.05 45.36
C LYS L 20 45.01 2.12 43.93
N GLU L 21 44.60 0.98 43.38
CA GLU L 21 43.94 0.95 42.07
C GLU L 21 42.63 1.71 42.07
N LEU L 22 41.86 1.54 43.15
CA LEU L 22 40.56 2.20 43.32
C LEU L 22 40.67 3.71 43.51
N GLU L 23 41.71 4.17 44.20
CA GLU L 23 41.98 5.61 44.35
C GLU L 23 42.30 6.24 43.01
N LYS L 24 43.21 5.60 42.28
CA LYS L 24 43.64 6.04 40.95
C LYS L 24 42.49 6.01 39.96
N ALA L 25 41.68 4.95 40.01
CA ALA L 25 40.55 4.79 39.08
C ALA L 25 39.42 5.76 39.39
N TYR L 26 39.14 6.00 40.67
CA TYR L 26 38.13 6.97 41.06
C TYR L 26 38.56 8.39 40.69
N LYS L 27 39.82 8.74 40.93
CA LYS L 27 40.38 10.02 40.49
C LYS L 27 40.22 10.26 39.01
N ARG L 28 40.37 9.21 38.21
CA ARG L 28 40.24 9.29 36.76
C ARG L 28 38.81 9.48 36.30
N PHE L 29 37.89 8.66 36.82
CA PHE L 29 36.50 8.64 36.35
C PHE L 29 35.52 9.51 37.14
N LYS L 30 35.90 9.97 38.33
CA LYS L 30 35.05 10.84 39.17
C LYS L 30 34.42 11.99 38.38
N ASP L 31 35.26 12.82 37.78
CA ASP L 31 34.82 13.97 36.99
C ASP L 31 34.88 13.74 35.48
N ASP L 32 35.00 12.47 35.06
CA ASP L 32 34.91 12.10 33.64
C ASP L 32 33.49 12.37 33.16
N GLU L 33 33.39 12.95 31.97
CA GLU L 33 32.11 13.40 31.44
C GLU L 33 31.20 12.21 31.06
N GLU L 34 31.76 11.20 30.41
CA GLU L 34 31.01 10.01 29.98
C GLU L 34 30.63 9.09 31.15
N PHE L 35 31.44 9.06 32.21
CA PHE L 35 31.08 8.30 33.42
C PHE L 35 29.84 8.90 34.07
N ASN L 36 29.89 10.22 34.30
CA ASN L 36 28.78 10.95 34.91
C ASN L 36 27.52 10.95 34.06
N ARG L 37 27.68 11.09 32.73
CA ARG L 37 26.54 11.01 31.81
C ARG L 37 25.79 9.69 31.99
N GLN L 38 26.53 8.59 31.97
CA GLN L 38 25.95 7.25 32.15
C GLN L 38 25.37 7.03 33.56
N LEU L 39 26.07 7.51 34.58
CA LEU L 39 25.58 7.44 35.96
C LEU L 39 24.25 8.16 36.11
N ASN L 40 24.17 9.37 35.54
CA ASN L 40 22.94 10.16 35.55
C ASN L 40 21.81 9.50 34.76
N TYR L 41 22.15 8.93 33.60
CA TYR L 41 21.19 8.16 32.81
C TYR L 41 20.57 7.01 33.63
N TYR L 42 21.41 6.22 34.29
CA TYR L 42 20.90 5.10 35.09
C TYR L 42 20.10 5.56 36.32
N LEU L 43 20.62 6.56 37.03
CA LEU L 43 19.88 7.16 38.14
C LEU L 43 18.49 7.68 37.73
N LYS L 44 18.39 8.20 36.51
CA LYS L 44 17.14 8.76 35.99
C LYS L 44 16.16 7.71 35.46
N THR L 45 16.58 6.91 34.48
CA THR L 45 15.66 5.98 33.82
C THR L 45 15.40 4.70 34.60
N TRP L 46 16.36 4.26 35.41
CA TRP L 46 16.27 3.01 36.15
C TRP L 46 15.86 3.24 37.61
N ALA L 47 16.63 4.06 38.32
CA ALA L 47 16.40 4.31 39.75
C ALA L 47 15.23 5.26 40.04
N GLY L 48 14.91 6.14 39.09
CA GLY L 48 13.78 7.05 39.19
C GLY L 48 14.11 8.40 39.79
N ARG L 49 15.37 8.81 39.72
CA ARG L 49 15.77 10.13 40.21
C ARG L 49 15.34 11.24 39.24
N PRO L 50 15.02 12.44 39.77
CA PRO L 50 15.00 12.81 41.18
C PRO L 50 13.81 12.25 41.96
N THR L 51 14.00 12.08 43.26
CA THR L 51 12.90 11.83 44.18
C THR L 51 12.36 13.19 44.63
N PRO L 52 11.06 13.27 44.93
CA PRO L 52 10.49 14.55 45.29
C PRO L 52 10.82 14.97 46.72
N LEU L 53 10.60 16.26 47.00
CA LEU L 53 10.58 16.79 48.35
C LEU L 53 9.11 17.02 48.71
N TYR L 54 8.61 16.20 49.61
CA TYR L 54 7.20 16.25 50.03
C TYR L 54 7.03 17.09 51.29
N TYR L 55 6.16 18.08 51.26
CA TYR L 55 5.78 18.85 52.43
C TYR L 55 4.73 18.07 53.26
N ALA L 56 5.10 17.67 54.48
CA ALA L 56 4.21 16.87 55.34
C ALA L 56 3.22 17.78 56.05
N LYS L 57 2.17 18.18 55.33
CA LYS L 57 1.24 19.20 55.81
C LYS L 57 0.42 18.76 57.02
N ARG L 58 -0.03 17.52 57.03
CA ARG L 58 -0.83 17.00 58.15
C ARG L 58 0.01 16.89 59.42
N LEU L 59 1.24 16.39 59.25
CA LEU L 59 2.17 16.21 60.35
C LEU L 59 2.62 17.54 60.96
N THR L 60 2.81 18.57 60.12
CA THR L 60 3.22 19.89 60.62
C THR L 60 2.13 20.57 61.44
N GLU L 61 0.90 20.47 60.96
CA GLU L 61 -0.26 21.03 61.65
C GLU L 61 -0.52 20.32 62.97
N LYS L 62 -0.41 18.99 62.96
CA LYS L 62 -0.63 18.18 64.15
C LYS L 62 0.35 18.53 65.26
N ILE L 63 1.62 18.69 64.90
CA ILE L 63 2.64 19.11 65.86
C ILE L 63 2.50 20.59 66.19
N GLY L 64 2.18 21.40 65.19
CA GLY L 64 1.88 22.82 65.38
C GLY L 64 3.10 23.72 65.59
N GLY L 65 4.21 23.34 64.97
CA GLY L 65 5.46 24.09 65.09
C GLY L 65 6.01 24.36 63.69
N ALA L 66 7.27 23.98 63.48
CA ALA L 66 7.92 24.23 62.20
C ALA L 66 7.41 23.33 61.09
N LYS L 67 7.68 23.76 59.86
CA LYS L 67 7.41 22.98 58.67
C LYS L 67 8.32 21.76 58.59
N ILE L 68 7.83 20.71 57.96
CA ILE L 68 8.47 19.41 57.94
C ILE L 68 8.34 18.93 56.50
N TYR L 69 9.43 19.07 55.76
CA TYR L 69 9.54 18.46 54.45
C TYR L 69 10.23 17.12 54.60
N LEU L 70 9.92 16.20 53.70
CA LEU L 70 10.51 14.87 53.67
C LEU L 70 11.16 14.63 52.31
N LYS L 71 12.46 14.35 52.29
CA LYS L 71 13.16 13.97 51.07
C LYS L 71 12.86 12.51 50.83
N ARG L 72 12.13 12.22 49.75
CA ARG L 72 11.52 10.90 49.56
C ARG L 72 12.41 9.83 48.92
N GLU L 73 13.50 9.47 49.60
CA GLU L 73 14.36 8.38 49.16
C GLU L 73 13.67 7.01 49.23
N ASP L 74 12.56 6.94 49.95
CA ASP L 74 11.68 5.77 49.87
C ASP L 74 11.18 5.46 48.45
N LEU L 75 11.19 6.45 47.56
CA LEU L 75 10.74 6.27 46.19
C LEU L 75 11.81 5.83 45.17
N VAL L 76 13.09 5.75 45.54
CA VAL L 76 14.08 5.18 44.62
C VAL L 76 13.87 3.68 44.44
N HIS L 77 14.30 3.18 43.28
CA HIS L 77 14.16 1.77 42.92
C HIS L 77 14.83 0.87 43.96
N GLY L 78 14.06 -0.04 44.56
CA GLY L 78 14.53 -0.88 45.66
C GLY L 78 14.07 -0.40 47.02
N GLY L 79 13.69 0.88 47.11
CA GLY L 79 13.07 1.43 48.30
C GLY L 79 14.04 1.98 49.33
N ALA L 80 15.26 2.31 48.91
CA ALA L 80 16.27 2.83 49.83
C ALA L 80 17.39 3.57 49.09
N HIS L 81 17.86 4.66 49.69
CA HIS L 81 18.99 5.46 49.19
C HIS L 81 20.22 4.63 48.75
N1 LLP L 82 17.99 3.85 56.08
C2 LLP L 82 17.58 2.81 55.32
C2' LLP L 82 16.21 2.84 54.71
C3 LLP L 82 18.47 1.66 55.04
O3 LLP L 82 18.05 0.62 54.26
C4 LLP L 82 19.82 1.70 55.65
C4' LLP L 82 20.79 0.55 55.43
C5 LLP L 82 20.15 2.90 56.49
C6 LLP L 82 19.20 3.90 56.65
C5' LLP L 82 21.48 3.06 57.19
OP4 LLP L 82 22.47 3.40 56.23
P LLP L 82 23.47 4.64 56.38
OP1 LLP L 82 22.94 5.62 55.35
OP2 LLP L 82 23.43 5.16 57.79
OP3 LLP L 82 24.81 4.05 56.01
N LLP L 82 20.41 3.46 49.35
CA LLP L 82 21.52 2.56 49.04
CB LLP L 82 21.26 1.21 49.71
CG LLP L 82 21.49 1.28 51.22
CD LLP L 82 21.82 -0.09 51.80
CE LLP L 82 22.05 0.05 53.30
NZ LLP L 82 20.80 0.14 54.04
C LLP L 82 21.76 2.36 47.57
O LLP L 82 22.92 2.30 47.14
N THR L 83 20.69 2.24 46.79
CA THR L 83 20.76 2.12 45.33
C THR L 83 21.68 3.13 44.63
N ASN L 84 21.66 4.38 45.11
CA ASN L 84 22.52 5.45 44.56
C ASN L 84 23.99 5.06 44.55
N ASN L 85 24.44 4.55 45.70
CA ASN L 85 25.80 4.06 45.88
C ASN L 85 26.07 2.79 45.09
N ALA L 86 25.12 1.85 45.12
CA ALA L 86 25.23 0.59 44.40
C ALA L 86 25.44 0.79 42.90
N ILE L 87 24.64 1.66 42.30
CA ILE L 87 24.79 1.98 40.87
C ILE L 87 26.14 2.65 40.64
N GLY L 88 26.41 3.72 41.37
CA GLY L 88 27.65 4.47 41.25
C GLY L 88 28.89 3.59 41.33
N GLN L 89 28.93 2.73 42.33
CA GLN L 89 30.12 1.94 42.63
C GLN L 89 30.26 0.72 41.71
N ALA L 90 29.12 0.17 41.29
CA ALA L 90 29.09 -0.87 40.25
C ALA L 90 29.50 -0.30 38.89
N LEU L 91 28.95 0.86 38.54
CA LEU L 91 29.31 1.54 37.30
C LEU L 91 30.79 1.91 37.24
N LEU L 92 31.35 2.35 38.36
CA LEU L 92 32.77 2.61 38.48
C LEU L 92 33.55 1.34 38.13
N ALA L 93 33.21 0.24 38.81
CA ALA L 93 33.85 -1.06 38.55
C ALA L 93 33.79 -1.46 37.07
N LYS L 94 32.67 -1.19 36.42
CA LYS L 94 32.52 -1.47 35.00
C LYS L 94 33.47 -0.62 34.15
N PHE L 95 33.59 0.67 34.47
CA PHE L 95 34.56 1.55 33.79
C PHE L 95 36.01 1.16 34.05
N MET L 96 36.29 0.56 35.21
CA MET L 96 37.60 0.00 35.53
C MET L 96 37.94 -1.25 34.69
N GLY L 97 36.92 -1.91 34.14
CA GLY L 97 37.08 -3.13 33.37
C GLY L 97 36.74 -4.39 34.13
N LYS L 98 36.14 -4.25 35.31
CA LYS L 98 35.85 -5.39 36.20
C LYS L 98 34.56 -6.06 35.73
N THR L 99 34.43 -7.36 35.98
CA THR L 99 33.28 -8.15 35.53
C THR L 99 32.48 -8.76 36.68
N ARG L 100 32.84 -8.45 37.92
CA ARG L 100 32.29 -9.12 39.09
C ARG L 100 32.22 -8.18 40.28
N LEU L 101 31.15 -8.33 41.07
CA LEU L 101 30.94 -7.55 42.27
C LEU L 101 30.81 -8.49 43.46
N ILE L 102 31.53 -8.18 44.54
CA ILE L 102 31.32 -8.89 45.80
C ILE L 102 30.97 -7.94 46.93
N ALA L 103 30.18 -8.45 47.86
CA ALA L 103 29.71 -7.68 49.00
C ALA L 103 29.30 -8.62 50.13
N GLU L 104 29.20 -8.07 51.32
CA GLU L 104 28.72 -8.79 52.49
C GLU L 104 27.41 -8.14 52.91
N THR L 105 26.58 -8.88 53.66
CA THR L 105 25.33 -8.34 54.19
C THR L 105 24.83 -9.12 55.40
N GLY L 106 24.18 -8.42 56.33
CA GLY L 106 23.60 -9.02 57.53
C GLY L 106 22.08 -8.95 57.49
N ALA L 107 21.56 -7.73 57.46
CA ALA L 107 20.14 -7.48 57.25
C ALA L 107 19.67 -7.97 55.86
N GLY L 108 20.55 -7.89 54.86
CA GLY L 108 20.22 -8.28 53.48
C GLY L 108 20.05 -7.09 52.53
N GLN L 109 19.93 -5.88 53.07
CA GLN L 109 19.57 -4.70 52.28
C GLN L 109 20.68 -4.24 51.35
N HIS L 110 21.92 -4.32 51.80
CA HIS L 110 23.07 -4.01 50.96
C HIS L 110 23.29 -5.08 49.90
N GLY L 111 23.04 -6.33 50.26
CA GLY L 111 23.08 -7.45 49.30
C GLY L 111 22.11 -7.29 48.16
N VAL L 112 20.86 -6.93 48.47
CA VAL L 112 19.84 -6.70 47.44
C VAL L 112 20.22 -5.50 46.58
N ALA L 113 20.58 -4.39 47.21
CA ALA L 113 21.00 -3.19 46.50
C ALA L 113 22.08 -3.50 45.47
N THR L 114 23.10 -4.22 45.91
CA THR L 114 24.20 -4.65 45.05
C THR L 114 23.72 -5.55 43.91
N ALA L 115 22.93 -6.56 44.27
CA ALA L 115 22.37 -7.51 43.29
C ALA L 115 21.63 -6.80 42.16
N MET L 116 20.78 -5.83 42.51
CA MET L 116 20.02 -5.04 41.53
C MET L 116 20.94 -4.25 40.59
N ALA L 117 22.00 -3.66 41.14
CA ALA L 117 22.99 -2.92 40.35
C ALA L 117 23.77 -3.86 39.44
N GLY L 118 24.22 -4.98 39.99
CA GLY L 118 24.90 -6.02 39.21
C GLY L 118 24.05 -6.56 38.08
N ALA L 119 22.77 -6.75 38.36
CA ALA L 119 21.81 -7.23 37.36
C ALA L 119 21.64 -6.23 36.21
N LEU L 120 21.50 -4.94 36.56
CA LEU L 120 21.38 -3.83 35.60
C LEU L 120 22.53 -3.83 34.60
N LEU L 121 23.74 -3.84 35.14
CA LEU L 121 24.95 -3.64 34.36
C LEU L 121 25.60 -4.95 33.87
N GLY L 122 24.89 -6.07 33.99
CA GLY L 122 25.33 -7.34 33.42
C GLY L 122 26.59 -7.94 34.04
N MET L 123 26.70 -7.84 35.35
CA MET L 123 27.87 -8.28 36.11
C MET L 123 27.54 -9.46 37.01
N LYS L 124 28.53 -10.31 37.27
CA LYS L 124 28.37 -11.43 38.20
C LYS L 124 28.39 -10.86 39.60
N VAL L 125 27.50 -11.37 40.46
CA VAL L 125 27.36 -10.88 41.83
C VAL L 125 27.45 -12.06 42.77
N ASP L 126 28.52 -12.10 43.56
CA ASP L 126 28.65 -13.06 44.65
C ASP L 126 28.52 -12.26 45.93
N ILE L 127 27.59 -12.66 46.79
CA ILE L 127 27.31 -11.97 48.04
C ILE L 127 27.53 -12.93 49.20
N TYR L 128 28.42 -12.55 50.11
CA TYR L 128 28.71 -13.36 51.29
C TYR L 128 27.74 -12.97 52.40
N MET L 129 27.45 -13.93 53.27
CA MET L 129 26.42 -13.78 54.28
C MET L 129 26.63 -14.82 55.37
N GLY L 130 26.43 -14.42 56.63
CA GLY L 130 26.45 -15.37 57.74
C GLY L 130 25.32 -16.37 57.61
N ALA L 131 25.59 -17.63 57.94
CA ALA L 131 24.57 -18.68 57.88
C ALA L 131 23.43 -18.46 58.88
N GLU L 132 23.71 -17.77 60.00
CA GLU L 132 22.69 -17.26 60.91
C GLU L 132 21.75 -16.31 60.18
N ASP L 133 22.35 -15.32 59.53
CA ASP L 133 21.62 -14.31 58.77
C ASP L 133 20.88 -14.92 57.58
N VAL L 134 21.49 -15.89 56.90
CA VAL L 134 20.86 -16.56 55.76
C VAL L 134 19.53 -17.22 56.15
N GLU L 135 19.50 -17.90 57.30
CA GLU L 135 18.29 -18.55 57.79
C GLU L 135 17.28 -17.54 58.35
N ARG L 136 17.77 -16.45 58.94
CA ARG L 136 16.93 -15.32 59.36
C ARG L 136 16.26 -14.61 58.19
N GLN L 137 17.04 -14.28 57.16
CA GLN L 137 16.58 -13.48 56.03
C GLN L 137 16.20 -14.31 54.80
N LYS L 138 15.30 -15.26 55.01
CA LYS L 138 14.75 -16.12 53.96
C LYS L 138 14.40 -15.33 52.68
N MET L 139 13.70 -14.21 52.85
CA MET L 139 13.11 -13.49 51.72
C MET L 139 14.07 -12.55 50.99
N ASN L 140 14.97 -11.89 51.73
CA ASN L 140 16.05 -11.11 51.11
C ASN L 140 17.04 -11.99 50.35
N VAL L 141 17.33 -13.17 50.91
CA VAL L 141 18.14 -14.18 50.22
C VAL L 141 17.48 -14.57 48.90
N PHE L 142 16.17 -14.81 48.93
CA PHE L 142 15.41 -15.10 47.72
C PHE L 142 15.39 -13.94 46.73
N ARG L 143 15.31 -12.71 47.24
CA ARG L 143 15.43 -11.50 46.41
C ARG L 143 16.75 -11.46 45.64
N MET L 144 17.86 -11.70 46.35
CA MET L 144 19.19 -11.69 45.74
C MET L 144 19.32 -12.76 44.67
N LYS L 145 18.85 -13.97 44.96
CA LYS L 145 18.88 -15.09 44.00
C LYS L 145 18.03 -14.83 42.75
N LEU L 146 16.84 -14.27 42.94
CA LEU L 146 15.98 -13.82 41.84
C LEU L 146 16.67 -12.85 40.88
N LEU L 147 17.41 -11.92 41.46
CA LEU L 147 18.12 -10.88 40.70
C LEU L 147 19.39 -11.39 40.00
N GLY L 148 19.76 -12.65 40.21
CA GLY L 148 20.88 -13.28 39.53
C GLY L 148 22.10 -13.48 40.41
N ALA L 149 22.08 -12.92 41.61
CA ALA L 149 23.22 -13.01 42.53
C ALA L 149 23.32 -14.38 43.19
N ASN L 150 24.54 -14.75 43.55
CA ASN L 150 24.83 -15.96 44.30
C ASN L 150 25.02 -15.56 45.76
N VAL L 151 24.18 -16.10 46.65
CA VAL L 151 24.33 -15.93 48.09
C VAL L 151 25.25 -17.05 48.59
N ILE L 152 26.41 -16.66 49.13
CA ILE L 152 27.41 -17.60 49.66
C ILE L 152 27.33 -17.63 51.18
N PRO L 153 26.70 -18.67 51.76
CA PRO L 153 26.63 -18.71 53.22
C PRO L 153 27.98 -19.07 53.81
N VAL L 154 28.51 -18.24 54.70
CA VAL L 154 29.75 -18.57 55.42
C VAL L 154 29.36 -19.25 56.73
N ASN L 155 29.88 -20.46 56.93
CA ASN L 155 29.57 -21.28 58.10
C ASN L 155 30.66 -21.22 59.18
N SER L 156 31.73 -20.48 58.92
CA SER L 156 32.89 -20.41 59.82
C SER L 156 32.66 -19.41 60.94
N GLY L 157 33.20 -19.74 62.12
CA GLY L 157 33.13 -18.87 63.28
C GLY L 157 31.73 -18.76 63.85
N SER L 158 31.36 -17.55 64.25
CA SER L 158 30.02 -17.27 64.77
C SER L 158 28.91 -17.29 63.70
N ARG L 159 29.28 -17.36 62.43
CA ARG L 159 28.35 -17.49 61.30
C ARG L 159 27.51 -16.22 61.10
N THR L 160 28.16 -15.06 61.24
CA THR L 160 27.48 -13.76 61.23
C THR L 160 28.19 -12.77 60.30
N LEU L 161 27.87 -11.47 60.43
CA LEU L 161 28.44 -10.44 59.55
C LEU L 161 29.96 -10.32 59.65
N LYS L 162 30.50 -10.34 60.87
CA LYS L 162 31.95 -10.29 61.10
C LYS L 162 32.70 -11.31 60.26
N ASP L 163 32.20 -12.55 60.26
CA ASP L 163 32.82 -13.65 59.51
C ASP L 163 32.64 -13.52 58.01
N ALA L 164 31.51 -12.95 57.58
CA ALA L 164 31.24 -12.69 56.17
C ALA L 164 32.13 -11.59 55.59
N ILE L 165 32.47 -10.59 56.40
CA ILE L 165 33.37 -9.51 55.98
C ILE L 165 34.74 -10.07 55.56
N ASN L 166 35.32 -10.93 56.41
CA ASN L 166 36.63 -11.55 56.12
C ASN L 166 36.68 -12.44 54.88
N GLU L 167 35.62 -13.18 54.62
CA GLU L 167 35.52 -14.03 53.43
C GLU L 167 35.52 -13.20 52.15
N ALA L 168 34.74 -12.12 52.17
CA ALA L 168 34.73 -11.16 51.07
C ALA L 168 36.12 -10.53 50.88
N LEU L 169 36.77 -10.16 51.97
CA LEU L 169 38.12 -9.58 51.89
C LEU L 169 39.17 -10.57 51.37
N ARG L 170 39.11 -11.81 51.84
CA ARG L 170 40.00 -12.86 51.31
C ARG L 170 39.76 -13.09 49.81
N ASP L 171 38.50 -13.07 49.38
CA ASP L 171 38.15 -13.25 47.97
C ASP L 171 38.61 -12.08 47.09
N TRP L 172 38.46 -10.86 47.59
CA TRP L 172 38.85 -9.66 46.85
C TRP L 172 40.35 -9.65 46.59
N VAL L 173 41.14 -9.88 47.64
CA VAL L 173 42.61 -9.91 47.54
C VAL L 173 43.10 -10.84 46.41
N ALA L 174 42.40 -11.96 46.20
CA ALA L 174 42.75 -12.94 45.17
C ALA L 174 42.23 -12.57 43.78
N THR L 175 41.03 -12.01 43.71
CA THR L 175 40.34 -11.79 42.44
C THR L 175 40.14 -10.32 42.05
N PHE L 176 40.88 -9.39 42.68
CA PHE L 176 40.69 -7.96 42.44
C PHE L 176 41.02 -7.48 41.03
N GLU L 177 41.81 -8.25 40.27
CA GLU L 177 42.07 -7.91 38.88
C GLU L 177 40.78 -7.82 38.04
N TYR L 178 39.79 -8.65 38.36
CA TYR L 178 38.49 -8.63 37.68
C TYR L 178 37.27 -8.40 38.58
N THR L 179 37.48 -8.22 39.89
CA THR L 179 36.40 -8.05 40.87
C THR L 179 36.50 -6.71 41.61
N HIS L 180 35.35 -6.11 41.90
CA HIS L 180 35.27 -4.94 42.78
C HIS L 180 34.48 -5.28 44.04
N TYR L 181 35.04 -4.91 45.18
CA TYR L 181 34.41 -5.08 46.49
C TYR L 181 33.56 -3.84 46.75
N LEU L 182 32.28 -4.05 47.08
CA LEU L 182 31.30 -2.97 47.18
C LEU L 182 30.90 -2.72 48.64
N ILE L 183 31.43 -1.64 49.22
CA ILE L 183 31.09 -1.19 50.57
C ILE L 183 29.75 -0.46 50.52
N GLY L 184 28.92 -0.67 51.55
CA GLY L 184 27.57 -0.13 51.60
C GLY L 184 27.37 1.24 52.22
N SER L 185 28.24 1.61 53.15
CA SER L 185 28.13 2.88 53.89
C SER L 185 29.40 3.69 53.74
N VAL L 186 29.46 4.84 54.42
CA VAL L 186 30.63 5.73 54.37
C VAL L 186 31.70 5.32 55.40
N VAL L 187 32.12 4.06 55.30
CA VAL L 187 32.93 3.41 56.30
C VAL L 187 34.07 2.65 55.66
N GLY L 188 35.00 2.17 56.48
CA GLY L 188 36.13 1.40 56.00
C GLY L 188 37.26 2.29 55.53
N PRO L 189 38.28 1.70 54.89
CA PRO L 189 39.46 2.47 54.50
C PRO L 189 39.20 3.37 53.31
N HIS L 190 39.98 4.44 53.20
CA HIS L 190 39.97 5.29 52.02
C HIS L 190 40.23 4.43 50.78
N PRO L 191 39.59 4.74 49.65
CA PRO L 191 38.66 5.83 49.32
C PRO L 191 37.16 5.57 49.50
N TYR L 192 36.78 4.50 50.21
CA TYR L 192 35.35 4.14 50.32
C TYR L 192 34.46 5.17 51.05
N PRO L 193 34.89 5.68 52.22
CA PRO L 193 34.09 6.71 52.89
C PRO L 193 33.81 7.95 52.04
N THR L 194 34.82 8.37 51.28
CA THR L 194 34.68 9.53 50.41
C THR L 194 33.95 9.22 49.10
N ILE L 195 34.21 8.06 48.50
CA ILE L 195 33.49 7.62 47.30
C ILE L 195 31.98 7.48 47.52
N VAL L 196 31.60 6.86 48.63
CA VAL L 196 30.19 6.58 48.93
C VAL L 196 29.41 7.87 49.19
N ARG L 197 30.05 8.82 49.89
CA ARG L 197 29.48 10.16 50.07
C ARG L 197 29.15 10.83 48.73
N ASP L 198 30.12 10.81 47.81
CA ASP L 198 29.95 11.46 46.51
C ASP L 198 28.79 10.89 45.69
N PHE L 199 28.60 9.57 45.74
CA PHE L 199 27.47 8.95 45.04
C PHE L 199 26.13 9.17 45.73
N GLN L 200 26.16 9.56 47.02
CA GLN L 200 24.96 9.94 47.78
C GLN L 200 24.70 11.45 47.87
N SER L 201 25.68 12.27 47.50
CA SER L 201 25.51 13.74 47.41
C SER L 201 24.33 14.22 46.58
N VAL L 202 23.95 13.45 45.57
CA VAL L 202 22.78 13.74 44.75
C VAL L 202 21.49 13.95 45.58
N ILE L 203 21.40 13.34 46.76
CA ILE L 203 20.27 13.54 47.67
C ILE L 203 20.18 15.01 48.10
N GLY L 204 21.29 15.55 48.60
CA GLY L 204 21.35 16.94 49.06
C GLY L 204 21.25 17.98 47.95
N ARG L 205 21.91 17.70 46.83
CA ARG L 205 21.83 18.58 45.66
C ARG L 205 20.40 18.73 45.12
N GLU L 206 19.64 17.62 45.11
CA GLU L 206 18.23 17.66 44.73
C GLU L 206 17.42 18.39 45.79
N ALA L 207 17.60 17.98 47.05
CA ALA L 207 16.95 18.62 48.19
C ALA L 207 17.16 20.13 48.23
N LYS L 208 18.38 20.57 47.92
CA LYS L 208 18.72 21.99 47.87
C LYS L 208 17.96 22.73 46.78
N ALA L 209 17.89 22.13 45.59
CA ALA L 209 17.15 22.73 44.48
C ALA L 209 15.64 22.77 44.76
N GLN L 210 15.15 21.75 45.45
CA GLN L 210 13.72 21.60 45.70
C GLN L 210 13.22 22.49 46.83
N ILE L 211 14.03 22.63 47.88
CA ILE L 211 13.70 23.52 48.99
C ILE L 211 13.73 24.99 48.55
N LEU L 212 14.66 25.35 47.67
CA LEU L 212 14.70 26.69 47.07
C LEU L 212 13.47 26.95 46.21
N GLU L 213 13.04 25.93 45.48
CA GLU L 213 11.84 26.02 44.66
C GLU L 213 10.59 26.23 45.53
N ALA L 214 10.53 25.53 46.65
CA ALA L 214 9.37 25.54 47.56
C ALA L 214 9.32 26.73 48.51
N GLU L 215 10.49 27.16 49.01
CA GLU L 215 10.57 28.20 50.03
C GLU L 215 11.23 29.51 49.61
N GLY L 216 12.01 29.49 48.53
CA GLY L 216 12.87 30.61 48.16
C GLY L 216 14.07 30.82 49.06
N GLN L 217 14.43 29.79 49.83
CA GLN L 217 15.47 29.88 50.85
C GLN L 217 15.81 28.51 51.42
N LEU L 218 16.98 28.44 52.05
CA LEU L 218 17.49 27.19 52.60
C LEU L 218 16.76 26.87 53.90
N PRO L 219 16.78 25.59 54.31
CA PRO L 219 16.08 25.23 55.54
C PRO L 219 16.85 25.62 56.79
N ASP L 220 16.15 25.68 57.92
CA ASP L 220 16.76 25.91 59.22
C ASP L 220 17.50 24.65 59.71
N VAL L 221 16.90 23.48 59.51
CA VAL L 221 17.47 22.22 60.00
C VAL L 221 17.30 21.09 58.99
N ILE L 222 18.33 20.24 58.89
CA ILE L 222 18.24 18.97 58.17
C ILE L 222 18.46 17.83 59.18
N VAL L 223 17.52 16.87 59.20
CA VAL L 223 17.58 15.72 60.11
C VAL L 223 17.73 14.43 59.29
N ALA L 224 18.60 13.54 59.76
CA ALA L 224 18.81 12.24 59.10
C ALA L 224 19.35 11.18 60.07
N CYS L 225 18.93 9.93 59.87
CA CYS L 225 19.43 8.83 60.70
C CYS L 225 20.85 8.49 60.30
N VAL L 226 21.59 7.89 61.24
CA VAL L 226 23.00 7.57 61.04
C VAL L 226 23.27 6.14 61.51
N GLY L 227 23.54 5.24 60.57
CA GLY L 227 24.10 3.93 60.87
C GLY L 227 25.62 4.06 60.76
N GLY L 228 26.14 3.75 59.58
CA GLY L 228 27.49 4.15 59.19
C GLY L 228 27.45 5.59 58.72
N GLY L 229 26.35 5.95 58.08
CA GLY L 229 25.96 7.34 57.84
C GLY L 229 26.00 7.85 56.42
N SER L 230 25.83 6.98 55.42
CA SER L 230 25.83 7.39 54.01
C SER L 230 24.66 8.28 53.58
N ASN L 231 23.45 8.02 54.10
CA ASN L 231 22.27 8.84 53.78
C ASN L 231 22.33 10.23 54.41
N ALA L 232 22.84 10.30 55.64
CA ALA L 232 22.98 11.56 56.35
C ALA L 232 24.06 12.39 55.68
N MET L 233 25.17 11.74 55.32
CA MET L 233 26.26 12.44 54.66
C MET L 233 25.88 12.85 53.23
N GLY L 234 25.06 12.05 52.58
CA GLY L 234 24.52 12.37 51.26
C GLY L 234 23.70 13.63 51.20
N ILE L 235 22.89 13.86 52.23
CA ILE L 235 22.05 15.06 52.30
C ILE L 235 22.72 16.24 53.01
N PHE L 236 23.62 15.98 53.96
CA PHE L 236 24.39 17.04 54.65
C PHE L 236 25.36 17.80 53.76
N TYR L 237 26.11 17.07 52.93
CA TYR L 237 27.32 17.58 52.30
C TYR L 237 27.14 18.86 51.47
N PRO L 238 26.09 18.93 50.64
CA PRO L 238 25.85 20.17 49.90
C PRO L 238 25.39 21.38 50.73
N PHE L 239 24.95 21.16 51.98
CA PHE L 239 24.56 22.26 52.89
C PHE L 239 25.67 22.63 53.89
N VAL L 240 26.84 22.01 53.79
CA VAL L 240 27.90 22.20 54.76
C VAL L 240 28.35 23.66 54.83
N ASN L 241 28.55 24.29 53.68
CA ASN L 241 29.03 25.67 53.63
C ASN L 241 27.94 26.73 53.79
N ASP L 242 26.68 26.31 53.89
CA ASP L 242 25.57 27.22 54.20
C ASP L 242 25.41 27.38 55.72
N LYS L 243 25.85 28.53 56.25
CA LYS L 243 25.90 28.77 57.70
C LYS L 243 24.54 28.67 58.39
N LYS L 244 23.47 29.00 57.67
CA LYS L 244 22.12 28.93 58.19
C LYS L 244 21.69 27.52 58.63
N VAL L 245 22.13 26.50 57.89
CA VAL L 245 21.56 25.16 58.02
C VAL L 245 22.17 24.36 59.16
N LYS L 246 21.35 24.00 60.13
CA LYS L 246 21.73 23.14 61.25
C LYS L 246 21.61 21.67 60.80
N LEU L 247 22.68 20.88 61.02
CA LEU L 247 22.70 19.48 60.62
C LEU L 247 22.58 18.59 61.85
N VAL L 248 21.64 17.65 61.83
CA VAL L 248 21.36 16.79 62.97
C VAL L 248 21.36 15.32 62.55
N GLY L 249 22.26 14.55 63.16
CA GLY L 249 22.34 13.11 62.94
C GLY L 249 21.64 12.38 64.06
N VAL L 250 20.87 11.34 63.71
CA VAL L 250 20.06 10.61 64.69
C VAL L 250 20.51 9.15 64.75
N GLU L 251 21.13 8.78 65.87
CA GLU L 251 21.61 7.40 66.06
C GLU L 251 20.59 6.54 66.79
N ALA L 252 20.82 5.23 66.75
CA ALA L 252 19.94 4.28 67.43
C ALA L 252 20.21 4.28 68.94
N GLY L 253 19.23 4.77 69.70
CA GLY L 253 19.24 4.70 71.15
C GLY L 253 18.81 3.34 71.70
N GLY L 254 18.25 2.48 70.85
CA GLY L 254 17.93 1.12 71.22
C GLY L 254 16.87 1.05 72.31
N LYS L 255 17.20 0.33 73.38
CA LYS L 255 16.33 0.22 74.55
C LYS L 255 16.78 1.16 75.67
N GLY L 256 17.36 2.31 75.29
CA GLY L 256 17.94 3.27 76.23
C GLY L 256 19.46 3.23 76.22
N LEU L 257 20.07 4.42 76.31
CA LEU L 257 21.52 4.54 76.39
C LEU L 257 22.08 3.96 77.70
N GLU L 258 21.33 4.12 78.78
CA GLU L 258 21.70 3.59 80.09
C GLU L 258 21.76 2.05 80.10
N SER L 259 20.86 1.42 79.34
CA SER L 259 20.73 -0.05 79.31
C SER L 259 21.84 -0.78 78.56
N GLY L 260 22.58 -0.07 77.71
CA GLY L 260 23.71 -0.66 77.00
C GLY L 260 23.36 -1.51 75.79
N LYS L 261 22.07 -1.64 75.46
CA LYS L 261 21.63 -2.35 74.26
C LYS L 261 21.23 -1.32 73.18
N HIS L 262 22.22 -0.78 72.49
CA HIS L 262 22.03 0.30 71.49
C HIS L 262 23.16 0.32 70.43
N SER L 263 23.19 1.33 69.56
CA SER L 263 24.22 1.45 68.50
C SER L 263 24.72 2.87 68.24
N ALA L 264 24.71 3.70 69.29
CA ALA L 264 25.05 5.11 69.18
C ALA L 264 26.55 5.33 69.34
N SER L 265 27.28 5.14 68.24
CA SER L 265 28.74 5.15 68.24
C SER L 265 29.32 6.52 68.61
N LEU L 266 28.78 7.57 67.98
CA LEU L 266 29.23 8.95 68.24
C LEU L 266 28.86 9.46 69.63
N ASN L 267 27.68 9.11 70.12
CA ASN L 267 27.25 9.55 71.46
C ASN L 267 27.99 8.84 72.59
N ALA L 268 28.07 7.51 72.53
CA ALA L 268 28.62 6.69 73.63
C ALA L 268 30.04 6.17 73.43
N GLY L 269 30.41 5.85 72.20
CA GLY L 269 31.67 5.15 71.91
C GLY L 269 32.92 5.98 72.03
N GLN L 270 34.07 5.30 71.97
CA GLN L 270 35.39 5.93 72.01
C GLN L 270 36.06 5.87 70.64
N VAL L 271 36.98 6.79 70.40
CA VAL L 271 37.79 6.80 69.17
C VAL L 271 38.68 5.56 69.12
N GLY L 272 38.76 4.94 67.94
CA GLY L 272 39.56 3.72 67.77
C GLY L 272 39.69 3.30 66.32
N VAL L 273 40.53 2.30 66.07
CA VAL L 273 40.81 1.82 64.71
C VAL L 273 40.21 0.43 64.49
N PHE L 274 39.29 0.34 63.53
CA PHE L 274 38.55 -0.89 63.22
C PHE L 274 38.08 -0.84 61.78
N HIS L 275 37.96 -1.99 61.12
CA HIS L 275 37.47 -2.10 59.75
C HIS L 275 38.20 -1.22 58.72
N GLY L 276 39.44 -0.83 58.99
CA GLY L 276 40.20 0.05 58.08
C GLY L 276 40.16 1.54 58.34
N MET L 277 39.47 1.98 59.40
CA MET L 277 39.27 3.41 59.65
C MET L 277 39.48 3.81 61.11
N LEU L 278 39.98 5.03 61.31
CA LEU L 278 40.01 5.67 62.62
C LEU L 278 38.73 6.50 62.76
N SER L 279 37.82 6.05 63.63
CA SER L 279 36.53 6.72 63.86
C SER L 279 36.00 6.39 65.26
N TYR L 280 34.76 6.76 65.55
CA TYR L 280 34.13 6.42 66.83
C TYR L 280 33.55 5.01 66.80
N PHE L 281 33.86 4.21 67.82
CA PHE L 281 33.40 2.81 67.93
C PHE L 281 32.91 2.48 69.35
N LEU L 282 31.88 1.63 69.42
CA LEU L 282 31.38 1.12 70.69
C LEU L 282 32.27 -0.02 71.18
N GLN L 283 33.12 0.27 72.17
CA GLN L 283 34.13 -0.66 72.66
C GLN L 283 34.02 -0.92 74.16
N ASP L 284 34.43 -2.11 74.58
CA ASP L 284 34.47 -2.49 76.01
C ASP L 284 35.70 -1.87 76.71
N GLU L 285 35.99 -2.30 77.93
CA GLU L 285 37.17 -1.83 78.68
C GLU L 285 38.47 -2.21 77.98
N GLU L 286 38.57 -3.47 77.56
CA GLU L 286 39.79 -4.00 76.91
C GLU L 286 40.01 -3.52 75.47
N GLY L 287 39.02 -2.87 74.86
CA GLY L 287 39.15 -2.29 73.52
C GLY L 287 38.77 -3.21 72.37
N GLN L 288 37.84 -4.13 72.63
CA GLN L 288 37.21 -4.94 71.58
C GLN L 288 35.81 -4.40 71.33
N ILE L 289 35.26 -4.73 70.16
CA ILE L 289 33.92 -4.29 69.76
C ILE L 289 32.86 -4.87 70.71
N LYS L 290 31.94 -4.03 71.17
CA LYS L 290 30.79 -4.46 71.97
C LYS L 290 29.66 -4.96 71.06
N PRO L 291 28.77 -5.82 71.60
CA PRO L 291 27.56 -6.16 70.85
C PRO L 291 26.66 -4.94 70.67
N THR L 292 25.87 -4.92 69.60
CA THR L 292 25.00 -3.78 69.30
C THR L 292 23.57 -4.20 68.97
N HIS L 293 22.64 -3.27 69.19
CA HIS L 293 21.23 -3.49 68.93
C HIS L 293 20.54 -2.22 68.44
N SER L 294 19.69 -2.40 67.43
CA SER L 294 18.65 -1.43 67.11
C SER L 294 17.51 -2.20 66.47
N ILE L 295 16.28 -1.72 66.68
CA ILE L 295 15.12 -2.33 66.03
C ILE L 295 15.24 -2.19 64.51
N ALA L 296 15.86 -1.10 64.07
CA ALA L 296 16.21 -0.88 62.66
C ALA L 296 17.50 -1.65 62.34
N PRO L 297 17.45 -2.62 61.40
CA PRO L 297 18.66 -3.39 61.08
C PRO L 297 19.82 -2.58 60.52
N GLY L 298 19.51 -1.55 59.72
CA GLY L 298 20.53 -0.68 59.12
C GLY L 298 21.32 0.17 60.09
N LEU L 299 20.73 0.47 61.26
CA LEU L 299 21.40 1.24 62.31
C LEU L 299 22.28 0.39 63.24
N ASP L 300 22.09 -0.93 63.22
CA ASP L 300 22.82 -1.87 64.07
C ASP L 300 24.27 -2.06 63.57
N TYR L 301 25.14 -1.17 64.03
CA TYR L 301 26.55 -1.16 63.62
C TYR L 301 27.37 -0.41 64.69
N PRO L 302 28.42 -1.07 65.23
CA PRO L 302 29.20 -0.48 66.33
C PRO L 302 30.04 0.74 65.95
N GLY L 303 30.41 0.84 64.67
CA GLY L 303 31.13 2.00 64.14
C GLY L 303 30.23 3.07 63.56
N VAL L 304 30.90 4.07 62.99
CA VAL L 304 30.27 5.18 62.28
C VAL L 304 31.30 5.73 61.29
N GLY L 305 30.84 6.43 60.26
CA GLY L 305 31.74 7.00 59.26
C GLY L 305 32.73 8.00 59.83
N PRO L 306 33.95 8.05 59.27
CA PRO L 306 34.95 8.99 59.80
C PRO L 306 34.57 10.47 59.63
N GLU L 307 33.81 10.76 58.57
CA GLU L 307 33.45 12.14 58.28
C GLU L 307 32.39 12.68 59.25
N HIS L 308 31.49 11.82 59.73
CA HIS L 308 30.58 12.18 60.80
C HIS L 308 31.37 12.49 62.08
N ALA L 309 32.40 11.68 62.36
CA ALA L 309 33.30 11.93 63.48
C ALA L 309 33.96 13.31 63.39
N TYR L 310 34.34 13.70 62.17
CA TYR L 310 34.90 15.04 61.92
C TYR L 310 33.89 16.16 62.12
N LEU L 311 32.68 15.99 61.59
CA LEU L 311 31.63 16.98 61.75
C LEU L 311 31.21 17.16 63.20
N LYS L 312 31.23 16.07 63.97
CA LYS L 312 31.02 16.12 65.42
C LYS L 312 32.09 16.97 66.12
N LYS L 313 33.36 16.68 65.82
CA LYS L 313 34.50 17.35 66.47
C LYS L 313 34.47 18.86 66.26
N ILE L 314 34.30 19.28 65.01
CA ILE L 314 34.25 20.71 64.67
C ILE L 314 32.89 21.37 65.00
N GLN L 315 31.92 20.56 65.42
CA GLN L 315 30.60 20.99 65.88
C GLN L 315 29.72 21.59 64.78
N ARG L 316 29.95 21.16 63.54
CA ARG L 316 29.16 21.64 62.42
C ARG L 316 27.91 20.79 62.22
N ALA L 317 27.94 19.55 62.71
CA ALA L 317 26.74 18.74 62.86
C ALA L 317 26.54 18.38 64.33
N GLU L 318 25.28 18.27 64.73
CA GLU L 318 24.88 17.80 66.06
C GLU L 318 24.47 16.35 65.92
N TYR L 319 24.64 15.55 66.98
CA TYR L 319 24.33 14.11 66.94
C TYR L 319 23.56 13.67 68.17
N VAL L 320 22.34 13.17 67.94
CA VAL L 320 21.40 12.84 69.01
C VAL L 320 21.01 11.36 68.93
N THR L 321 20.14 10.93 69.84
CA THR L 321 19.60 9.57 69.82
C THR L 321 18.09 9.53 69.97
N VAL L 322 17.53 8.39 69.62
CA VAL L 322 16.10 8.13 69.64
C VAL L 322 15.92 6.63 69.94
N THR L 323 15.00 6.31 70.84
CA THR L 323 14.80 4.93 71.28
C THR L 323 14.03 4.10 70.24
N ASP L 324 13.99 2.78 70.45
CA ASP L 324 13.20 1.88 69.60
C ASP L 324 11.71 2.15 69.75
N GLU L 325 11.29 2.53 70.94
CA GLU L 325 9.89 2.88 71.22
C GLU L 325 9.51 4.13 70.45
N GLU L 326 10.36 5.15 70.53
CA GLU L 326 10.17 6.42 69.82
C GLU L 326 10.19 6.27 68.31
N ALA L 327 11.08 5.42 67.81
CA ALA L 327 11.14 5.09 66.38
C ALA L 327 9.88 4.34 65.92
N LEU L 328 9.39 3.43 66.74
CA LEU L 328 8.15 2.70 66.44
C LEU L 328 6.93 3.63 66.44
N LYS L 329 6.86 4.54 67.41
CA LYS L 329 5.76 5.51 67.49
C LYS L 329 5.74 6.41 66.25
N ALA L 330 6.92 6.80 65.76
CA ALA L 330 7.05 7.58 64.53
C ALA L 330 6.68 6.81 63.25
N PHE L 331 6.97 5.51 63.23
CA PHE L 331 6.58 4.60 62.15
C PHE L 331 5.07 4.58 61.98
N HIS L 332 4.36 4.40 63.10
CA HIS L 332 2.90 4.42 63.12
C HIS L 332 2.35 5.80 62.80
N GLU L 333 2.98 6.83 63.37
CA GLU L 333 2.52 8.21 63.20
C GLU L 333 2.58 8.65 61.74
N LEU L 334 3.70 8.39 61.07
CA LEU L 334 3.85 8.80 59.66
C LEU L 334 2.92 8.04 58.73
N SER L 335 2.65 6.78 59.04
CA SER L 335 1.79 5.94 58.18
C SER L 335 0.35 6.43 58.19
N ARG L 336 -0.19 6.66 59.39
CA ARG L 336 -1.56 7.17 59.57
C ARG L 336 -1.74 8.60 59.08
N THR L 337 -0.78 9.47 59.43
CA THR L 337 -0.89 10.90 59.19
C THR L 337 -0.65 11.30 57.73
N GLU L 338 0.33 10.69 57.07
CA GLU L 338 0.70 11.04 55.69
C GLU L 338 0.55 9.93 54.65
N GLY L 339 0.25 8.70 55.07
CA GLY L 339 0.15 7.57 54.15
C GLY L 339 1.49 7.15 53.59
N ILE L 340 2.55 7.30 54.38
CA ILE L 340 3.90 6.88 54.00
C ILE L 340 4.44 5.97 55.11
N ILE L 341 4.63 4.69 54.81
CA ILE L 341 5.22 3.75 55.74
C ILE L 341 6.75 3.88 55.66
N PRO L 342 7.38 4.51 56.66
CA PRO L 342 8.83 4.69 56.56
C PRO L 342 9.59 3.48 57.05
N ALA L 343 10.84 3.37 56.63
CA ALA L 343 11.75 2.38 57.20
C ALA L 343 12.03 2.72 58.67
N LEU L 344 12.22 1.67 59.48
CA LEU L 344 12.55 1.86 60.90
C LEU L 344 13.79 2.75 61.09
N GLU L 345 14.74 2.65 60.16
CA GLU L 345 15.91 3.54 60.13
C GLU L 345 15.46 4.99 59.96
N SER L 346 14.68 5.23 58.90
CA SER L 346 14.14 6.54 58.58
C SER L 346 13.27 7.09 59.72
N ALA L 347 12.50 6.21 60.36
CA ALA L 347 11.63 6.57 61.48
C ALA L 347 12.37 7.19 62.67
N HIS L 348 13.65 6.90 62.84
CA HIS L 348 14.47 7.58 63.85
C HIS L 348 14.59 9.09 63.55
N ALA L 349 14.90 9.40 62.30
CA ALA L 349 14.96 10.79 61.83
C ALA L 349 13.62 11.50 61.91
N VAL L 350 12.54 10.78 61.60
CA VAL L 350 11.18 11.32 61.71
C VAL L 350 10.86 11.58 63.17
N ALA L 351 11.13 10.60 64.03
CA ALA L 351 10.86 10.72 65.46
C ALA L 351 11.45 11.98 66.06
N TYR L 352 12.74 12.21 65.80
CA TYR L 352 13.44 13.37 66.37
C TYR L 352 12.95 14.69 65.78
N ALA L 353 12.68 14.68 64.47
CA ALA L 353 12.19 15.89 63.80
C ALA L 353 10.85 16.34 64.36
N MET L 354 10.03 15.41 64.82
CA MET L 354 8.76 15.72 65.48
C MET L 354 8.96 16.35 66.86
N LYS L 355 9.92 15.83 67.63
CA LYS L 355 10.32 16.45 68.90
C LYS L 355 10.82 17.87 68.68
N LEU L 356 11.69 18.00 67.69
CA LEU L 356 12.35 19.26 67.39
C LEU L 356 11.35 20.27 66.84
N ALA L 357 10.58 19.88 65.83
CA ALA L 357 9.59 20.76 65.20
C ALA L 357 8.64 21.46 66.19
N LYS L 358 8.31 20.77 67.28
CA LYS L 358 7.44 21.34 68.32
C LYS L 358 8.03 22.58 68.99
N GLU L 359 9.35 22.55 69.22
CA GLU L 359 10.05 23.66 69.87
C GLU L 359 10.45 24.82 68.94
N MET L 360 10.14 24.71 67.65
CA MET L 360 10.50 25.75 66.68
C MET L 360 9.22 26.46 66.19
N SER L 361 9.39 27.68 65.67
CA SER L 361 8.26 28.53 65.28
C SER L 361 7.72 28.16 63.91
N ARG L 362 6.56 28.70 63.59
CA ARG L 362 5.73 28.26 62.46
C ARG L 362 6.35 28.57 61.09
N ASP L 363 7.13 29.65 61.04
CA ASP L 363 7.85 30.07 59.84
C ASP L 363 9.12 29.25 59.53
N GLU L 364 9.64 28.52 60.52
CA GLU L 364 10.87 27.74 60.37
C GLU L 364 10.68 26.44 59.59
N ILE L 365 11.78 25.93 59.03
CA ILE L 365 11.75 24.86 58.02
C ILE L 365 12.71 23.72 58.37
N ILE L 366 12.21 22.48 58.33
CA ILE L 366 13.02 21.27 58.58
C ILE L 366 12.89 20.32 57.37
N ILE L 367 14.02 19.74 56.96
CA ILE L 367 14.04 18.65 55.98
C ILE L 367 14.47 17.37 56.70
N VAL L 368 13.60 16.36 56.69
CA VAL L 368 13.92 15.05 57.23
C VAL L 368 14.26 14.16 56.05
N ASN L 369 15.39 13.47 56.11
CA ASN L 369 15.77 12.57 55.03
C ASN L 369 15.11 11.22 55.28
N LEU L 370 14.08 10.93 54.47
CA LEU L 370 13.33 9.69 54.57
C LEU L 370 14.05 8.61 53.76
N SER L 371 15.09 8.05 54.37
CA SER L 371 16.03 7.14 53.70
C SER L 371 15.43 5.92 53.01
N GLY L 372 14.26 5.44 53.44
CA GLY L 372 13.64 4.30 52.78
C GLY L 372 12.21 3.99 53.17
N ARG L 373 11.61 3.06 52.43
CA ARG L 373 10.25 2.60 52.70
C ARG L 373 10.30 1.44 53.66
N GLY L 374 9.24 1.28 54.44
CA GLY L 374 9.17 0.29 55.50
C GLY L 374 8.53 -1.03 55.15
N ASP L 375 8.34 -1.31 53.85
CA ASP L 375 7.70 -2.55 53.43
C ASP L 375 8.47 -3.77 53.97
N LYS L 376 9.80 -3.66 53.97
CA LYS L 376 10.69 -4.66 54.56
C LYS L 376 10.53 -4.90 56.07
N ASP L 377 10.12 -3.89 56.82
CA ASP L 377 10.08 -3.97 58.29
C ASP L 377 8.76 -4.44 58.89
N LEU L 378 7.79 -4.82 58.07
CA LEU L 378 6.46 -5.15 58.56
C LEU L 378 6.41 -6.36 59.50
N ASP L 379 7.26 -7.35 59.24
CA ASP L 379 7.34 -8.53 60.10
C ASP L 379 7.90 -8.20 61.49
N ILE L 380 8.83 -7.25 61.55
CA ILE L 380 9.40 -6.80 62.81
C ILE L 380 8.36 -6.00 63.59
N VAL L 381 7.69 -5.07 62.90
CA VAL L 381 6.72 -4.17 63.54
C VAL L 381 5.46 -4.92 63.97
N LEU L 382 5.03 -5.92 63.19
CA LEU L 382 3.91 -6.77 63.59
C LEU L 382 4.22 -7.68 64.77
N LYS L 383 5.48 -8.11 64.91
CA LYS L 383 5.89 -8.94 66.04
C LYS L 383 5.72 -8.21 67.36
N VAL L 384 6.25 -6.99 67.45
CA VAL L 384 6.14 -6.19 68.69
C VAL L 384 4.71 -5.67 68.95
N SER L 385 4.03 -5.19 67.92
CA SER L 385 2.66 -4.66 68.07
C SER L 385 1.65 -5.76 68.42
P PO4 M . 6.03 22.55 -15.73
O1 PO4 M . 6.78 22.58 -14.41
O2 PO4 M . 6.68 21.52 -16.62
O3 PO4 M . 6.08 23.92 -16.38
O4 PO4 M . 4.58 22.19 -15.47
P PO4 N . 28.71 7.21 2.64
O1 PO4 N . 30.01 6.47 2.49
O2 PO4 N . 27.88 6.53 3.70
O3 PO4 N . 28.98 8.65 3.04
O4 PO4 N . 27.96 7.21 1.34
P PO4 O . -27.21 -23.38 -29.57
O1 PO4 O . -26.32 -24.49 -29.08
O2 PO4 O . -27.18 -23.35 -31.08
O3 PO4 O . -26.70 -22.05 -29.05
O4 PO4 O . -28.62 -23.61 -29.09
P PO4 P . -29.52 -2.74 -54.77
O1 PO4 P . -28.07 -2.35 -54.59
O2 PO4 P . -30.41 -1.64 -54.24
O3 PO4 P . -29.80 -4.01 -54.01
O4 PO4 P . -29.80 -2.96 -56.25
P PO4 Q . -7.33 -6.22 44.68
O1 PO4 Q . -6.20 -6.22 45.68
O2 PO4 Q . -8.49 -5.43 45.21
O3 PO4 Q . -7.79 -7.64 44.41
O4 PO4 Q . -6.82 -5.59 43.39
P PO4 R . 22.87 -4.28 55.65
O1 PO4 R . 22.94 -5.09 56.92
O2 PO4 R . 22.26 -5.10 54.56
O3 PO4 R . 24.27 -3.86 55.25
O4 PO4 R . 22.02 -3.05 55.90
#